data_5M5W
#
_entry.id   5M5W
#
_cell.length_a   1.000
_cell.length_b   1.000
_cell.length_c   1.000
_cell.angle_alpha   90.00
_cell.angle_beta   90.00
_cell.angle_gamma   90.00
#
_symmetry.space_group_name_H-M   'P 1'
#
loop_
_entity.id
_entity.type
_entity.pdbx_description
1 polymer 'DNA-directed RNA polymerase I subunit RPA190'
2 polymer 'DNA-directed RNA polymerase I subunit RPA135'
3 polymer 'DNA-directed RNA polymerases I and III subunit RPAC1'
4 polymer 'DNA-directed RNA polymerase I subunit RPA14'
5 polymer 'DNA-directed RNA polymerases I, II, and III subunit RPABC1'
6 polymer 'DNA-directed RNA polymerases I, II, and III subunit RPABC2'
7 polymer 'DNA-directed RNA polymerase I subunit RPA43'
8 polymer 'DNA-directed RNA polymerases I, II, and III subunit RPABC3'
9 polymer 'DNA-directed RNA polymerase I subunit RPA12'
10 polymer 'DNA-directed RNA polymerases I, II, and III subunit RPABC5'
11 polymer 'DNA-directed RNA polymerases I and III subunit RPAC2'
12 polymer 'DNA-directed RNA polymerases I, II, and III subunit RPABC4'
13 polymer 'DNA-directed RNA polymerase I subunit RPA49'
14 polymer 'DNA-directed RNA polymerase I subunit RPA34'
15 polymer 'Non-template strand'
16 polymer 'Template strand'
17 non-polymer 'ZINC ION'
#
loop_
_entity_poly.entity_id
_entity_poly.type
_entity_poly.pdbx_seq_one_letter_code
_entity_poly.pdbx_strand_id
1 'polypeptide(L)'
;MDISKPVGSEITSVDFGILTAKEIRNLSAKQITNPTVLDNLGHPVSGGLYDLALGAFLRNLCSTCGLDEKFCPGHQGHIE
LPVPCYNPLFFNQLYIYLRASCLFCHHFRLKSVEVHRYACKLRLLQYGLIDESYKLDEITLGSLNSSMYTDDEAIEDNED
EMDGEGSKQSKDISSTLLNELKSKRSEYVDMAIAKALSDGRTTERGSFTATVNDERKKLVHEFHKKLLSRGKCDNCGMFS
PKFRKDGFTKIFETALNEKQITNNRVKGFIRQDMIKKQKQAKKLDGSNEASANDEESFDVGRNPTTRPKTGSTYILSTEV
KNILDTVFRKEQCVLQYVFHSRPNLSRKLVKADSFFMDVLVVPPTRFRLPSKLGEEVHENSQNQLLSKVLTTSLLIRDLN
DDLSKLQKDKVSLEDRRVIFSRLMNAFVTIQNDVNAFIDSTKAQGRTSGKVPIPGVKQALEKKEGLFRKHMMGKRVNYAA
RSVISPDPNIETNEIGVPPVFAVKLTYPEPVTAYNIAELRQAVINGPDKWPGATQIQNEDGSLVSLIGMSVEQRKALANQ
LLTPSSNVSTHTLNKKVYRHIKNRDVVLMNRQPTLHKASMMGHKVRVLPNEKTLRLHYANTGAYNADFDGDEMNMHFPQN
ENARAEALNLANTDSQYLTPTSGSPVRGLIQDHISAGVWLTSKDSFFTREQYQQYIYGCIRPEDGHTTRSKIVTLPPTIF
KPYPLWTGKQIITTVLLNVTPPDMPGINLISKNKIKNEYWGKGSLENEVLFKDGALLCGILDKSQYGASKYGIVHSLHEV
YGPEVAAKVLSVLGRLFTNYITATAFTCGMDDLRLTAEGNKWRTDILKTSVDTGREAAAEVTNLDKDTPADDPELLKRLQ
EILRDNNKSGILDAVTSSKVNAITSQVVSKCVPDGTMKKFPCNSMQAMALSGAKGSNVNVSQIMCLLGQQALEGRRVPVM
VSGKTLPSFKPYETDAMAGGYVKGRFYSGIKPQEYYFHCMAGREGLIDTAVKTSRSGYLQRCLTKQLEGVHVSYDNSIRD
ADGTLVQFMYGGDAIDITKESHMTQFEFCLDNYYALLKKYNPSALIEHLDVESALKYSKKTLKYRKKHSKEPHYKQSVKY
DPVLAKYNPAKYLGSVSENFQDKLESFLDKNSKLFKSSDGVNEKKFRALMQLKYMRSLINPGEAVGIIASQSVGEPSTQM
TLNTFHFAGHGAANVTLGIPRLREIVMTASAAIKTPQMTLPIWNDVSDEQADTFCKSISKVLLSEVIDKVIVTETTGTSN
TAGGNAARSYVIHMRFFDNNEYSEEYDVSKEELQNVISNQFIHLLEAAIVKEIKKQKRTTGPDIGVAVPRLQTDVANSSS
NSKRLEEDNDEEQSHKKTKQAVSYDEPDEDEIETMREAEKSSDEEGIDSDKESDSDSEDEDVDMNEQINKSIVEANNNMN
KVQRDRQSAIISHHRFITKYNFDDESGKWCEFKLELAADTEKLLMVNIVEEICRKSIIRQIPHIDRCVHPEPENGKRVLV
TEGVNFQAMWDQEAFIDVDGITSNDVAAVLKTYGVEAARNTIVNEINNVFSRYAISVSFRHLDLIADMMTRQGTYLAFNR
QGMETSTSSFMKMSYETTCQFLTKAVLDNEREQLDSPSARIVVGKLNNVGTGSFDVLAKVPNAA
;
A
2 'polypeptide(L)'
;MSKVIKPPGQARTADFRTLERESRFINPPKDKSAFPLLQEAVQPHIGSFNALTEGPDGGLLNLGVKDIGEKVIFDGKPLN
SEDEISNSGYLGNKLSVSVEQVSIAKPMSNDGVSSAVERKVYPSESRQRLTSYRGKLLLKLKWSVNNGEENLFEVRDCGG
LPVMLQSNRCHLNKMSPYELVQHKEESDEIGGYFIVNGIEKLIRMLIVQRRNHPMAIIRPSFANRGASYSHYGIQIRSVR
PDQTSQTNVLHYLNDGQVTFRFSWRKNEYLVPVVMILKALCHTSDREIFDGIIGNDVKDSFLTDRLELLLRGFKKRYPHL
QNRTQVLQYLGDKFRVVFQASPDQSDLEVGQEVLDRIVLVHLGKDGSQDKFRMLLFMIRKLYSLVAGECSPDNPDATQHQ
EVLLGGFLYGMILKEKIDEYLQNIIAQVRMDINRGMAINFKDKRYMSRVLMRVNENIGSKMQYFLSTGNLVSQSGLDLQQ
VSGYTVVAEKINFYRFISHFRMVHRGSFFAQLKTTTVRKLLPESWGFLCPVHTPDGSPCGLLNHFAHKCRISTQQSDVSR
IPSILYSLGVAPASHTFAAGPSLCCVQIDGKIIGWVSHEQGKIIADTLRYWKVEGKTPGLPIDLEIGYVPPSTRGQYPGL
YLFGGHSRMLRPVRYLPLDKEDIVGPFEQVYMNIAVTPQEIQNNVHTHVEFTPTNILSILANLTPFSDFNQSPRNMYQCQ
MGKQTMGTPGVALCHRSDNKLYRLQTGQTPIVKANLYDDYGMDNFPNGFNAVVAVISYTGYDMDDAMIINKSADERGFGY
GTMYKTEKVDLALNRNRGDPITQHFGFGNDEWPKEWLEKLDEDGLPYIGTYVEEGDPICAYFDDTLNKTKIKTYHSSEPA
YIEEVNLIGDESNKFQELQTVSIKYRIRRTPQIGDKFSSRHGQKGVCSRKWPTIDMPFSETGIQPDIIINPHAFPSRMTI
GMFVESLAGKAGALHGIAQDSTPWIFNEDDTPADYFGEQLAKAGYNYHGNEPMYSGATGEELRADIYVGVVYYQRLRHMV
NDKFQVRSTGPVNSLTMQPVKGRKRHGGIRVGEMERDALIGHGTSFLLQDRLLNSSDYTQASVCRECGSILTTQQSVPRI
GSISTVCCRRCSMRFEDAKKLLTKSEDGEKIFIDDSQIWEDGQGNKFVGGNETTTVAIPFVLKYLDSELSAMGIRLRYNV
EPK
;
B
3 'polypeptide(L)'
;MSNIVGIEYNRVTNTTSTDFPGFSKDAENEWNVEKFKKDFEVNISSLDAREANFDLINIDTSIANAFRRIMISEVPSVAA
EYVYFFNNTSVIQDEVLAHRIGLVPLKVDPDMLTWVDSNLPDDEKFTDENTIVLSLNVKCTRNPDAPKGSTDPKELYNNA
HVYARDLKFEPQGRQSTTFADCPVVPADPDILLAKLRPGQEISLKAHCILGIGGDHAKFSPVSTASYRLLPQINILQPIK
GESARRFQKCFPPGVIGIDEGSDEAYVKDARKDTVSREVLRYEEFADKVKLGRVRNHFIFNVESAGAMTPEEIFFKSVRI
LKNKAEYLKNCPITQ
;
C
4 'polypeptide(L)'
;MMKGSRRTGNNTATTLNTPVVIHATQLPQHVSTDEVLQFLESFIDEKENIIDSTTMNTISGNAADADAAAVANTSLNIDT
NLSSSISQLKRIQRDFKGLPPAQDFSAAPIQVSTTEKKETSIGVSATGGKKTTFADE
;
D
5 'polypeptide(L)'
;MDQENERNISRLWRAFRTVKEMVKDRGYFITQEEVELPLEDFKAKYCDSMGRPQRKMMSFQANPTEESISKFPDMGSLWV
EFCDEPSVGVKTMKTFVIHIQEKNFQTGIFVYQNNITPSAMKLVPSIPPATIETFNEAALVVNITHHELVPKHIRLSSDE
KRELLKRYRLKESQLPRIQRADPVALYLGLKRGEVVKIIRKSETSGRYASYRICM
;
E
6 'polypeptide(L)'
;MSDYEEAFNDGNENFEDFDVEHFSDEETYEEKPQFKDGETTDANGKTIVTGGNGPEDFQQHEQIRRKTLKEKAIPKDQRA
TTPYMTKYERARILGTRALQISMNAPVFVDLEGETDPLRIAMKELAEKKIPLVIRRYLPDGSFEDWSVEELIVDL
;
F
7 'polypeptide(L)'
;MSQVKRANENRETARFIKKHKKQVTNPIDEKNGTSNCIVRVPIALYVSLAPMYLENPLQGVMKQHLNPLVMKYNNKVGGV
VLGYEGLKILDADPLSKEDTSEKLIKITPDTPFGFTWCHVNLYVWQPQVGDVLEGYIFIQSASHIGLLIHDAFNASIKKN
NIPVDWTFVHNDVEEDADVINTDENNGNNNNEDNKDSNGGSNSLGKFSFGNRSLGHWVDSNGEPIDGKLRFTVRNVHTTG
RVVSVDGTLISDADEEGNGYNSSRSQAESLPIVSNKKIVFDDEVSIENKESHKELDLPEVKEDNGSEIVYEENTSESNDG
ESSDSD
;
G
8 'polypeptide(L)'
;MSNTLFDDIFQVSEVDPGRYNKVCRIEAASTTQDQCKLTLDINVELFPVAAQDSLTVTIASSLNLEDTPANDSSATRSWR
PPQAGDRSLADDYDYVMYGTAYKFEEVSKDLIAVYYSFGGLLMRLEGNYRNLNNLKQENAYLLIRR
;
H
9 'polypeptide(L)'
;MSVVGSLIFCLDCGDLLENPNAVLGSNVECSQCKAIYPKSQFSNLKVVTTTADDAFPSSLRAKKSVVKTSLKKNELKDGA
TIKEKCPQCGNEEMNYHTLQLRSADEGATVFYTCTSCGYKFRTNN
;
I
10 'polypeptide(L)' MIVPVRCFSCGKVVGDKWESYLNLLQEDELDEGTALSRLGLKRYCCRRMILTHVDLIEKFLRYNPLEKRD J
11 'polypeptide(L)'
;MTEDIEQKKTATEVTPQEPKHIQEEEEQDVDMTGDEEQEEEPDREKIKLLTQATSEDGTSASFQIVEEDHTLGNALRYVI
MKNPDVEFCGYSIPHPSENLLNIRIQTYGETTAVDALQKGLKDLMDLCDVVESKFTEKIKSM
;
K
12 'polypeptide(L)' MSREGFQIPTNLDAAAAGTSQARTATLKYICAECSSKLSLSRTDAVRCKDCGHRILLKARTKRLVQFEAR L
13 'polypeptide(L)'
;MSVKRSVSEIEIESVQDQPSVAVGSFFKGFRAPSDTTFDLYKKKKSEKDEFVLHGENERLEYEGYTDSSSQASNQYVVGL
FNPEKKSIQLYKAPVLVSKVVSKSSKNLRGPKIKSKSDTRPSALRNALGEAFGTKKAKKAIADLERNRIDSDKLTDSAID
IVDSVRTASKDLPTRAQLDEITSNDRPTPLANIDATDVEQIYPIESIIPKKELQFIRVSSILKEADKEKKLELFPYQNNS
KYVAKKLDSLTQPSQMTKLQLLYYLSLLLGVYENRRVNNKTKLLERLNSPPEILVDGILSRFTVIKPGQFGRSKDRSYFI
DPQNEDKILCYILAIIMHLDNFIVEITPLAHELNLKPSKVVSLFRVLGAIVKGATVAQAEAFGIPKSTAASYKIATMKVP
FKLPEMTRRGRGPRR
;
M
14 'polypeptide(L)'
;MSKLSKDYVSDSDSDDEVISNEFSIPDGFKKCKHLKNFPLNGDNKKKAKQQQVWLIKFPSNVDISKLKSLPVDFESSTTM
TIDKHDYKIMDDTDIESSLTQDNLSNMTLLVPSESKESLKIASTAKDNAPLQFDKVFSVSETAKIPAIDYSKVRVPRKDV
PKVEGLKLEHFATGYDAEDFHVAEEVKENKKEPKKRSHHDDEEESSEKKKKKKEKREKREKKDKKDKKKKHRD
;
N
15 'polydeoxyribonucleotide'
;(DG)(DG)(DT)(DT)(DT)(DA)(DG)(DT)(DC)(DA)(DT)(DG)(DG)(DA)(DG)(DT)(DA)(DC)(DA)(DA)
(DG)(DT)(DG)(DT)(DG)(DA)(DG)(DG)(DA)(DA)(DA)(DA)(DG)(DT)(DA)(DG)(DT)(DT)(DG)(DG)
(DC)(DG)(DT)(DA)(DG)(DC)(DA)(DG)(DG)(DA)(DG)(DA)(DA)(DG)(DT)(DA)(DA)(DA)(DG)(DC)
(DA)(DG)(DT)(DT)(DG)(DA)(DA)(DG)(DA)(DC)
;
S
16 'polydeoxyribonucleotide'
;(DG)(DT)(DC)(DT)(DT)(DC)(DA)(DA)(DC)(DT)(DG)(DC)(DT)(DT)(DT)(DC)(DG)(DC)(DA)(DT)
(DG)(DA)(DA)(DG)(DT)(DA)(DC)(DC)(DT)(DC)(DC)(DC)(DA)(DA)(DC)(DT)(DA)(DC)(DT)(DT)
(DT)(DT)(DC)(DC)(DT)(DC)(DA)(DC)(DA)(DC)(DT)(DT)(DG)(DT)(DA)(DC)(DT)(DC)(DC)(DA)
(DT)(DG)(DA)(DC)(DT)(DA)(DA)(DA)(DC)(DC)
;
T
#
# COMPACT_ATOMS: atom_id res chain seq x y z
N MET A 1 -11.51 32.58 2.83
CA MET A 1 -11.29 33.93 2.33
C MET A 1 -12.53 34.80 2.51
N ASP A 2 -12.42 36.05 2.09
CA ASP A 2 -13.53 37.00 2.13
C ASP A 2 -13.60 37.74 0.81
N ILE A 3 -14.80 37.81 0.24
CA ILE A 3 -15.01 38.53 -1.01
C ILE A 3 -15.54 39.95 -0.77
N SER A 4 -15.39 40.46 0.46
CA SER A 4 -15.80 41.82 0.78
C SER A 4 -14.65 42.81 0.78
N LYS A 5 -13.43 42.35 1.11
CA LYS A 5 -12.22 43.17 1.06
C LYS A 5 -11.22 42.54 0.09
N PRO A 6 -11.51 42.59 -1.22
CA PRO A 6 -10.67 41.88 -2.19
C PRO A 6 -9.30 42.52 -2.37
N VAL A 7 -8.51 41.93 -3.26
CA VAL A 7 -7.16 42.41 -3.58
C VAL A 7 -7.19 43.12 -4.92
N GLY A 8 -6.46 44.23 -5.01
CA GLY A 8 -6.44 45.02 -6.23
C GLY A 8 -5.47 44.53 -7.29
N SER A 9 -4.22 44.33 -6.91
CA SER A 9 -3.17 43.93 -7.84
C SER A 9 -2.87 42.44 -7.72
N GLU A 10 -2.17 41.92 -8.73
CA GLU A 10 -1.80 40.51 -8.77
C GLU A 10 -0.35 40.38 -9.21
N ILE A 11 0.36 39.45 -8.59
CA ILE A 11 1.75 39.18 -8.95
C ILE A 11 1.77 38.46 -10.30
N THR A 12 2.50 39.02 -11.26
CA THR A 12 2.53 38.46 -12.61
C THR A 12 3.73 37.55 -12.87
N SER A 13 4.83 37.74 -12.16
CA SER A 13 6.02 36.93 -12.39
C SER A 13 6.96 37.07 -11.19
N VAL A 14 7.94 36.17 -11.12
CA VAL A 14 8.97 36.19 -10.10
C VAL A 14 10.33 36.05 -10.76
N ASP A 15 11.37 36.49 -10.06
CA ASP A 15 12.74 36.31 -10.53
C ASP A 15 13.66 36.23 -9.32
N PHE A 16 14.81 35.60 -9.53
CA PHE A 16 15.73 35.31 -8.44
C PHE A 16 16.87 36.33 -8.40
N GLY A 17 17.31 36.63 -7.19
CA GLY A 17 18.44 37.52 -6.98
C GLY A 17 19.36 37.04 -5.88
N ILE A 18 20.33 37.87 -5.51
CA ILE A 18 21.28 37.54 -4.45
C ILE A 18 21.42 38.75 -3.54
N LEU A 19 21.34 38.52 -2.22
CA LEU A 19 21.51 39.59 -1.26
C LEU A 19 22.94 40.13 -1.31
N THR A 20 23.07 41.45 -1.21
CA THR A 20 24.37 42.10 -1.19
C THR A 20 24.50 42.93 0.08
N ALA A 21 25.75 43.29 0.40
CA ALA A 21 26.03 44.01 1.64
C ALA A 21 25.29 45.35 1.68
N LYS A 22 25.34 46.10 0.59
CA LYS A 22 24.72 47.42 0.56
C LYS A 22 23.22 47.35 0.82
N GLU A 23 22.56 46.27 0.38
CA GLU A 23 21.14 46.12 0.63
C GLU A 23 20.85 45.62 2.03
N ILE A 24 21.72 44.80 2.60
CA ILE A 24 21.47 44.23 3.93
C ILE A 24 21.59 45.29 5.02
N ARG A 25 22.59 46.18 4.90
CA ARG A 25 22.76 47.22 5.90
C ARG A 25 21.53 48.12 5.98
N ASN A 26 20.91 48.42 4.84
CA ASN A 26 19.71 49.25 4.84
C ASN A 26 18.45 48.44 5.13
N LEU A 27 18.46 47.15 4.82
CA LEU A 27 17.27 46.32 5.04
C LEU A 27 17.11 45.98 6.52
N SER A 28 18.16 45.41 7.13
CA SER A 28 18.08 44.99 8.52
C SER A 28 17.91 46.21 9.43
N ALA A 29 17.43 45.93 10.65
CA ALA A 29 17.11 46.98 11.61
C ALA A 29 18.21 47.22 12.65
N LYS A 30 18.84 46.15 13.14
CA LYS A 30 19.86 46.29 14.16
C LYS A 30 20.81 45.11 14.09
N GLN A 31 21.95 45.24 14.78
CA GLN A 31 22.96 44.20 14.83
C GLN A 31 22.68 43.25 15.99
N ILE A 32 23.49 42.19 16.06
CA ILE A 32 23.44 41.22 17.15
C ILE A 32 24.79 41.25 17.85
N THR A 33 24.78 41.55 19.15
CA THR A 33 26.00 41.74 19.92
C THR A 33 26.36 40.54 20.79
N ASN A 34 25.42 40.08 21.62
CA ASN A 34 25.74 39.00 22.53
C ASN A 34 25.13 37.67 22.08
N PRO A 35 25.85 36.55 22.23
CA PRO A 35 25.33 35.25 21.85
C PRO A 35 24.53 34.57 22.96
N THR A 36 23.52 35.27 23.48
CA THR A 36 22.68 34.76 24.56
C THR A 36 21.24 34.73 24.11
N VAL A 37 20.55 33.63 24.38
CA VAL A 37 19.15 33.50 23.99
C VAL A 37 18.28 34.42 24.84
N LEU A 38 18.36 34.28 26.16
CA LEU A 38 17.57 35.10 27.07
C LEU A 38 18.22 35.08 28.44
N ASP A 39 18.00 36.15 29.20
CA ASP A 39 18.53 36.26 30.55
C ASP A 39 17.50 35.71 31.55
N ASN A 40 17.72 35.98 32.83
CA ASN A 40 16.83 35.47 33.86
C ASN A 40 15.44 36.08 33.72
N LEU A 41 14.50 35.51 34.48
CA LEU A 41 13.08 35.93 34.52
C LEU A 41 12.48 36.10 33.12
N GLY A 42 12.96 35.31 32.16
CA GLY A 42 12.35 35.23 30.85
C GLY A 42 12.26 36.53 30.07
N HIS A 43 13.41 37.11 29.72
CA HIS A 43 13.46 38.33 28.93
C HIS A 43 14.56 38.23 27.89
N PRO A 44 14.37 38.81 26.71
CA PRO A 44 15.44 38.81 25.71
C PRO A 44 16.56 39.77 26.09
N VAL A 45 17.80 39.30 25.92
CA VAL A 45 18.95 40.16 26.19
C VAL A 45 19.08 41.21 25.10
N SER A 46 19.69 42.33 25.45
CA SER A 46 19.91 43.39 24.46
C SER A 46 20.86 42.92 23.38
N GLY A 47 20.52 43.22 22.13
CA GLY A 47 21.29 42.75 21.01
C GLY A 47 21.30 41.24 20.83
N GLY A 48 20.29 40.56 21.36
CA GLY A 48 20.20 39.12 21.27
C GLY A 48 19.34 38.64 20.12
N LEU A 49 19.43 37.33 19.85
CA LEU A 49 18.69 36.74 18.75
C LEU A 49 17.19 36.82 18.94
N TYR A 50 16.72 36.94 20.18
CA TYR A 50 15.30 37.06 20.48
C TYR A 50 14.89 38.50 20.79
N ASP A 51 15.64 39.47 20.29
CA ASP A 51 15.37 40.87 20.58
C ASP A 51 13.95 41.23 20.17
N LEU A 52 13.21 41.86 21.10
CA LEU A 52 11.83 42.22 20.82
C LEU A 52 11.71 43.22 19.68
N ALA A 53 12.74 44.04 19.46
CA ALA A 53 12.76 44.94 18.33
C ALA A 53 12.75 44.20 17.00
N LEU A 54 13.27 42.97 16.98
CA LEU A 54 13.24 42.13 15.79
C LEU A 54 11.89 41.47 15.58
N GLY A 55 10.99 41.54 16.56
CA GLY A 55 9.69 40.91 16.49
C GLY A 55 9.21 40.57 17.88
N ALA A 56 7.89 40.58 18.05
CA ALA A 56 7.29 40.31 19.34
C ALA A 56 7.62 38.90 19.83
N PHE A 57 7.64 38.74 21.14
CA PHE A 57 8.01 37.46 21.75
C PHE A 57 7.37 37.37 23.13
N LEU A 58 6.37 36.49 23.26
CA LEU A 58 5.67 36.25 24.52
C LEU A 58 5.06 37.53 25.07
N ARG A 59 4.12 38.09 24.30
CA ARG A 59 3.33 39.26 24.65
C ARG A 59 4.17 40.52 24.85
N ASN A 60 5.45 40.48 24.51
CA ASN A 60 6.30 41.66 24.59
C ASN A 60 6.21 42.44 23.28
N LEU A 61 5.86 43.72 23.39
CA LEU A 61 5.65 44.54 22.21
C LEU A 61 6.97 44.76 21.46
N CYS A 62 6.85 44.95 20.15
CA CYS A 62 8.01 45.17 19.30
C CYS A 62 8.43 46.63 19.33
N SER A 63 9.73 46.86 19.17
CA SER A 63 10.29 48.21 19.14
C SER A 63 10.50 48.71 17.71
N THR A 64 10.09 47.94 16.71
CA THR A 64 10.17 48.36 15.31
C THR A 64 8.79 48.67 14.73
N CYS A 65 7.84 47.75 14.88
CA CYS A 65 6.47 47.96 14.41
C CYS A 65 5.54 48.47 15.49
N GLY A 66 5.81 48.17 16.76
CA GLY A 66 5.00 48.64 17.85
C GLY A 66 3.69 47.89 18.07
N LEU A 67 3.38 46.91 17.23
CA LEU A 67 2.15 46.16 17.36
C LEU A 67 2.37 44.90 18.21
N ASP A 68 1.33 44.10 18.33
CA ASP A 68 1.40 42.87 19.12
C ASP A 68 1.98 41.74 18.26
N GLU A 69 1.89 40.51 18.75
CA GLU A 69 2.46 39.37 18.05
C GLU A 69 1.63 38.96 16.84
N LYS A 70 0.31 39.14 16.90
CA LYS A 70 -0.58 38.69 15.83
C LYS A 70 -0.75 39.73 14.72
N PHE A 71 -0.15 40.91 14.86
CA PHE A 71 -0.20 41.92 13.82
C PHE A 71 1.16 42.26 13.24
N CYS A 72 2.24 42.09 13.99
CA CYS A 72 3.57 42.37 13.48
C CYS A 72 4.09 41.19 12.68
N PRO A 73 4.36 41.35 11.38
CA PRO A 73 4.84 40.23 10.57
C PRO A 73 6.30 39.86 10.80
N GLY A 74 6.94 40.40 11.83
CA GLY A 74 8.34 40.13 12.09
C GLY A 74 9.26 40.94 11.21
N HIS A 75 10.53 40.99 11.61
CA HIS A 75 11.54 41.75 10.91
C HIS A 75 12.82 40.92 10.83
N GLN A 76 13.65 41.23 9.84
CA GLN A 76 14.88 40.50 9.61
C GLN A 76 16.05 41.24 10.25
N GLY A 77 16.87 40.50 11.00
CA GLY A 77 18.08 41.03 11.60
C GLY A 77 19.31 40.54 10.86
N HIS A 78 20.46 41.07 11.27
CA HIS A 78 21.72 40.76 10.61
C HIS A 78 22.83 40.67 11.64
N ILE A 79 23.82 39.83 11.34
CA ILE A 79 25.00 39.64 12.18
C ILE A 79 26.23 39.95 11.37
N GLU A 80 27.24 40.53 12.02
CA GLU A 80 28.47 40.91 11.35
C GLU A 80 29.50 39.78 11.41
N LEU A 81 30.50 39.88 10.54
CA LEU A 81 31.60 38.93 10.47
C LEU A 81 32.90 39.67 10.18
N PRO A 82 34.00 39.26 10.82
CA PRO A 82 35.28 39.93 10.54
C PRO A 82 35.85 39.59 9.18
N VAL A 83 35.49 38.44 8.62
CA VAL A 83 36.01 38.01 7.32
C VAL A 83 34.84 37.47 6.48
N PRO A 84 34.71 37.87 5.22
CA PRO A 84 33.64 37.31 4.38
C PRO A 84 33.90 35.85 4.09
N CYS A 85 32.90 35.02 4.38
CA CYS A 85 32.99 33.58 4.22
C CYS A 85 32.37 33.15 2.88
N TYR A 86 32.37 31.84 2.64
CA TYR A 86 31.87 31.28 1.41
C TYR A 86 30.38 30.96 1.51
N ASN A 87 29.81 30.56 0.38
CA ASN A 87 28.43 30.10 0.31
C ASN A 87 28.41 28.62 -0.01
N PRO A 88 27.74 27.78 0.80
CA PRO A 88 27.68 26.35 0.50
C PRO A 88 27.02 26.03 -0.82
N LEU A 89 26.20 26.93 -1.35
CA LEU A 89 25.55 26.71 -2.64
C LEU A 89 26.32 27.34 -3.80
N PHE A 90 27.02 28.45 -3.55
CA PHE A 90 27.81 29.13 -4.57
C PHE A 90 29.28 28.70 -4.56
N PHE A 91 29.59 27.58 -3.92
CA PHE A 91 30.98 27.12 -3.85
C PHE A 91 31.39 26.34 -5.09
N ASN A 92 30.43 25.70 -5.77
CA ASN A 92 30.77 24.92 -6.95
C ASN A 92 31.25 25.82 -8.08
N GLN A 93 30.46 26.82 -8.44
CA GLN A 93 30.87 27.74 -9.50
C GLN A 93 32.13 28.51 -9.13
N LEU A 94 32.33 28.78 -7.84
CA LEU A 94 33.53 29.46 -7.40
C LEU A 94 34.76 28.59 -7.61
N TYR A 95 34.75 27.37 -7.08
CA TYR A 95 35.88 26.46 -7.23
C TYR A 95 36.16 26.16 -8.70
N ILE A 96 35.15 26.22 -9.55
CA ILE A 96 35.36 26.06 -10.99
C ILE A 96 36.11 27.25 -11.55
N TYR A 97 35.79 28.46 -11.06
CA TYR A 97 36.42 29.67 -11.58
C TYR A 97 37.87 29.82 -11.10
N LEU A 98 38.17 29.37 -9.88
CA LEU A 98 39.54 29.48 -9.38
C LEU A 98 40.51 28.67 -10.23
N ARG A 99 40.12 27.45 -10.59
CA ARG A 99 40.97 26.60 -11.42
C ARG A 99 41.04 27.10 -12.86
N ALA A 100 40.11 27.95 -13.29
CA ALA A 100 40.03 28.42 -14.65
C ALA A 100 40.42 29.88 -14.81
N SER A 101 40.88 30.53 -13.74
CA SER A 101 41.27 31.93 -13.78
C SER A 101 42.76 32.07 -13.48
N CYS A 102 43.41 33.00 -14.18
CA CYS A 102 44.82 33.29 -13.96
C CYS A 102 44.95 34.31 -12.83
N LEU A 103 45.86 34.03 -11.90
CA LEU A 103 46.05 34.87 -10.71
C LEU A 103 47.18 35.88 -10.88
N PHE A 104 47.77 35.97 -12.06
CA PHE A 104 48.81 36.96 -12.34
C PHE A 104 48.34 38.08 -13.25
N CYS A 105 47.77 37.74 -14.40
CA CYS A 105 47.22 38.74 -15.31
C CYS A 105 45.75 39.02 -15.05
N HIS A 106 45.10 38.25 -14.18
CA HIS A 106 43.70 38.41 -13.81
C HIS A 106 42.75 38.21 -14.99
N HIS A 107 43.24 37.59 -16.07
CA HIS A 107 42.41 37.22 -17.19
C HIS A 107 42.13 35.72 -17.15
N PHE A 108 41.46 35.20 -18.18
CA PHE A 108 41.18 33.78 -18.24
C PHE A 108 42.37 33.01 -18.82
N ARG A 109 42.25 31.68 -18.80
CA ARG A 109 43.35 30.83 -19.25
C ARG A 109 43.38 30.67 -20.77
N LEU A 110 42.20 30.64 -21.41
CA LEU A 110 42.15 30.43 -22.85
C LEU A 110 42.65 31.67 -23.59
N LYS A 111 42.70 31.56 -24.92
CA LYS A 111 43.02 32.70 -25.76
C LYS A 111 41.89 33.74 -25.69
N SER A 112 42.10 34.87 -26.36
CA SER A 112 41.09 35.91 -26.47
C SER A 112 40.31 35.80 -27.77
N VAL A 113 40.15 34.58 -28.30
CA VAL A 113 39.39 34.35 -29.53
C VAL A 113 38.37 33.25 -29.31
N GLU A 114 38.49 32.52 -28.19
CA GLU A 114 37.51 31.50 -27.82
C GLU A 114 36.48 32.05 -26.83
N VAL A 115 36.94 32.54 -25.69
CA VAL A 115 36.04 33.23 -24.76
C VAL A 115 35.41 34.43 -25.45
N HIS A 116 36.16 35.08 -26.34
CA HIS A 116 35.59 36.10 -27.21
C HIS A 116 34.41 35.55 -28.02
N ARG A 117 34.55 34.33 -28.53
CA ARG A 117 33.50 33.76 -29.36
C ARG A 117 32.28 33.36 -28.53
N TYR A 118 32.50 32.72 -27.37
CA TYR A 118 31.38 32.28 -26.55
C TYR A 118 30.66 33.45 -25.90
N ALA A 119 31.35 34.57 -25.70
CA ALA A 119 30.70 35.75 -25.13
C ALA A 119 29.61 36.27 -26.07
N CYS A 120 29.98 36.60 -27.30
CA CYS A 120 29.00 37.06 -28.29
C CYS A 120 28.05 35.95 -28.70
N LYS A 121 28.44 34.68 -28.56
CA LYS A 121 27.53 33.58 -28.86
C LYS A 121 26.36 33.56 -27.88
N LEU A 122 26.65 33.68 -26.59
CA LEU A 122 25.59 33.80 -25.60
C LEU A 122 24.84 35.12 -25.74
N ARG A 123 25.47 36.15 -26.30
CA ARG A 123 24.77 37.39 -26.58
C ARG A 123 23.65 37.21 -27.60
N LEU A 124 23.75 36.19 -28.45
CA LEU A 124 22.70 35.90 -29.42
C LEU A 124 21.56 35.10 -28.78
N LEU A 125 21.91 34.05 -28.02
CA LEU A 125 20.91 33.15 -27.47
C LEU A 125 20.08 33.77 -26.36
N GLN A 126 20.48 34.94 -25.85
CA GLN A 126 19.63 35.64 -24.88
C GLN A 126 18.31 36.06 -25.49
N TYR A 127 18.33 36.48 -26.76
CA TYR A 127 17.12 36.82 -27.48
C TYR A 127 16.51 35.58 -28.13
N GLY A 128 15.41 35.78 -28.85
CA GLY A 128 14.68 34.68 -29.43
C GLY A 128 15.16 34.18 -30.78
N LEU A 129 16.45 34.31 -31.05
CA LEU A 129 17.03 33.82 -32.30
C LEU A 129 18.10 32.78 -31.99
N ILE A 130 18.09 31.70 -32.77
CA ILE A 130 19.07 30.62 -32.60
C ILE A 130 19.76 30.23 -33.89
N ASP A 131 19.23 30.61 -35.06
CA ASP A 131 19.86 30.25 -36.32
C ASP A 131 21.20 30.96 -36.53
N GLU A 132 21.44 32.05 -35.80
CA GLU A 132 22.68 32.81 -35.95
C GLU A 132 23.82 32.27 -35.09
N SER A 133 23.53 31.33 -34.18
CA SER A 133 24.58 30.80 -33.31
C SER A 133 25.61 30.03 -34.12
N TYR A 134 25.16 29.08 -34.95
CA TYR A 134 26.08 28.30 -35.76
C TYR A 134 26.57 29.05 -36.98
N LYS A 135 25.82 30.05 -37.45
CA LYS A 135 26.31 30.91 -38.51
C LYS A 135 27.42 31.83 -38.04
N LEU A 136 27.51 32.08 -36.72
CA LEU A 136 28.60 32.89 -36.20
C LEU A 136 29.93 32.14 -36.28
N ASP A 137 29.92 30.82 -36.12
CA ASP A 137 31.14 30.03 -36.22
C ASP A 137 31.72 30.03 -37.62
N GLU A 138 30.91 30.38 -38.63
CA GLU A 138 31.40 30.43 -40.01
C GLU A 138 32.31 31.62 -40.26
N ILE A 139 32.46 32.53 -39.30
CA ILE A 139 33.29 33.72 -39.47
C ILE A 139 34.70 33.35 -39.04
N THR A 140 35.48 32.80 -39.97
CA THR A 140 36.86 32.46 -39.70
C THR A 140 37.79 32.85 -40.86
N LEU A 141 37.32 33.62 -41.83
CA LEU A 141 38.12 34.00 -42.97
C LEU A 141 39.11 35.09 -42.58
N GLY A 142 40.36 34.95 -43.06
CA GLY A 142 41.38 35.93 -42.79
C GLY A 142 42.25 36.21 -44.00
N SER A 143 42.32 37.49 -44.39
CA SER A 143 43.10 37.92 -45.55
C SER A 143 42.73 37.14 -46.82
N LYS A 171 51.90 30.52 -35.05
CA LYS A 171 53.22 31.16 -35.09
C LYS A 171 53.14 32.53 -35.76
N ASP A 172 53.94 33.47 -35.27
CA ASP A 172 53.98 34.83 -35.81
C ASP A 172 52.63 35.54 -35.81
N ILE A 173 51.86 35.38 -34.73
CA ILE A 173 50.54 36.01 -34.61
C ILE A 173 50.61 37.53 -34.51
N SER A 174 49.61 38.20 -35.08
CA SER A 174 49.53 39.66 -35.08
C SER A 174 48.23 40.15 -34.44
N SER A 175 48.33 41.15 -33.57
CA SER A 175 47.16 41.69 -32.88
C SER A 175 46.19 42.39 -33.83
N THR A 176 46.61 42.68 -35.06
CA THR A 176 45.70 43.33 -36.01
C THR A 176 44.56 42.40 -36.40
N LEU A 177 44.87 41.15 -36.76
CA LEU A 177 43.82 40.20 -37.09
C LEU A 177 42.98 39.84 -35.88
N LEU A 178 43.58 39.89 -34.68
CA LEU A 178 42.81 39.64 -33.47
C LEU A 178 41.82 40.78 -33.21
N ASN A 179 42.21 42.01 -33.54
CA ASN A 179 41.34 43.16 -33.32
C ASN A 179 40.22 43.21 -34.36
N GLU A 180 40.57 43.06 -35.64
CA GLU A 180 39.55 43.06 -36.68
C GLU A 180 38.66 41.82 -36.61
N LEU A 181 39.07 40.79 -35.88
CA LEU A 181 38.17 39.66 -35.62
C LEU A 181 37.00 40.10 -34.77
N LYS A 182 37.26 40.79 -33.65
CA LYS A 182 36.18 41.36 -32.86
C LYS A 182 35.40 42.40 -33.65
N SER A 183 36.10 43.20 -34.45
CA SER A 183 35.42 44.23 -35.25
C SER A 183 34.45 43.60 -36.24
N LYS A 184 34.90 42.58 -36.97
CA LYS A 184 34.03 41.94 -37.94
C LYS A 184 33.00 41.03 -37.27
N ARG A 185 33.36 40.42 -36.13
CA ARG A 185 32.41 39.56 -35.44
C ARG A 185 31.25 40.37 -34.86
N SER A 186 31.56 41.46 -34.13
CA SER A 186 30.51 42.32 -33.62
C SER A 186 29.75 42.99 -34.76
N GLU A 187 30.43 43.27 -35.88
CA GLU A 187 29.73 43.76 -37.07
C GLU A 187 28.77 42.72 -37.61
N TYR A 188 29.05 41.44 -37.37
CA TYR A 188 28.19 40.35 -37.79
C TYR A 188 27.10 40.04 -36.78
N VAL A 189 27.25 40.49 -35.53
CA VAL A 189 26.29 40.22 -34.46
C VAL A 189 25.28 41.34 -34.32
N ASP A 190 25.75 42.60 -34.33
CA ASP A 190 24.84 43.72 -34.10
C ASP A 190 23.76 43.80 -35.18
N MET A 191 24.11 43.44 -36.42
CA MET A 191 23.11 43.41 -37.48
C MET A 191 22.13 42.25 -37.29
N ALA A 192 22.56 41.17 -36.65
CA ALA A 192 21.67 40.04 -36.41
C ALA A 192 20.57 40.41 -35.42
N ILE A 193 20.94 41.04 -34.29
CA ILE A 193 19.93 41.53 -33.36
C ILE A 193 19.08 42.61 -34.02
N ALA A 194 19.71 43.47 -34.84
CA ALA A 194 18.97 44.52 -35.52
C ALA A 194 17.93 43.93 -36.47
N LYS A 195 18.24 42.80 -37.10
CA LYS A 195 17.27 42.17 -37.98
C LYS A 195 16.24 41.36 -37.20
N ALA A 196 16.71 40.54 -36.24
CA ALA A 196 15.80 39.70 -35.48
C ALA A 196 14.79 40.53 -34.68
N LEU A 197 15.26 41.63 -34.09
CA LEU A 197 14.35 42.53 -33.39
C LEU A 197 13.50 43.36 -34.33
N SER A 198 13.88 43.42 -35.62
CA SER A 198 13.14 44.24 -36.58
C SER A 198 11.81 43.61 -36.97
N ASP A 199 11.82 42.34 -37.39
CA ASP A 199 10.63 41.69 -37.94
C ASP A 199 10.24 40.49 -37.08
N GLY A 200 9.49 40.77 -36.01
CA GLY A 200 8.72 39.77 -35.29
C GLY A 200 9.44 38.56 -34.73
N ARG A 201 10.77 38.50 -34.84
CA ARG A 201 11.48 37.32 -34.36
C ARG A 201 11.72 37.39 -32.85
N THR A 202 12.37 38.46 -32.40
CA THR A 202 12.59 38.68 -30.97
C THR A 202 12.11 40.09 -30.61
N THR A 203 12.18 40.41 -29.33
CA THR A 203 11.72 41.70 -28.82
C THR A 203 12.79 42.23 -27.87
N GLU A 204 12.48 43.33 -27.18
CA GLU A 204 13.45 43.95 -26.28
C GLU A 204 13.76 43.03 -25.09
N ARG A 205 12.77 42.27 -24.62
CA ARG A 205 12.99 41.34 -23.53
C ARG A 205 13.47 39.97 -23.99
N GLY A 206 13.48 39.72 -25.30
CA GLY A 206 13.90 38.45 -25.83
C GLY A 206 12.93 37.31 -25.56
N SER A 207 13.09 36.20 -26.28
CA SER A 207 12.26 35.03 -26.11
C SER A 207 13.10 33.89 -25.56
N PHE A 208 12.66 33.31 -24.46
CA PHE A 208 13.38 32.23 -23.76
C PHE A 208 12.45 31.03 -23.69
N THR A 209 12.54 30.16 -24.69
CA THR A 209 11.70 28.97 -24.77
C THR A 209 12.42 27.79 -24.12
N ALA A 210 11.88 26.58 -24.32
CA ALA A 210 12.46 25.37 -23.76
C ALA A 210 13.54 24.78 -24.65
N THR A 211 13.93 25.47 -25.72
CA THR A 211 15.00 25.02 -26.61
C THR A 211 16.31 25.74 -26.34
N VAL A 212 16.26 27.06 -26.13
CA VAL A 212 17.45 27.81 -25.76
C VAL A 212 17.99 27.33 -24.42
N ASN A 213 17.15 26.73 -23.58
CA ASN A 213 17.63 26.08 -22.37
C ASN A 213 18.57 24.93 -22.71
N ASP A 214 18.26 24.17 -23.77
CA ASP A 214 19.12 23.07 -24.16
C ASP A 214 20.43 23.56 -24.76
N GLU A 215 20.37 24.57 -25.62
CA GLU A 215 21.58 25.06 -26.28
C GLU A 215 22.49 25.79 -25.30
N ARG A 216 21.91 26.67 -24.46
CA ARG A 216 22.73 27.41 -23.51
C ARG A 216 23.34 26.48 -22.47
N LYS A 217 22.53 25.60 -21.88
CA LYS A 217 23.05 24.65 -20.90
C LYS A 217 24.07 23.70 -21.51
N LYS A 218 24.04 23.51 -22.83
CA LYS A 218 25.02 22.66 -23.50
C LYS A 218 26.35 23.39 -23.68
N LEU A 219 26.32 24.59 -24.24
CA LEU A 219 27.54 25.32 -24.52
C LEU A 219 28.14 25.99 -23.29
N VAL A 220 27.38 26.14 -22.21
CA VAL A 220 27.95 26.66 -20.96
C VAL A 220 28.65 25.53 -20.20
N HIS A 221 27.99 24.37 -20.09
CA HIS A 221 28.64 23.20 -19.51
C HIS A 221 29.88 22.81 -20.31
N GLU A 222 29.87 23.02 -21.62
CA GLU A 222 31.05 22.79 -22.43
C GLU A 222 32.04 23.95 -22.33
N PHE A 223 31.55 25.16 -22.06
CA PHE A 223 32.44 26.30 -21.86
C PHE A 223 33.33 26.10 -20.64
N HIS A 224 32.74 25.76 -19.51
CA HIS A 224 33.52 25.48 -18.30
C HIS A 224 34.43 24.28 -18.51
N LYS A 225 33.99 23.32 -19.32
CA LYS A 225 34.84 22.16 -19.63
C LYS A 225 36.08 22.58 -20.41
N LYS A 226 35.94 23.55 -21.31
CA LYS A 226 37.09 24.05 -22.06
C LYS A 226 38.02 24.87 -21.19
N LEU A 227 37.47 25.62 -20.23
CA LEU A 227 38.31 26.43 -19.34
C LEU A 227 39.16 25.53 -18.44
N LEU A 228 38.58 24.44 -17.94
CA LEU A 228 39.30 23.57 -17.01
C LEU A 228 40.34 22.70 -17.71
N SER A 229 40.11 22.35 -18.98
CA SER A 229 40.95 21.37 -19.66
C SER A 229 42.26 21.96 -20.17
N ARG A 230 42.48 23.27 -20.06
CA ARG A 230 43.67 23.91 -20.59
C ARG A 230 44.60 24.36 -19.48
N GLY A 231 45.90 24.26 -19.73
CA GLY A 231 46.92 24.63 -18.78
C GLY A 231 47.50 26.00 -19.01
N LYS A 232 48.69 26.03 -19.64
CA LYS A 232 49.45 27.26 -19.89
C LYS A 232 48.56 28.42 -20.34
N CYS A 233 48.76 29.56 -19.69
CA CYS A 233 48.05 30.77 -20.08
C CYS A 233 48.43 31.18 -21.50
N ASP A 234 47.46 31.66 -22.25
CA ASP A 234 47.62 31.93 -23.68
C ASP A 234 47.93 33.39 -23.98
N ASN A 235 47.05 34.30 -23.55
CA ASN A 235 47.28 35.72 -23.79
C ASN A 235 48.47 36.28 -23.00
N CYS A 236 49.11 35.46 -22.17
CA CYS A 236 50.27 35.88 -21.41
C CYS A 236 51.22 34.70 -21.28
N GLY A 237 52.49 34.93 -21.54
CA GLY A 237 53.47 33.86 -21.52
C GLY A 237 53.98 33.51 -20.14
N MET A 238 53.11 32.92 -19.31
CA MET A 238 53.49 32.54 -17.96
C MET A 238 52.58 31.40 -17.49
N PHE A 239 53.00 30.75 -16.41
CA PHE A 239 52.27 29.66 -15.80
C PHE A 239 51.45 30.15 -14.61
N SER A 240 50.69 29.23 -14.02
CA SER A 240 49.87 29.55 -12.85
C SER A 240 49.51 28.25 -12.16
N PRO A 241 49.60 28.18 -10.83
CA PRO A 241 49.25 26.95 -10.13
C PRO A 241 47.75 26.76 -10.02
N LYS A 242 47.34 25.50 -10.02
CA LYS A 242 45.95 25.12 -9.86
C LYS A 242 45.65 24.79 -8.40
N PHE A 243 44.41 25.02 -8.00
CA PHE A 243 43.98 24.74 -6.63
C PHE A 243 43.33 23.37 -6.56
N ARG A 244 43.28 22.83 -5.34
CA ARG A 244 42.60 21.56 -5.08
C ARG A 244 41.59 21.77 -3.96
N LYS A 245 40.47 21.06 -4.07
CA LYS A 245 39.36 21.27 -3.15
C LYS A 245 39.59 20.50 -1.85
N ASP A 246 39.48 21.21 -0.73
CA ASP A 246 39.44 20.58 0.58
C ASP A 246 38.03 20.24 1.03
N GLY A 247 37.04 20.63 0.25
CA GLY A 247 35.66 20.26 0.51
C GLY A 247 34.81 21.11 1.42
N PHE A 248 34.31 22.21 0.85
CA PHE A 248 33.43 23.23 1.46
C PHE A 248 34.13 24.23 2.38
N THR A 249 35.44 24.08 2.50
CA THR A 249 36.29 24.94 3.29
C THR A 249 37.74 24.78 2.83
N LYS A 250 38.52 25.79 3.18
CA LYS A 250 39.94 25.95 2.91
C LYS A 250 40.55 25.13 1.99
N ILE A 251 40.15 25.30 0.73
CA ILE A 251 40.80 24.66 -0.41
C ILE A 251 42.29 25.01 -0.37
N PHE A 252 43.13 24.06 -0.78
CA PHE A 252 44.57 24.20 -0.71
C PHE A 252 45.16 24.54 -2.07
N GLU A 253 46.38 25.08 -2.05
CA GLU A 253 47.12 25.43 -3.25
C GLU A 253 48.26 24.44 -3.42
N THR A 254 48.24 23.69 -4.52
CA THR A 254 49.23 22.65 -4.75
C THR A 254 50.60 23.25 -5.00
N ALA A 255 51.63 22.42 -4.83
CA ALA A 255 53.01 22.89 -4.96
C ALA A 255 53.34 23.23 -6.41
N LEU A 256 54.11 24.29 -6.59
CA LEU A 256 54.54 24.74 -7.91
C LEU A 256 55.82 23.98 -8.28
N ASN A 257 55.71 23.07 -9.24
CA ASN A 257 56.83 22.21 -9.59
C ASN A 257 57.92 23.02 -10.30
N GLU A 258 59.06 22.34 -10.54
CA GLU A 258 60.22 23.03 -11.10
C GLU A 258 59.97 23.49 -12.53
N LYS A 259 59.19 22.73 -13.29
CA LYS A 259 58.88 23.13 -14.66
C LYS A 259 58.04 24.40 -14.69
N GLN A 260 57.16 24.56 -13.70
CA GLN A 260 56.41 25.81 -13.58
C GLN A 260 57.31 26.96 -13.14
N ILE A 261 58.34 26.66 -12.35
CA ILE A 261 59.26 27.71 -11.89
C ILE A 261 60.08 28.24 -13.06
N THR A 262 60.48 27.36 -13.98
CA THR A 262 61.35 27.76 -15.07
C THR A 262 60.71 28.78 -16.00
N ASN A 263 59.38 28.89 -16.00
CA ASN A 263 58.70 29.85 -16.86
C ASN A 263 58.24 31.11 -16.13
N ASN A 264 58.07 31.05 -14.81
CA ASN A 264 57.74 32.25 -14.05
C ASN A 264 58.94 33.21 -13.97
N ARG A 265 60.15 32.71 -14.21
CA ARG A 265 61.33 33.57 -14.21
C ARG A 265 61.63 34.14 -15.59
N VAL A 266 61.30 33.42 -16.67
CA VAL A 266 61.45 33.95 -18.01
C VAL A 266 60.30 34.88 -18.39
N LYS A 267 59.28 34.99 -17.53
CA LYS A 267 58.21 35.96 -17.77
C LYS A 267 58.76 37.37 -17.84
N GLY A 268 59.54 37.76 -16.83
CA GLY A 268 60.16 39.09 -16.86
C GLY A 268 61.22 39.23 -17.93
N PHE A 269 61.83 38.12 -18.35
CA PHE A 269 62.85 38.18 -19.38
C PHE A 269 62.26 38.57 -20.73
N ILE A 270 61.03 38.13 -21.02
CA ILE A 270 60.38 38.47 -22.28
C ILE A 270 59.51 39.70 -22.11
N SER A 312 51.39 23.14 -1.86
CA SER A 312 50.88 22.51 -0.64
C SER A 312 50.81 23.52 0.50
N THR A 313 49.99 24.55 0.33
CA THR A 313 49.84 25.59 1.34
C THR A 313 48.43 26.12 1.31
N TYR A 314 48.14 27.03 2.23
CA TYR A 314 46.82 27.67 2.35
C TYR A 314 46.98 28.92 3.18
N ILE A 315 46.40 30.03 2.72
CA ILE A 315 46.58 31.30 3.43
C ILE A 315 45.35 31.64 4.25
N LEU A 316 44.23 31.92 3.57
CA LEU A 316 43.04 32.42 4.25
C LEU A 316 41.91 32.67 3.25
N SER A 317 40.75 33.10 3.74
CA SER A 317 39.67 33.64 2.93
C SER A 317 39.93 35.09 2.52
N THR A 318 41.20 35.50 2.57
CA THR A 318 41.69 36.84 2.31
C THR A 318 41.76 37.14 0.81
N GLU A 319 42.65 38.07 0.44
CA GLU A 319 42.69 38.79 -0.84
C GLU A 319 42.30 37.95 -2.06
N VAL A 320 42.41 36.62 -1.97
CA VAL A 320 41.86 35.71 -2.98
C VAL A 320 40.46 36.17 -3.39
N LYS A 321 39.69 36.70 -2.43
CA LYS A 321 38.43 37.35 -2.76
C LYS A 321 38.63 38.46 -3.78
N ASN A 322 39.58 39.36 -3.53
CA ASN A 322 39.86 40.45 -4.46
C ASN A 322 40.42 39.94 -5.78
N ILE A 323 41.02 38.74 -5.80
CA ILE A 323 41.43 38.14 -7.06
C ILE A 323 40.20 37.83 -7.92
N LEU A 324 39.15 37.29 -7.30
CA LEU A 324 37.90 37.09 -8.02
C LEU A 324 37.30 38.42 -8.47
N ASP A 325 37.34 39.43 -7.59
CA ASP A 325 36.83 40.74 -7.96
C ASP A 325 37.62 41.34 -9.12
N THR A 326 38.92 41.03 -9.20
CA THR A 326 39.75 41.57 -10.26
C THR A 326 39.49 40.86 -11.58
N VAL A 327 39.38 39.53 -11.55
CA VAL A 327 39.09 38.80 -12.79
C VAL A 327 37.67 39.07 -13.26
N PHE A 328 36.76 39.48 -12.37
CA PHE A 328 35.46 39.93 -12.81
C PHE A 328 35.54 41.31 -13.47
N ARG A 329 36.43 42.18 -12.98
CA ARG A 329 36.66 43.46 -13.63
C ARG A 329 37.32 43.32 -14.99
N LYS A 330 38.02 42.20 -15.24
CA LYS A 330 38.67 41.96 -16.51
C LYS A 330 37.86 41.07 -17.45
N GLU A 331 36.86 40.36 -16.93
CA GLU A 331 36.02 39.48 -17.72
C GLU A 331 34.55 39.82 -17.56
N GLN A 332 34.24 41.09 -17.28
CA GLN A 332 32.85 41.48 -17.08
C GLN A 332 32.04 41.36 -18.37
N CYS A 333 32.68 41.58 -19.53
CA CYS A 333 31.96 41.49 -20.78
C CYS A 333 31.50 40.07 -21.08
N VAL A 334 32.14 39.07 -20.49
CA VAL A 334 31.76 37.68 -20.69
C VAL A 334 30.83 37.19 -19.59
N LEU A 335 31.18 37.45 -18.34
CA LEU A 335 30.35 37.00 -17.22
C LEU A 335 29.00 37.70 -17.18
N GLN A 336 28.89 38.88 -17.79
CA GLN A 336 27.59 39.55 -17.87
C GLN A 336 26.61 38.73 -18.70
N TYR A 337 27.10 38.06 -19.75
CA TYR A 337 26.25 37.23 -20.58
C TYR A 337 26.12 35.81 -20.06
N VAL A 338 27.11 35.32 -19.32
CA VAL A 338 27.02 33.97 -18.77
C VAL A 338 26.06 33.94 -17.58
N PHE A 339 26.10 34.95 -16.73
CA PHE A 339 25.25 35.02 -15.56
C PHE A 339 23.88 35.63 -15.84
N HIS A 340 23.50 35.76 -17.11
CA HIS A 340 22.21 36.34 -17.48
C HIS A 340 21.68 35.58 -18.70
N SER A 341 20.62 34.79 -18.50
CA SER A 341 19.99 34.05 -19.57
C SER A 341 19.07 34.91 -20.43
N ARG A 342 19.05 36.22 -20.21
CA ARG A 342 18.20 37.14 -20.94
C ARG A 342 18.86 38.51 -20.95
N PRO A 343 18.50 39.38 -21.88
CA PRO A 343 19.12 40.71 -21.93
C PRO A 343 18.90 41.49 -20.65
N ASN A 344 19.99 42.05 -20.11
CA ASN A 344 19.94 42.81 -18.86
C ASN A 344 19.51 44.23 -19.19
N LEU A 345 18.24 44.55 -18.92
CA LEU A 345 17.73 45.89 -19.17
C LEU A 345 18.15 46.89 -18.09
N SER A 346 18.62 46.41 -16.93
CA SER A 346 19.05 47.27 -15.86
C SER A 346 20.54 47.59 -15.92
N ARG A 347 21.31 46.89 -16.75
CA ARG A 347 22.75 47.10 -16.90
C ARG A 347 23.48 46.97 -15.56
N LYS A 348 23.06 46.03 -14.73
CA LYS A 348 23.67 45.84 -13.42
C LYS A 348 25.07 45.25 -13.58
N LEU A 349 26.03 45.85 -12.88
CA LEU A 349 27.42 45.41 -12.94
C LEU A 349 27.59 44.17 -12.06
N VAL A 350 27.80 43.01 -12.68
CA VAL A 350 28.00 41.78 -11.93
C VAL A 350 29.31 41.86 -11.17
N LYS A 351 29.28 41.46 -9.90
CA LYS A 351 30.44 41.53 -9.02
C LYS A 351 30.68 40.16 -8.39
N ALA A 352 31.75 40.08 -7.60
CA ALA A 352 32.10 38.86 -6.88
C ALA A 352 31.75 38.94 -5.40
N ASP A 353 31.24 40.08 -4.93
CA ASP A 353 30.87 40.22 -3.53
C ASP A 353 29.63 39.41 -3.18
N SER A 354 28.79 39.08 -4.17
CA SER A 354 27.58 38.32 -3.89
C SER A 354 27.90 36.87 -3.54
N PHE A 355 28.98 36.31 -4.07
CA PHE A 355 29.34 34.93 -3.80
C PHE A 355 29.88 34.72 -2.39
N PHE A 356 30.16 35.79 -1.66
CA PHE A 356 30.75 35.70 -0.32
C PHE A 356 29.81 36.30 0.70
N MET A 357 29.54 35.55 1.77
CA MET A 357 28.66 36.00 2.84
C MET A 357 29.44 36.94 3.75
N ASP A 358 29.21 38.24 3.59
CA ASP A 358 29.81 39.23 4.48
C ASP A 358 28.95 39.45 5.72
N VAL A 359 27.63 39.41 5.58
CA VAL A 359 26.70 39.61 6.68
C VAL A 359 25.53 38.65 6.50
N LEU A 360 25.26 37.85 7.51
CA LEU A 360 24.16 36.89 7.48
C LEU A 360 22.86 37.56 7.93
N VAL A 361 21.78 37.24 7.23
CA VAL A 361 20.45 37.73 7.57
C VAL A 361 19.72 36.64 8.33
N VAL A 362 19.24 36.96 9.53
CA VAL A 362 18.56 35.99 10.39
C VAL A 362 17.06 36.04 10.11
N PRO A 363 16.34 34.94 10.26
CA PRO A 363 14.88 34.96 10.06
C PRO A 363 14.19 35.63 11.23
N PRO A 364 13.00 36.18 11.02
CA PRO A 364 12.30 36.87 12.11
C PRO A 364 11.92 35.91 13.23
N THR A 365 11.60 36.50 14.38
CA THR A 365 11.18 35.70 15.54
C THR A 365 9.85 35.02 15.29
N ARG A 366 9.05 35.54 14.36
CA ARG A 366 7.77 34.91 14.03
C ARG A 366 7.95 33.49 13.54
N PHE A 367 9.08 33.19 12.90
CA PHE A 367 9.38 31.86 12.39
C PHE A 367 10.44 31.14 13.24
N ARG A 368 10.64 31.58 14.48
CA ARG A 368 11.66 30.97 15.34
C ARG A 368 11.14 30.76 16.76
N LEU A 369 9.85 30.45 16.90
CA LEU A 369 9.32 30.12 18.22
C LEU A 369 9.83 28.75 18.66
N PRO A 370 10.17 28.58 19.93
CA PRO A 370 10.65 27.27 20.39
C PRO A 370 9.53 26.26 20.44
N SER A 371 9.89 24.99 20.24
CA SER A 371 8.92 23.90 20.26
C SER A 371 8.73 23.39 21.68
N LYS A 372 7.49 23.01 21.98
CA LYS A 372 7.14 22.51 23.31
C LYS A 372 6.24 21.29 23.16
N LEU A 373 6.19 20.49 24.23
CA LEU A 373 5.31 19.33 24.28
C LEU A 373 5.10 18.96 25.74
N GLY A 374 4.05 18.16 25.98
CA GLY A 374 3.62 17.87 27.33
C GLY A 374 4.67 17.18 28.19
N GLU A 375 5.56 16.40 27.56
CA GLU A 375 6.55 15.67 28.33
C GLU A 375 7.62 16.60 28.88
N GLU A 376 8.26 17.38 28.00
CA GLU A 376 9.31 18.30 28.42
C GLU A 376 9.50 19.34 27.32
N VAL A 377 9.53 20.61 27.71
CA VAL A 377 9.62 21.70 26.75
C VAL A 377 11.03 21.78 26.19
N HIS A 378 11.14 21.77 24.86
CA HIS A 378 12.42 21.86 24.19
C HIS A 378 12.76 23.32 23.91
N GLU A 379 13.79 23.55 23.11
CA GLU A 379 14.18 24.90 22.70
C GLU A 379 14.34 24.92 21.18
N ASN A 380 14.43 26.13 20.63
CA ASN A 380 14.41 26.31 19.19
C ASN A 380 15.67 25.70 18.55
N SER A 381 15.53 25.36 17.27
CA SER A 381 16.61 24.75 16.51
C SER A 381 17.54 25.77 15.87
N GLN A 382 16.98 26.88 15.36
CA GLN A 382 17.80 27.84 14.64
C GLN A 382 18.73 28.60 15.59
N ASN A 383 18.27 28.87 16.81
CA ASN A 383 19.06 29.66 17.75
C ASN A 383 20.28 28.92 18.26
N GLN A 384 20.32 27.59 18.14
CA GLN A 384 21.48 26.83 18.59
C GLN A 384 22.68 27.08 17.69
N LEU A 385 22.51 26.84 16.38
CA LEU A 385 23.62 27.04 15.45
C LEU A 385 23.90 28.53 15.24
N LEU A 386 22.87 29.37 15.32
CA LEU A 386 23.07 30.81 15.12
C LEU A 386 23.83 31.42 16.29
N SER A 387 23.53 30.98 17.52
CA SER A 387 24.30 31.45 18.67
C SER A 387 25.74 30.95 18.59
N LYS A 388 25.94 29.73 18.08
CA LYS A 388 27.29 29.21 17.92
C LYS A 388 28.10 30.07 16.94
N VAL A 389 27.45 30.53 15.86
CA VAL A 389 28.12 31.44 14.93
C VAL A 389 28.49 32.75 15.63
N LEU A 390 27.61 33.23 16.51
CA LEU A 390 27.89 34.49 17.20
C LEU A 390 29.00 34.32 18.23
N THR A 391 29.02 33.17 18.92
CA THR A 391 30.13 32.88 19.84
C THR A 391 31.46 32.86 19.10
N THR A 392 31.51 32.16 17.96
CA THR A 392 32.73 32.11 17.18
C THR A 392 33.10 33.50 16.64
N SER A 393 32.10 34.27 16.22
CA SER A 393 32.36 35.61 15.69
C SER A 393 32.94 36.52 16.77
N LEU A 394 32.33 36.51 17.96
CA LEU A 394 32.84 37.34 19.05
C LEU A 394 34.20 36.83 19.53
N LEU A 395 34.38 35.51 19.54
CA LEU A 395 35.66 34.96 19.99
C LEU A 395 36.79 35.28 19.01
N ILE A 396 36.49 35.31 17.71
CA ILE A 396 37.55 35.52 16.73
C ILE A 396 37.87 37.01 16.58
N ARG A 397 36.89 37.90 16.79
CA ARG A 397 37.17 39.32 16.71
C ARG A 397 37.96 39.81 17.91
N ASP A 398 37.83 39.12 19.04
CA ASP A 398 38.64 39.46 20.21
C ASP A 398 40.00 38.75 20.17
N LEU A 399 40.02 37.51 19.69
CA LEU A 399 41.28 36.79 19.54
C LEU A 399 42.15 37.40 18.45
N ASN A 400 41.57 38.24 17.59
CA ASN A 400 42.34 39.03 16.64
C ASN A 400 42.64 40.43 17.15
N ASP A 401 41.96 40.86 18.22
CA ASP A 401 42.20 42.19 18.77
C ASP A 401 43.41 42.21 19.71
N ASP A 402 43.58 41.14 20.50
CA ASP A 402 44.75 41.06 21.37
C ASP A 402 46.03 40.83 20.58
N LEU A 403 45.93 40.46 19.31
CA LEU A 403 47.10 40.29 18.46
C LEU A 403 47.76 41.61 18.13
N SER A 404 47.03 42.72 18.25
CA SER A 404 47.60 44.03 17.94
C SER A 404 48.81 44.34 18.81
N LYS A 405 48.76 43.95 20.08
CA LYS A 405 49.88 44.15 20.99
C LYS A 405 50.76 42.90 21.05
N LEU A 406 51.35 42.58 19.90
CA LEU A 406 52.20 41.41 19.77
C LEU A 406 53.65 41.73 20.13
N ARG A 417 53.21 30.91 14.75
CA ARG A 417 53.27 30.66 16.18
C ARG A 417 51.90 30.28 16.74
N VAL A 418 51.74 30.38 18.06
CA VAL A 418 50.52 29.92 18.70
C VAL A 418 49.36 30.86 18.39
N ILE A 419 49.58 32.16 18.47
CA ILE A 419 48.49 33.12 18.25
C ILE A 419 48.04 33.07 16.80
N PHE A 420 48.97 32.87 15.87
CA PHE A 420 48.58 32.71 14.47
C PHE A 420 47.90 31.36 14.23
N SER A 421 48.32 30.32 14.97
CA SER A 421 47.74 29.00 14.78
C SER A 421 46.26 28.99 15.15
N ARG A 422 45.92 29.46 16.35
CA ARG A 422 44.52 29.52 16.76
C ARG A 422 43.74 30.59 16.00
N LEU A 423 44.42 31.60 15.45
CA LEU A 423 43.74 32.56 14.60
C LEU A 423 43.28 31.91 13.30
N MET A 424 44.17 31.16 12.65
CA MET A 424 43.78 30.42 11.46
C MET A 424 42.73 29.36 11.78
N ASN A 425 42.92 28.65 12.90
CA ASN A 425 41.94 27.64 13.31
C ASN A 425 40.59 28.26 13.60
N ALA A 426 40.57 29.50 14.08
CA ALA A 426 39.31 30.21 14.28
C ALA A 426 38.72 30.66 12.94
N PHE A 427 39.58 31.03 12.00
CA PHE A 427 39.11 31.38 10.65
C PHE A 427 38.47 30.20 9.95
N VAL A 428 38.85 28.98 10.33
CA VAL A 428 38.27 27.79 9.72
C VAL A 428 36.94 27.43 10.39
N THR A 429 36.90 27.52 11.72
CA THR A 429 35.70 27.12 12.45
C THR A 429 34.56 28.12 12.32
N ILE A 430 34.83 29.33 11.84
CA ILE A 430 33.75 30.28 11.58
C ILE A 430 33.13 30.01 10.22
N GLN A 431 33.96 29.65 9.23
CA GLN A 431 33.43 29.25 7.92
C GLN A 431 32.66 27.94 8.04
N ASN A 432 33.15 27.02 8.86
CA ASN A 432 32.44 25.77 9.09
C ASN A 432 31.24 25.97 10.01
N ASP A 433 31.19 27.07 10.76
CA ASP A 433 30.04 27.33 11.61
C ASP A 433 28.85 27.80 10.79
N VAL A 434 29.07 28.73 9.85
CA VAL A 434 28.00 29.15 8.96
C VAL A 434 27.64 28.03 8.00
N ASN A 435 28.62 27.20 7.62
CA ASN A 435 28.32 26.03 6.80
C ASN A 435 27.41 25.07 7.55
N ALA A 436 27.64 24.89 8.85
CA ALA A 436 26.73 24.10 9.67
C ALA A 436 25.41 24.83 9.89
N PHE A 437 25.45 26.17 9.91
CA PHE A 437 24.22 26.95 10.07
C PHE A 437 23.28 26.73 8.89
N ILE A 438 23.82 26.48 7.71
CA ILE A 438 23.00 26.31 6.51
C ILE A 438 22.71 24.84 6.22
N ASP A 439 23.70 23.97 6.42
CA ASP A 439 23.56 22.56 6.08
C ASP A 439 23.91 21.69 7.28
N SER A 440 23.32 20.50 7.31
CA SER A 440 23.64 19.49 8.31
C SER A 440 24.22 18.23 7.68
N THR A 441 23.62 17.73 6.59
CA THR A 441 24.23 16.63 5.86
C THR A 441 25.52 17.08 5.18
N LYS A 442 25.62 18.38 4.84
CA LYS A 442 26.83 18.97 4.31
C LYS A 442 27.58 19.78 5.37
N ALA A 443 27.48 19.37 6.63
CA ALA A 443 28.10 20.09 7.73
C ALA A 443 29.57 19.71 7.84
N GLN A 444 30.19 20.05 8.97
CA GLN A 444 31.62 19.85 9.19
C GLN A 444 32.05 18.42 8.89
N GLY A 445 31.60 17.46 9.70
CA GLY A 445 31.85 16.29 9.02
C GLY A 445 32.23 15.30 10.12
N ARG A 446 31.23 14.88 10.91
CA ARG A 446 31.42 13.83 11.93
C ARG A 446 31.99 14.07 13.36
N THR A 447 32.08 15.30 13.85
CA THR A 447 32.60 15.51 15.19
C THR A 447 31.74 14.85 16.29
N SER A 448 30.43 14.97 16.11
CA SER A 448 29.40 14.45 17.00
C SER A 448 28.76 13.22 16.34
N GLY A 449 28.98 12.05 16.92
CA GLY A 449 28.34 10.84 16.45
C GLY A 449 26.95 10.68 17.01
N LYS A 450 26.14 11.73 16.88
CA LYS A 450 24.80 11.78 17.46
C LYS A 450 23.86 12.38 16.41
N VAL A 451 22.65 12.72 16.85
CA VAL A 451 21.64 13.24 15.93
C VAL A 451 22.07 14.61 15.43
N PRO A 452 22.11 14.84 14.12
CA PRO A 452 22.40 16.18 13.60
C PRO A 452 21.17 17.07 13.67
N ILE A 453 21.42 18.37 13.55
CA ILE A 453 20.38 19.39 13.68
C ILE A 453 20.15 20.02 12.31
N PRO A 454 18.93 19.94 11.76
CA PRO A 454 18.66 20.51 10.44
C PRO A 454 18.47 22.02 10.52
N GLY A 455 19.47 22.78 10.04
CA GLY A 455 19.39 24.22 10.12
C GLY A 455 18.51 24.93 9.09
N VAL A 456 18.89 24.89 7.82
CA VAL A 456 18.16 25.63 6.79
C VAL A 456 17.82 24.76 5.59
N LYS A 457 18.84 24.19 4.96
CA LYS A 457 18.64 23.51 3.68
C LYS A 457 17.81 22.24 3.84
N GLN A 458 18.30 21.30 4.64
CA GLN A 458 17.52 20.11 4.94
C GLN A 458 16.29 20.42 5.77
N ALA A 459 16.27 21.57 6.46
CA ALA A 459 15.06 22.02 7.13
C ALA A 459 13.96 22.39 6.14
N LEU A 460 14.32 22.66 4.89
CA LEU A 460 13.38 22.84 3.80
C LEU A 460 12.90 21.52 3.22
N GLU A 461 13.11 20.41 3.94
CA GLU A 461 12.78 19.09 3.45
C GLU A 461 12.22 18.25 4.59
N LYS A 462 11.05 17.64 4.37
CA LYS A 462 10.53 16.60 5.24
C LYS A 462 10.83 15.21 4.68
N LYS A 463 10.46 14.96 3.42
CA LYS A 463 11.02 13.87 2.63
C LYS A 463 11.48 14.52 1.31
N GLU A 464 12.67 15.12 1.34
CA GLU A 464 13.23 15.89 0.24
C GLU A 464 12.22 16.89 -0.31
N GLY A 465 11.79 17.81 0.56
CA GLY A 465 11.00 18.93 0.10
C GLY A 465 10.07 19.52 1.15
N LEU A 466 10.00 20.85 1.19
CA LEU A 466 8.98 21.54 1.97
C LEU A 466 7.73 21.82 1.15
N PHE A 467 7.86 21.86 -0.18
CA PHE A 467 6.71 22.11 -1.04
C PHE A 467 5.72 20.94 -0.97
N ARG A 468 6.21 19.73 -0.75
CA ARG A 468 5.37 18.55 -0.69
C ARG A 468 4.59 18.42 0.62
N LYS A 469 4.81 19.33 1.57
CA LYS A 469 4.08 19.33 2.82
C LYS A 469 3.35 20.63 3.10
N HIS A 470 3.84 21.75 2.59
CA HIS A 470 3.23 23.05 2.87
C HIS A 470 2.87 23.86 1.63
N MET A 471 3.24 23.39 0.44
CA MET A 471 2.90 24.09 -0.80
C MET A 471 2.00 23.25 -1.71
N MET A 472 2.42 22.03 -2.06
CA MET A 472 1.61 21.19 -2.93
C MET A 472 0.36 20.70 -2.23
N GLY A 473 0.54 19.98 -1.12
CA GLY A 473 -0.56 19.53 -0.29
C GLY A 473 -0.48 20.16 1.09
N LYS A 474 -1.61 20.69 1.56
CA LYS A 474 -1.66 21.43 2.80
C LYS A 474 -2.79 20.92 3.68
N ARG A 475 -2.64 21.11 4.99
CA ARG A 475 -3.76 20.92 5.90
C ARG A 475 -4.86 21.92 5.58
N VAL A 476 -6.08 21.44 5.41
CA VAL A 476 -7.20 22.29 5.08
C VAL A 476 -8.33 22.06 6.08
N ASN A 477 -9.13 23.09 6.30
CA ASN A 477 -10.30 23.01 7.15
C ASN A 477 -11.52 22.68 6.30
N TYR A 478 -12.71 22.76 6.92
CA TYR A 478 -13.98 22.55 6.22
C TYR A 478 -14.03 21.17 5.57
N ALA A 479 -13.46 20.17 6.25
CA ALA A 479 -13.39 18.82 5.72
C ALA A 479 -13.67 17.83 6.84
N ALA A 480 -14.66 16.97 6.64
CA ALA A 480 -15.01 15.93 7.58
C ALA A 480 -14.52 14.57 7.08
N ARG A 481 -14.42 13.62 8.01
CA ARG A 481 -13.95 12.27 7.67
C ARG A 481 -14.60 11.27 8.61
N SER A 482 -15.36 10.34 8.04
CA SER A 482 -16.03 9.30 8.81
C SER A 482 -16.18 8.06 7.94
N VAL A 483 -16.42 6.93 8.59
CA VAL A 483 -16.63 5.69 7.86
C VAL A 483 -17.91 5.81 7.02
N ILE A 484 -17.98 5.00 5.97
CA ILE A 484 -19.10 5.02 5.04
C ILE A 484 -19.95 3.77 5.24
N SER A 485 -21.25 3.91 4.97
CA SER A 485 -22.20 2.81 5.05
C SER A 485 -23.10 2.82 3.83
N PRO A 486 -23.41 1.66 3.27
CA PRO A 486 -24.20 1.60 2.04
C PRO A 486 -25.70 1.68 2.32
N ASP A 487 -26.41 2.39 1.44
CA ASP A 487 -27.87 2.46 1.53
C ASP A 487 -28.47 2.98 0.24
N PRO A 488 -29.47 2.29 -0.32
CA PRO A 488 -30.23 2.85 -1.45
C PRO A 488 -31.18 3.96 -1.01
N ASN A 489 -32.04 4.39 -1.93
CA ASN A 489 -32.95 5.54 -1.81
C ASN A 489 -32.20 6.86 -1.93
N ILE A 490 -30.88 6.83 -2.09
CA ILE A 490 -30.10 8.01 -2.44
C ILE A 490 -30.04 8.07 -3.96
N GLU A 491 -30.51 9.18 -4.53
CA GLU A 491 -30.74 9.25 -5.98
C GLU A 491 -29.44 9.50 -6.74
N THR A 492 -28.45 8.66 -6.45
CA THR A 492 -27.23 8.47 -7.25
C THR A 492 -26.43 9.76 -7.43
N ASN A 493 -26.90 10.85 -6.85
CA ASN A 493 -26.29 12.16 -7.06
C ASN A 493 -26.01 12.86 -5.73
N GLU A 494 -26.80 12.53 -4.70
CA GLU A 494 -26.65 13.16 -3.41
C GLU A 494 -25.84 12.26 -2.48
N ILE A 495 -25.58 12.76 -1.27
CA ILE A 495 -24.80 12.05 -0.27
C ILE A 495 -25.59 12.04 1.03
N GLY A 496 -25.29 11.07 1.88
CA GLY A 496 -25.95 10.98 3.17
C GLY A 496 -25.05 11.43 4.30
N VAL A 497 -25.33 12.61 4.84
CA VAL A 497 -24.49 13.22 5.86
C VAL A 497 -25.19 13.16 7.21
N PRO A 498 -24.45 12.91 8.29
CA PRO A 498 -25.06 12.88 9.63
C PRO A 498 -25.44 14.28 10.08
N PRO A 499 -26.30 14.41 11.08
CA PRO A 499 -26.61 15.75 11.61
C PRO A 499 -25.43 16.40 12.31
N VAL A 500 -24.46 15.62 12.78
CA VAL A 500 -23.32 16.20 13.50
C VAL A 500 -22.43 16.98 12.53
N PHE A 501 -22.26 16.48 11.31
CA PHE A 501 -21.49 17.21 10.31
C PHE A 501 -22.21 18.48 9.87
N ALA A 502 -23.54 18.49 9.98
CA ALA A 502 -24.32 19.69 9.67
C ALA A 502 -24.24 20.75 10.76
N VAL A 503 -23.56 20.48 11.86
CA VAL A 503 -23.39 21.44 12.94
C VAL A 503 -22.04 22.14 12.85
N LYS A 504 -21.00 21.41 12.44
CA LYS A 504 -19.67 21.99 12.35
C LYS A 504 -19.41 22.64 10.98
N LEU A 505 -19.66 21.89 9.90
CA LEU A 505 -19.48 22.44 8.57
C LEU A 505 -20.42 23.62 8.33
N THR A 506 -19.90 24.68 7.75
CA THR A 506 -20.65 25.92 7.59
C THR A 506 -20.28 26.56 6.26
N TYR A 507 -21.25 27.29 5.69
CA TYR A 507 -21.09 27.93 4.39
C TYR A 507 -21.57 29.38 4.45
N PRO A 508 -20.73 30.34 4.07
CA PRO A 508 -21.17 31.75 4.11
C PRO A 508 -22.16 32.05 2.99
N GLU A 509 -23.20 32.81 3.33
CA GLU A 509 -24.23 33.20 2.39
C GLU A 509 -24.46 34.70 2.51
N PRO A 510 -24.12 35.50 1.50
CA PRO A 510 -24.39 36.94 1.57
C PRO A 510 -25.89 37.22 1.53
N VAL A 511 -26.37 38.00 2.49
CA VAL A 511 -27.79 38.32 2.55
C VAL A 511 -28.18 39.19 1.37
N THR A 512 -29.43 39.06 0.94
CA THR A 512 -29.95 39.78 -0.21
C THR A 512 -31.47 39.85 -0.11
N ALA A 513 -32.12 40.38 -1.15
CA ALA A 513 -33.56 40.55 -1.13
C ALA A 513 -34.32 39.25 -1.36
N TYR A 514 -33.63 38.16 -1.69
CA TYR A 514 -34.30 36.89 -1.94
C TYR A 514 -33.80 35.76 -1.03
N ASN A 515 -33.05 36.08 0.01
CA ASN A 515 -32.56 35.07 0.94
C ASN A 515 -32.79 35.41 2.40
N ILE A 516 -33.26 36.62 2.71
CA ILE A 516 -33.43 37.00 4.11
C ILE A 516 -34.59 36.26 4.77
N ALA A 517 -35.55 35.77 3.97
CA ALA A 517 -36.65 35.02 4.56
C ALA A 517 -36.22 33.63 4.98
N GLU A 518 -35.44 32.95 4.14
CA GLU A 518 -34.97 31.61 4.48
C GLU A 518 -33.82 31.66 5.48
N LEU A 519 -32.92 32.64 5.34
CA LEU A 519 -31.76 32.74 6.22
C LEU A 519 -32.12 33.27 7.60
N ARG A 520 -33.25 33.97 7.75
CA ARG A 520 -33.67 34.43 9.08
C ARG A 520 -33.93 33.25 10.00
N GLN A 521 -34.56 32.19 9.48
CA GLN A 521 -34.77 30.99 10.29
C GLN A 521 -33.46 30.36 10.68
N ALA A 522 -32.43 30.47 9.82
CA ALA A 522 -31.12 29.96 10.17
C ALA A 522 -30.50 30.75 11.32
N VAL A 523 -30.70 32.07 11.33
CA VAL A 523 -30.17 32.88 12.41
C VAL A 523 -30.89 32.57 13.72
N ILE A 524 -32.18 32.26 13.65
CA ILE A 524 -32.96 32.01 14.85
C ILE A 524 -32.65 30.63 15.44
N ASN A 525 -32.49 29.61 14.59
CA ASN A 525 -32.32 28.25 15.06
C ASN A 525 -30.97 28.00 15.73
N GLY A 526 -30.05 28.96 15.68
CA GLY A 526 -28.76 28.81 16.30
C GLY A 526 -27.92 27.70 15.72
N PRO A 527 -26.79 27.39 16.36
CA PRO A 527 -25.88 26.38 15.82
C PRO A 527 -26.28 24.94 16.11
N ASP A 528 -27.17 24.71 17.07
CA ASP A 528 -27.45 23.34 17.52
C ASP A 528 -28.57 22.67 16.74
N LYS A 529 -29.56 23.42 16.25
CA LYS A 529 -30.73 22.86 15.58
C LYS A 529 -30.63 23.14 14.09
N TRP A 530 -30.38 22.09 13.30
CA TRP A 530 -30.31 22.21 11.85
C TRP A 530 -31.71 22.35 11.27
N PRO A 531 -31.90 23.24 10.26
CA PRO A 531 -30.87 24.14 9.74
C PRO A 531 -30.74 25.41 10.58
N GLY A 532 -29.54 25.96 10.65
CA GLY A 532 -29.32 27.14 11.46
C GLY A 532 -28.07 27.88 11.07
N ALA A 533 -27.70 28.85 11.90
CA ALA A 533 -26.50 29.65 11.70
C ALA A 533 -25.63 29.55 12.95
N THR A 534 -24.34 29.31 12.75
CA THR A 534 -23.38 29.23 13.84
C THR A 534 -22.45 30.43 13.91
N GLN A 535 -22.60 31.40 13.01
CA GLN A 535 -21.72 32.56 12.95
C GLN A 535 -22.35 33.60 12.05
N ILE A 536 -22.10 34.87 12.36
CA ILE A 536 -22.59 35.98 11.56
C ILE A 536 -21.47 37.02 11.44
N GLN A 537 -21.17 37.42 10.22
CA GLN A 537 -20.11 38.39 9.94
C GLN A 537 -20.74 39.75 9.63
N ASN A 538 -20.44 40.73 10.47
CA ASN A 538 -20.97 42.08 10.27
C ASN A 538 -20.35 42.70 9.01
N GLU A 539 -21.02 43.73 8.50
CA GLU A 539 -20.58 44.38 7.28
C GLU A 539 -19.25 45.11 7.49
N ASP A 540 -19.02 45.67 8.67
CA ASP A 540 -17.79 46.37 8.96
C ASP A 540 -16.57 45.45 9.00
N GLY A 541 -16.77 44.14 9.08
CA GLY A 541 -15.69 43.19 9.13
C GLY A 541 -15.55 42.46 10.45
N SER A 542 -16.26 42.88 11.49
CA SER A 542 -16.20 42.19 12.77
C SER A 542 -16.85 40.81 12.65
N LEU A 543 -16.37 39.88 13.46
CA LEU A 543 -16.81 38.48 13.43
C LEU A 543 -17.61 38.22 14.71
N VAL A 544 -18.93 38.21 14.58
CA VAL A 544 -19.84 38.02 15.71
C VAL A 544 -20.19 36.55 15.81
N SER A 545 -19.89 35.95 16.95
CA SER A 545 -20.19 34.55 17.20
C SER A 545 -21.39 34.43 18.14
N LEU A 546 -22.14 33.33 17.99
CA LEU A 546 -23.32 33.10 18.82
C LEU A 546 -23.40 31.65 19.28
N ILE A 547 -22.25 30.99 19.44
CA ILE A 547 -22.24 29.60 19.88
C ILE A 547 -22.76 29.47 21.30
N GLY A 548 -22.46 30.46 22.14
CA GLY A 548 -22.93 30.46 23.50
C GLY A 548 -24.01 31.50 23.75
N MET A 549 -24.79 31.81 22.71
CA MET A 549 -25.82 32.83 22.78
C MET A 549 -27.19 32.20 23.02
N SER A 550 -28.09 33.00 23.56
CA SER A 550 -29.45 32.56 23.87
C SER A 550 -30.37 32.92 22.69
N VAL A 551 -31.67 32.71 22.88
CA VAL A 551 -32.63 32.94 21.81
C VAL A 551 -33.07 34.41 21.74
N GLU A 552 -33.08 35.11 22.88
CA GLU A 552 -33.54 36.49 22.89
C GLU A 552 -32.64 37.40 22.05
N GLN A 553 -31.34 37.09 22.00
CA GLN A 553 -30.44 37.86 21.14
C GLN A 553 -30.62 37.50 19.68
N ARG A 554 -30.88 36.22 19.38
CA ARG A 554 -31.14 35.80 18.01
C ARG A 554 -32.43 36.42 17.46
N LYS A 555 -33.33 36.86 18.34
CA LYS A 555 -34.51 37.58 17.88
C LYS A 555 -34.17 39.00 17.46
N ALA A 556 -33.21 39.63 18.13
CA ALA A 556 -32.84 41.01 17.81
C ALA A 556 -31.96 41.08 16.57
N LEU A 557 -31.09 40.08 16.37
CA LEU A 557 -30.23 40.07 15.18
C LEU A 557 -31.03 39.86 13.91
N ALA A 558 -32.19 39.20 14.01
CA ALA A 558 -33.02 38.98 12.82
C ALA A 558 -33.67 40.26 12.35
N ASN A 559 -34.05 41.15 13.27
CA ASN A 559 -34.69 42.40 12.88
C ASN A 559 -33.70 43.34 12.20
N GLN A 560 -32.52 43.51 12.79
CA GLN A 560 -31.47 44.35 12.22
C GLN A 560 -30.55 43.58 11.28
N LEU A 561 -31.01 42.44 10.75
CA LEU A 561 -30.20 41.68 9.81
C LEU A 561 -29.98 42.48 8.53
N LEU A 562 -31.06 42.87 7.86
CA LEU A 562 -30.97 43.71 6.68
C LEU A 562 -31.17 45.17 7.08
N THR A 563 -30.21 46.01 6.72
CA THR A 563 -30.25 47.43 7.07
C THR A 563 -29.20 48.19 6.27
N PRO A 564 -29.46 49.46 5.91
CA PRO A 564 -28.43 50.26 5.26
C PRO A 564 -27.30 50.59 6.23
N SER A 565 -26.07 50.42 5.78
CA SER A 565 -24.91 50.66 6.62
C SER A 565 -24.80 52.13 6.98
N SER A 566 -24.13 52.40 8.10
CA SER A 566 -23.96 53.77 8.58
C SER A 566 -22.89 54.50 7.77
N ASN A 567 -21.67 53.98 7.77
CA ASN A 567 -20.58 54.62 7.04
C ASN A 567 -20.78 54.47 5.54
N VAL A 568 -20.20 55.41 4.79
CA VAL A 568 -20.36 55.41 3.34
C VAL A 568 -19.29 54.54 2.67
N SER A 569 -18.13 54.37 3.31
CA SER A 569 -17.05 53.59 2.72
C SER A 569 -17.43 52.13 2.53
N THR A 570 -18.43 51.64 3.26
CA THR A 570 -18.91 50.27 3.16
C THR A 570 -20.42 50.26 2.93
N HIS A 571 -20.87 51.06 1.96
CA HIS A 571 -22.29 51.16 1.66
C HIS A 571 -22.74 50.18 0.58
N THR A 572 -21.81 49.54 -0.12
CA THR A 572 -22.15 48.64 -1.21
C THR A 572 -22.11 47.17 -0.82
N LEU A 573 -21.50 46.84 0.31
CA LEU A 573 -21.37 45.45 0.74
C LEU A 573 -22.64 45.01 1.47
N ASN A 574 -22.63 43.81 2.02
CA ASN A 574 -23.75 43.30 2.80
C ASN A 574 -23.22 42.23 3.76
N LYS A 575 -23.98 41.99 4.83
CA LYS A 575 -23.57 41.02 5.83
C LYS A 575 -23.60 39.61 5.25
N LYS A 576 -22.56 38.84 5.54
CA LYS A 576 -22.44 37.45 5.10
C LYS A 576 -22.68 36.56 6.30
N VAL A 577 -23.90 36.02 6.40
CA VAL A 577 -24.28 35.17 7.52
C VAL A 577 -23.86 33.74 7.22
N TYR A 578 -23.04 33.16 8.09
CA TYR A 578 -22.63 31.78 7.93
C TYR A 578 -23.81 30.85 8.21
N ARG A 579 -23.95 29.81 7.40
CA ARG A 579 -25.12 28.94 7.45
C ARG A 579 -24.69 27.49 7.39
N HIS A 580 -25.41 26.64 8.12
CA HIS A 580 -25.14 25.21 8.09
C HIS A 580 -25.38 24.63 6.70
N ILE A 581 -24.74 23.49 6.43
CA ILE A 581 -24.89 22.83 5.15
C ILE A 581 -26.28 22.24 5.04
N LYS A 582 -26.91 22.42 3.88
CA LYS A 582 -28.27 21.97 3.65
C LYS A 582 -28.29 21.05 2.43
N ASN A 583 -29.50 20.63 2.03
CA ASN A 583 -29.66 19.74 0.89
C ASN A 583 -29.38 20.41 -0.44
N ARG A 584 -29.29 21.74 -0.47
CA ARG A 584 -29.08 22.45 -1.74
C ARG A 584 -27.62 22.52 -2.13
N ASP A 585 -26.72 22.55 -1.15
CA ASP A 585 -25.29 22.69 -1.43
C ASP A 585 -24.74 21.40 -2.05
N VAL A 586 -23.48 21.47 -2.49
CA VAL A 586 -22.79 20.35 -3.08
C VAL A 586 -21.52 20.08 -2.28
N VAL A 587 -20.99 18.86 -2.44
CA VAL A 587 -19.84 18.41 -1.68
C VAL A 587 -19.00 17.48 -2.57
N LEU A 588 -17.71 17.75 -2.65
CA LEU A 588 -16.79 16.88 -3.35
C LEU A 588 -16.13 15.91 -2.38
N MET A 589 -15.89 14.69 -2.83
CA MET A 589 -15.36 13.62 -2.00
C MET A 589 -14.00 13.19 -2.51
N ASN A 590 -13.28 12.43 -1.68
CA ASN A 590 -11.95 11.96 -2.02
C ASN A 590 -11.65 10.70 -1.22
N ARG A 591 -11.20 9.65 -1.92
CA ARG A 591 -10.83 8.39 -1.29
C ARG A 591 -9.32 8.20 -1.40
N GLN A 592 -8.68 7.93 -0.25
CA GLN A 592 -7.24 7.66 -0.26
C GLN A 592 -7.00 6.17 -0.39
N PRO A 593 -6.10 5.74 -1.30
CA PRO A 593 -5.39 6.63 -2.21
C PRO A 593 -6.16 6.92 -3.50
N THR A 594 -6.29 8.19 -3.85
CA THR A 594 -6.93 8.58 -5.10
C THR A 594 -5.94 8.39 -6.25
N LEU A 595 -6.33 7.59 -7.24
CA LEU A 595 -5.43 7.23 -8.33
C LEU A 595 -6.07 7.39 -9.70
N HIS A 596 -7.21 8.07 -9.80
CA HIS A 596 -7.85 8.28 -11.08
C HIS A 596 -8.73 9.52 -11.02
N LYS A 597 -9.11 10.01 -12.20
CA LYS A 597 -9.94 11.22 -12.28
C LYS A 597 -11.31 11.00 -11.66
N ALA A 598 -11.85 9.78 -11.76
CA ALA A 598 -13.16 9.46 -11.22
C ALA A 598 -13.14 9.21 -9.72
N SER A 599 -12.00 9.42 -9.05
CA SER A 599 -11.91 9.21 -7.61
C SER A 599 -12.34 10.43 -6.81
N MET A 600 -12.51 11.58 -7.44
CA MET A 600 -12.97 12.80 -6.79
C MET A 600 -14.24 13.27 -7.49
N MET A 601 -15.39 12.97 -6.90
CA MET A 601 -16.69 13.26 -7.48
C MET A 601 -17.39 14.36 -6.70
N GLY A 602 -18.31 15.05 -7.38
CA GLY A 602 -19.12 16.06 -6.73
C GLY A 602 -20.55 15.59 -6.54
N HIS A 603 -21.02 15.58 -5.31
CA HIS A 603 -22.33 15.05 -4.98
C HIS A 603 -23.19 16.12 -4.32
N LYS A 604 -24.51 15.94 -4.41
CA LYS A 604 -25.43 16.76 -3.65
C LYS A 604 -25.37 16.36 -2.18
N VAL A 605 -26.14 17.06 -1.34
CA VAL A 605 -26.16 16.84 0.09
C VAL A 605 -27.55 16.40 0.51
N ARG A 606 -27.62 15.47 1.45
CA ARG A 606 -28.89 14.99 1.99
C ARG A 606 -28.65 14.55 3.42
N VAL A 607 -29.18 15.31 4.37
CA VAL A 607 -28.99 15.00 5.79
C VAL A 607 -29.87 13.82 6.17
N LEU A 608 -29.44 13.09 7.20
CA LEU A 608 -30.18 11.94 7.71
C LEU A 608 -30.16 11.93 9.23
N PRO A 609 -31.27 12.30 9.89
CA PRO A 609 -31.29 12.29 11.36
C PRO A 609 -31.33 10.89 11.93
N ASN A 610 -30.40 10.04 11.53
CA ASN A 610 -30.36 8.65 11.95
C ASN A 610 -29.09 8.28 12.71
N GLU A 611 -27.93 8.68 12.20
CA GLU A 611 -26.66 8.14 12.68
C GLU A 611 -25.60 9.23 12.60
N LYS A 612 -24.37 8.86 12.94
CA LYS A 612 -23.19 9.71 12.81
C LYS A 612 -22.21 9.11 11.82
N THR A 613 -22.73 8.58 10.71
CA THR A 613 -21.93 7.88 9.72
C THR A 613 -22.34 8.33 8.32
N LEU A 614 -21.34 8.57 7.47
CA LEU A 614 -21.60 8.95 6.09
C LEU A 614 -22.25 7.82 5.33
N ARG A 615 -23.08 8.18 4.35
CA ARG A 615 -23.84 7.21 3.57
C ARG A 615 -23.57 7.41 2.08
N LEU A 616 -23.15 6.35 1.41
CA LEU A 616 -22.86 6.34 -0.01
C LEU A 616 -23.94 5.56 -0.76
N HIS A 617 -23.78 5.47 -2.08
CA HIS A 617 -24.68 4.73 -2.94
C HIS A 617 -23.92 3.62 -3.65
N TYR A 618 -24.67 2.68 -4.23
CA TYR A 618 -24.05 1.53 -4.89
C TYR A 618 -23.44 1.90 -6.22
N ALA A 619 -23.96 2.93 -6.88
CA ALA A 619 -23.40 3.36 -8.16
C ALA A 619 -22.13 4.18 -7.98
N ASN A 620 -21.99 4.87 -6.85
CA ASN A 620 -20.80 5.69 -6.61
C ASN A 620 -19.61 4.85 -6.18
N THR A 621 -19.84 3.88 -5.29
CA THR A 621 -18.73 3.07 -4.79
C THR A 621 -18.07 2.27 -5.91
N GLY A 622 -18.80 1.97 -6.98
CA GLY A 622 -18.19 1.32 -8.12
C GLY A 622 -17.19 2.22 -8.84
N ALA A 623 -17.39 3.53 -8.75
CA ALA A 623 -16.44 4.46 -9.34
C ALA A 623 -15.27 4.74 -8.39
N TYR A 624 -15.57 4.92 -7.10
CA TYR A 624 -14.52 5.15 -6.12
C TYR A 624 -13.62 3.92 -5.92
N ASN A 625 -14.08 2.75 -6.34
CA ASN A 625 -13.40 1.48 -6.06
C ASN A 625 -13.16 1.34 -4.56
N ALA A 626 -14.18 1.70 -3.77
CA ALA A 626 -14.10 1.75 -2.32
C ALA A 626 -15.00 0.68 -1.73
N ASP A 627 -14.42 -0.22 -0.93
CA ASP A 627 -15.20 -1.21 -0.22
C ASP A 627 -15.77 -0.59 1.05
N PHE A 628 -16.57 -1.38 1.78
CA PHE A 628 -17.23 -0.90 2.98
C PHE A 628 -16.75 -1.61 4.24
N ASP A 629 -15.73 -2.46 4.13
CA ASP A 629 -15.22 -3.20 5.27
C ASP A 629 -14.16 -2.35 5.98
N GLY A 630 -14.61 -1.50 6.89
CA GLY A 630 -13.71 -0.67 7.66
C GLY A 630 -13.04 0.44 6.89
N ASP A 631 -13.40 0.64 5.62
CA ASP A 631 -12.79 1.69 4.81
C ASP A 631 -13.41 3.03 5.14
N GLU A 632 -12.57 4.06 5.31
CA GLU A 632 -13.01 5.39 5.66
C GLU A 632 -12.70 6.35 4.51
N MET A 633 -13.65 7.26 4.25
CA MET A 633 -13.51 8.24 3.17
C MET A 633 -13.85 9.62 3.73
N ASN A 634 -12.95 10.59 3.49
CA ASN A 634 -13.16 11.92 4.01
C ASN A 634 -14.22 12.66 3.18
N MET A 635 -14.45 13.93 3.51
CA MET A 635 -15.50 14.71 2.89
C MET A 635 -15.06 16.17 2.86
N HIS A 636 -14.68 16.67 1.69
CA HIS A 636 -14.30 18.06 1.53
C HIS A 636 -15.54 18.92 1.35
N PHE A 637 -15.35 20.24 1.33
CA PHE A 637 -16.47 21.16 1.21
C PHE A 637 -16.03 22.48 0.58
N PRO A 638 -16.53 22.80 -0.61
CA PRO A 638 -16.19 24.09 -1.23
C PRO A 638 -16.85 25.23 -0.50
N GLN A 639 -16.18 26.39 -0.50
CA GLN A 639 -16.66 27.55 0.23
C GLN A 639 -17.10 28.71 -0.66
N ASN A 640 -16.63 28.77 -1.90
CA ASN A 640 -17.03 29.84 -2.81
C ASN A 640 -18.19 29.40 -3.70
N GLU A 641 -18.98 30.37 -4.13
CA GLU A 641 -20.08 30.08 -5.05
C GLU A 641 -19.56 29.62 -6.41
N ASN A 642 -18.44 30.17 -6.86
CA ASN A 642 -17.87 29.75 -8.13
C ASN A 642 -17.36 28.32 -8.06
N ALA A 643 -16.62 27.99 -6.99
CA ALA A 643 -16.19 26.61 -6.79
C ALA A 643 -17.37 25.68 -6.59
N ARG A 644 -18.46 26.19 -6.01
CA ARG A 644 -19.68 25.38 -5.90
C ARG A 644 -20.25 25.04 -7.27
N ALA A 645 -20.23 26.01 -8.19
CA ALA A 645 -20.73 25.76 -9.53
C ALA A 645 -19.82 24.79 -10.29
N GLU A 646 -18.51 24.88 -10.04
CA GLU A 646 -17.57 23.96 -10.71
C GLU A 646 -17.79 22.53 -10.23
N ALA A 647 -17.97 22.34 -8.92
CA ALA A 647 -18.24 21.02 -8.39
C ALA A 647 -19.65 20.53 -8.67
N LEU A 648 -20.52 21.40 -9.18
CA LEU A 648 -21.89 21.02 -9.49
C LEU A 648 -22.08 20.63 -10.95
N ASN A 649 -21.33 21.23 -11.86
CA ASN A 649 -21.48 20.99 -13.29
C ASN A 649 -20.35 20.18 -13.91
N LEU A 650 -19.11 20.42 -13.50
CA LEU A 650 -17.95 19.76 -14.12
C LEU A 650 -17.38 18.63 -13.29
N ALA A 651 -17.59 18.64 -11.97
CA ALA A 651 -17.10 17.58 -11.09
C ALA A 651 -18.22 16.70 -10.55
N ASN A 652 -19.44 16.86 -11.05
CA ASN A 652 -20.57 16.08 -10.57
C ASN A 652 -20.40 14.61 -10.93
N THR A 653 -21.21 13.77 -10.28
CA THR A 653 -21.14 12.33 -10.48
C THR A 653 -21.83 11.87 -11.77
N ASP A 654 -22.64 12.74 -12.39
CA ASP A 654 -23.34 12.34 -13.61
C ASP A 654 -22.41 12.39 -14.82
N SER A 655 -21.71 13.51 -15.00
CA SER A 655 -20.81 13.66 -16.14
C SER A 655 -19.61 12.73 -16.06
N GLN A 656 -19.34 12.14 -14.90
CA GLN A 656 -18.24 11.20 -14.73
C GLN A 656 -18.70 9.75 -14.92
N TYR A 657 -19.77 9.52 -15.68
CA TYR A 657 -20.27 8.16 -15.88
C TYR A 657 -19.29 7.34 -16.70
N LEU A 658 -18.61 7.96 -17.66
CA LEU A 658 -17.66 7.28 -18.53
C LEU A 658 -16.26 7.76 -18.22
N THR A 659 -15.39 6.83 -17.81
CA THR A 659 -14.01 7.19 -17.52
C THR A 659 -13.26 7.47 -18.82
N PRO A 660 -12.39 8.49 -18.83
CA PRO A 660 -11.65 8.83 -20.06
C PRO A 660 -10.49 7.89 -20.36
N THR A 661 -10.18 6.94 -19.48
CA THR A 661 -9.04 6.07 -19.71
C THR A 661 -9.31 5.08 -20.83
N SER A 662 -10.53 4.53 -20.90
CA SER A 662 -10.87 3.58 -21.94
C SER A 662 -12.27 3.81 -22.51
N GLY A 663 -12.95 4.87 -22.10
CA GLY A 663 -14.32 5.09 -22.56
C GLY A 663 -15.28 4.01 -22.12
N SER A 664 -15.09 3.48 -20.90
CA SER A 664 -15.93 2.43 -20.37
C SER A 664 -16.61 2.89 -19.09
N PRO A 665 -17.87 2.53 -18.87
CA PRO A 665 -18.57 2.96 -17.66
C PRO A 665 -18.08 2.19 -16.44
N VAL A 666 -18.12 2.86 -15.29
CA VAL A 666 -17.71 2.26 -14.03
C VAL A 666 -18.83 2.42 -13.00
N ARG A 667 -19.98 2.90 -13.45
CA ARG A 667 -21.15 3.08 -12.61
C ARG A 667 -22.23 2.09 -13.00
N GLY A 668 -22.91 1.53 -12.01
CA GLY A 668 -23.95 0.56 -12.27
C GLY A 668 -24.40 -0.23 -11.05
N LEU A 669 -25.64 -0.69 -11.08
CA LEU A 669 -26.17 -1.54 -10.01
C LEU A 669 -25.34 -2.81 -9.91
N ILE A 670 -24.83 -3.10 -8.72
CA ILE A 670 -23.66 -3.96 -8.58
C ILE A 670 -24.00 -5.43 -8.41
N GLN A 671 -24.66 -5.82 -7.31
CA GLN A 671 -24.79 -7.24 -6.98
C GLN A 671 -26.23 -7.71 -6.94
N ASP A 672 -27.10 -7.10 -6.13
CA ASP A 672 -28.42 -7.66 -5.89
C ASP A 672 -29.46 -7.21 -6.92
N HIS A 673 -29.25 -6.06 -7.56
CA HIS A 673 -30.23 -5.56 -8.52
C HIS A 673 -30.20 -6.32 -9.83
N ILE A 674 -29.09 -6.96 -10.17
CA ILE A 674 -29.03 -7.76 -11.39
C ILE A 674 -29.53 -9.18 -11.14
N SER A 675 -29.30 -9.72 -9.94
CA SER A 675 -29.86 -11.02 -9.59
C SER A 675 -31.37 -10.92 -9.40
N ALA A 676 -31.85 -9.80 -8.88
CA ALA A 676 -33.30 -9.58 -8.80
C ALA A 676 -33.86 -9.17 -10.15
N GLY A 677 -33.04 -8.59 -11.02
CA GLY A 677 -33.51 -8.27 -12.36
C GLY A 677 -33.80 -9.50 -13.19
N VAL A 678 -33.04 -10.57 -12.98
CA VAL A 678 -33.30 -11.82 -13.68
C VAL A 678 -34.66 -12.37 -13.27
N TRP A 679 -35.05 -12.18 -12.01
CA TRP A 679 -36.33 -12.70 -11.54
C TRP A 679 -37.48 -11.76 -11.89
N LEU A 680 -37.25 -10.45 -11.78
CA LEU A 680 -38.32 -9.50 -12.09
C LEU A 680 -38.65 -9.52 -13.57
N THR A 681 -37.63 -9.37 -14.43
CA THR A 681 -37.82 -9.40 -15.87
C THR A 681 -38.02 -10.80 -16.42
N SER A 682 -38.11 -11.81 -15.56
CA SER A 682 -38.29 -13.19 -16.01
C SER A 682 -39.61 -13.35 -16.74
N LYS A 683 -39.72 -14.44 -17.51
CA LYS A 683 -40.93 -14.70 -18.27
C LYS A 683 -42.10 -15.05 -17.36
N ASP A 684 -41.90 -15.99 -16.44
CA ASP A 684 -42.94 -16.40 -15.51
C ASP A 684 -42.95 -15.52 -14.26
N SER A 685 -43.02 -14.20 -14.47
CA SER A 685 -43.07 -13.22 -13.38
C SER A 685 -44.26 -12.31 -13.65
N PHE A 686 -45.44 -12.73 -13.19
CA PHE A 686 -46.67 -11.98 -13.39
C PHE A 686 -47.05 -11.23 -12.12
N PHE A 687 -47.53 -10.00 -12.30
CA PHE A 687 -47.93 -9.15 -11.19
C PHE A 687 -49.38 -8.72 -11.37
N THR A 688 -50.11 -8.66 -10.25
CA THR A 688 -51.49 -8.21 -10.27
C THR A 688 -51.53 -6.69 -10.44
N ARG A 689 -52.75 -6.13 -10.41
CA ARG A 689 -52.91 -4.69 -10.60
C ARG A 689 -52.24 -3.92 -9.47
N GLU A 690 -52.40 -4.38 -8.23
CA GLU A 690 -51.85 -3.65 -7.09
C GLU A 690 -50.33 -3.76 -7.04
N GLN A 691 -49.80 -4.95 -7.31
CA GLN A 691 -48.35 -5.12 -7.36
C GLN A 691 -47.74 -4.38 -8.54
N TYR A 692 -48.53 -4.01 -9.54
CA TYR A 692 -48.04 -3.28 -10.69
C TYR A 692 -48.01 -1.78 -10.46
N GLN A 693 -49.02 -1.23 -9.77
CA GLN A 693 -49.05 0.20 -9.50
C GLN A 693 -48.12 0.58 -8.35
N GLN A 694 -48.06 -0.26 -7.32
CA GLN A 694 -47.25 0.06 -6.15
C GLN A 694 -45.76 0.04 -6.48
N TYR A 695 -45.34 -0.86 -7.37
CA TYR A 695 -43.93 -0.92 -7.74
C TYR A 695 -43.52 0.33 -8.52
N ILE A 696 -44.41 0.85 -9.38
CA ILE A 696 -44.05 1.98 -10.22
C ILE A 696 -43.93 3.25 -9.37
N TYR A 697 -44.91 3.50 -8.50
CA TYR A 697 -44.84 4.71 -7.67
C TYR A 697 -43.74 4.60 -6.62
N GLY A 698 -43.38 3.39 -6.21
CA GLY A 698 -42.29 3.23 -5.26
C GLY A 698 -40.94 3.68 -5.80
N CYS A 699 -40.86 3.99 -7.09
CA CYS A 699 -39.65 4.47 -7.73
C CYS A 699 -39.79 5.87 -8.30
N ILE A 700 -40.92 6.18 -8.94
CA ILE A 700 -41.08 7.47 -9.60
C ILE A 700 -41.14 8.59 -8.56
N ARG A 701 -42.18 8.58 -7.71
CA ARG A 701 -42.41 9.61 -6.71
C ARG A 701 -42.30 11.00 -7.32
N PRO A 702 -43.29 11.44 -8.10
CA PRO A 702 -43.19 12.76 -8.76
C PRO A 702 -43.03 13.91 -7.79
N GLU A 703 -43.28 13.71 -6.50
CA GLU A 703 -43.05 14.77 -5.51
C GLU A 703 -41.58 15.18 -5.49
N ASP A 704 -40.67 14.21 -5.55
CA ASP A 704 -39.24 14.48 -5.50
C ASP A 704 -38.65 14.81 -6.87
N GLY A 705 -39.50 15.05 -7.87
CA GLY A 705 -39.03 15.47 -9.18
C GLY A 705 -38.17 14.45 -9.90
N HIS A 706 -38.73 13.28 -10.19
CA HIS A 706 -38.05 12.28 -11.02
C HIS A 706 -38.59 12.23 -12.44
N THR A 707 -39.90 12.09 -12.59
CA THR A 707 -40.51 12.10 -13.91
C THR A 707 -40.75 13.51 -14.40
N THR A 708 -40.86 13.66 -15.71
CA THR A 708 -41.13 14.95 -16.34
C THR A 708 -42.55 15.06 -16.87
N ARG A 709 -43.34 13.99 -16.85
CA ARG A 709 -44.72 14.06 -17.30
C ARG A 709 -45.60 14.89 -16.37
N SER A 710 -45.17 15.07 -15.11
CA SER A 710 -45.94 15.77 -14.08
C SER A 710 -47.23 15.02 -13.75
N LYS A 711 -47.42 13.85 -14.36
CA LYS A 711 -48.58 13.01 -14.09
C LYS A 711 -48.25 11.60 -14.57
N ILE A 712 -48.23 10.64 -13.64
CA ILE A 712 -47.83 9.28 -13.99
C ILE A 712 -48.88 8.66 -14.91
N VAL A 713 -48.44 7.69 -15.71
CA VAL A 713 -49.31 7.02 -16.67
C VAL A 713 -49.11 5.52 -16.54
N THR A 714 -50.15 4.76 -16.90
CA THR A 714 -50.14 3.31 -16.80
C THR A 714 -50.59 2.70 -18.12
N LEU A 715 -49.87 1.68 -18.57
CA LEU A 715 -50.19 0.98 -19.81
C LEU A 715 -51.23 -0.10 -19.57
N PRO A 716 -51.96 -0.48 -20.62
CA PRO A 716 -52.94 -1.55 -20.45
C PRO A 716 -52.26 -2.86 -20.12
N PRO A 717 -52.96 -3.77 -19.45
CA PRO A 717 -52.36 -5.06 -19.09
C PRO A 717 -52.15 -5.95 -20.31
N THR A 718 -51.33 -6.98 -20.12
CA THR A 718 -51.08 -7.94 -21.19
C THR A 718 -52.25 -8.89 -21.36
N ILE A 719 -52.81 -9.40 -20.26
CA ILE A 719 -53.91 -10.34 -20.27
C ILE A 719 -55.16 -9.64 -19.77
N PHE A 720 -56.29 -9.88 -20.45
CA PHE A 720 -57.56 -9.30 -20.06
C PHE A 720 -58.44 -10.30 -19.32
N LYS A 721 -58.73 -11.46 -19.94
CA LYS A 721 -59.56 -12.47 -19.30
C LYS A 721 -58.70 -13.60 -18.75
N PRO A 722 -59.08 -14.21 -17.62
CA PRO A 722 -60.27 -13.90 -16.83
C PRO A 722 -60.15 -12.63 -15.97
N TYR A 723 -58.91 -12.21 -15.71
CA TYR A 723 -58.66 -11.00 -14.94
C TYR A 723 -57.34 -10.40 -15.42
N PRO A 724 -57.15 -9.09 -15.25
CA PRO A 724 -55.91 -8.46 -15.71
C PRO A 724 -54.68 -9.04 -15.03
N LEU A 725 -53.57 -9.02 -15.76
CA LEU A 725 -52.32 -9.56 -15.26
C LEU A 725 -51.17 -8.99 -16.09
N TRP A 726 -50.17 -8.42 -15.41
CA TRP A 726 -49.06 -7.76 -16.06
C TRP A 726 -47.84 -8.68 -16.11
N THR A 727 -46.73 -8.14 -16.62
CA THR A 727 -45.51 -8.91 -16.80
C THR A 727 -44.32 -8.04 -16.45
N GLY A 728 -43.15 -8.68 -16.30
CA GLY A 728 -41.94 -7.94 -15.98
C GLY A 728 -41.53 -6.99 -17.09
N LYS A 729 -41.64 -7.43 -18.35
CA LYS A 729 -41.35 -6.54 -19.46
C LYS A 729 -42.31 -5.37 -19.49
N GLN A 730 -43.57 -5.60 -19.10
CA GLN A 730 -44.54 -4.51 -19.04
C GLN A 730 -44.19 -3.50 -17.95
N ILE A 731 -43.64 -3.95 -16.83
CA ILE A 731 -43.29 -3.04 -15.75
C ILE A 731 -42.00 -2.30 -16.04
N ILE A 732 -41.18 -2.79 -16.97
CA ILE A 732 -40.00 -2.06 -17.38
C ILE A 732 -40.36 -1.01 -18.43
N THR A 733 -41.35 -1.31 -19.28
CA THR A 733 -41.81 -0.34 -20.25
C THR A 733 -42.43 0.89 -19.57
N THR A 734 -43.11 0.68 -18.44
CA THR A 734 -43.76 1.79 -17.76
C THR A 734 -42.75 2.79 -17.21
N VAL A 735 -41.74 2.29 -16.49
CA VAL A 735 -40.73 3.18 -15.93
C VAL A 735 -39.90 3.83 -17.04
N LEU A 736 -39.57 3.06 -18.08
CA LEU A 736 -38.85 3.64 -19.22
C LEU A 736 -39.70 4.62 -20.01
N LEU A 737 -41.01 4.64 -19.79
CA LEU A 737 -41.89 5.62 -20.43
C LEU A 737 -42.08 6.86 -19.57
N ASN A 738 -42.07 6.71 -18.24
CA ASN A 738 -42.26 7.86 -17.36
C ASN A 738 -40.98 8.67 -17.21
N VAL A 739 -39.82 8.01 -17.20
CA VAL A 739 -38.55 8.73 -17.05
C VAL A 739 -38.13 9.39 -18.35
N THR A 740 -38.39 8.73 -19.47
CA THR A 740 -38.03 9.30 -20.77
C THR A 740 -38.81 10.59 -21.02
N PRO A 741 -38.15 11.66 -21.43
CA PRO A 741 -38.85 12.93 -21.65
C PRO A 741 -39.79 12.83 -22.83
N PRO A 742 -40.80 13.71 -22.91
CA PRO A 742 -41.73 13.68 -24.05
C PRO A 742 -41.10 14.21 -25.33
N ASP A 743 -41.91 14.34 -26.38
CA ASP A 743 -41.53 14.91 -27.68
C ASP A 743 -40.28 14.26 -28.26
N MET A 744 -39.94 13.07 -27.79
CA MET A 744 -38.80 12.31 -28.31
C MET A 744 -39.19 10.84 -28.45
N PRO A 745 -39.11 10.27 -29.65
CA PRO A 745 -39.45 8.85 -29.81
C PRO A 745 -38.53 7.95 -29.01
N GLY A 746 -39.09 6.85 -28.53
CA GLY A 746 -38.31 5.90 -27.75
C GLY A 746 -37.16 5.31 -28.55
N ILE A 747 -36.22 4.71 -27.81
CA ILE A 747 -35.05 4.13 -28.45
C ILE A 747 -35.44 2.85 -29.20
N ASN A 748 -34.55 2.45 -30.12
CA ASN A 748 -34.71 1.21 -30.87
C ASN A 748 -33.39 0.45 -30.76
N LEU A 749 -33.36 -0.55 -29.88
CA LEU A 749 -32.14 -1.27 -29.55
C LEU A 749 -32.32 -2.76 -29.82
N ILE A 750 -31.23 -3.41 -30.22
CA ILE A 750 -31.18 -4.86 -30.38
C ILE A 750 -29.79 -5.34 -30.03
N SER A 751 -29.70 -6.25 -29.07
CA SER A 751 -28.40 -6.74 -28.59
C SER A 751 -28.59 -8.16 -28.06
N LYS A 752 -27.56 -8.67 -27.39
CA LYS A 752 -27.56 -10.01 -26.83
C LYS A 752 -27.50 -9.95 -25.31
N ASN A 753 -27.97 -11.02 -24.67
CA ASN A 753 -28.01 -11.10 -23.21
C ASN A 753 -26.71 -11.73 -22.71
N LYS A 754 -26.68 -12.11 -21.45
CA LYS A 754 -25.49 -12.63 -20.80
C LYS A 754 -25.59 -14.09 -20.37
N ILE A 755 -26.76 -14.55 -19.94
CA ILE A 755 -26.85 -15.84 -19.26
C ILE A 755 -26.71 -17.00 -20.26
N LYS A 756 -27.72 -17.19 -21.09
CA LYS A 756 -27.72 -18.23 -22.12
C LYS A 756 -29.05 -18.26 -22.87
N ASN A 757 -29.14 -19.11 -23.90
CA ASN A 757 -30.42 -19.48 -24.50
C ASN A 757 -30.91 -20.84 -24.01
N GLU A 758 -29.99 -21.80 -23.85
CA GLU A 758 -30.40 -23.16 -23.48
C GLU A 758 -30.87 -23.24 -22.04
N TYR A 759 -30.36 -22.35 -21.16
CA TYR A 759 -30.75 -22.40 -19.76
C TYR A 759 -32.22 -22.07 -19.55
N TRP A 760 -32.87 -21.44 -20.52
CA TRP A 760 -34.30 -21.15 -20.43
C TRP A 760 -35.15 -22.21 -21.12
N GLY A 761 -34.59 -22.95 -22.06
CA GLY A 761 -35.33 -23.99 -22.74
C GLY A 761 -35.03 -24.08 -24.23
N LYS A 762 -36.07 -24.17 -25.04
CA LYS A 762 -35.95 -24.25 -26.50
C LYS A 762 -36.75 -23.11 -27.11
N GLY A 763 -36.08 -22.08 -27.59
CA GLY A 763 -36.78 -20.98 -28.20
C GLY A 763 -37.12 -19.87 -27.23
N SER A 764 -36.56 -19.96 -26.03
CA SER A 764 -36.81 -18.93 -25.05
C SER A 764 -35.82 -17.88 -25.52
N LEU A 765 -36.07 -17.45 -26.75
CA LEU A 765 -35.27 -16.45 -27.46
C LEU A 765 -34.80 -15.33 -26.53
N GLU A 766 -34.64 -15.62 -25.25
CA GLU A 766 -34.38 -14.58 -24.26
C GLU A 766 -32.98 -13.96 -24.39
N ASN A 767 -32.10 -14.56 -25.20
CA ASN A 767 -30.76 -13.99 -25.36
C ASN A 767 -30.79 -12.66 -26.10
N GLU A 768 -31.71 -12.51 -27.05
CA GLU A 768 -31.82 -11.27 -27.80
C GLU A 768 -32.74 -10.30 -27.07
N VAL A 769 -32.26 -9.08 -26.86
CA VAL A 769 -33.03 -8.01 -26.23
C VAL A 769 -33.50 -7.06 -27.33
N LEU A 770 -34.81 -6.78 -27.35
CA LEU A 770 -35.43 -5.97 -28.39
C LEU A 770 -36.19 -4.82 -27.74
N PHE A 771 -35.68 -3.60 -27.91
CA PHE A 771 -36.36 -2.39 -27.48
C PHE A 771 -36.90 -1.67 -28.70
N LYS A 772 -38.19 -1.37 -28.70
CA LYS A 772 -38.85 -0.70 -29.82
C LYS A 772 -39.75 0.40 -29.27
N ASP A 773 -39.52 1.63 -29.74
CA ASP A 773 -40.31 2.80 -29.34
C ASP A 773 -40.29 3.00 -27.83
N GLY A 774 -39.15 2.70 -27.21
CA GLY A 774 -39.02 2.83 -25.77
C GLY A 774 -39.71 1.75 -24.97
N ALA A 775 -39.95 0.58 -25.56
CA ALA A 775 -40.66 -0.50 -24.89
C ALA A 775 -39.85 -1.78 -25.01
N LEU A 776 -39.67 -2.48 -23.89
CA LEU A 776 -39.00 -3.76 -23.89
C LEU A 776 -39.95 -4.86 -24.34
N LEU A 777 -39.56 -5.60 -25.37
CA LEU A 777 -40.40 -6.64 -25.95
C LEU A 777 -39.97 -8.04 -25.54
N CYS A 778 -38.69 -8.36 -25.69
CA CYS A 778 -38.19 -9.66 -25.30
C CYS A 778 -36.76 -9.51 -24.81
N GLY A 779 -36.37 -10.37 -23.85
CA GLY A 779 -35.04 -10.33 -23.30
C GLY A 779 -34.99 -9.75 -21.90
N ILE A 780 -34.41 -10.50 -20.96
CA ILE A 780 -34.31 -10.02 -19.60
C ILE A 780 -33.10 -9.10 -19.46
N LEU A 781 -33.14 -8.26 -18.43
CA LEU A 781 -32.04 -7.37 -18.12
C LEU A 781 -31.03 -8.08 -17.22
N ASP A 782 -29.77 -7.65 -17.31
CA ASP A 782 -28.69 -8.29 -16.57
C ASP A 782 -27.55 -7.29 -16.44
N LYS A 783 -26.39 -7.77 -15.99
CA LYS A 783 -25.23 -6.90 -15.84
C LYS A 783 -24.79 -6.31 -17.18
N SER A 784 -24.88 -7.11 -18.25
CA SER A 784 -24.53 -6.61 -19.57
C SER A 784 -25.46 -5.48 -20.00
N GLN A 785 -26.74 -5.54 -19.59
CA GLN A 785 -27.68 -4.48 -19.92
C GLN A 785 -27.39 -3.23 -19.10
N TYR A 786 -27.49 -3.34 -17.77
CA TYR A 786 -27.20 -2.23 -16.87
C TYR A 786 -26.12 -2.65 -15.89
N GLY A 787 -25.18 -1.75 -15.63
CA GLY A 787 -24.03 -2.06 -14.80
C GLY A 787 -22.74 -1.54 -15.41
N ALA A 788 -21.68 -2.34 -15.38
CA ALA A 788 -20.39 -1.98 -15.95
C ALA A 788 -20.17 -2.84 -17.20
N SER A 789 -20.70 -2.35 -18.33
CA SER A 789 -20.57 -3.04 -19.60
C SER A 789 -20.91 -2.07 -20.72
N LYS A 790 -20.21 -2.21 -21.85
CA LYS A 790 -20.43 -1.33 -22.98
C LYS A 790 -21.68 -1.76 -23.76
N TYR A 791 -22.28 -0.78 -24.45
CA TYR A 791 -23.43 -1.03 -25.33
C TYR A 791 -24.61 -1.61 -24.56
N GLY A 792 -24.80 -1.13 -23.33
CA GLY A 792 -25.92 -1.55 -22.52
C GLY A 792 -27.13 -0.64 -22.68
N ILE A 793 -28.18 -0.95 -21.90
CA ILE A 793 -29.39 -0.14 -21.95
C ILE A 793 -29.15 1.23 -21.33
N VAL A 794 -28.45 1.27 -20.20
CA VAL A 794 -28.11 2.55 -19.59
C VAL A 794 -27.05 3.27 -20.41
N HIS A 795 -26.08 2.52 -20.94
CA HIS A 795 -25.05 3.11 -21.79
C HIS A 795 -25.64 3.66 -23.09
N SER A 796 -26.83 3.20 -23.49
CA SER A 796 -27.49 3.72 -24.67
C SER A 796 -28.32 4.96 -24.37
N LEU A 797 -29.05 4.96 -23.26
CA LEU A 797 -29.76 6.17 -22.84
C LEU A 797 -28.82 7.31 -22.51
N HIS A 798 -27.56 7.00 -22.16
CA HIS A 798 -26.57 8.04 -21.96
C HIS A 798 -26.23 8.73 -23.27
N GLU A 799 -26.27 7.99 -24.39
CA GLU A 799 -25.97 8.57 -25.69
C GLU A 799 -27.20 9.25 -26.30
N VAL A 800 -28.37 8.66 -26.13
CA VAL A 800 -29.57 9.20 -26.76
C VAL A 800 -30.17 10.34 -25.93
N TYR A 801 -30.08 10.28 -24.61
CA TYR A 801 -30.69 11.28 -23.75
C TYR A 801 -29.72 12.05 -22.89
N GLY A 802 -28.56 11.49 -22.55
CA GLY A 802 -27.57 12.19 -21.78
C GLY A 802 -27.25 11.53 -20.46
N PRO A 803 -26.23 12.05 -19.76
CA PRO A 803 -25.85 11.44 -18.47
C PRO A 803 -26.86 11.69 -17.36
N GLU A 804 -27.58 12.81 -17.41
CA GLU A 804 -28.59 13.08 -16.38
C GLU A 804 -29.69 12.03 -16.42
N VAL A 805 -30.20 11.72 -17.62
CA VAL A 805 -31.21 10.68 -17.77
C VAL A 805 -30.62 9.31 -17.47
N ALA A 806 -29.35 9.09 -17.83
CA ALA A 806 -28.71 7.81 -17.57
C ALA A 806 -28.60 7.54 -16.09
N ALA A 807 -28.08 8.52 -15.33
CA ALA A 807 -28.01 8.36 -13.87
C ALA A 807 -29.39 8.32 -13.24
N LYS A 808 -30.36 9.00 -13.85
CA LYS A 808 -31.73 8.94 -13.35
C LYS A 808 -32.28 7.53 -13.42
N VAL A 809 -32.15 6.88 -14.58
CA VAL A 809 -32.62 5.51 -14.74
C VAL A 809 -31.86 4.57 -13.82
N LEU A 810 -30.57 4.84 -13.59
CA LEU A 810 -29.79 4.01 -12.67
C LEU A 810 -30.38 4.04 -11.27
N SER A 811 -30.74 5.23 -10.78
CA SER A 811 -31.30 5.35 -9.44
C SER A 811 -32.71 4.77 -9.38
N VAL A 812 -33.54 5.04 -10.39
CA VAL A 812 -34.91 4.53 -10.39
C VAL A 812 -34.90 3.00 -10.45
N LEU A 813 -33.99 2.43 -11.25
CA LEU A 813 -33.86 0.98 -11.28
C LEU A 813 -33.34 0.44 -9.95
N GLY A 814 -32.43 1.17 -9.32
CA GLY A 814 -31.94 0.82 -7.99
C GLY A 814 -33.06 0.62 -7.00
N ARG A 815 -33.90 1.66 -6.84
CA ARG A 815 -35.06 1.54 -5.97
C ARG A 815 -36.10 0.57 -6.51
N LEU A 816 -36.08 0.30 -7.82
CA LEU A 816 -37.03 -0.66 -8.39
C LEU A 816 -36.75 -2.07 -7.90
N PHE A 817 -35.52 -2.55 -8.09
CA PHE A 817 -35.17 -3.87 -7.60
C PHE A 817 -35.06 -3.91 -6.08
N THR A 818 -34.85 -2.76 -5.44
CA THR A 818 -34.87 -2.73 -3.98
C THR A 818 -36.28 -2.97 -3.45
N ASN A 819 -37.27 -2.30 -4.02
CA ASN A 819 -38.66 -2.52 -3.60
C ASN A 819 -39.15 -3.91 -3.98
N TYR A 820 -38.77 -4.37 -5.17
CA TYR A 820 -39.15 -5.72 -5.58
C TYR A 820 -38.52 -6.78 -4.68
N ILE A 821 -37.32 -6.50 -4.16
CA ILE A 821 -36.69 -7.42 -3.21
C ILE A 821 -37.39 -7.34 -1.87
N THR A 822 -37.79 -6.13 -1.46
CA THR A 822 -38.51 -5.97 -0.20
C THR A 822 -39.83 -6.73 -0.19
N ALA A 823 -40.46 -6.87 -1.35
CA ALA A 823 -41.68 -7.66 -1.47
C ALA A 823 -41.41 -9.12 -1.83
N THR A 824 -40.28 -9.41 -2.45
CA THR A 824 -39.91 -10.79 -2.79
C THR A 824 -38.39 -10.86 -2.81
N ALA A 825 -37.81 -11.45 -1.77
CA ALA A 825 -36.37 -11.42 -1.56
C ALA A 825 -35.68 -12.54 -2.33
N PHE A 826 -34.36 -12.60 -2.19
CA PHE A 826 -33.51 -13.60 -2.84
C PHE A 826 -32.55 -14.18 -1.80
N THR A 827 -32.36 -15.49 -1.84
CA THR A 827 -31.56 -16.17 -0.83
C THR A 827 -30.82 -17.34 -1.46
N CYS A 828 -29.83 -17.84 -0.73
CA CYS A 828 -29.11 -19.05 -1.06
C CYS A 828 -29.44 -20.14 -0.04
N GLY A 829 -29.26 -21.39 -0.44
CA GLY A 829 -29.61 -22.51 0.42
C GLY A 829 -28.67 -23.67 0.23
N MET A 830 -28.65 -24.55 1.24
CA MET A 830 -27.81 -25.75 1.15
C MET A 830 -28.27 -26.67 0.03
N ASP A 831 -29.56 -26.63 -0.32
CA ASP A 831 -30.07 -27.43 -1.42
C ASP A 831 -29.61 -26.90 -2.78
N ASP A 832 -29.11 -25.67 -2.83
CA ASP A 832 -28.71 -25.08 -4.11
C ASP A 832 -27.47 -25.75 -4.67
N LEU A 833 -26.40 -25.82 -3.88
CA LEU A 833 -25.13 -26.36 -4.33
C LEU A 833 -25.08 -27.89 -4.28
N ARG A 834 -26.22 -28.56 -4.12
CA ARG A 834 -26.28 -30.01 -4.10
C ARG A 834 -26.74 -30.54 -5.45
N LEU A 835 -26.08 -31.59 -5.92
CA LEU A 835 -26.47 -32.27 -7.16
C LEU A 835 -27.01 -33.65 -6.84
N THR A 836 -27.75 -34.20 -7.81
CA THR A 836 -28.45 -35.46 -7.60
C THR A 836 -27.47 -36.64 -7.61
N ALA A 837 -28.01 -37.82 -7.31
CA ALA A 837 -27.18 -39.02 -7.27
C ALA A 837 -26.64 -39.39 -8.65
N GLU A 838 -27.35 -38.99 -9.70
CA GLU A 838 -26.85 -39.23 -11.06
C GLU A 838 -25.58 -38.42 -11.31
N GLY A 839 -25.59 -37.14 -10.93
CA GLY A 839 -24.38 -36.34 -11.00
C GLY A 839 -23.26 -36.88 -10.14
N ASN A 840 -23.60 -37.44 -8.97
CA ASN A 840 -22.59 -38.08 -8.14
C ASN A 840 -21.98 -39.28 -8.84
N LYS A 841 -22.82 -40.13 -9.44
CA LYS A 841 -22.30 -41.29 -10.15
C LYS A 841 -21.45 -40.89 -11.34
N TRP A 842 -21.85 -39.83 -12.06
CA TRP A 842 -21.05 -39.32 -13.16
C TRP A 842 -19.72 -38.78 -12.65
N ARG A 843 -19.75 -38.05 -11.53
CA ARG A 843 -18.54 -37.45 -10.99
C ARG A 843 -17.52 -38.53 -10.59
N THR A 844 -17.96 -39.52 -9.81
CA THR A 844 -17.04 -40.57 -9.39
C THR A 844 -16.64 -41.47 -10.54
N ASP A 845 -17.45 -41.54 -11.60
CA ASP A 845 -17.11 -42.37 -12.74
C ASP A 845 -15.91 -41.79 -13.49
N ILE A 846 -15.92 -40.49 -13.77
CA ILE A 846 -14.78 -39.84 -14.41
C ILE A 846 -13.59 -39.84 -13.47
N LEU A 847 -13.83 -39.63 -12.17
CA LEU A 847 -12.74 -39.64 -11.19
C LEU A 847 -12.07 -41.01 -11.10
N LYS A 848 -12.74 -42.08 -11.53
CA LYS A 848 -12.10 -43.39 -11.58
C LYS A 848 -11.06 -43.49 -12.69
N THR A 849 -11.02 -42.51 -13.61
CA THR A 849 -10.03 -42.49 -14.67
C THR A 849 -8.77 -41.74 -14.28
N SER A 850 -8.85 -40.86 -13.29
CA SER A 850 -7.70 -40.08 -12.84
C SER A 850 -6.76 -40.87 -11.93
N VAL A 851 -6.94 -42.19 -11.82
CA VAL A 851 -6.08 -42.99 -10.96
C VAL A 851 -4.81 -43.46 -11.66
N ASP A 852 -4.79 -43.50 -12.99
CA ASP A 852 -3.62 -43.92 -13.74
C ASP A 852 -3.01 -42.85 -14.63
N THR A 853 -3.71 -41.72 -14.82
CA THR A 853 -3.15 -40.65 -15.65
C THR A 853 -1.98 -39.96 -14.97
N GLY A 854 -1.96 -39.95 -13.64
CA GLY A 854 -0.80 -39.41 -12.94
C GLY A 854 0.48 -40.16 -13.23
N ARG A 855 0.37 -41.48 -13.45
CA ARG A 855 1.51 -42.30 -13.82
C ARG A 855 1.76 -42.29 -15.32
N GLU A 856 0.70 -42.24 -16.13
CA GLU A 856 0.87 -42.19 -17.58
C GLU A 856 1.51 -40.89 -18.02
N ALA A 857 1.20 -39.78 -17.34
CA ALA A 857 1.82 -38.50 -17.67
C ALA A 857 3.32 -38.53 -17.37
N ALA A 858 3.70 -39.05 -16.20
CA ALA A 858 5.12 -39.20 -15.89
C ALA A 858 5.80 -40.18 -16.84
N ALA A 859 5.05 -41.15 -17.37
CA ALA A 859 5.61 -42.05 -18.37
C ALA A 859 5.86 -41.34 -19.70
N GLU A 860 5.04 -40.33 -20.02
CA GLU A 860 5.29 -39.54 -21.22
C GLU A 860 6.55 -38.70 -21.07
N VAL A 861 6.80 -38.16 -19.87
CA VAL A 861 8.01 -37.39 -19.65
C VAL A 861 9.23 -38.31 -19.60
N THR A 862 9.08 -39.50 -19.00
CA THR A 862 10.17 -40.44 -18.87
C THR A 862 10.43 -41.22 -20.15
N ASN A 863 9.58 -41.08 -21.16
CA ASN A 863 9.73 -41.74 -22.46
C ASN A 863 9.70 -43.27 -22.30
N LEU A 864 8.63 -43.76 -21.68
CA LEU A 864 8.39 -45.17 -21.52
C LEU A 864 7.21 -45.60 -22.39
N ASP A 865 7.42 -46.64 -23.20
CA ASP A 865 6.38 -47.10 -24.12
C ASP A 865 5.37 -47.98 -23.41
N LYS A 866 5.84 -48.94 -22.61
CA LYS A 866 4.94 -49.89 -21.94
C LYS A 866 4.13 -49.22 -20.83
N ASP A 867 4.57 -48.06 -20.34
CA ASP A 867 3.94 -47.39 -19.20
C ASP A 867 3.94 -48.31 -17.97
N THR A 868 5.15 -48.65 -17.53
CA THR A 868 5.33 -49.54 -16.41
C THR A 868 4.84 -48.90 -15.12
N PRO A 869 4.46 -49.69 -14.12
CA PRO A 869 4.08 -49.13 -12.82
C PRO A 869 5.26 -48.43 -12.15
N ALA A 870 4.95 -47.70 -11.08
CA ALA A 870 5.94 -46.91 -10.36
C ALA A 870 6.80 -47.81 -9.44
N ASP A 871 7.43 -48.79 -10.06
CA ASP A 871 8.33 -49.70 -9.34
C ASP A 871 9.62 -49.99 -10.09
N ASP A 872 9.84 -49.38 -11.24
CA ASP A 872 11.05 -49.62 -12.02
C ASP A 872 12.21 -48.83 -11.45
N PRO A 873 13.32 -49.47 -11.07
CA PRO A 873 14.49 -48.70 -10.62
C PRO A 873 14.99 -47.71 -11.64
N GLU A 874 14.88 -48.01 -12.94
CA GLU A 874 15.22 -47.04 -13.97
C GLU A 874 14.29 -45.84 -13.91
N LEU A 875 12.98 -46.10 -13.73
CA LEU A 875 12.02 -45.00 -13.57
C LEU A 875 12.37 -44.15 -12.36
N LEU A 876 12.86 -44.77 -11.29
CA LEU A 876 13.26 -44.02 -10.11
C LEU A 876 14.49 -43.15 -10.39
N LYS A 877 15.50 -43.75 -11.03
CA LYS A 877 16.73 -43.00 -11.33
C LYS A 877 16.47 -41.85 -12.29
N ARG A 878 15.47 -41.99 -13.16
CA ARG A 878 15.12 -40.89 -14.05
C ARG A 878 14.24 -39.85 -13.37
N LEU A 879 13.44 -40.28 -12.38
CA LEU A 879 12.72 -39.32 -11.56
C LEU A 879 13.68 -38.47 -10.74
N GLN A 880 14.88 -38.98 -10.46
CA GLN A 880 15.89 -38.17 -9.78
C GLN A 880 16.24 -36.95 -10.60
N GLU A 881 16.54 -37.14 -11.89
CA GLU A 881 16.82 -36.01 -12.76
C GLU A 881 15.61 -35.10 -12.92
N ILE A 882 14.40 -35.65 -12.80
CA ILE A 882 13.19 -34.83 -12.88
C ILE A 882 13.13 -33.86 -11.71
N LEU A 883 13.52 -34.32 -10.52
CA LEU A 883 13.41 -33.52 -9.31
C LEU A 883 14.64 -32.68 -9.02
N ARG A 884 15.72 -32.83 -9.78
CA ARG A 884 16.94 -32.06 -9.55
C ARG A 884 16.93 -30.76 -10.36
N ASP A 885 16.79 -30.87 -11.68
CA ASP A 885 16.80 -29.70 -12.54
C ASP A 885 15.44 -29.00 -12.47
N ASN A 886 15.47 -27.67 -12.47
CA ASN A 886 14.24 -26.89 -12.43
C ASN A 886 13.52 -26.93 -13.78
N ASN A 887 14.25 -27.10 -14.87
CA ASN A 887 13.61 -27.19 -16.18
C ASN A 887 12.96 -28.55 -16.37
N LYS A 888 13.67 -29.63 -16.04
CA LYS A 888 13.09 -30.97 -16.16
C LYS A 888 11.84 -31.11 -15.31
N SER A 889 11.82 -30.46 -14.13
CA SER A 889 10.61 -30.46 -13.33
C SER A 889 9.53 -29.60 -13.97
N GLY A 890 9.90 -28.46 -14.56
CA GLY A 890 8.94 -27.61 -15.24
C GLY A 890 8.26 -28.26 -16.42
N ILE A 891 8.86 -29.31 -16.98
CA ILE A 891 8.23 -30.04 -18.08
C ILE A 891 7.13 -30.95 -17.56
N LEU A 892 7.49 -31.87 -16.65
CA LEU A 892 6.50 -32.74 -16.03
C LEU A 892 5.44 -31.93 -15.30
N ASP A 893 5.81 -30.75 -14.79
CA ASP A 893 4.82 -29.87 -14.18
C ASP A 893 3.80 -29.40 -15.21
N ALA A 894 4.25 -29.05 -16.41
CA ALA A 894 3.36 -28.49 -17.42
C ALA A 894 2.41 -29.55 -17.98
N VAL A 895 2.94 -30.72 -18.32
CA VAL A 895 2.13 -31.72 -19.01
C VAL A 895 1.22 -32.45 -18.03
N THR A 896 1.71 -32.77 -16.84
CA THR A 896 0.88 -33.48 -15.87
C THR A 896 -0.26 -32.59 -15.38
N SER A 897 -0.01 -31.30 -15.23
CA SER A 897 -1.09 -30.38 -14.84
C SER A 897 -2.01 -30.09 -16.00
N SER A 898 -1.51 -30.17 -17.25
CA SER A 898 -2.37 -29.94 -18.40
C SER A 898 -3.36 -31.08 -18.58
N LYS A 899 -2.92 -32.32 -18.41
CA LYS A 899 -3.84 -33.46 -18.47
C LYS A 899 -4.87 -33.38 -17.36
N VAL A 900 -4.46 -32.92 -16.18
CA VAL A 900 -5.41 -32.73 -15.08
C VAL A 900 -6.42 -31.66 -15.45
N ASN A 901 -5.94 -30.52 -15.97
CA ASN A 901 -6.84 -29.47 -16.41
C ASN A 901 -7.76 -29.91 -17.54
N ALA A 902 -7.36 -30.94 -18.30
CA ALA A 902 -8.25 -31.49 -19.32
C ALA A 902 -9.27 -32.45 -18.73
N ILE A 903 -8.95 -33.10 -17.61
CA ILE A 903 -9.92 -33.95 -16.95
C ILE A 903 -10.95 -33.13 -16.21
N THR A 904 -10.53 -32.05 -15.54
CA THR A 904 -11.47 -31.17 -14.85
C THR A 904 -12.50 -30.60 -15.82
N SER A 905 -12.07 -30.28 -17.04
CA SER A 905 -13.01 -29.82 -18.06
C SER A 905 -14.07 -30.88 -18.34
N GLN A 906 -13.66 -32.15 -18.41
CA GLN A 906 -14.62 -33.23 -18.61
C GLN A 906 -15.56 -33.38 -17.42
N VAL A 907 -15.11 -32.99 -16.23
CA VAL A 907 -15.95 -33.10 -15.04
C VAL A 907 -17.03 -32.02 -15.05
N VAL A 908 -16.62 -30.76 -15.21
CA VAL A 908 -17.58 -29.66 -15.08
C VAL A 908 -18.53 -29.63 -16.27
N SER A 909 -18.03 -29.92 -17.48
CA SER A 909 -18.88 -29.85 -18.66
C SER A 909 -19.95 -30.94 -18.65
N LYS A 910 -19.66 -32.09 -18.06
CA LYS A 910 -20.60 -33.20 -18.02
C LYS A 910 -21.55 -33.12 -16.82
N CYS A 911 -21.07 -32.64 -15.67
CA CYS A 911 -21.90 -32.61 -14.48
C CYS A 911 -22.87 -31.44 -14.49
N VAL A 912 -22.35 -30.21 -14.52
CA VAL A 912 -23.18 -29.02 -14.45
C VAL A 912 -23.47 -28.54 -15.87
N PRO A 913 -24.70 -28.10 -16.18
CA PRO A 913 -25.88 -28.12 -15.31
C PRO A 913 -26.79 -29.32 -15.57
N ASP A 914 -26.22 -30.42 -16.05
CA ASP A 914 -27.03 -31.60 -16.37
C ASP A 914 -27.28 -32.45 -15.14
N GLY A 915 -26.26 -32.66 -14.32
CA GLY A 915 -26.36 -33.51 -13.15
C GLY A 915 -26.75 -32.81 -11.86
N THR A 916 -27.08 -31.52 -11.91
CA THR A 916 -27.45 -30.80 -10.70
C THR A 916 -28.87 -31.17 -10.28
N MET A 917 -29.10 -31.12 -8.96
CA MET A 917 -30.42 -31.43 -8.43
C MET A 917 -31.39 -30.27 -8.64
N LYS A 918 -30.96 -29.05 -8.33
CA LYS A 918 -31.76 -27.85 -8.52
C LYS A 918 -31.26 -27.14 -9.77
N LYS A 919 -32.16 -26.91 -10.73
CA LYS A 919 -31.79 -26.40 -12.04
C LYS A 919 -32.13 -24.92 -12.18
N PHE A 920 -31.46 -24.28 -13.12
CA PHE A 920 -31.76 -22.89 -13.44
C PHE A 920 -33.14 -22.79 -14.09
N PRO A 921 -33.91 -21.74 -13.77
CA PRO A 921 -33.58 -20.65 -12.84
C PRO A 921 -33.97 -20.94 -11.39
N CYS A 922 -34.58 -22.11 -11.14
CA CYS A 922 -35.00 -22.45 -9.79
C CYS A 922 -33.81 -22.45 -8.83
N ASN A 923 -32.66 -22.93 -9.29
CA ASN A 923 -31.46 -22.90 -8.46
C ASN A 923 -31.05 -21.47 -8.16
N SER A 924 -30.54 -21.25 -6.94
CA SER A 924 -30.19 -19.91 -6.48
C SER A 924 -28.70 -19.61 -6.60
N MET A 925 -27.85 -20.54 -6.15
CA MET A 925 -26.41 -20.30 -6.20
C MET A 925 -25.90 -20.22 -7.64
N GLN A 926 -26.40 -21.11 -8.50
CA GLN A 926 -25.99 -21.07 -9.91
C GLN A 926 -26.49 -19.80 -10.59
N ALA A 927 -27.77 -19.48 -10.40
CA ALA A 927 -28.33 -18.26 -10.98
C ALA A 927 -27.67 -16.99 -10.44
N MET A 928 -26.89 -17.10 -9.36
CA MET A 928 -26.20 -15.96 -8.77
C MET A 928 -24.82 -15.77 -9.40
N ALA A 929 -24.04 -16.85 -9.45
CA ALA A 929 -22.67 -16.80 -9.98
C ALA A 929 -22.61 -17.08 -11.49
N LEU A 930 -23.75 -17.20 -12.16
CA LEU A 930 -23.78 -17.33 -13.60
C LEU A 930 -24.35 -16.11 -14.30
N SER A 931 -25.17 -15.31 -13.60
CA SER A 931 -25.71 -14.07 -14.14
C SER A 931 -24.69 -12.94 -14.13
N GLY A 932 -23.43 -13.22 -13.86
CA GLY A 932 -22.39 -12.22 -13.87
C GLY A 932 -22.30 -11.35 -12.64
N ALA A 933 -22.98 -11.71 -11.55
CA ALA A 933 -22.89 -10.93 -10.32
C ALA A 933 -21.47 -10.95 -9.77
N LYS A 934 -20.98 -12.13 -9.41
CA LYS A 934 -19.63 -12.33 -8.91
C LYS A 934 -19.34 -13.81 -8.89
N GLY A 935 -18.14 -14.18 -9.32
CA GLY A 935 -17.80 -15.57 -9.49
C GLY A 935 -18.35 -16.14 -10.78
N SER A 936 -17.69 -17.16 -11.34
CA SER A 936 -18.11 -17.74 -12.60
C SER A 936 -18.32 -19.24 -12.47
N ASN A 937 -18.53 -19.92 -13.60
CA ASN A 937 -18.70 -21.38 -13.58
C ASN A 937 -17.45 -22.07 -13.02
N VAL A 938 -16.27 -21.49 -13.22
CA VAL A 938 -15.07 -22.02 -12.60
C VAL A 938 -15.09 -21.82 -11.10
N ASN A 939 -15.87 -20.86 -10.61
CA ASN A 939 -15.98 -20.63 -9.17
C ASN A 939 -16.98 -21.59 -8.53
N VAL A 940 -18.09 -21.86 -9.22
CA VAL A 940 -19.05 -22.86 -8.73
C VAL A 940 -18.57 -24.29 -8.96
N SER A 941 -17.54 -24.47 -9.78
CA SER A 941 -17.00 -25.81 -10.01
C SER A 941 -16.37 -26.38 -8.75
N GLN A 942 -15.68 -25.53 -7.97
CA GLN A 942 -15.04 -25.99 -6.75
C GLN A 942 -16.05 -26.43 -5.70
N ILE A 943 -17.28 -25.95 -5.79
CA ILE A 943 -18.31 -26.33 -4.83
C ILE A 943 -19.14 -27.49 -5.33
N MET A 944 -19.51 -27.48 -6.62
CA MET A 944 -20.45 -28.46 -7.15
C MET A 944 -19.76 -29.73 -7.65
N CYS A 945 -18.73 -29.59 -8.49
CA CYS A 945 -18.13 -30.75 -9.15
C CYS A 945 -16.73 -31.08 -8.65
N LEU A 946 -15.80 -30.12 -8.67
CA LEU A 946 -14.43 -30.42 -8.30
C LEU A 946 -13.66 -29.12 -8.10
N LEU A 947 -12.85 -29.09 -7.04
CA LEU A 947 -11.96 -27.95 -6.82
C LEU A 947 -10.95 -27.82 -7.96
N GLY A 948 -10.29 -28.93 -8.29
CA GLY A 948 -9.34 -28.92 -9.38
C GLY A 948 -7.92 -29.26 -8.95
N GLN A 949 -6.95 -28.46 -9.38
CA GLN A 949 -5.54 -28.67 -9.06
C GLN A 949 -4.93 -27.31 -8.72
N GLN A 950 -4.91 -26.98 -7.44
CA GLN A 950 -4.24 -25.77 -7.00
C GLN A 950 -2.73 -25.94 -7.12
N ALA A 951 -2.05 -24.87 -7.54
CA ALA A 951 -0.64 -24.96 -7.81
C ALA A 951 0.03 -23.62 -7.50
N LEU A 952 1.36 -23.64 -7.44
CA LEU A 952 2.14 -22.44 -7.21
C LEU A 952 2.16 -21.58 -8.49
N GLU A 953 2.93 -20.50 -8.44
CA GLU A 953 3.05 -19.60 -9.58
C GLU A 953 3.81 -20.32 -10.69
N GLY A 954 3.06 -20.79 -11.70
CA GLY A 954 3.65 -21.59 -12.76
C GLY A 954 4.39 -22.82 -12.29
N ARG A 955 4.13 -23.28 -11.06
CA ARG A 955 4.82 -24.43 -10.49
C ARG A 955 3.83 -25.27 -9.71
N ARG A 956 4.21 -26.52 -9.46
CA ARG A 956 3.41 -27.41 -8.64
C ARG A 956 3.85 -27.30 -7.18
N VAL A 957 3.38 -28.21 -6.34
CA VAL A 957 3.66 -28.18 -4.90
C VAL A 957 5.16 -28.36 -4.67
N PRO A 958 5.73 -27.72 -3.64
CA PRO A 958 7.16 -27.87 -3.40
C PRO A 958 7.53 -29.29 -3.02
N VAL A 959 8.76 -29.66 -3.35
CA VAL A 959 9.30 -30.99 -3.07
C VAL A 959 10.50 -30.85 -2.15
N MET A 960 10.59 -31.73 -1.16
CA MET A 960 11.66 -31.68 -0.19
C MET A 960 12.99 -32.11 -0.84
N VAL A 961 14.06 -32.04 -0.04
CA VAL A 961 15.36 -32.49 -0.51
C VAL A 961 15.40 -33.99 -0.71
N SER A 962 14.52 -34.74 -0.05
CA SER A 962 14.43 -36.19 -0.20
C SER A 962 13.59 -36.61 -1.39
N GLY A 963 13.14 -35.66 -2.22
CA GLY A 963 12.28 -35.99 -3.33
C GLY A 963 10.87 -36.39 -2.94
N LYS A 964 10.47 -36.14 -1.70
CA LYS A 964 9.14 -36.50 -1.22
C LYS A 964 8.28 -35.24 -1.16
N THR A 965 7.10 -35.29 -1.77
CA THR A 965 6.22 -34.14 -1.80
C THR A 965 5.57 -33.89 -0.43
N LEU A 966 5.32 -34.96 0.33
CA LEU A 966 4.67 -34.86 1.63
C LEU A 966 4.93 -36.13 2.42
N PRO A 967 5.17 -36.05 3.73
CA PRO A 967 5.46 -37.26 4.51
C PRO A 967 4.35 -38.29 4.46
N SER A 968 3.13 -37.92 4.09
CA SER A 968 2.03 -38.87 3.98
C SER A 968 2.12 -39.75 2.75
N PHE A 969 3.12 -39.55 1.89
CA PHE A 969 3.29 -40.33 0.68
C PHE A 969 4.67 -40.95 0.64
N LYS A 970 4.79 -42.06 -0.09
CA LYS A 970 6.07 -42.73 -0.24
C LYS A 970 7.02 -41.85 -1.06
N PRO A 971 8.33 -42.05 -0.92
CA PRO A 971 9.28 -41.25 -1.69
C PRO A 971 9.08 -41.44 -3.20
N TYR A 972 9.01 -40.31 -3.91
CA TYR A 972 8.83 -40.30 -5.37
C TYR A 972 7.53 -40.99 -5.77
N GLU A 973 6.43 -40.55 -5.17
CA GLU A 973 5.11 -41.05 -5.55
C GLU A 973 4.77 -40.58 -6.96
N THR A 974 4.29 -41.50 -7.78
CA THR A 974 3.92 -41.21 -9.17
C THR A 974 2.39 -41.28 -9.26
N ASP A 975 1.73 -40.16 -8.95
CA ASP A 975 0.29 -40.07 -8.96
C ASP A 975 -0.11 -38.60 -8.89
N ALA A 976 -1.22 -38.27 -9.54
CA ALA A 976 -1.65 -36.87 -9.58
C ALA A 976 -2.18 -36.39 -8.23
N MET A 977 -2.82 -37.29 -7.46
CA MET A 977 -3.38 -36.89 -6.18
C MET A 977 -2.31 -36.40 -5.21
N ALA A 978 -1.12 -36.99 -5.26
CA ALA A 978 -0.02 -36.58 -4.40
C ALA A 978 0.74 -35.37 -4.93
N GLY A 979 0.23 -34.71 -5.97
CA GLY A 979 0.92 -33.56 -6.54
C GLY A 979 0.07 -32.31 -6.54
N GLY A 980 -0.70 -32.11 -5.46
CA GLY A 980 -1.56 -30.96 -5.35
C GLY A 980 -2.94 -31.11 -5.96
N TYR A 981 -3.11 -32.07 -6.88
CA TYR A 981 -4.42 -32.30 -7.47
C TYR A 981 -5.35 -32.94 -6.45
N VAL A 982 -6.50 -32.33 -6.25
CA VAL A 982 -7.47 -32.79 -5.27
C VAL A 982 -8.60 -33.53 -5.97
N LYS A 983 -9.24 -34.44 -5.24
CA LYS A 983 -10.42 -35.13 -5.74
C LYS A 983 -11.65 -34.88 -4.87
N GLY A 984 -11.58 -33.91 -3.95
CA GLY A 984 -12.68 -33.58 -3.09
C GLY A 984 -13.22 -32.19 -3.33
N ARG A 985 -14.46 -31.95 -2.94
CA ARG A 985 -15.14 -30.67 -3.13
C ARG A 985 -15.24 -29.92 -1.81
N PHE A 986 -15.64 -28.66 -1.90
CA PHE A 986 -15.89 -27.84 -0.72
C PHE A 986 -17.20 -28.19 -0.03
N TYR A 987 -17.90 -29.24 -0.49
CA TYR A 987 -19.16 -29.67 0.08
C TYR A 987 -19.06 -31.05 0.71
N SER A 988 -18.53 -32.04 -0.02
CA SER A 988 -18.41 -33.39 0.54
C SER A 988 -17.27 -33.47 1.56
N GLY A 989 -16.24 -32.67 1.39
CA GLY A 989 -15.09 -32.66 2.28
C GLY A 989 -13.78 -32.65 1.52
N ILE A 990 -12.71 -32.43 2.28
CA ILE A 990 -11.36 -32.34 1.75
C ILE A 990 -10.45 -33.24 2.58
N LYS A 991 -9.68 -34.10 1.90
CA LYS A 991 -8.73 -34.96 2.57
C LYS A 991 -7.65 -34.12 3.24
N PRO A 992 -6.97 -34.67 4.26
CA PRO A 992 -5.95 -33.88 4.97
C PRO A 992 -4.82 -33.40 4.07
N GLN A 993 -4.27 -34.28 3.23
CA GLN A 993 -3.20 -33.86 2.32
C GLN A 993 -3.68 -32.80 1.35
N GLU A 994 -4.85 -33.03 0.74
CA GLU A 994 -5.40 -32.07 -0.22
C GLU A 994 -5.65 -30.72 0.45
N TYR A 995 -6.06 -30.73 1.72
CA TYR A 995 -6.23 -29.47 2.44
C TYR A 995 -4.89 -28.78 2.67
N TYR A 996 -3.84 -29.56 2.90
CA TYR A 996 -2.52 -28.98 3.12
C TYR A 996 -2.00 -28.30 1.86
N PHE A 997 -2.18 -28.93 0.69
CA PHE A 997 -1.77 -28.30 -0.56
C PHE A 997 -2.68 -27.12 -0.91
N HIS A 998 -3.95 -27.18 -0.49
CA HIS A 998 -4.83 -26.04 -0.69
C HIS A 998 -4.39 -24.85 0.15
N CYS A 999 -3.77 -25.10 1.31
CA CYS A 999 -3.19 -24.03 2.10
C CYS A 999 -1.89 -23.52 1.49
N MET A 1000 -1.19 -24.35 0.72
CA MET A 1000 -0.03 -23.88 -0.02
C MET A 1000 -0.43 -22.81 -1.03
N ALA A 1001 -1.46 -23.10 -1.83
CA ALA A 1001 -1.96 -22.10 -2.76
C ALA A 1001 -2.59 -20.92 -2.03
N GLY A 1002 -3.25 -21.19 -0.91
CA GLY A 1002 -3.84 -20.10 -0.13
C GLY A 1002 -2.79 -19.13 0.40
N ARG A 1003 -1.67 -19.65 0.89
CA ARG A 1003 -0.63 -18.79 1.45
C ARG A 1003 0.15 -18.07 0.36
N GLU A 1004 0.48 -18.77 -0.73
CA GLU A 1004 1.23 -18.14 -1.81
C GLU A 1004 0.41 -17.07 -2.51
N GLY A 1005 -0.92 -17.18 -2.48
CA GLY A 1005 -1.75 -16.16 -3.07
C GLY A 1005 -1.82 -14.90 -2.23
N LEU A 1006 -1.62 -15.02 -0.92
CA LEU A 1006 -1.65 -13.88 -0.02
C LEU A 1006 -0.26 -13.44 0.42
N ILE A 1007 0.79 -14.13 -0.02
CA ILE A 1007 2.13 -13.79 0.44
C ILE A 1007 2.63 -12.52 -0.24
N ASP A 1008 2.22 -12.25 -1.47
CA ASP A 1008 2.60 -11.04 -2.19
C ASP A 1008 1.49 -10.00 -2.10
N THR A 1009 1.23 -9.53 -0.88
CA THR A 1009 0.18 -8.56 -0.62
C THR A 1009 0.73 -7.22 -0.11
N ALA A 1010 1.53 -7.25 0.96
CA ALA A 1010 2.12 -6.04 1.52
C ALA A 1010 3.63 -6.20 1.71
N VAL A 1011 4.29 -6.84 0.74
CA VAL A 1011 5.71 -7.14 0.86
C VAL A 1011 6.53 -6.19 -0.01
N LYS A 1012 6.26 -6.17 -1.31
CA LYS A 1012 7.13 -5.46 -2.23
C LYS A 1012 6.94 -3.95 -2.13
N THR A 1013 5.76 -3.47 -2.55
CA THR A 1013 5.40 -2.05 -2.61
C THR A 1013 3.97 -1.90 -3.11
N SER A 1014 3.46 -0.67 -3.12
CA SER A 1014 2.19 -0.41 -3.80
C SER A 1014 2.39 -0.19 -5.29
N ARG A 1015 3.45 0.53 -5.66
CA ARG A 1015 3.81 0.79 -7.05
C ARG A 1015 2.68 1.47 -7.80
N SER A 1016 2.04 2.44 -7.14
CA SER A 1016 0.95 3.20 -7.73
C SER A 1016 1.05 4.71 -7.55
N GLY A 1017 1.83 5.19 -6.58
CA GLY A 1017 1.94 6.61 -6.34
C GLY A 1017 3.19 7.24 -6.93
N TYR A 1018 4.17 6.41 -7.26
CA TYR A 1018 5.43 6.90 -7.80
C TYR A 1018 5.39 7.05 -9.31
N LEU A 1019 4.76 6.11 -10.02
CA LEU A 1019 4.65 6.22 -11.47
C LEU A 1019 3.70 7.34 -11.87
N GLN A 1020 2.60 7.50 -11.13
CA GLN A 1020 1.66 8.58 -11.44
C GLN A 1020 2.25 9.94 -11.12
N ARG A 1021 3.05 10.04 -10.05
CA ARG A 1021 3.64 11.33 -9.70
C ARG A 1021 4.70 11.76 -10.70
N CYS A 1022 5.49 10.80 -11.19
CA CYS A 1022 6.57 11.15 -12.11
C CYS A 1022 6.03 11.57 -13.47
N LEU A 1023 5.03 10.85 -13.98
CA LEU A 1023 4.48 11.18 -15.29
C LEU A 1023 3.61 12.43 -15.23
N THR A 1024 2.88 12.63 -14.13
CA THR A 1024 2.01 13.79 -14.02
C THR A 1024 2.81 15.08 -13.88
N LYS A 1025 3.88 15.05 -13.08
CA LYS A 1025 4.64 16.26 -12.78
C LYS A 1025 5.19 16.93 -14.04
N GLN A 1026 5.43 16.17 -15.10
CA GLN A 1026 5.86 16.74 -16.38
C GLN A 1026 4.71 16.88 -17.38
N LEU A 1027 3.73 15.98 -17.34
CA LEU A 1027 2.54 16.08 -18.17
C LEU A 1027 1.46 16.96 -17.54
N GLU A 1028 1.83 17.79 -16.56
CA GLU A 1028 0.88 18.64 -15.85
C GLU A 1028 0.55 19.92 -16.60
N GLY A 1029 1.30 20.23 -17.67
CA GLY A 1029 1.07 21.47 -18.40
C GLY A 1029 0.43 21.28 -19.76
N VAL A 1030 0.62 20.09 -20.36
CA VAL A 1030 0.04 19.83 -21.68
C VAL A 1030 -1.47 19.85 -21.60
N HIS A 1031 -2.09 20.51 -22.58
CA HIS A 1031 -3.54 20.63 -22.66
C HIS A 1031 -3.90 21.16 -24.05
N VAL A 1032 -5.17 21.02 -24.40
CA VAL A 1032 -5.67 21.55 -25.66
C VAL A 1032 -5.93 23.04 -25.51
N SER A 1033 -5.62 23.81 -26.55
CA SER A 1033 -5.87 25.23 -26.57
C SER A 1033 -7.04 25.55 -27.50
N TYR A 1034 -7.45 26.82 -27.48
CA TYR A 1034 -8.52 27.27 -28.36
C TYR A 1034 -8.10 27.26 -29.83
N ASP A 1035 -6.81 27.16 -30.11
CA ASP A 1035 -6.32 26.91 -31.46
C ASP A 1035 -6.42 25.44 -31.85
N ASN A 1036 -7.01 24.61 -30.98
CA ASN A 1036 -7.17 23.18 -31.21
C ASN A 1036 -5.81 22.51 -31.41
N SER A 1037 -4.99 22.57 -30.37
CA SER A 1037 -3.65 22.00 -30.44
C SER A 1037 -3.13 21.74 -29.04
N ILE A 1038 -2.47 20.59 -28.87
CA ILE A 1038 -1.86 20.24 -27.59
C ILE A 1038 -0.55 20.99 -27.44
N ARG A 1039 -0.34 21.60 -26.29
CA ARG A 1039 0.89 22.31 -26.01
C ARG A 1039 1.07 22.44 -24.50
N ASP A 1040 2.29 22.78 -24.10
CA ASP A 1040 2.65 22.85 -22.69
C ASP A 1040 2.16 24.17 -22.09
N ALA A 1041 2.60 24.46 -20.87
CA ALA A 1041 2.22 25.69 -20.20
C ALA A 1041 2.97 26.90 -20.76
N ASP A 1042 4.27 26.74 -21.00
CA ASP A 1042 5.05 27.84 -21.55
C ASP A 1042 4.63 28.18 -22.97
N GLY A 1043 4.14 27.21 -23.73
CA GLY A 1043 3.69 27.46 -25.08
C GLY A 1043 4.30 26.56 -26.12
N THR A 1044 5.33 25.79 -25.74
CA THR A 1044 5.94 24.87 -26.69
C THR A 1044 4.95 23.80 -27.13
N LEU A 1045 5.10 23.36 -28.38
CA LEU A 1045 4.12 22.48 -29.00
C LEU A 1045 4.52 21.02 -28.86
N VAL A 1046 3.55 20.18 -28.56
CA VAL A 1046 3.74 18.73 -28.44
C VAL A 1046 3.02 18.00 -29.57
N GLN A 1047 1.72 18.22 -29.72
CA GLN A 1047 0.93 17.57 -30.75
C GLN A 1047 -0.04 18.59 -31.35
N PHE A 1048 -0.21 18.53 -32.67
CA PHE A 1048 -1.05 19.52 -33.35
C PHE A 1048 -2.52 19.19 -33.23
N MET A 1049 -2.90 17.95 -33.57
CA MET A 1049 -4.28 17.51 -33.43
C MET A 1049 -4.31 16.37 -32.41
N TYR A 1050 -5.24 16.45 -31.46
CA TYR A 1050 -5.31 15.48 -30.38
C TYR A 1050 -5.58 14.07 -30.90
N GLY A 1051 -4.56 13.21 -30.81
CA GLY A 1051 -4.68 11.84 -31.28
C GLY A 1051 -4.94 11.71 -32.77
N GLY A 1052 -4.86 12.83 -33.48
CA GLY A 1052 -5.20 12.86 -34.89
C GLY A 1052 -6.67 13.01 -35.19
N ASP A 1053 -7.53 13.01 -34.17
CA ASP A 1053 -8.96 13.20 -34.34
C ASP A 1053 -9.53 14.34 -33.52
N ALA A 1054 -8.87 14.74 -32.44
CA ALA A 1054 -9.34 15.83 -31.56
C ALA A 1054 -10.74 15.58 -31.02
N ILE A 1055 -11.08 14.32 -30.79
CA ILE A 1055 -12.38 13.95 -30.26
C ILE A 1055 -12.20 13.43 -28.83
N ASP A 1056 -13.20 13.71 -27.99
CA ASP A 1056 -13.16 13.28 -26.60
C ASP A 1056 -13.39 11.78 -26.49
N ILE A 1057 -12.62 11.12 -25.63
CA ILE A 1057 -12.77 9.68 -25.43
C ILE A 1057 -14.10 9.38 -24.76
N THR A 1058 -14.64 10.32 -23.97
CA THR A 1058 -15.93 10.12 -23.34
C THR A 1058 -17.05 9.97 -24.37
N LYS A 1059 -16.87 10.57 -25.55
CA LYS A 1059 -17.86 10.51 -26.61
C LYS A 1059 -17.56 9.43 -27.65
N GLU A 1060 -16.52 8.63 -27.43
CA GLU A 1060 -16.19 7.52 -28.34
C GLU A 1060 -16.95 6.26 -27.94
N SER A 1061 -18.28 6.39 -27.86
CA SER A 1061 -19.15 5.30 -27.46
C SER A 1061 -20.03 4.80 -28.59
N HIS A 1062 -20.76 5.69 -29.26
CA HIS A 1062 -21.64 5.31 -30.37
C HIS A 1062 -21.24 6.00 -31.67
N MET A 1063 -19.99 6.47 -31.76
CA MET A 1063 -19.53 7.08 -33.00
C MET A 1063 -19.42 6.05 -34.12
N THR A 1064 -19.19 4.79 -33.77
CA THR A 1064 -19.09 3.72 -34.74
C THR A 1064 -20.36 2.87 -34.81
N GLN A 1065 -21.28 3.03 -33.85
CA GLN A 1065 -22.53 2.26 -33.84
C GLN A 1065 -23.51 2.86 -34.84
N PHE A 1066 -23.26 2.57 -36.11
CA PHE A 1066 -24.14 3.06 -37.18
C PHE A 1066 -25.48 2.32 -37.14
N GLU A 1067 -25.45 1.01 -36.87
CA GLU A 1067 -26.67 0.21 -36.83
C GLU A 1067 -27.59 0.59 -35.69
N PHE A 1068 -27.10 1.38 -34.71
CA PHE A 1068 -27.91 1.83 -33.58
C PHE A 1068 -28.35 3.28 -33.72
N CYS A 1069 -27.53 4.11 -34.36
CA CYS A 1069 -27.85 5.53 -34.46
C CYS A 1069 -28.90 5.81 -35.53
N LEU A 1070 -28.98 4.99 -36.57
CA LEU A 1070 -30.00 5.20 -37.59
C LEU A 1070 -31.36 4.71 -37.13
N ASP A 1071 -31.38 3.75 -36.19
CA ASP A 1071 -32.65 3.35 -35.59
C ASP A 1071 -33.19 4.43 -34.67
N ASN A 1072 -32.31 5.20 -34.05
CA ASN A 1072 -32.69 6.36 -33.23
C ASN A 1072 -32.43 7.66 -33.97
N TYR A 1073 -32.62 7.66 -35.29
CA TYR A 1073 -32.31 8.85 -36.08
C TYR A 1073 -33.20 10.03 -35.68
N TYR A 1074 -34.48 9.79 -35.43
CA TYR A 1074 -35.38 10.88 -35.06
C TYR A 1074 -35.07 11.40 -33.66
N ALA A 1075 -34.71 10.52 -32.74
CA ALA A 1075 -34.35 10.95 -31.40
C ALA A 1075 -33.05 11.73 -31.40
N LEU A 1076 -32.07 11.29 -32.20
CA LEU A 1076 -30.81 12.03 -32.30
C LEU A 1076 -30.97 13.33 -33.06
N LEU A 1077 -31.91 13.38 -34.02
CA LEU A 1077 -32.14 14.62 -34.76
C LEU A 1077 -32.72 15.69 -33.85
N LYS A 1078 -33.68 15.33 -32.99
CA LYS A 1078 -34.26 16.31 -32.08
C LYS A 1078 -33.26 16.71 -31.00
N LYS A 1079 -32.42 15.76 -30.54
CA LYS A 1079 -31.43 16.09 -29.53
C LYS A 1079 -30.35 17.02 -30.08
N TYR A 1080 -29.94 16.81 -31.33
CA TYR A 1080 -28.86 17.62 -31.89
C TYR A 1080 -29.37 18.94 -32.43
N ASN A 1081 -30.58 18.94 -33.01
CA ASN A 1081 -31.21 20.12 -33.60
C ASN A 1081 -30.30 20.75 -34.66
N PRO A 1082 -30.07 20.07 -35.79
CA PRO A 1082 -29.19 20.64 -36.81
C PRO A 1082 -29.80 21.83 -37.54
N SER A 1083 -31.13 21.93 -37.60
CA SER A 1083 -31.78 23.00 -38.36
C SER A 1083 -31.49 24.38 -37.79
N ALA A 1084 -31.05 24.47 -36.53
CA ALA A 1084 -30.76 25.73 -35.88
C ALA A 1084 -29.27 26.07 -35.88
N LEU A 1085 -28.42 25.19 -36.41
CA LEU A 1085 -26.98 25.41 -36.40
C LEU A 1085 -26.35 25.32 -37.78
N ILE A 1086 -27.16 25.23 -38.84
CA ILE A 1086 -26.61 25.19 -40.20
C ILE A 1086 -26.30 26.57 -40.75
N GLU A 1087 -26.67 27.63 -40.05
CA GLU A 1087 -26.42 28.98 -40.51
C GLU A 1087 -25.09 29.55 -40.02
N HIS A 1088 -24.64 29.12 -38.84
CA HIS A 1088 -23.38 29.61 -38.29
C HIS A 1088 -22.16 28.91 -38.87
N LEU A 1089 -22.35 27.74 -39.48
CA LEU A 1089 -21.24 26.91 -39.94
C LEU A 1089 -21.17 26.90 -41.46
N ASP A 1090 -19.95 26.85 -41.99
CA ASP A 1090 -19.72 26.76 -43.43
C ASP A 1090 -19.69 25.29 -43.81
N VAL A 1091 -20.76 24.83 -44.47
CA VAL A 1091 -20.87 23.42 -44.84
C VAL A 1091 -20.28 23.14 -46.23
N GLU A 1092 -20.36 24.11 -47.14
CA GLU A 1092 -19.93 23.88 -48.52
C GLU A 1092 -18.41 23.83 -48.67
N SER A 1093 -17.65 24.17 -47.64
CA SER A 1093 -16.19 24.25 -47.77
C SER A 1093 -15.56 22.87 -47.68
N ALA A 1094 -15.75 22.17 -46.57
CA ALA A 1094 -15.03 20.92 -46.32
C ALA A 1094 -15.57 19.76 -47.16
N LEU A 1095 -16.82 19.84 -47.64
CA LEU A 1095 -17.38 18.73 -48.38
C LEU A 1095 -16.68 18.53 -49.73
N LYS A 1096 -16.38 19.62 -50.43
CA LYS A 1096 -15.74 19.51 -51.73
C LYS A 1096 -14.32 18.96 -51.60
N TYR A 1097 -13.56 19.47 -50.64
CA TYR A 1097 -12.19 18.99 -50.43
C TYR A 1097 -12.19 17.55 -49.91
N SER A 1098 -13.25 17.14 -49.22
CA SER A 1098 -13.34 15.75 -48.78
C SER A 1098 -13.60 14.82 -49.95
N LYS A 1099 -14.44 15.24 -50.89
CA LYS A 1099 -14.68 14.43 -52.08
C LYS A 1099 -13.45 14.34 -52.96
N LYS A 1100 -12.65 15.41 -53.03
CA LYS A 1100 -11.44 15.39 -53.85
C LYS A 1100 -10.34 14.57 -53.19
N THR A 1101 -10.17 14.72 -51.88
CA THR A 1101 -9.19 13.90 -51.16
C THR A 1101 -9.56 12.42 -51.22
N LEU A 1102 -10.85 12.11 -51.04
CA LEU A 1102 -11.30 10.74 -51.19
C LEU A 1102 -11.13 10.25 -52.63
N LYS A 1103 -11.22 11.15 -53.60
CA LYS A 1103 -11.00 10.78 -54.99
C LYS A 1103 -9.56 10.35 -55.22
N TYR A 1104 -8.61 10.99 -54.52
CA TYR A 1104 -7.22 10.58 -54.64
C TYR A 1104 -6.96 9.29 -53.87
N ARG A 1105 -7.59 9.13 -52.70
CA ARG A 1105 -7.48 7.89 -51.95
C ARG A 1105 -7.97 6.71 -52.78
N LYS A 1106 -9.09 6.90 -53.49
CA LYS A 1106 -9.58 5.86 -54.40
C LYS A 1106 -8.69 5.74 -55.63
N LYS A 1107 -7.98 6.82 -55.99
CA LYS A 1107 -7.21 6.82 -57.23
C LYS A 1107 -6.05 5.85 -57.16
N HIS A 1108 -5.11 6.08 -56.24
CA HIS A 1108 -3.92 5.22 -56.18
C HIS A 1108 -4.23 3.91 -55.46
N SER A 1109 -4.51 3.99 -54.15
CA SER A 1109 -5.00 2.86 -53.36
C SER A 1109 -4.06 1.66 -53.36
N LYS A 1110 -2.91 1.76 -54.02
CA LYS A 1110 -2.01 0.63 -54.19
C LYS A 1110 -0.63 0.88 -53.59
N GLU A 1111 0.01 1.98 -53.95
CA GLU A 1111 1.39 2.22 -53.54
C GLU A 1111 1.45 2.60 -52.07
N PRO A 1112 2.42 2.07 -51.31
CA PRO A 1112 2.54 2.43 -49.89
C PRO A 1112 3.00 3.86 -49.69
N HIS A 1113 3.23 4.24 -48.44
CA HIS A 1113 3.55 5.62 -48.08
C HIS A 1113 4.89 6.09 -48.65
N TYR A 1114 5.67 5.20 -49.27
CA TYR A 1114 7.00 5.60 -49.74
C TYR A 1114 6.91 6.49 -50.97
N LYS A 1115 5.94 6.25 -51.85
CA LYS A 1115 5.83 6.99 -53.10
C LYS A 1115 4.53 7.77 -53.23
N GLN A 1116 3.66 7.74 -52.23
CA GLN A 1116 2.41 8.50 -52.31
C GLN A 1116 2.72 10.00 -52.35
N SER A 1117 2.00 10.73 -53.19
CA SER A 1117 2.23 12.15 -53.35
C SER A 1117 1.83 12.91 -52.08
N VAL A 1118 2.23 14.18 -52.03
CA VAL A 1118 1.98 15.03 -50.87
C VAL A 1118 1.15 16.22 -51.30
N LYS A 1119 0.38 16.05 -52.37
CA LYS A 1119 -0.40 17.16 -52.91
C LYS A 1119 -1.55 17.54 -51.99
N TYR A 1120 -2.25 16.55 -51.44
CA TYR A 1120 -3.43 16.78 -50.63
C TYR A 1120 -3.19 16.32 -49.20
N ASP A 1121 -3.48 17.21 -48.24
CA ASP A 1121 -3.42 16.93 -46.82
C ASP A 1121 -4.78 16.43 -46.33
N PRO A 1122 -4.83 15.81 -45.15
CA PRO A 1122 -6.12 15.41 -44.59
C PRO A 1122 -7.05 16.61 -44.42
N VAL A 1123 -8.35 16.35 -44.56
CA VAL A 1123 -9.36 17.41 -44.47
C VAL A 1123 -9.52 17.95 -43.07
N LEU A 1124 -8.89 17.31 -42.07
CA LEU A 1124 -9.04 17.76 -40.69
C LEU A 1124 -8.06 18.89 -40.34
N ALA A 1125 -6.89 18.91 -40.99
CA ALA A 1125 -5.86 19.89 -40.66
C ALA A 1125 -5.95 21.17 -41.46
N LYS A 1126 -6.58 21.14 -42.64
CA LYS A 1126 -6.66 22.33 -43.47
C LYS A 1126 -7.77 23.27 -43.04
N TYR A 1127 -8.87 22.73 -42.50
CA TYR A 1127 -9.98 23.53 -42.02
C TYR A 1127 -10.20 23.28 -40.53
N ASN A 1128 -10.91 24.20 -39.90
CA ASN A 1128 -11.20 24.08 -38.48
C ASN A 1128 -12.21 22.96 -38.25
N PRO A 1129 -11.87 21.92 -37.49
CA PRO A 1129 -12.82 20.81 -37.30
C PRO A 1129 -14.06 21.18 -36.52
N ALA A 1130 -14.06 22.31 -35.80
CA ALA A 1130 -15.18 22.69 -34.96
C ALA A 1130 -16.02 23.82 -35.54
N LYS A 1131 -15.69 24.31 -36.73
CA LYS A 1131 -16.44 25.38 -37.37
C LYS A 1131 -16.96 25.00 -38.74
N TYR A 1132 -16.20 24.24 -39.52
CA TYR A 1132 -16.59 23.85 -40.87
C TYR A 1132 -17.07 22.40 -40.86
N LEU A 1133 -18.33 22.19 -41.18
CA LEU A 1133 -18.90 20.86 -41.19
C LEU A 1133 -18.35 20.04 -42.35
N GLY A 1134 -18.17 18.74 -42.10
CA GLY A 1134 -17.65 17.82 -43.09
C GLY A 1134 -16.20 17.43 -42.88
N SER A 1135 -15.44 18.21 -42.12
CA SER A 1135 -14.04 17.91 -41.84
C SER A 1135 -14.00 16.78 -40.81
N VAL A 1136 -13.68 15.58 -41.27
CA VAL A 1136 -13.65 14.39 -40.43
C VAL A 1136 -12.32 13.67 -40.64
N SER A 1137 -12.16 12.52 -40.00
CA SER A 1137 -10.94 11.72 -40.10
C SER A 1137 -11.06 10.79 -41.31
N GLU A 1138 -10.10 9.87 -41.43
CA GLU A 1138 -10.14 8.90 -42.52
C GLU A 1138 -10.80 7.60 -42.12
N ASN A 1139 -10.65 7.17 -40.85
CA ASN A 1139 -11.38 6.01 -40.38
C ASN A 1139 -12.88 6.27 -40.38
N PHE A 1140 -13.28 7.49 -40.05
CA PHE A 1140 -14.70 7.86 -40.05
C PHE A 1140 -15.29 7.74 -41.45
N GLN A 1141 -14.54 8.20 -42.46
CA GLN A 1141 -15.00 8.09 -43.84
C GLN A 1141 -15.06 6.64 -44.29
N ASP A 1142 -14.01 5.87 -44.00
CA ASP A 1142 -13.93 4.49 -44.47
C ASP A 1142 -15.06 3.65 -43.89
N LYS A 1143 -15.29 3.76 -42.58
CA LYS A 1143 -16.37 2.98 -41.97
C LYS A 1143 -17.74 3.48 -42.43
N LEU A 1144 -17.85 4.76 -42.82
CA LEU A 1144 -19.10 5.25 -43.36
C LEU A 1144 -19.33 4.69 -44.77
N GLU A 1145 -18.27 4.61 -45.58
CA GLU A 1145 -18.39 4.00 -46.89
C GLU A 1145 -18.76 2.53 -46.80
N SER A 1146 -18.12 1.80 -45.87
CA SER A 1146 -18.40 0.38 -45.72
C SER A 1146 -19.82 0.13 -45.21
N PHE A 1147 -20.34 1.03 -44.36
CA PHE A 1147 -21.69 0.84 -43.84
C PHE A 1147 -22.75 1.17 -44.88
N LEU A 1148 -22.52 2.20 -45.69
CA LEU A 1148 -23.48 2.61 -46.71
C LEU A 1148 -23.23 1.94 -48.06
N ASP A 1149 -22.29 1.00 -48.15
CA ASP A 1149 -22.06 0.27 -49.38
C ASP A 1149 -22.96 -0.95 -49.51
N LYS A 1150 -23.23 -1.63 -48.40
CA LYS A 1150 -24.10 -2.81 -48.41
C LYS A 1150 -25.54 -2.49 -48.04
N ASN A 1151 -25.79 -1.43 -47.28
CA ASN A 1151 -27.12 -1.10 -46.83
C ASN A 1151 -27.91 -0.37 -47.90
N SER A 1152 -29.22 -0.66 -47.96
CA SER A 1152 -30.12 0.02 -48.88
C SER A 1152 -31.48 0.09 -48.19
N LYS A 1153 -31.73 1.20 -47.51
CA LYS A 1153 -33.00 1.42 -46.82
C LYS A 1153 -33.40 2.89 -46.87
N GLY A 1160 -39.00 5.91 -43.27
CA GLY A 1160 -38.35 6.32 -44.50
C GLY A 1160 -37.30 7.40 -44.30
N VAL A 1161 -36.05 7.06 -44.62
CA VAL A 1161 -34.93 7.98 -44.50
C VAL A 1161 -33.97 7.75 -45.66
N ASN A 1162 -33.59 8.83 -46.34
CA ASN A 1162 -32.70 8.75 -47.48
C ASN A 1162 -31.26 8.92 -47.02
N GLU A 1163 -30.34 9.12 -47.97
CA GLU A 1163 -28.93 9.21 -47.64
C GLU A 1163 -28.54 10.62 -47.18
N LYS A 1164 -29.11 11.65 -47.82
CA LYS A 1164 -28.74 13.02 -47.48
C LYS A 1164 -29.12 13.38 -46.05
N LYS A 1165 -30.23 12.81 -45.54
CA LYS A 1165 -30.60 13.06 -44.15
C LYS A 1165 -29.69 12.32 -43.17
N PHE A 1166 -29.01 11.27 -43.61
CA PHE A 1166 -28.12 10.51 -42.74
C PHE A 1166 -26.72 11.10 -42.68
N ARG A 1167 -26.18 11.52 -43.84
CA ARG A 1167 -24.85 12.12 -43.84
C ARG A 1167 -24.83 13.47 -43.13
N ALA A 1168 -25.89 14.28 -43.31
CA ALA A 1168 -25.96 15.57 -42.66
C ALA A 1168 -26.11 15.45 -41.15
N LEU A 1169 -26.57 14.30 -40.66
CA LEU A 1169 -26.67 14.06 -39.22
C LEU A 1169 -25.41 13.40 -38.67
N MET A 1170 -24.79 12.51 -39.46
CA MET A 1170 -23.57 11.85 -39.01
C MET A 1170 -22.41 12.82 -38.91
N GLN A 1171 -22.19 13.62 -39.96
CA GLN A 1171 -21.10 14.59 -39.93
C GLN A 1171 -21.36 15.66 -38.87
N LEU A 1172 -22.62 16.01 -38.63
CA LEU A 1172 -22.95 16.96 -37.58
C LEU A 1172 -22.64 16.39 -36.20
N LYS A 1173 -22.81 15.07 -36.03
CA LYS A 1173 -22.50 14.46 -34.74
C LYS A 1173 -21.00 14.43 -34.48
N TYR A 1174 -20.21 14.06 -35.48
CA TYR A 1174 -18.75 14.05 -35.31
C TYR A 1174 -18.18 15.45 -35.16
N MET A 1175 -18.83 16.46 -35.76
CA MET A 1175 -18.31 17.81 -35.71
C MET A 1175 -18.36 18.37 -34.30
N ARG A 1176 -19.38 18.02 -33.52
CA ARG A 1176 -19.51 18.50 -32.15
C ARG A 1176 -19.02 17.50 -31.12
N SER A 1177 -18.69 16.27 -31.53
CA SER A 1177 -18.13 15.27 -30.64
C SER A 1177 -16.64 15.46 -30.39
N LEU A 1178 -16.08 16.60 -30.79
CA LEU A 1178 -14.66 16.84 -30.67
C LEU A 1178 -14.26 16.97 -29.19
N ILE A 1179 -12.94 17.04 -28.96
CA ILE A 1179 -12.43 17.20 -27.62
C ILE A 1179 -12.79 18.59 -27.09
N ASN A 1180 -12.94 18.69 -25.78
CA ASN A 1180 -13.30 19.94 -25.15
C ASN A 1180 -12.14 20.92 -25.24
N PRO A 1181 -12.28 22.05 -25.93
CA PRO A 1181 -11.17 23.00 -26.07
C PRO A 1181 -10.86 23.67 -24.74
N GLY A 1182 -9.63 23.49 -24.25
CA GLY A 1182 -9.18 24.11 -23.03
C GLY A 1182 -9.04 23.17 -21.85
N GLU A 1183 -9.42 21.90 -21.99
CA GLU A 1183 -9.35 20.97 -20.88
C GLU A 1183 -7.95 20.39 -20.74
N ALA A 1184 -7.65 19.93 -19.52
CA ALA A 1184 -6.41 19.21 -19.29
C ALA A 1184 -6.46 17.85 -19.99
N VAL A 1185 -5.36 17.47 -20.63
CA VAL A 1185 -5.32 16.26 -21.44
C VAL A 1185 -4.22 15.32 -20.95
N GLY A 1186 -2.99 15.83 -20.89
CA GLY A 1186 -1.86 14.99 -20.54
C GLY A 1186 -1.90 14.47 -19.12
N ILE A 1187 -2.67 15.12 -18.24
CA ILE A 1187 -2.80 14.61 -16.88
C ILE A 1187 -3.79 13.45 -16.85
N ILE A 1188 -4.80 13.45 -17.72
CA ILE A 1188 -5.64 12.28 -17.88
C ILE A 1188 -4.84 11.16 -18.52
N ALA A 1189 -3.92 11.50 -19.44
CA ALA A 1189 -3.03 10.49 -20.01
C ALA A 1189 -2.13 9.88 -18.96
N SER A 1190 -1.71 10.66 -17.96
CA SER A 1190 -0.90 10.11 -16.88
C SER A 1190 -1.71 9.18 -15.99
N GLN A 1191 -2.95 9.58 -15.67
CA GLN A 1191 -3.82 8.73 -14.86
C GLN A 1191 -4.21 7.47 -15.62
N SER A 1192 -4.54 7.61 -16.91
CA SER A 1192 -4.98 6.47 -17.71
C SER A 1192 -3.91 5.40 -17.85
N VAL A 1193 -2.65 5.73 -17.55
CA VAL A 1193 -1.61 4.71 -17.45
C VAL A 1193 -1.40 4.26 -16.02
N GLY A 1194 -1.75 5.10 -15.04
CA GLY A 1194 -1.57 4.71 -13.64
C GLY A 1194 -2.55 3.67 -13.18
N GLU A 1195 -3.82 3.79 -13.61
CA GLU A 1195 -4.84 2.83 -13.16
C GLU A 1195 -4.55 1.41 -13.63
N PRO A 1196 -4.21 1.15 -14.90
CA PRO A 1196 -3.85 -0.22 -15.28
C PRO A 1196 -2.64 -0.75 -14.52
N SER A 1197 -1.67 0.11 -14.19
CA SER A 1197 -0.57 -0.32 -13.35
C SER A 1197 -1.05 -0.66 -11.93
N THR A 1198 -2.11 0.01 -11.47
CA THR A 1198 -2.69 -0.28 -10.17
C THR A 1198 -3.75 -1.37 -10.24
N GLN A 1199 -4.49 -1.43 -11.35
CA GLN A 1199 -5.55 -2.44 -11.49
C GLN A 1199 -4.99 -3.85 -11.36
N MET A 1200 -3.78 -4.08 -11.84
CA MET A 1200 -3.12 -5.38 -11.70
C MET A 1200 -1.89 -5.22 -10.82
N THR A 1201 -1.89 -5.93 -9.69
CA THR A 1201 -0.71 -6.09 -8.86
C THR A 1201 -0.13 -7.49 -8.99
N LEU A 1202 -0.73 -8.32 -9.84
CA LEU A 1202 -0.31 -9.69 -10.04
C LEU A 1202 1.11 -9.74 -10.61
N ASN A 1203 1.70 -10.93 -10.56
CA ASN A 1203 3.07 -11.16 -11.00
C ASN A 1203 3.06 -12.12 -12.20
N THR A 1204 4.26 -12.56 -12.58
CA THR A 1204 4.41 -13.37 -13.79
C THR A 1204 3.59 -14.65 -13.70
N PHE A 1205 3.07 -15.07 -14.84
CA PHE A 1205 2.33 -16.32 -14.95
C PHE A 1205 3.20 -17.49 -15.39
N HIS A 1206 4.43 -17.22 -15.84
CA HIS A 1206 5.47 -18.19 -16.17
C HIS A 1206 5.15 -19.02 -17.41
N PHE A 1207 3.99 -18.85 -18.04
CA PHE A 1207 3.66 -19.59 -19.25
C PHE A 1207 2.46 -18.98 -19.96
N ASN A 1214 10.58 -15.19 -21.06
CA ASN A 1214 11.92 -14.79 -21.50
C ASN A 1214 12.08 -13.28 -21.45
N VAL A 1215 11.14 -12.56 -22.07
CA VAL A 1215 11.16 -11.10 -22.10
C VAL A 1215 10.42 -10.58 -20.87
N THR A 1216 10.95 -9.51 -20.29
CA THR A 1216 10.31 -8.91 -19.12
C THR A 1216 8.97 -8.30 -19.50
N LEU A 1217 8.04 -8.31 -18.53
CA LEU A 1217 6.69 -7.81 -18.76
C LEU A 1217 6.04 -7.54 -17.42
N GLY A 1218 5.32 -6.42 -17.32
CA GLY A 1218 4.63 -6.05 -16.11
C GLY A 1218 4.92 -4.60 -15.75
N ILE A 1219 4.67 -4.27 -14.48
CA ILE A 1219 4.92 -2.92 -13.99
C ILE A 1219 6.41 -2.58 -13.98
N PRO A 1220 7.36 -3.51 -13.75
CA PRO A 1220 8.76 -3.11 -13.91
C PRO A 1220 9.15 -2.81 -15.34
N ARG A 1221 8.49 -3.45 -16.31
CA ARG A 1221 8.77 -3.15 -17.72
C ARG A 1221 8.28 -1.75 -18.08
N LEU A 1222 7.03 -1.44 -17.73
CA LEU A 1222 6.49 -0.12 -18.05
C LEU A 1222 7.20 0.98 -17.26
N ARG A 1223 7.60 0.68 -16.02
CA ARG A 1223 8.36 1.64 -15.24
C ARG A 1223 9.74 1.87 -15.84
N GLU A 1224 10.32 0.85 -16.47
CA GLU A 1224 11.63 0.99 -17.09
C GLU A 1224 11.57 1.79 -18.38
N ILE A 1225 10.48 1.66 -19.14
CA ILE A 1225 10.40 2.33 -20.43
C ILE A 1225 10.27 3.84 -20.24
N VAL A 1226 9.43 4.28 -19.31
CA VAL A 1226 9.11 5.69 -19.20
C VAL A 1226 10.04 6.40 -18.21
N MET A 1227 10.33 5.80 -17.06
CA MET A 1227 11.11 6.49 -16.03
C MET A 1227 12.61 6.40 -16.30
N THR A 1228 13.15 5.19 -16.32
CA THR A 1228 14.60 5.04 -16.48
C THR A 1228 15.04 5.39 -17.89
N ALA A 1229 14.38 4.82 -18.90
CA ALA A 1229 14.69 5.07 -20.30
C ALA A 1229 16.17 4.79 -20.59
N SER A 1230 16.63 3.63 -20.12
CA SER A 1230 18.03 3.26 -20.29
C SER A 1230 18.34 3.00 -21.76
N ALA A 1231 19.46 3.56 -22.24
CA ALA A 1231 19.88 3.30 -23.61
C ALA A 1231 20.31 1.86 -23.81
N ALA A 1232 20.76 1.20 -22.74
CA ALA A 1232 21.15 -0.20 -22.78
C ALA A 1232 20.07 -1.00 -22.06
N ILE A 1233 19.18 -1.62 -22.83
CA ILE A 1233 18.06 -2.37 -22.28
C ILE A 1233 18.58 -3.69 -21.72
N LYS A 1234 17.92 -4.18 -20.66
CA LYS A 1234 18.34 -5.43 -20.02
C LYS A 1234 18.12 -6.62 -20.93
N THR A 1235 17.04 -6.63 -21.72
CA THR A 1235 16.73 -7.73 -22.63
C THR A 1235 16.29 -7.17 -23.98
N PRO A 1236 17.21 -7.07 -24.94
CA PRO A 1236 16.85 -6.55 -26.26
C PRO A 1236 16.07 -7.58 -27.06
N GLN A 1237 14.86 -7.21 -27.47
CA GLN A 1237 14.00 -8.07 -28.27
C GLN A 1237 13.93 -7.54 -29.69
N MET A 1238 13.96 -8.46 -30.65
CA MET A 1238 13.95 -8.12 -32.07
C MET A 1238 12.99 -9.03 -32.81
N THR A 1239 12.22 -8.46 -33.73
CA THR A 1239 11.35 -9.21 -34.62
C THR A 1239 11.99 -9.32 -35.99
N LEU A 1240 11.51 -10.28 -36.78
CA LEU A 1240 12.09 -10.49 -38.10
C LEU A 1240 11.08 -11.16 -39.02
N PRO A 1241 10.30 -10.39 -39.79
CA PRO A 1241 9.37 -11.00 -40.73
C PRO A 1241 10.13 -11.68 -41.87
N ILE A 1242 9.67 -12.87 -42.23
CA ILE A 1242 10.28 -13.66 -43.29
C ILE A 1242 9.43 -13.54 -44.55
N TRP A 1243 10.03 -13.87 -45.69
CA TRP A 1243 9.33 -13.78 -46.97
C TRP A 1243 8.25 -14.86 -47.06
N ASN A 1244 7.53 -14.85 -48.18
CA ASN A 1244 6.47 -15.82 -48.43
C ASN A 1244 6.92 -16.99 -49.29
N ASP A 1245 7.97 -16.81 -50.10
CA ASP A 1245 8.48 -17.88 -50.95
C ASP A 1245 9.35 -18.88 -50.19
N VAL A 1246 9.43 -18.77 -48.87
CA VAL A 1246 10.23 -19.67 -48.06
C VAL A 1246 9.33 -20.72 -47.43
N SER A 1247 9.94 -21.76 -46.89
CA SER A 1247 9.23 -22.87 -46.29
C SER A 1247 9.94 -23.25 -44.99
N ASP A 1248 9.55 -24.40 -44.42
CA ASP A 1248 10.05 -24.80 -43.11
C ASP A 1248 11.56 -25.05 -43.15
N GLU A 1249 12.05 -25.66 -44.22
CA GLU A 1249 13.47 -26.03 -44.26
C GLU A 1249 14.36 -24.78 -44.26
N GLN A 1250 14.09 -23.82 -45.15
CA GLN A 1250 14.89 -22.61 -45.18
C GLN A 1250 14.56 -21.66 -44.03
N ALA A 1251 13.43 -21.86 -43.36
CA ALA A 1251 13.12 -21.08 -42.17
C ALA A 1251 13.91 -21.54 -40.96
N ASP A 1252 14.39 -22.79 -40.96
CA ASP A 1252 15.21 -23.31 -39.87
C ASP A 1252 16.70 -23.24 -40.14
N THR A 1253 17.11 -23.27 -41.41
CA THR A 1253 18.52 -23.11 -41.74
C THR A 1253 19.01 -21.68 -41.50
N PHE A 1254 18.10 -20.73 -41.39
CA PHE A 1254 18.50 -19.36 -41.07
C PHE A 1254 18.98 -19.25 -39.63
N CYS A 1255 18.45 -20.08 -38.73
CA CYS A 1255 18.90 -20.08 -37.34
C CYS A 1255 20.28 -20.69 -37.17
N LYS A 1256 20.87 -21.23 -38.23
CA LYS A 1256 22.21 -21.80 -38.11
C LYS A 1256 23.29 -20.71 -38.17
N SER A 1257 23.03 -19.61 -38.89
CA SER A 1257 24.07 -18.60 -39.10
C SER A 1257 24.20 -17.67 -37.91
N ILE A 1258 23.12 -16.95 -37.56
CA ILE A 1258 23.22 -15.88 -36.58
C ILE A 1258 23.18 -16.36 -35.13
N SER A 1259 22.85 -17.63 -34.90
CA SER A 1259 22.83 -18.17 -33.54
C SER A 1259 24.23 -18.16 -32.95
N LYS A 1260 24.45 -17.37 -31.91
CA LYS A 1260 25.76 -17.30 -31.27
C LYS A 1260 26.07 -18.62 -30.59
N VAL A 1261 27.11 -19.30 -31.07
CA VAL A 1261 27.53 -20.60 -30.55
C VAL A 1261 28.94 -20.45 -29.98
N LEU A 1262 29.11 -20.86 -28.73
CA LEU A 1262 30.41 -20.80 -28.09
C LEU A 1262 31.17 -22.10 -28.31
N LEU A 1263 32.35 -22.20 -27.69
CA LEU A 1263 33.17 -23.41 -27.80
C LEU A 1263 32.74 -24.48 -26.80
N SER A 1264 32.01 -24.11 -25.75
CA SER A 1264 31.61 -25.06 -24.74
C SER A 1264 30.53 -26.03 -25.22
N GLU A 1265 29.78 -25.67 -26.27
CA GLU A 1265 28.66 -26.47 -26.72
C GLU A 1265 29.06 -27.66 -27.58
N VAL A 1266 30.36 -27.93 -27.76
CA VAL A 1266 30.80 -29.01 -28.65
C VAL A 1266 31.76 -29.94 -27.94
N ILE A 1267 31.95 -29.75 -26.63
CA ILE A 1267 32.89 -30.55 -25.85
C ILE A 1267 32.13 -31.62 -25.09
N ASP A 1268 32.66 -32.85 -25.11
CA ASP A 1268 32.12 -33.96 -24.35
C ASP A 1268 32.85 -34.14 -23.02
N LYS A 1269 34.17 -34.35 -23.08
CA LYS A 1269 34.98 -34.53 -21.88
C LYS A 1269 36.30 -33.80 -22.07
N VAL A 1270 36.92 -33.47 -20.93
CA VAL A 1270 38.22 -32.81 -20.90
C VAL A 1270 39.08 -33.60 -19.92
N ILE A 1271 39.95 -34.46 -20.44
CA ILE A 1271 40.82 -35.30 -19.62
C ILE A 1271 42.18 -34.62 -19.58
N VAL A 1272 42.43 -33.87 -18.52
CA VAL A 1272 43.71 -33.19 -18.32
C VAL A 1272 44.59 -34.11 -17.48
N THR A 1273 45.61 -34.69 -18.11
CA THR A 1273 46.56 -35.56 -17.44
C THR A 1273 47.85 -34.79 -17.19
N GLU A 1274 48.31 -34.81 -15.95
CA GLU A 1274 49.51 -34.09 -15.54
C GLU A 1274 50.61 -35.08 -15.19
N THR A 1275 51.82 -34.81 -15.67
CA THR A 1275 52.98 -35.64 -15.39
C THR A 1275 54.18 -34.76 -15.11
N THR A 1276 54.95 -35.12 -14.08
CA THR A 1276 56.16 -34.41 -13.72
C THR A 1276 57.21 -35.42 -13.28
N GLY A 1277 58.47 -35.00 -13.37
CA GLY A 1277 59.61 -35.86 -13.10
C GLY A 1277 60.54 -35.91 -14.30
N THR A 1278 61.14 -37.07 -14.52
CA THR A 1278 62.04 -37.27 -15.65
C THR A 1278 61.25 -37.13 -16.95
N SER A 1279 61.47 -36.04 -17.66
CA SER A 1279 60.76 -35.77 -18.91
C SER A 1279 61.41 -36.57 -20.04
N ASN A 1280 60.99 -36.30 -21.28
CA ASN A 1280 61.46 -37.11 -22.41
C ASN A 1280 62.92 -36.83 -22.73
N THR A 1281 63.21 -35.63 -23.22
CA THR A 1281 64.55 -35.21 -23.66
C THR A 1281 64.51 -33.70 -23.92
N ALA A 1282 65.62 -33.17 -24.44
CA ALA A 1282 65.73 -31.86 -25.06
C ALA A 1282 65.53 -30.69 -24.10
N GLY A 1283 65.44 -30.94 -22.81
CA GLY A 1283 65.28 -29.84 -21.87
C GLY A 1283 65.72 -30.23 -20.48
N GLY A 1284 65.20 -29.50 -19.50
CA GLY A 1284 65.42 -29.81 -18.11
C GLY A 1284 64.89 -31.19 -17.76
N ASN A 1285 65.67 -31.98 -17.02
CA ASN A 1285 65.25 -33.33 -16.70
C ASN A 1285 63.93 -33.35 -15.95
N ALA A 1286 63.69 -32.36 -15.09
CA ALA A 1286 62.43 -32.22 -14.37
C ALA A 1286 61.72 -30.97 -14.88
N ALA A 1287 60.52 -31.16 -15.42
CA ALA A 1287 59.75 -30.04 -15.96
C ALA A 1287 58.28 -30.41 -15.96
N ARG A 1288 57.43 -29.38 -15.88
CA ARG A 1288 55.98 -29.58 -15.92
C ARG A 1288 55.54 -29.97 -17.32
N SER A 1289 54.62 -30.94 -17.40
CA SER A 1289 54.12 -31.42 -18.68
C SER A 1289 52.62 -31.65 -18.57
N TYR A 1290 51.88 -31.17 -19.57
CA TYR A 1290 50.42 -31.33 -19.61
C TYR A 1290 50.02 -31.95 -20.94
N VAL A 1291 48.98 -32.78 -20.89
CA VAL A 1291 48.36 -33.37 -22.07
C VAL A 1291 46.85 -33.22 -21.91
N ILE A 1292 46.29 -32.17 -22.50
CA ILE A 1292 44.86 -31.89 -22.41
C ILE A 1292 44.16 -32.67 -23.51
N HIS A 1293 43.45 -33.74 -23.14
CA HIS A 1293 42.74 -34.58 -24.09
C HIS A 1293 41.30 -34.09 -24.17
N MET A 1294 41.09 -33.08 -25.03
CA MET A 1294 39.77 -32.47 -25.22
C MET A 1294 39.02 -33.26 -26.29
N ARG A 1295 38.04 -34.05 -25.87
CA ARG A 1295 37.23 -34.86 -26.77
C ARG A 1295 35.96 -34.10 -27.10
N PHE A 1296 35.70 -33.92 -28.40
CA PHE A 1296 34.52 -33.22 -28.87
C PHE A 1296 33.39 -34.22 -29.12
N PHE A 1297 32.31 -33.75 -29.72
CA PHE A 1297 31.21 -34.60 -30.13
C PHE A 1297 31.47 -35.17 -31.52
N ASP A 1298 30.57 -36.03 -31.99
CA ASP A 1298 30.70 -36.61 -33.32
C ASP A 1298 30.44 -35.54 -34.39
N ASN A 1299 30.97 -35.78 -35.58
CA ASN A 1299 30.83 -34.84 -36.68
C ASN A 1299 29.36 -34.51 -36.94
N ASN A 1300 28.55 -35.54 -37.22
CA ASN A 1300 27.12 -35.33 -37.41
C ASN A 1300 26.41 -34.92 -36.13
N GLU A 1301 27.03 -35.16 -34.96
CA GLU A 1301 26.38 -34.83 -33.69
C GLU A 1301 26.21 -33.33 -33.53
N TYR A 1302 27.31 -32.57 -33.63
CA TYR A 1302 27.20 -31.12 -33.55
C TYR A 1302 26.74 -30.50 -34.87
N SER A 1303 26.77 -31.26 -35.96
CA SER A 1303 26.24 -30.75 -37.23
C SER A 1303 24.73 -30.77 -37.26
N GLU A 1304 24.09 -31.61 -36.45
CA GLU A 1304 22.63 -31.66 -36.42
C GLU A 1304 22.06 -30.37 -35.84
N GLU A 1305 22.53 -29.97 -34.66
CA GLU A 1305 21.97 -28.82 -33.95
C GLU A 1305 22.66 -27.51 -34.31
N TYR A 1306 23.97 -27.53 -34.53
CA TYR A 1306 24.73 -26.31 -34.74
C TYR A 1306 25.26 -26.14 -36.16
N ASP A 1307 25.42 -27.22 -36.92
CA ASP A 1307 25.93 -27.18 -38.29
C ASP A 1307 27.30 -26.49 -38.34
N VAL A 1308 28.18 -26.91 -37.45
CA VAL A 1308 29.54 -26.38 -37.37
C VAL A 1308 30.47 -27.35 -38.08
N SER A 1309 31.10 -26.89 -39.16
CA SER A 1309 32.03 -27.73 -39.90
C SER A 1309 33.35 -27.85 -39.15
N LYS A 1310 34.20 -28.77 -39.63
CA LYS A 1310 35.50 -28.97 -39.01
C LYS A 1310 36.41 -27.77 -39.21
N GLU A 1311 36.21 -27.01 -40.30
CA GLU A 1311 37.05 -25.85 -40.55
C GLU A 1311 36.81 -24.74 -39.53
N GLU A 1312 35.57 -24.59 -39.06
CA GLU A 1312 35.28 -23.57 -38.07
C GLU A 1312 35.98 -23.87 -36.74
N LEU A 1313 35.89 -25.13 -36.28
CA LEU A 1313 36.63 -25.52 -35.09
C LEU A 1313 38.14 -25.44 -35.33
N GLN A 1314 38.58 -25.72 -36.55
CA GLN A 1314 40.00 -25.61 -36.87
C GLN A 1314 40.50 -24.18 -36.73
N ASN A 1315 39.63 -23.20 -36.99
CA ASN A 1315 40.05 -21.80 -36.91
C ASN A 1315 39.95 -21.27 -35.49
N VAL A 1316 38.82 -21.49 -34.82
CA VAL A 1316 38.60 -20.87 -33.51
C VAL A 1316 39.49 -21.51 -32.45
N ILE A 1317 39.90 -22.76 -32.65
CA ILE A 1317 40.80 -23.40 -31.68
C ILE A 1317 42.22 -22.89 -31.84
N SER A 1318 42.69 -22.76 -33.08
CA SER A 1318 44.05 -22.32 -33.34
C SER A 1318 44.21 -20.80 -33.33
N ASN A 1319 43.13 -20.05 -33.15
CA ASN A 1319 43.19 -18.59 -33.16
C ASN A 1319 42.51 -17.92 -31.98
N GLN A 1320 41.61 -18.60 -31.26
CA GLN A 1320 40.89 -17.99 -30.15
C GLN A 1320 40.97 -18.75 -28.84
N PHE A 1321 41.23 -20.06 -28.86
CA PHE A 1321 41.28 -20.83 -27.62
C PHE A 1321 42.66 -20.80 -26.97
N ILE A 1322 43.70 -21.10 -27.73
CA ILE A 1322 45.05 -21.13 -27.17
C ILE A 1322 45.50 -19.74 -26.76
N HIS A 1323 45.09 -18.72 -27.52
CA HIS A 1323 45.45 -17.35 -27.17
C HIS A 1323 44.79 -16.92 -25.86
N LEU A 1324 43.64 -17.51 -25.53
CA LEU A 1324 43.04 -17.27 -24.21
C LEU A 1324 43.66 -18.14 -23.13
N LEU A 1325 44.27 -19.27 -23.50
CA LEU A 1325 45.09 -20.00 -22.54
C LEU A 1325 46.28 -19.19 -22.07
N GLU A 1326 46.75 -18.26 -22.91
CA GLU A 1326 47.82 -17.36 -22.51
C GLU A 1326 47.39 -16.46 -21.35
N ALA A 1327 46.32 -15.69 -21.57
CA ALA A 1327 45.87 -14.69 -20.60
C ALA A 1327 45.31 -15.30 -19.32
N ALA A 1328 45.30 -16.62 -19.18
CA ALA A 1328 44.87 -17.28 -17.96
C ALA A 1328 45.99 -18.03 -17.26
N ILE A 1329 46.89 -18.67 -18.00
CA ILE A 1329 48.00 -19.37 -17.38
C ILE A 1329 49.02 -18.38 -16.84
N VAL A 1330 49.40 -17.39 -17.65
CA VAL A 1330 50.31 -16.35 -17.14
C VAL A 1330 49.61 -15.50 -16.10
N LYS A 1331 48.27 -15.50 -16.09
CA LYS A 1331 47.54 -14.76 -15.06
C LYS A 1331 47.74 -15.40 -13.69
N GLU A 1332 47.53 -16.71 -13.60
CA GLU A 1332 47.72 -17.40 -12.33
C GLU A 1332 49.20 -17.47 -11.94
N ILE A 1333 50.09 -17.54 -12.92
CA ILE A 1333 51.53 -17.48 -12.63
C ILE A 1333 51.87 -16.18 -11.92
N LYS A 1334 51.26 -15.07 -12.37
CA LYS A 1334 51.42 -13.79 -11.67
C LYS A 1334 50.54 -13.70 -10.43
N LYS A 1335 49.54 -14.57 -10.29
CA LYS A 1335 48.70 -14.61 -9.10
C LYS A 1335 49.29 -15.46 -7.99
N GLN A 1336 50.41 -16.15 -8.23
CA GLN A 1336 51.02 -17.02 -7.24
C GLN A 1336 52.11 -16.33 -6.44
N LYS A 1337 52.86 -15.43 -7.08
CA LYS A 1337 53.96 -14.75 -6.40
C LYS A 1337 53.51 -13.55 -5.59
N ARG A 1338 52.21 -13.24 -5.56
CA ARG A 1338 51.71 -12.16 -4.73
C ARG A 1338 51.48 -12.64 -3.30
N THR A 1339 50.74 -11.86 -2.52
CA THR A 1339 50.45 -12.17 -1.12
C THR A 1339 50.08 -13.64 -0.93
N THR A 1340 50.82 -14.31 -0.04
CA THR A 1340 50.70 -15.76 0.10
C THR A 1340 49.44 -16.19 0.84
N GLY A 1341 48.86 -15.33 1.66
CA GLY A 1341 47.65 -15.67 2.37
C GLY A 1341 47.11 -14.54 3.22
N PRO A 1342 46.18 -14.88 4.12
CA PRO A 1342 45.56 -13.84 4.96
C PRO A 1342 46.43 -13.47 6.15
N ASP A 1343 46.22 -12.24 6.63
CA ASP A 1343 46.90 -11.73 7.82
C ASP A 1343 46.09 -12.12 9.05
N ILE A 1344 46.68 -12.93 9.92
CA ILE A 1344 46.00 -13.41 11.11
C ILE A 1344 46.06 -12.33 12.19
N GLY A 1345 44.91 -12.06 12.82
CA GLY A 1345 44.81 -11.13 13.90
C GLY A 1345 44.22 -9.78 13.53
N VAL A 1346 44.37 -9.36 12.28
CA VAL A 1346 43.85 -8.07 11.84
C VAL A 1346 42.35 -8.20 11.57
N ALA A 1347 41.61 -7.14 11.86
CA ALA A 1347 40.17 -7.14 11.63
C ALA A 1347 39.87 -6.95 10.15
N VAL A 1348 38.98 -7.77 9.62
CA VAL A 1348 38.56 -7.63 8.22
C VAL A 1348 37.84 -6.30 8.04
N PRO A 1349 38.15 -5.52 7.01
CA PRO A 1349 37.46 -4.24 6.81
C PRO A 1349 35.95 -4.44 6.70
N ARG A 1350 35.21 -3.61 7.42
CA ARG A 1350 33.76 -3.73 7.48
C ARG A 1350 33.14 -3.30 6.15
N LEU A 1351 31.82 -3.49 6.05
CA LEU A 1351 31.09 -3.11 4.84
C LEU A 1351 31.15 -1.60 4.65
N GLN A 1352 30.60 -0.85 5.59
CA GLN A 1352 30.62 0.61 5.54
C GLN A 1352 30.88 1.21 6.91
N VAL A 1433 36.77 -44.08 -26.22
CA VAL A 1433 37.17 -44.69 -27.49
C VAL A 1433 38.67 -44.96 -27.49
N GLU A 1434 39.16 -45.53 -28.60
CA GLU A 1434 40.57 -45.85 -28.73
C GLU A 1434 41.38 -44.58 -28.99
N ALA A 1435 42.70 -44.72 -28.90
CA ALA A 1435 43.64 -43.61 -29.09
C ALA A 1435 44.35 -43.77 -30.43
N ASN A 1436 44.49 -42.67 -31.15
CA ASN A 1436 45.13 -42.66 -32.46
C ASN A 1436 46.51 -42.02 -32.37
N ASN A 1437 47.28 -42.17 -33.45
CA ASN A 1437 48.64 -41.67 -33.53
C ASN A 1437 49.02 -41.55 -35.00
N ASN A 1438 50.32 -41.39 -35.27
CA ASN A 1438 50.87 -41.34 -36.63
C ASN A 1438 50.26 -40.17 -37.42
N MET A 1439 50.59 -38.97 -36.95
CA MET A 1439 50.19 -37.75 -37.65
C MET A 1439 50.84 -37.70 -39.03
N ASN A 1440 50.23 -36.92 -39.93
CA ASN A 1440 50.64 -36.85 -41.31
C ASN A 1440 51.53 -35.64 -41.55
N LYS A 1441 51.87 -35.40 -42.82
CA LYS A 1441 52.79 -34.33 -43.17
C LYS A 1441 52.16 -32.95 -42.98
N VAL A 1442 50.90 -32.80 -43.39
CA VAL A 1442 50.23 -31.50 -43.31
C VAL A 1442 50.17 -31.03 -41.86
N GLN A 1443 49.98 -31.95 -40.92
CA GLN A 1443 49.97 -31.58 -39.51
C GLN A 1443 51.35 -31.21 -38.99
N ARG A 1444 52.41 -31.46 -39.75
CA ARG A 1444 53.74 -31.03 -39.32
C ARG A 1444 53.99 -29.58 -39.69
N ASP A 1445 53.53 -29.15 -40.87
CA ASP A 1445 53.64 -27.74 -41.24
C ASP A 1445 52.76 -26.88 -40.34
N ARG A 1446 51.57 -27.37 -40.00
CA ARG A 1446 50.69 -26.65 -39.09
C ARG A 1446 51.22 -26.66 -37.67
N GLN A 1447 51.87 -27.76 -37.26
CA GLN A 1447 52.44 -27.82 -35.91
C GLN A 1447 53.64 -26.89 -35.78
N SER A 1448 54.54 -26.91 -36.76
CA SER A 1448 55.70 -26.02 -36.72
C SER A 1448 55.27 -24.56 -36.77
N ALA A 1449 54.22 -24.26 -37.53
CA ALA A 1449 53.73 -22.89 -37.60
C ALA A 1449 53.01 -22.49 -36.31
N ILE A 1450 52.37 -23.44 -35.64
CA ILE A 1450 51.68 -23.13 -34.40
C ILE A 1450 52.62 -23.15 -33.20
N ILE A 1451 53.81 -23.74 -33.35
CA ILE A 1451 54.80 -23.71 -32.27
C ILE A 1451 55.61 -22.43 -32.32
N SER A 1452 56.06 -22.03 -33.52
CA SER A 1452 56.84 -20.80 -33.67
C SER A 1452 56.01 -19.55 -33.41
N HIS A 1453 54.68 -19.67 -33.29
CA HIS A 1453 53.82 -18.53 -33.01
C HIS A 1453 53.29 -18.53 -31.59
N HIS A 1454 53.29 -19.67 -30.90
CA HIS A 1454 52.79 -19.79 -29.54
C HIS A 1454 53.93 -20.20 -28.60
N ARG A 1455 53.57 -20.50 -27.36
CA ARG A 1455 54.52 -20.88 -26.33
C ARG A 1455 54.16 -22.18 -25.62
N PHE A 1456 52.91 -22.62 -25.67
CA PHE A 1456 52.49 -23.83 -24.96
C PHE A 1456 52.84 -25.09 -25.73
N ILE A 1457 52.39 -25.17 -26.97
CA ILE A 1457 52.28 -26.45 -27.67
C ILE A 1457 53.65 -26.95 -28.10
N THR A 1458 53.84 -28.27 -28.00
CA THR A 1458 55.01 -28.93 -28.56
C THR A 1458 54.57 -30.11 -29.42
N LYS A 1459 53.42 -30.71 -29.08
CA LYS A 1459 52.82 -31.79 -29.87
C LYS A 1459 51.35 -31.46 -30.08
N TYR A 1460 51.00 -31.04 -31.29
CA TYR A 1460 49.64 -30.67 -31.65
C TYR A 1460 49.08 -31.72 -32.60
N ASN A 1461 47.85 -32.16 -32.34
CA ASN A 1461 47.21 -33.18 -33.18
C ASN A 1461 45.70 -32.97 -33.10
N PHE A 1462 45.13 -32.43 -34.17
CA PHE A 1462 43.69 -32.26 -34.29
C PHE A 1462 43.17 -33.24 -35.33
N ASP A 1463 42.22 -34.09 -34.92
CA ASP A 1463 41.66 -35.08 -35.82
C ASP A 1463 40.85 -34.38 -36.91
N ASP A 1464 41.24 -34.60 -38.17
CA ASP A 1464 40.54 -34.02 -39.30
C ASP A 1464 39.72 -35.04 -40.08
N GLU A 1465 39.84 -36.33 -39.78
CA GLU A 1465 39.03 -37.35 -40.42
C GLU A 1465 37.75 -37.62 -39.65
N SER A 1466 37.84 -37.65 -38.31
CA SER A 1466 36.68 -37.87 -37.46
C SER A 1466 36.24 -36.62 -36.71
N GLY A 1467 37.17 -35.74 -36.36
CA GLY A 1467 36.85 -34.50 -35.67
C GLY A 1467 36.20 -34.72 -34.31
N LYS A 1468 36.78 -35.61 -33.50
CA LYS A 1468 36.24 -35.91 -32.18
C LYS A 1468 37.23 -35.68 -31.05
N TRP A 1469 38.52 -35.94 -31.29
CA TRP A 1469 39.54 -35.79 -30.27
C TRP A 1469 40.58 -34.76 -30.70
N CYS A 1470 41.15 -34.07 -29.72
CA CYS A 1470 42.15 -33.04 -29.97
C CYS A 1470 42.95 -32.85 -28.69
N GLU A 1471 44.26 -33.11 -28.75
CA GLU A 1471 45.12 -33.04 -27.58
C GLU A 1471 46.09 -31.87 -27.71
N PHE A 1472 46.34 -31.21 -26.58
CA PHE A 1472 47.32 -30.12 -26.50
C PHE A 1472 48.42 -30.54 -25.54
N LYS A 1473 49.65 -30.63 -26.05
CA LYS A 1473 50.81 -31.00 -25.24
C LYS A 1473 51.48 -29.72 -24.75
N LEU A 1474 51.21 -29.36 -23.50
CA LEU A 1474 51.84 -28.22 -22.88
C LEU A 1474 53.05 -28.66 -22.07
N GLU A 1475 54.02 -27.74 -21.92
CA GLU A 1475 55.23 -28.03 -21.16
C GLU A 1475 55.66 -26.75 -20.47
N LEU A 1476 55.43 -26.67 -19.17
CA LEU A 1476 55.82 -25.52 -18.35
C LEU A 1476 57.14 -25.81 -17.64
N ALA A 1477 57.76 -24.74 -17.16
CA ALA A 1477 59.02 -24.86 -16.44
C ALA A 1477 58.79 -25.49 -15.07
N ALA A 1478 59.88 -26.00 -14.49
CA ALA A 1478 59.81 -26.61 -13.16
C ALA A 1478 59.63 -25.58 -12.06
N ASP A 1479 59.73 -24.28 -12.37
CA ASP A 1479 59.53 -23.26 -11.35
C ASP A 1479 58.07 -23.21 -10.90
N THR A 1480 57.15 -23.15 -11.85
CA THR A 1480 55.73 -23.15 -11.51
C THR A 1480 55.33 -24.49 -10.91
N GLU A 1481 54.66 -24.44 -9.76
CA GLU A 1481 54.26 -25.66 -9.05
C GLU A 1481 52.99 -26.22 -9.70
N LYS A 1482 52.39 -27.21 -9.06
CA LYS A 1482 51.16 -27.80 -9.57
C LYS A 1482 50.04 -26.76 -9.63
N LEU A 1483 49.07 -27.01 -10.50
CA LEU A 1483 48.07 -26.01 -10.82
C LEU A 1483 46.79 -26.69 -11.28
N LEU A 1484 45.66 -26.06 -10.99
CA LEU A 1484 44.35 -26.57 -11.39
C LEU A 1484 44.09 -26.19 -12.83
N MET A 1485 44.21 -27.15 -13.73
CA MET A 1485 44.09 -26.89 -15.16
C MET A 1485 42.65 -27.05 -15.66
N VAL A 1486 41.90 -27.99 -15.10
CA VAL A 1486 40.54 -28.25 -15.58
C VAL A 1486 39.66 -27.03 -15.35
N ASN A 1487 39.76 -26.43 -14.17
CA ASN A 1487 38.93 -25.25 -13.88
C ASN A 1487 39.28 -24.09 -14.80
N ILE A 1488 40.54 -23.99 -15.21
CA ILE A 1488 40.93 -22.93 -16.15
C ILE A 1488 40.31 -23.18 -17.51
N VAL A 1489 40.39 -24.41 -18.01
CA VAL A 1489 39.80 -24.73 -19.31
C VAL A 1489 38.31 -24.47 -19.31
N GLU A 1490 37.62 -24.83 -18.22
CA GLU A 1490 36.20 -24.56 -18.13
C GLU A 1490 35.92 -23.05 -18.11
N GLU A 1491 36.78 -22.29 -17.45
CA GLU A 1491 36.64 -20.84 -17.37
C GLU A 1491 37.08 -20.14 -18.65
N ILE A 1492 37.67 -20.86 -19.60
CA ILE A 1492 38.07 -20.28 -20.87
C ILE A 1492 37.09 -20.63 -21.99
N CYS A 1493 36.49 -21.82 -21.97
CA CYS A 1493 35.51 -22.22 -22.97
C CYS A 1493 34.24 -21.38 -22.93
N ARG A 1494 34.11 -20.46 -21.98
CA ARG A 1494 32.97 -19.55 -21.91
C ARG A 1494 33.22 -18.26 -22.69
N LYS A 1495 34.45 -18.01 -23.13
CA LYS A 1495 34.78 -16.85 -23.95
C LYS A 1495 34.99 -17.20 -25.41
N SER A 1496 35.68 -18.30 -25.68
CA SER A 1496 35.94 -18.71 -27.06
C SER A 1496 34.62 -19.08 -27.75
N ILE A 1497 34.37 -18.45 -28.90
CA ILE A 1497 33.17 -18.70 -29.68
C ILE A 1497 33.56 -19.31 -31.01
N ILE A 1498 32.58 -19.95 -31.65
CA ILE A 1498 32.76 -20.53 -32.98
C ILE A 1498 32.27 -19.60 -34.08
N ARG A 1499 31.12 -18.97 -33.87
CA ARG A 1499 30.56 -18.02 -34.83
C ARG A 1499 29.65 -17.09 -34.07
N GLN A 1500 30.09 -15.84 -33.87
CA GLN A 1500 29.37 -14.87 -33.07
C GLN A 1500 29.16 -13.60 -33.88
N ILE A 1501 27.90 -13.24 -34.08
CA ILE A 1501 27.55 -11.95 -34.67
C ILE A 1501 27.47 -10.94 -33.54
N PRO A 1502 28.04 -9.74 -33.68
CA PRO A 1502 28.08 -8.81 -32.55
C PRO A 1502 26.70 -8.30 -32.16
N HIS A 1503 26.53 -8.11 -30.85
CA HIS A 1503 25.32 -7.52 -30.26
C HIS A 1503 24.07 -8.37 -30.55
N ILE A 1504 24.25 -9.69 -30.54
CA ILE A 1504 23.15 -10.63 -30.72
C ILE A 1504 23.63 -11.99 -30.24
N ASP A 1505 22.73 -12.72 -29.58
CA ASP A 1505 23.09 -13.98 -28.94
C ASP A 1505 22.16 -15.15 -29.22
N ARG A 1506 20.93 -14.92 -29.66
CA ARG A 1506 19.97 -16.00 -29.79
C ARG A 1506 18.98 -15.69 -30.90
N CYS A 1507 18.52 -16.74 -31.57
CA CYS A 1507 17.49 -16.64 -32.60
C CYS A 1507 16.54 -17.81 -32.44
N VAL A 1508 15.25 -17.52 -32.20
CA VAL A 1508 14.24 -18.53 -31.96
C VAL A 1508 13.06 -18.27 -32.88
N HIS A 1509 12.56 -19.32 -33.53
CA HIS A 1509 11.42 -19.20 -34.42
C HIS A 1509 10.16 -19.64 -33.70
N PRO A 1510 9.26 -18.73 -33.33
CA PRO A 1510 8.02 -19.12 -32.66
C PRO A 1510 6.96 -19.53 -33.68
N GLU A 1511 5.76 -19.81 -33.19
CA GLU A 1511 4.65 -20.14 -34.05
C GLU A 1511 4.00 -18.86 -34.59
N PRO A 1512 3.53 -18.88 -35.84
CA PRO A 1512 2.92 -17.67 -36.43
C PRO A 1512 1.61 -17.33 -35.74
N GLU A 1513 1.53 -16.12 -35.21
CA GLU A 1513 0.34 -15.61 -34.55
C GLU A 1513 -0.29 -14.52 -35.40
N ASN A 1514 -1.62 -14.55 -35.51
CA ASN A 1514 -2.38 -13.61 -36.33
C ASN A 1514 -1.93 -13.65 -37.79
N GLY A 1515 -1.49 -14.81 -38.27
CA GLY A 1515 -1.07 -14.97 -39.64
C GLY A 1515 0.28 -14.37 -39.98
N LYS A 1516 1.00 -13.84 -39.01
CA LYS A 1516 2.30 -13.21 -39.25
C LYS A 1516 3.42 -14.22 -38.97
N ARG A 1517 4.22 -14.50 -39.99
CA ARG A 1517 5.37 -15.40 -39.86
C ARG A 1517 6.50 -14.60 -39.21
N VAL A 1518 6.55 -14.62 -37.89
CA VAL A 1518 7.45 -13.80 -37.10
C VAL A 1518 8.63 -14.64 -36.63
N LEU A 1519 9.83 -14.07 -36.70
CA LEU A 1519 11.04 -14.70 -36.21
C LEU A 1519 11.58 -13.87 -35.04
N VAL A 1520 11.70 -14.50 -33.88
CA VAL A 1520 12.14 -13.81 -32.67
C VAL A 1520 13.66 -13.83 -32.62
N THR A 1521 14.25 -12.68 -32.27
CA THR A 1521 15.69 -12.52 -32.20
C THR A 1521 16.06 -11.81 -30.90
N GLU A 1522 17.10 -12.33 -30.24
CA GLU A 1522 17.58 -11.78 -28.97
C GLU A 1522 18.90 -11.05 -29.25
N GLY A 1523 18.80 -9.73 -29.46
CA GLY A 1523 19.97 -8.92 -29.72
C GLY A 1523 19.71 -7.85 -30.77
N VAL A 1524 20.07 -6.61 -30.46
CA VAL A 1524 19.78 -5.48 -31.33
C VAL A 1524 21.03 -5.14 -32.11
N ASN A 1525 21.04 -5.51 -33.39
CA ASN A 1525 22.13 -5.15 -34.30
C ASN A 1525 21.56 -5.12 -35.71
N PHE A 1526 21.23 -3.92 -36.20
CA PHE A 1526 20.57 -3.80 -37.49
C PHE A 1526 21.56 -3.90 -38.65
N GLN A 1527 22.72 -3.26 -38.53
CA GLN A 1527 23.68 -3.26 -39.63
C GLN A 1527 24.19 -4.66 -39.94
N ALA A 1528 24.22 -5.53 -38.94
CA ALA A 1528 24.66 -6.91 -39.17
C ALA A 1528 23.55 -7.79 -39.76
N MET A 1529 22.29 -7.37 -39.61
CA MET A 1529 21.16 -8.13 -40.15
C MET A 1529 20.66 -7.58 -41.47
N TRP A 1530 21.12 -6.38 -41.88
CA TRP A 1530 20.76 -5.85 -43.19
C TRP A 1530 21.44 -6.61 -44.32
N ASP A 1531 22.56 -7.29 -44.04
CA ASP A 1531 23.26 -8.04 -45.07
C ASP A 1531 22.47 -9.24 -45.55
N GLN A 1532 21.56 -9.77 -44.73
CA GLN A 1532 20.72 -10.90 -45.13
C GLN A 1532 19.36 -10.43 -45.62
N GLU A 1533 19.38 -9.69 -46.73
CA GLU A 1533 18.15 -9.18 -47.32
C GLU A 1533 17.43 -10.20 -48.18
N ALA A 1534 18.09 -11.29 -48.55
CA ALA A 1534 17.46 -12.31 -49.39
C ALA A 1534 16.60 -13.28 -48.59
N PHE A 1535 16.84 -13.43 -47.28
CA PHE A 1535 16.08 -14.34 -46.46
C PHE A 1535 14.93 -13.67 -45.72
N ILE A 1536 15.03 -12.37 -45.43
CA ILE A 1536 14.00 -11.64 -44.70
C ILE A 1536 13.82 -10.27 -45.33
N ASP A 1537 12.67 -9.66 -45.03
CA ASP A 1537 12.34 -8.34 -45.55
C ASP A 1537 12.75 -7.28 -44.53
N VAL A 1538 13.63 -6.37 -44.94
CA VAL A 1538 14.13 -5.35 -44.03
C VAL A 1538 13.09 -4.26 -43.77
N ASP A 1539 12.07 -4.16 -44.62
CA ASP A 1539 11.11 -3.05 -44.50
C ASP A 1539 10.27 -3.16 -43.23
N GLY A 1540 9.91 -4.38 -42.84
CA GLY A 1540 8.95 -4.55 -41.77
C GLY A 1540 9.52 -4.99 -40.43
N ILE A 1541 10.84 -4.86 -40.26
CA ILE A 1541 11.47 -5.25 -39.00
C ILE A 1541 11.35 -4.12 -37.99
N THR A 1542 11.29 -4.48 -36.72
CA THR A 1542 11.28 -3.51 -35.63
C THR A 1542 11.88 -4.18 -34.39
N SER A 1543 12.00 -3.41 -33.32
CA SER A 1543 12.67 -3.88 -32.11
C SER A 1543 11.89 -3.44 -30.88
N ASN A 1544 12.32 -3.94 -29.73
CA ASN A 1544 11.81 -3.52 -28.44
C ASN A 1544 12.72 -2.50 -27.76
N ASP A 1545 13.93 -2.31 -28.27
CA ASP A 1545 14.84 -1.29 -27.75
C ASP A 1545 14.49 0.06 -28.34
N VAL A 1546 14.81 1.12 -27.60
CA VAL A 1546 14.51 2.48 -28.02
C VAL A 1546 15.72 3.16 -28.65
N ALA A 1547 16.89 3.06 -28.00
CA ALA A 1547 18.07 3.73 -28.53
C ALA A 1547 18.54 3.11 -29.83
N ALA A 1548 18.25 1.82 -30.06
CA ALA A 1548 18.68 1.17 -31.29
C ALA A 1548 17.89 1.69 -32.48
N VAL A 1549 16.56 1.63 -32.42
CA VAL A 1549 15.73 2.11 -33.51
C VAL A 1549 15.80 3.63 -33.64
N LEU A 1550 16.17 4.34 -32.56
CA LEU A 1550 16.31 5.78 -32.64
C LEU A 1550 17.54 6.18 -33.44
N LYS A 1551 18.69 5.61 -33.10
CA LYS A 1551 19.93 5.97 -33.77
C LYS A 1551 19.98 5.42 -35.19
N THR A 1552 19.34 4.30 -35.45
CA THR A 1552 19.44 3.63 -36.75
C THR A 1552 18.27 3.90 -37.69
N TYR A 1553 17.13 4.36 -37.18
CA TYR A 1553 15.96 4.59 -38.02
C TYR A 1553 15.31 5.96 -37.87
N GLY A 1554 15.82 6.80 -36.98
CA GLY A 1554 15.33 8.16 -36.87
C GLY A 1554 14.54 8.39 -35.58
N VAL A 1555 13.92 9.57 -35.52
CA VAL A 1555 13.23 9.98 -34.31
C VAL A 1555 11.85 9.34 -34.20
N GLU A 1556 11.00 9.59 -35.19
CA GLU A 1556 9.62 9.08 -35.13
C GLU A 1556 9.55 7.57 -35.28
N ALA A 1557 10.60 6.92 -35.77
CA ALA A 1557 10.62 5.46 -35.78
C ALA A 1557 10.65 4.90 -34.37
N ALA A 1558 11.40 5.55 -33.48
CA ALA A 1558 11.39 5.15 -32.08
C ALA A 1558 10.15 5.69 -31.37
N ARG A 1559 9.55 6.75 -31.90
CA ARG A 1559 8.40 7.35 -31.27
C ARG A 1559 7.15 6.50 -31.45
N ASN A 1560 6.97 5.91 -32.63
CA ASN A 1560 5.80 5.09 -32.90
C ASN A 1560 6.02 3.61 -32.63
N THR A 1561 7.25 3.20 -32.31
CA THR A 1561 7.50 1.81 -31.93
C THR A 1561 7.36 1.59 -30.43
N ILE A 1562 7.59 2.63 -29.62
CA ILE A 1562 7.34 2.50 -28.19
C ILE A 1562 5.84 2.54 -27.91
N VAL A 1563 5.06 3.14 -28.81
CA VAL A 1563 3.61 3.01 -28.74
C VAL A 1563 3.20 1.56 -28.85
N ASN A 1564 3.83 0.82 -29.77
CA ASN A 1564 3.59 -0.61 -29.88
C ASN A 1564 4.11 -1.36 -28.65
N GLU A 1565 5.20 -0.89 -28.06
CA GLU A 1565 5.73 -1.52 -26.85
C GLU A 1565 4.74 -1.40 -25.71
N ILE A 1566 4.28 -0.18 -25.41
CA ILE A 1566 3.31 0.00 -24.33
C ILE A 1566 1.98 -0.64 -24.70
N ASN A 1567 1.64 -0.69 -25.98
CA ASN A 1567 0.44 -1.40 -26.39
C ASN A 1567 0.57 -2.90 -26.16
N ASN A 1568 1.78 -3.43 -26.22
CA ASN A 1568 2.00 -4.84 -25.93
C ASN A 1568 1.94 -5.13 -24.44
N VAL A 1569 2.51 -4.23 -23.63
CA VAL A 1569 2.52 -4.42 -22.17
C VAL A 1569 1.17 -4.02 -21.60
N PHE A 1570 0.26 -3.56 -22.46
CA PHE A 1570 -1.12 -3.30 -22.06
C PHE A 1570 -2.11 -4.26 -22.66
N SER A 1571 -1.78 -4.92 -23.78
CA SER A 1571 -2.63 -5.94 -24.37
C SER A 1571 -2.38 -7.33 -23.80
N ARG A 1572 -1.30 -7.50 -23.02
CA ARG A 1572 -1.02 -8.80 -22.41
C ARG A 1572 -2.05 -9.19 -21.37
N TYR A 1573 -2.76 -8.21 -20.79
CA TYR A 1573 -3.81 -8.48 -19.81
C TYR A 1573 -5.16 -7.91 -20.24
N ALA A 1574 -5.36 -7.74 -21.54
CA ALA A 1574 -6.67 -7.42 -22.12
C ALA A 1574 -7.22 -6.08 -21.64
N ILE A 1575 -6.45 -5.34 -20.84
CA ILE A 1575 -6.89 -4.03 -20.38
C ILE A 1575 -6.61 -3.00 -21.46
N SER A 1576 -7.60 -2.78 -22.33
CA SER A 1576 -7.43 -1.90 -23.48
C SER A 1576 -7.53 -0.45 -23.05
N VAL A 1577 -6.54 0.35 -23.45
CA VAL A 1577 -6.52 1.78 -23.19
C VAL A 1577 -6.61 2.51 -24.52
N SER A 1578 -7.08 3.77 -24.45
CA SER A 1578 -7.20 4.58 -25.66
C SER A 1578 -5.83 4.91 -26.22
N PHE A 1579 -5.71 4.82 -27.54
CA PHE A 1579 -4.45 5.16 -28.21
C PHE A 1579 -4.16 6.64 -28.22
N ARG A 1580 -5.07 7.48 -27.72
CA ARG A 1580 -4.82 8.92 -27.70
C ARG A 1580 -3.81 9.28 -26.61
N HIS A 1581 -3.94 8.67 -25.43
CA HIS A 1581 -3.00 8.94 -24.35
C HIS A 1581 -1.59 8.50 -24.72
N LEU A 1582 -1.46 7.33 -25.35
CA LEU A 1582 -0.15 6.87 -25.77
C LEU A 1582 0.39 7.68 -26.94
N ASP A 1583 -0.49 8.14 -27.83
CA ASP A 1583 -0.05 9.01 -28.92
C ASP A 1583 0.43 10.37 -28.40
N LEU A 1584 -0.02 10.78 -27.22
CA LEU A 1584 0.41 12.05 -26.64
C LEU A 1584 1.68 11.89 -25.82
N ILE A 1585 1.71 10.91 -24.91
CA ILE A 1585 2.86 10.74 -24.04
C ILE A 1585 4.08 10.30 -24.85
N ALA A 1586 3.87 9.60 -25.97
CA ALA A 1586 4.98 9.25 -26.83
C ALA A 1586 5.59 10.49 -27.48
N ASP A 1587 4.75 11.43 -27.90
CA ASP A 1587 5.26 12.69 -28.43
C ASP A 1587 5.95 13.52 -27.36
N MET A 1588 5.63 13.28 -26.09
CA MET A 1588 6.35 13.93 -24.99
C MET A 1588 7.69 13.27 -24.72
N MET A 1589 7.81 11.97 -25.01
CA MET A 1589 9.08 11.28 -24.83
C MET A 1589 10.18 11.90 -25.67
N THR A 1590 9.84 12.32 -26.88
CA THR A 1590 10.81 12.87 -27.82
C THR A 1590 10.48 14.32 -28.17
N ARG A 1591 9.98 15.07 -27.18
CA ARG A 1591 9.68 16.48 -27.40
C ARG A 1591 10.94 17.33 -27.44
N GLN A 1592 12.11 16.78 -27.10
CA GLN A 1592 13.38 17.50 -27.18
C GLN A 1592 14.34 16.63 -27.99
N GLY A 1593 14.26 16.75 -29.31
CA GLY A 1593 15.22 16.15 -30.22
C GLY A 1593 15.12 14.65 -30.40
N THR A 1594 15.54 13.87 -29.39
CA THR A 1594 15.62 12.43 -29.53
C THR A 1594 14.76 11.67 -28.52
N TYR A 1595 14.94 11.92 -27.22
CA TYR A 1595 14.35 11.03 -26.22
C TYR A 1595 14.50 11.66 -24.85
N LEU A 1596 13.47 11.50 -24.01
CA LEU A 1596 13.49 11.98 -22.64
C LEU A 1596 13.11 10.83 -21.70
N ALA A 1597 13.14 11.11 -20.39
CA ALA A 1597 12.92 10.07 -19.40
C ALA A 1597 12.02 10.47 -18.24
N PHE A 1598 11.46 11.68 -18.24
CA PHE A 1598 10.56 12.14 -17.17
C PHE A 1598 11.25 12.23 -15.82
N ASN A 1599 12.55 11.94 -15.77
CA ASN A 1599 13.30 11.98 -14.52
C ASN A 1599 13.94 13.36 -14.35
N ARG A 1600 14.85 13.47 -13.38
CA ARG A 1600 15.59 14.72 -13.21
C ARG A 1600 16.39 15.07 -14.45
N GLN A 1601 17.00 14.07 -15.09
CA GLN A 1601 17.77 14.32 -16.30
C GLN A 1601 16.87 14.68 -17.47
N GLY A 1602 15.69 14.06 -17.54
CA GLY A 1602 14.72 14.45 -18.56
C GLY A 1602 14.19 15.85 -18.34
N MET A 1603 13.93 16.21 -17.08
CA MET A 1603 13.46 17.55 -16.72
C MET A 1603 14.60 18.57 -16.61
N GLU A 1604 15.82 18.17 -16.98
CA GLU A 1604 16.95 19.10 -16.90
C GLU A 1604 16.73 20.31 -17.79
N THR A 1605 16.13 20.11 -18.96
CA THR A 1605 15.85 21.19 -19.91
C THR A 1605 14.41 21.62 -19.74
N SER A 1606 14.18 22.57 -18.83
CA SER A 1606 12.85 23.12 -18.59
C SER A 1606 12.97 24.63 -18.47
N THR A 1607 11.83 25.29 -18.24
CA THR A 1607 11.79 26.74 -18.15
C THR A 1607 11.13 27.26 -16.88
N SER A 1608 10.59 26.39 -16.03
CA SER A 1608 9.93 26.80 -14.80
C SER A 1608 10.73 26.25 -13.62
N SER A 1609 11.34 27.16 -12.84
CA SER A 1609 12.19 26.73 -11.74
C SER A 1609 11.39 26.11 -10.61
N PHE A 1610 10.28 26.76 -10.21
CA PHE A 1610 9.46 26.21 -9.14
C PHE A 1610 8.87 24.86 -9.53
N MET A 1611 8.53 24.69 -10.81
CA MET A 1611 8.03 23.40 -11.27
C MET A 1611 9.10 22.32 -11.15
N LYS A 1612 10.38 22.67 -11.35
CA LYS A 1612 11.44 21.70 -11.19
C LYS A 1612 11.74 21.43 -9.72
N MET A 1613 11.67 22.47 -8.89
CA MET A 1613 11.96 22.30 -7.46
C MET A 1613 10.91 21.43 -6.78
N SER A 1614 9.65 21.54 -7.20
CA SER A 1614 8.59 20.78 -6.56
C SER A 1614 8.69 19.29 -6.89
N TYR A 1615 9.28 18.94 -8.04
CA TYR A 1615 9.41 17.55 -8.41
C TYR A 1615 10.43 16.84 -7.53
N GLU A 1616 11.69 17.25 -7.61
CA GLU A 1616 12.75 16.79 -6.72
C GLU A 1616 13.97 17.68 -6.97
N THR A 1617 15.05 17.37 -6.27
CA THR A 1617 16.34 18.04 -6.46
C THR A 1617 16.21 19.55 -6.27
N THR A 1618 15.56 19.94 -5.17
CA THR A 1618 15.35 21.36 -4.91
C THR A 1618 16.65 22.10 -4.65
N CYS A 1619 17.61 21.44 -3.99
CA CYS A 1619 18.87 22.10 -3.66
C CYS A 1619 19.64 22.50 -4.90
N GLN A 1620 19.83 21.54 -5.83
CA GLN A 1620 20.55 21.85 -7.06
C GLN A 1620 19.75 22.79 -7.95
N PHE A 1621 18.43 22.62 -7.99
CA PHE A 1621 17.59 23.50 -8.80
C PHE A 1621 17.49 24.91 -8.24
N LEU A 1622 17.94 25.13 -7.00
CA LEU A 1622 18.03 26.49 -6.48
C LEU A 1622 19.26 27.20 -7.04
N THR A 1623 20.40 26.52 -7.03
CA THR A 1623 21.63 27.13 -7.54
C THR A 1623 21.58 27.30 -9.06
N LYS A 1624 21.11 26.28 -9.77
CA LYS A 1624 21.06 26.34 -11.23
C LYS A 1624 19.98 27.29 -11.74
N ALA A 1625 19.15 27.85 -10.85
CA ALA A 1625 18.15 28.84 -11.24
C ALA A 1625 18.46 30.24 -10.76
N VAL A 1626 19.33 30.39 -9.76
CA VAL A 1626 19.76 31.71 -9.31
C VAL A 1626 21.10 32.12 -9.90
N LEU A 1627 21.91 31.15 -10.35
CA LEU A 1627 23.19 31.49 -10.99
C LEU A 1627 22.95 32.11 -12.36
N ASP A 1628 21.94 31.64 -13.08
CA ASP A 1628 21.63 32.18 -14.40
C ASP A 1628 20.89 33.51 -14.33
N ASN A 1629 20.22 33.79 -13.20
CA ASN A 1629 19.49 35.04 -12.99
C ASN A 1629 18.48 35.28 -14.12
N GLU A 1630 17.52 34.36 -14.22
CA GLU A 1630 16.51 34.39 -15.26
C GLU A 1630 15.13 34.62 -14.64
N ARG A 1631 14.25 35.21 -15.44
CA ARG A 1631 12.87 35.40 -15.02
C ARG A 1631 12.12 34.07 -15.02
N GLU A 1632 11.06 34.00 -14.22
CA GLU A 1632 10.18 32.84 -14.17
C GLU A 1632 8.76 33.31 -14.46
N GLN A 1633 8.25 32.95 -15.64
CA GLN A 1633 6.91 33.35 -16.05
C GLN A 1633 5.81 32.56 -15.33
N LEU A 1634 6.19 31.67 -14.42
CA LEU A 1634 5.26 30.81 -13.67
C LEU A 1634 4.13 30.28 -14.57
N ASP A 1635 4.56 29.59 -15.63
CA ASP A 1635 3.61 29.06 -16.59
C ASP A 1635 2.81 27.90 -16.02
N SER A 1636 3.49 26.91 -15.46
CA SER A 1636 2.81 25.71 -14.99
C SER A 1636 2.05 26.02 -13.69
N PRO A 1637 0.86 25.45 -13.51
CA PRO A 1637 0.13 25.68 -12.25
C PRO A 1637 0.84 25.13 -11.03
N SER A 1638 1.82 24.23 -11.20
CA SER A 1638 2.66 23.84 -10.08
C SER A 1638 3.45 25.01 -9.54
N ALA A 1639 3.73 26.00 -10.39
CA ALA A 1639 4.36 27.25 -9.96
C ALA A 1639 3.36 28.38 -9.76
N ARG A 1640 2.13 28.22 -10.25
CA ARG A 1640 1.11 29.24 -10.04
C ARG A 1640 0.44 29.10 -8.68
N ILE A 1641 0.41 27.88 -8.13
CA ILE A 1641 -0.19 27.67 -6.82
C ILE A 1641 0.71 28.22 -5.71
N VAL A 1642 2.02 28.34 -5.98
CA VAL A 1642 2.93 28.91 -4.99
C VAL A 1642 2.65 30.40 -4.81
N VAL A 1643 2.56 31.13 -5.93
CA VAL A 1643 2.26 32.56 -5.85
C VAL A 1643 0.79 32.79 -5.50
N GLY A 1644 -0.07 31.85 -5.88
CA GLY A 1644 -1.48 31.95 -5.54
C GLY A 1644 -2.38 32.51 -6.62
N LYS A 1645 -2.18 32.04 -7.85
CA LYS A 1645 -3.10 32.29 -8.95
C LYS A 1645 -3.84 30.99 -9.28
N LEU A 1646 -4.82 31.09 -10.18
CA LEU A 1646 -5.71 29.95 -10.38
C LEU A 1646 -5.04 28.83 -11.16
N ASN A 1647 -4.76 29.08 -12.45
CA ASN A 1647 -4.17 28.10 -13.35
C ASN A 1647 -4.06 28.76 -14.73
N ASN A 1648 -3.43 28.05 -15.66
CA ASN A 1648 -3.53 28.35 -17.08
C ASN A 1648 -4.22 27.22 -17.85
N VAL A 1649 -4.77 26.23 -17.15
CA VAL A 1649 -5.44 25.10 -17.75
C VAL A 1649 -6.88 25.08 -17.28
N GLY A 1650 -7.76 24.53 -18.12
CA GLY A 1650 -9.17 24.45 -17.76
C GLY A 1650 -9.79 25.83 -17.65
N THR A 1651 -10.37 26.12 -16.48
CA THR A 1651 -10.99 27.43 -16.27
C THR A 1651 -9.98 28.56 -16.16
N GLY A 1652 -8.69 28.25 -16.01
CA GLY A 1652 -7.65 29.26 -15.94
C GLY A 1652 -7.02 29.62 -17.26
N SER A 1653 -7.50 29.04 -18.37
CA SER A 1653 -6.94 29.35 -19.68
C SER A 1653 -7.43 30.71 -20.17
N PHE A 1654 -8.74 30.87 -20.29
CA PHE A 1654 -9.33 32.12 -20.75
C PHE A 1654 -9.64 33.01 -19.55
N ASP A 1655 -10.33 34.13 -19.79
CA ASP A 1655 -10.67 35.07 -18.74
C ASP A 1655 -12.10 35.55 -18.93
N VAL A 1656 -12.69 36.02 -17.84
CA VAL A 1656 -14.06 36.54 -17.85
C VAL A 1656 -14.01 38.04 -18.10
N LEU A 1657 -15.11 38.57 -18.62
CA LEU A 1657 -15.20 39.98 -19.00
C LEU A 1657 -16.64 40.45 -18.85
N ALA A 1658 -16.80 41.67 -18.36
CA ALA A 1658 -18.10 42.23 -18.02
C ALA A 1658 -18.60 43.12 -19.15
N LYS A 1659 -19.91 43.06 -19.42
CA LYS A 1659 -20.53 43.98 -20.36
C LYS A 1659 -21.05 45.21 -19.62
N VAL A 1660 -20.89 46.37 -20.24
CA VAL A 1660 -21.23 47.63 -19.59
C VAL A 1660 -22.01 48.51 -20.56
N PRO A 1661 -23.21 48.98 -20.17
CA PRO A 1661 -24.03 49.77 -21.11
C PRO A 1661 -23.58 51.21 -21.26
N ASN A 1662 -23.16 51.86 -20.17
CA ASN A 1662 -22.85 53.27 -20.17
C ASN A 1662 -21.56 53.54 -19.43
N ALA A 1663 -20.92 54.66 -19.77
CA ALA A 1663 -19.69 55.08 -19.11
C ALA A 1663 -19.48 56.58 -19.25
N ALA B 11 -23.81 -42.21 24.76
CA ALA B 11 -23.15 -42.16 23.46
C ALA B 11 -23.84 -41.17 22.54
N ARG B 12 -24.03 -39.95 23.03
CA ARG B 12 -24.70 -38.93 22.23
C ARG B 12 -23.75 -38.30 21.22
N THR B 13 -22.74 -37.59 21.71
CA THR B 13 -21.71 -36.95 20.89
C THR B 13 -20.64 -36.41 21.84
N ALA B 14 -19.68 -35.67 21.29
CA ALA B 14 -18.71 -34.93 22.09
C ALA B 14 -19.40 -33.64 22.55
N ASP B 15 -20.22 -33.78 23.59
CA ASP B 15 -21.07 -32.69 24.05
C ASP B 15 -20.40 -31.92 25.19
N PHE B 16 -21.08 -30.88 25.66
CA PHE B 16 -20.63 -30.09 26.78
C PHE B 16 -21.34 -30.54 28.06
N ARG B 17 -21.11 -29.80 29.14
CA ARG B 17 -21.74 -30.11 30.42
C ARG B 17 -21.88 -28.81 31.21
N THR B 18 -22.97 -28.73 31.97
CA THR B 18 -23.26 -27.56 32.80
C THR B 18 -23.18 -27.87 34.29
N LEU B 19 -23.77 -28.98 34.73
CA LEU B 19 -23.72 -29.34 36.14
C LEU B 19 -22.31 -29.65 36.60
N GLU B 20 -21.39 -29.94 35.68
CA GLU B 20 -20.00 -30.23 36.03
C GLU B 20 -19.08 -29.03 35.85
N ARG B 21 -19.37 -28.15 34.88
CA ARG B 21 -18.56 -26.95 34.73
C ARG B 21 -18.87 -25.93 35.82
N GLU B 22 -20.17 -25.72 36.09
CA GLU B 22 -20.56 -24.85 37.21
C GLU B 22 -20.05 -25.39 38.54
N SER B 23 -19.79 -26.69 38.65
CA SER B 23 -19.17 -27.23 39.86
C SER B 23 -17.77 -26.65 40.05
N ARG B 24 -17.02 -26.50 38.96
CA ARG B 24 -15.73 -25.81 39.04
C ARG B 24 -15.90 -24.33 39.35
N PHE B 25 -16.96 -23.71 38.84
CA PHE B 25 -17.20 -22.30 39.12
C PHE B 25 -17.53 -22.04 40.58
N ILE B 26 -18.12 -23.04 41.26
CA ILE B 26 -18.45 -22.87 42.68
C ILE B 26 -17.18 -22.81 43.52
N ASN B 27 -16.36 -23.86 43.45
CA ASN B 27 -15.13 -23.93 44.22
C ASN B 27 -14.04 -24.56 43.37
N PRO B 28 -12.87 -23.94 43.26
CA PRO B 28 -11.77 -24.56 42.52
C PRO B 28 -11.29 -25.81 43.24
N PRO B 29 -10.83 -26.81 42.50
CA PRO B 29 -10.39 -28.06 43.14
C PRO B 29 -9.15 -27.84 43.98
N LYS B 30 -9.19 -28.37 45.21
CA LYS B 30 -8.04 -28.30 46.10
C LYS B 30 -6.89 -29.19 45.65
N ASP B 31 -7.14 -30.13 44.74
CA ASP B 31 -6.12 -31.02 44.23
C ASP B 31 -5.34 -30.31 43.13
N LYS B 32 -4.55 -31.07 42.36
CA LYS B 32 -3.79 -30.51 41.27
C LYS B 32 -4.70 -29.76 40.28
N SER B 33 -4.09 -28.85 39.53
CA SER B 33 -4.84 -27.99 38.62
C SER B 33 -5.55 -28.82 37.55
N ALA B 34 -6.83 -28.52 37.34
CA ALA B 34 -7.61 -29.21 36.33
C ALA B 34 -7.16 -28.76 34.94
N PHE B 35 -7.77 -29.37 33.91
CA PHE B 35 -7.44 -29.13 32.51
C PHE B 35 -5.95 -29.38 32.28
N PRO B 36 -5.49 -30.64 32.38
CA PRO B 36 -4.05 -30.88 32.27
C PRO B 36 -3.54 -30.88 30.84
N LEU B 37 -3.98 -29.90 30.05
CA LEU B 37 -3.47 -29.70 28.70
C LEU B 37 -3.01 -28.26 28.48
N LEU B 38 -3.70 -27.28 29.07
CA LEU B 38 -3.28 -25.89 28.94
C LEU B 38 -1.98 -25.61 29.67
N GLN B 39 -1.64 -26.42 30.68
CA GLN B 39 -0.39 -26.23 31.40
C GLN B 39 0.82 -26.54 30.52
N GLU B 40 0.65 -27.35 29.47
CA GLU B 40 1.73 -27.65 28.55
C GLU B 40 1.89 -26.59 27.46
N ALA B 41 1.06 -25.55 27.48
CA ALA B 41 1.19 -24.49 26.48
C ALA B 41 2.33 -23.53 26.82
N VAL B 42 2.60 -23.32 28.11
CA VAL B 42 3.73 -22.51 28.54
C VAL B 42 4.97 -23.35 28.83
N GLN B 43 4.93 -24.63 28.47
CA GLN B 43 6.07 -25.52 28.74
C GLN B 43 7.40 -25.03 28.17
N PRO B 44 7.48 -24.50 26.95
CA PRO B 44 8.78 -23.95 26.51
C PRO B 44 9.21 -22.71 27.28
N HIS B 45 8.25 -21.94 27.80
CA HIS B 45 8.61 -20.73 28.55
C HIS B 45 9.01 -21.06 29.99
N ILE B 46 8.09 -21.65 30.75
CA ILE B 46 8.38 -21.93 32.15
C ILE B 46 9.39 -23.06 32.29
N GLY B 47 9.52 -23.93 31.30
CA GLY B 47 10.49 -25.01 31.35
C GLY B 47 11.90 -24.52 31.11
N SER B 48 12.04 -23.51 30.26
CA SER B 48 13.36 -22.92 30.00
C SER B 48 13.86 -22.13 31.19
N PHE B 49 13.00 -21.29 31.78
CA PHE B 49 13.40 -20.52 32.94
C PHE B 49 13.53 -21.40 34.19
N ASN B 50 12.80 -22.52 34.22
CA ASN B 50 12.96 -23.47 35.32
C ASN B 50 14.33 -24.13 35.25
N ALA B 51 14.70 -24.65 34.08
CA ALA B 51 16.00 -25.28 33.89
C ALA B 51 17.16 -24.31 34.07
N LEU B 52 16.90 -23.00 34.07
CA LEU B 52 17.96 -22.03 34.33
C LEU B 52 18.52 -22.21 35.73
N THR B 53 17.66 -22.58 36.69
CA THR B 53 18.08 -22.86 38.05
C THR B 53 17.98 -24.33 38.42
N GLU B 54 16.98 -25.05 37.90
CA GLU B 54 16.85 -26.48 38.14
C GLU B 54 17.95 -27.24 37.40
N GLY B 55 18.21 -28.47 37.87
CA GLY B 55 19.20 -29.30 37.24
C GLY B 55 20.49 -29.36 38.04
N PRO B 56 21.28 -30.41 37.80
CA PRO B 56 22.56 -30.54 38.52
C PRO B 56 23.49 -29.38 38.20
N ASP B 57 24.38 -29.09 39.15
CA ASP B 57 25.33 -27.98 39.06
C ASP B 57 24.64 -26.63 38.94
N GLY B 58 23.40 -26.53 39.41
CA GLY B 58 22.69 -25.26 39.48
C GLY B 58 22.13 -24.74 38.18
N GLY B 59 22.55 -25.28 37.03
CA GLY B 59 21.98 -24.85 35.77
C GLY B 59 22.92 -24.04 34.89
N LEU B 60 22.40 -22.96 34.31
CA LEU B 60 23.17 -22.18 33.34
C LEU B 60 24.13 -21.23 34.02
N LEU B 61 23.61 -20.34 34.87
CA LEU B 61 24.45 -19.29 35.45
C LEU B 61 25.62 -19.85 36.24
N ASN B 62 25.40 -20.94 36.98
CA ASN B 62 26.49 -21.56 37.72
C ASN B 62 27.52 -22.20 36.80
N LEU B 63 27.14 -22.53 35.56
CA LEU B 63 28.09 -23.03 34.59
C LEU B 63 28.78 -21.91 33.82
N GLY B 64 28.17 -20.73 33.75
CA GLY B 64 28.81 -19.59 33.11
C GLY B 64 29.89 -18.98 33.98
N VAL B 65 29.61 -18.87 35.28
CA VAL B 65 30.62 -18.36 36.21
C VAL B 65 31.77 -19.35 36.35
N LYS B 66 31.52 -20.63 36.10
CA LYS B 66 32.59 -21.62 36.06
C LYS B 66 33.33 -21.60 34.74
N ASP B 67 32.64 -21.22 33.65
CA ASP B 67 33.29 -21.13 32.34
C ASP B 67 34.38 -20.06 32.35
N ILE B 68 34.06 -18.88 32.88
CA ILE B 68 35.03 -17.80 33.02
C ILE B 68 35.67 -17.96 34.40
N GLY B 69 36.84 -18.58 34.45
CA GLY B 69 37.44 -18.97 35.71
C GLY B 69 38.21 -17.89 36.43
N GLU B 70 39.17 -17.25 35.76
CA GLU B 70 40.03 -16.28 36.41
C GLU B 70 40.21 -15.05 35.53
N LYS B 71 40.40 -13.90 36.19
CA LYS B 71 40.70 -12.64 35.51
C LYS B 71 41.77 -11.93 36.34
N VAL B 72 42.97 -11.81 35.79
CA VAL B 72 44.14 -11.37 36.54
C VAL B 72 44.73 -10.13 35.87
N ILE B 73 45.26 -9.21 36.69
CA ILE B 73 46.00 -8.05 36.24
C ILE B 73 47.14 -7.81 37.23
N PHE B 74 47.95 -6.78 36.96
CA PHE B 74 49.08 -6.41 37.80
C PHE B 74 48.96 -4.96 38.24
N ASP B 75 49.82 -4.58 39.18
CA ASP B 75 49.94 -3.21 39.66
C ASP B 75 51.41 -2.83 39.72
N GLY B 76 51.68 -1.57 40.08
CA GLY B 76 53.03 -1.04 40.03
C GLY B 76 53.83 -1.18 41.32
N LYS B 77 54.10 -2.42 41.72
CA LYS B 77 54.95 -2.65 42.88
C LYS B 77 56.18 -3.48 42.49
N PRO B 78 57.33 -3.21 43.08
CA PRO B 78 58.54 -3.97 42.78
C PRO B 78 58.59 -5.26 43.59
N LEU B 79 59.63 -6.05 43.34
CA LEU B 79 59.84 -7.29 44.07
C LEU B 79 60.63 -7.07 45.35
N ASN B 80 61.57 -6.13 45.35
CA ASN B 80 62.35 -5.75 46.53
C ASN B 80 63.21 -6.90 47.03
N SER B 81 63.64 -7.77 46.14
CA SER B 81 64.55 -8.85 46.48
C SER B 81 66.00 -8.40 46.23
N GLU B 82 66.94 -9.33 46.31
CA GLU B 82 68.33 -9.02 46.05
C GLU B 82 68.57 -8.95 44.54
N ASP B 83 69.83 -8.85 44.13
CA ASP B 83 70.20 -8.70 42.73
C ASP B 83 69.70 -9.86 41.89
N GLU B 84 68.77 -9.59 40.98
CA GLU B 84 68.21 -10.59 40.09
C GLU B 84 67.35 -9.89 39.04
N ILE B 85 67.33 -10.44 37.83
CA ILE B 85 66.50 -9.89 36.77
C ILE B 85 65.01 -10.12 37.00
N SER B 86 64.66 -10.91 38.02
CA SER B 86 63.25 -11.15 38.31
C SER B 86 62.53 -9.87 38.73
N ASN B 87 63.25 -8.90 39.30
CA ASN B 87 62.62 -7.65 39.69
C ASN B 87 62.17 -6.85 38.47
N SER B 88 62.97 -6.86 37.40
CA SER B 88 62.56 -6.18 36.17
C SER B 88 61.38 -6.91 35.53
N GLY B 89 61.43 -8.24 35.49
CA GLY B 89 60.31 -9.01 35.00
C GLY B 89 59.14 -9.14 35.94
N TYR B 90 59.24 -8.54 37.13
CA TYR B 90 58.16 -8.60 38.13
C TYR B 90 57.18 -7.47 37.84
N LEU B 91 56.19 -7.76 37.00
CA LEU B 91 55.15 -6.79 36.70
C LEU B 91 54.25 -6.51 37.89
N GLY B 92 54.42 -7.23 38.99
CA GLY B 92 53.60 -7.04 40.17
C GLY B 92 53.11 -8.35 40.74
N ASN B 93 51.95 -8.34 41.37
CA ASN B 93 51.35 -9.54 41.95
C ASN B 93 50.01 -9.83 41.27
N LYS B 94 49.39 -10.92 41.68
CA LYS B 94 48.17 -11.41 41.05
C LYS B 94 46.97 -10.73 41.67
N LEU B 95 46.29 -9.88 40.90
CA LEU B 95 44.99 -9.33 41.30
C LEU B 95 43.87 -10.19 40.73
N SER B 96 43.93 -11.47 41.06
CA SER B 96 42.99 -12.44 40.51
C SER B 96 41.60 -12.24 41.13
N VAL B 97 40.57 -12.31 40.28
CA VAL B 97 39.19 -12.24 40.71
C VAL B 97 38.42 -13.35 40.01
N SER B 98 37.41 -13.88 40.69
CA SER B 98 36.64 -15.00 40.17
C SER B 98 35.26 -15.00 40.81
N VAL B 99 34.38 -15.80 40.24
CA VAL B 99 33.03 -16.01 40.76
C VAL B 99 32.75 -17.51 40.72
N GLU B 100 32.40 -18.08 41.88
CA GLU B 100 32.21 -19.52 41.98
C GLU B 100 30.74 -19.93 42.03
N GLN B 101 29.84 -19.03 42.38
CA GLN B 101 28.42 -19.37 42.47
C GLN B 101 27.58 -18.10 42.46
N VAL B 102 26.45 -18.17 41.76
CA VAL B 102 25.47 -17.09 41.71
C VAL B 102 24.08 -17.73 41.78
N SER B 103 23.20 -17.13 42.57
CA SER B 103 21.88 -17.72 42.77
C SER B 103 20.89 -16.66 43.21
N ILE B 104 19.75 -16.59 42.54
CA ILE B 104 18.65 -15.75 42.99
C ILE B 104 18.03 -16.38 44.23
N ALA B 105 17.88 -15.57 45.28
CA ALA B 105 17.33 -16.11 46.53
C ALA B 105 15.81 -16.20 46.48
N LYS B 106 15.14 -15.05 46.44
CA LYS B 106 13.69 -14.94 46.31
C LYS B 106 13.28 -13.48 46.22
N PRO B 107 12.12 -13.17 45.64
CA PRO B 107 11.61 -11.79 45.68
C PRO B 107 10.98 -11.49 47.04
N MET B 108 11.60 -10.56 47.77
CA MET B 108 11.11 -10.14 49.08
C MET B 108 11.08 -8.62 49.11
N SER B 109 9.96 -8.06 49.59
CA SER B 109 9.76 -6.62 49.63
C SER B 109 9.38 -6.21 51.04
N ASN B 110 10.17 -5.33 51.66
CA ASN B 110 9.88 -4.83 52.98
C ASN B 110 10.63 -3.52 53.18
N ASP B 111 9.92 -2.51 53.70
CA ASP B 111 10.50 -1.19 53.91
C ASP B 111 11.23 -1.19 55.26
N GLY B 112 12.56 -1.14 55.22
CA GLY B 112 13.36 -1.09 56.42
C GLY B 112 13.50 -2.45 57.10
N VAL B 113 14.58 -2.57 57.88
CA VAL B 113 14.86 -3.81 58.61
C VAL B 113 14.21 -3.82 59.98
N SER B 114 13.74 -2.67 60.48
CA SER B 114 13.19 -2.59 61.83
C SER B 114 11.91 -3.40 62.00
N SER B 115 11.20 -3.70 60.90
CA SER B 115 9.94 -4.43 61.02
C SER B 115 10.18 -5.90 61.34
N ALA B 116 10.87 -6.60 60.44
CA ALA B 116 11.17 -8.02 60.61
C ALA B 116 12.35 -8.36 59.72
N VAL B 117 12.62 -9.66 59.56
CA VAL B 117 13.71 -10.09 58.70
C VAL B 117 13.37 -9.85 57.23
N GLU B 118 12.27 -10.44 56.75
CA GLU B 118 11.82 -10.25 55.39
C GLU B 118 10.30 -10.30 55.36
N ARG B 119 9.73 -9.84 54.25
CA ARG B 119 8.29 -9.85 54.03
C ARG B 119 8.01 -10.42 52.65
N LYS B 120 7.12 -11.41 52.60
CA LYS B 120 6.82 -12.09 51.34
C LYS B 120 5.93 -11.21 50.47
N VAL B 121 6.34 -11.04 49.21
CA VAL B 121 5.60 -10.25 48.23
C VAL B 121 5.04 -11.18 47.17
N TYR B 122 3.84 -10.88 46.68
CA TYR B 122 3.15 -11.67 45.68
C TYR B 122 3.10 -10.92 44.34
N PRO B 123 3.03 -11.64 43.22
CA PRO B 123 2.97 -10.95 41.92
C PRO B 123 1.70 -10.13 41.74
N SER B 124 0.62 -10.47 42.42
CA SER B 124 -0.60 -9.67 42.31
C SER B 124 -0.43 -8.32 43.01
N GLU B 125 0.43 -8.25 44.02
CA GLU B 125 0.66 -6.97 44.70
C GLU B 125 1.43 -6.01 43.82
N SER B 126 2.31 -6.53 42.94
CA SER B 126 3.10 -5.66 42.08
C SER B 126 2.24 -4.98 41.02
N ARG B 127 1.16 -5.62 40.59
CA ARG B 127 0.30 -5.02 39.58
C ARG B 127 -0.45 -3.82 40.12
N GLN B 128 -1.03 -3.95 41.32
CA GLN B 128 -1.65 -2.80 41.97
C GLN B 128 -0.59 -1.79 42.39
N ARG B 129 0.59 -2.26 42.77
CA ARG B 129 1.70 -1.35 43.09
C ARG B 129 2.19 -0.61 41.86
N LEU B 130 2.00 -1.21 40.67
CA LEU B 130 2.52 -0.66 39.42
C LEU B 130 4.04 -0.49 39.48
N THR B 131 4.71 -1.56 39.89
CA THR B 131 6.16 -1.63 39.92
C THR B 131 6.62 -2.91 39.25
N SER B 132 7.94 -3.04 39.09
CA SER B 132 8.52 -4.22 38.48
C SER B 132 8.65 -5.35 39.50
N TYR B 133 8.15 -6.53 39.15
CA TYR B 133 8.28 -7.70 40.00
C TYR B 133 9.72 -8.21 39.97
N ARG B 134 10.54 -7.78 40.93
CA ARG B 134 11.97 -8.04 40.92
C ARG B 134 12.34 -8.98 42.05
N GLY B 135 13.16 -9.98 41.74
CA GLY B 135 13.69 -10.89 42.75
C GLY B 135 15.12 -10.52 43.10
N LYS B 136 15.49 -10.77 44.36
CA LYS B 136 16.80 -10.39 44.85
C LYS B 136 17.85 -11.42 44.45
N LEU B 137 18.97 -10.94 43.93
CA LEU B 137 20.06 -11.79 43.46
C LEU B 137 21.19 -11.82 44.48
N LEU B 138 21.83 -12.98 44.61
CA LEU B 138 22.97 -13.16 45.49
C LEU B 138 24.19 -13.55 44.65
N LEU B 139 25.24 -12.74 44.73
CA LEU B 139 26.46 -12.97 43.97
C LEU B 139 27.65 -12.84 44.91
N LYS B 140 28.35 -13.95 45.14
CA LYS B 140 29.55 -13.97 45.97
C LYS B 140 30.78 -14.14 45.10
N LEU B 141 31.85 -13.43 45.45
CA LEU B 141 33.07 -13.39 44.66
C LEU B 141 34.16 -14.25 45.27
N LYS B 142 35.22 -14.46 44.50
CA LYS B 142 36.42 -15.16 44.95
C LYS B 142 37.62 -14.29 44.63
N TRP B 143 38.23 -13.71 45.66
CA TRP B 143 39.34 -12.78 45.50
C TRP B 143 40.64 -13.50 45.83
N SER B 144 41.49 -13.68 44.82
CA SER B 144 42.78 -14.33 44.98
C SER B 144 43.90 -13.33 44.83
N VAL B 145 45.06 -13.67 45.41
CA VAL B 145 46.23 -12.81 45.38
C VAL B 145 47.47 -13.70 45.44
N ASN B 146 48.50 -13.34 44.67
CA ASN B 146 49.74 -14.10 44.59
C ASN B 146 49.48 -15.57 44.28
N ASN B 147 48.80 -15.78 43.16
CA ASN B 147 48.36 -17.12 42.74
C ASN B 147 47.49 -17.77 43.82
N GLY B 148 46.62 -16.97 44.44
CA GLY B 148 45.73 -17.46 45.46
C GLY B 148 46.40 -17.82 46.76
N GLU B 149 47.28 -16.95 47.27
CA GLU B 149 47.91 -17.19 48.56
C GLU B 149 46.90 -17.08 49.70
N GLU B 150 45.84 -16.30 49.51
CA GLU B 150 44.80 -16.17 50.52
C GLU B 150 43.53 -15.71 49.82
N ASN B 151 42.56 -16.62 49.68
CA ASN B 151 41.32 -16.33 48.97
C ASN B 151 40.29 -15.73 49.91
N LEU B 152 39.40 -14.90 49.35
CA LEU B 152 38.34 -14.26 50.10
C LEU B 152 37.00 -14.51 49.41
N PHE B 153 35.93 -14.50 50.18
CA PHE B 153 34.58 -14.73 49.69
C PHE B 153 33.64 -13.71 50.31
N GLU B 154 32.99 -12.91 49.48
CA GLU B 154 32.07 -11.87 49.93
C GLU B 154 30.74 -12.03 49.22
N VAL B 155 29.70 -12.40 49.97
CA VAL B 155 28.35 -12.50 49.43
C VAL B 155 27.76 -11.09 49.34
N ARG B 156 27.39 -10.67 48.14
CA ARG B 156 26.95 -9.30 47.90
C ARG B 156 25.71 -9.30 47.03
N ASP B 157 24.90 -8.26 47.19
CA ASP B 157 23.67 -8.07 46.42
C ASP B 157 23.97 -7.33 45.12
N CYS B 158 23.22 -7.69 44.07
CA CYS B 158 23.36 -7.08 42.76
C CYS B 158 22.01 -6.56 42.26
N GLY B 159 21.22 -6.01 43.17
CA GLY B 159 19.93 -5.46 42.80
C GLY B 159 18.87 -6.51 42.58
N GLY B 160 17.69 -6.05 42.17
CA GLY B 160 16.57 -6.93 41.95
C GLY B 160 16.26 -7.17 40.48
N LEU B 161 16.37 -8.44 40.05
CA LEU B 161 16.08 -8.79 38.67
C LEU B 161 14.67 -9.37 38.55
N PRO B 162 14.03 -9.23 37.39
CA PRO B 162 12.67 -9.75 37.23
C PRO B 162 12.64 -11.27 37.25
N VAL B 163 11.53 -11.81 37.75
CA VAL B 163 11.35 -13.25 37.89
C VAL B 163 10.10 -13.67 37.12
N MET B 164 10.21 -14.77 36.37
CA MET B 164 9.07 -15.30 35.63
C MET B 164 8.02 -15.83 36.59
N LEU B 165 6.75 -15.52 36.30
CA LEU B 165 5.66 -16.01 37.13
C LEU B 165 5.52 -17.52 36.98
N GLN B 166 5.15 -18.17 38.08
CA GLN B 166 5.00 -19.63 38.14
C GLN B 166 6.29 -20.34 37.73
N SER B 167 7.33 -20.12 38.53
CA SER B 167 8.62 -20.75 38.32
C SER B 167 9.25 -21.01 39.68
N ASN B 168 10.50 -21.51 39.65
CA ASN B 168 11.19 -21.85 40.89
C ASN B 168 11.32 -20.65 41.81
N ARG B 169 11.75 -19.51 41.26
CA ARG B 169 11.92 -18.30 42.04
C ARG B 169 10.63 -17.50 42.19
N CYS B 170 9.49 -18.10 41.87
CA CYS B 170 8.19 -17.45 42.03
C CYS B 170 7.36 -18.19 43.07
N HIS B 171 6.25 -17.57 43.47
CA HIS B 171 5.38 -18.13 44.48
C HIS B 171 4.25 -18.96 43.90
N LEU B 172 4.19 -19.12 42.59
CA LEU B 172 3.11 -19.84 41.92
C LEU B 172 3.54 -21.20 41.40
N ASN B 173 4.73 -21.68 41.74
CA ASN B 173 5.23 -22.93 41.18
C ASN B 173 4.44 -24.12 41.69
N LYS B 174 4.47 -24.36 43.00
CA LYS B 174 3.73 -25.45 43.62
C LYS B 174 2.45 -24.96 44.29
N MET B 175 1.82 -23.94 43.72
CA MET B 175 0.66 -23.30 44.31
C MET B 175 -0.62 -24.01 43.87
N SER B 176 -1.53 -24.23 44.83
CA SER B 176 -2.78 -24.93 44.53
C SER B 176 -3.78 -23.99 43.87
N PRO B 177 -4.49 -24.46 42.84
CA PRO B 177 -5.43 -23.57 42.14
C PRO B 177 -6.60 -23.12 43.00
N TYR B 178 -6.92 -23.83 44.08
CA TYR B 178 -7.98 -23.39 44.97
C TYR B 178 -7.62 -22.06 45.63
N GLU B 179 -6.44 -21.99 46.25
CA GLU B 179 -5.99 -20.78 46.89
C GLU B 179 -5.27 -19.83 45.93
N LEU B 180 -5.24 -20.15 44.63
CA LEU B 180 -4.95 -19.12 43.64
C LEU B 180 -5.98 -18.01 43.70
N VAL B 181 -7.23 -18.36 43.99
CA VAL B 181 -8.28 -17.36 44.17
C VAL B 181 -8.08 -16.64 45.49
N GLN B 182 -7.66 -17.35 46.53
CA GLN B 182 -7.49 -16.75 47.85
C GLN B 182 -6.37 -15.73 47.88
N HIS B 183 -5.42 -15.82 46.95
CA HIS B 183 -4.29 -14.88 46.87
C HIS B 183 -4.48 -13.86 45.77
N LYS B 184 -5.71 -13.40 45.57
CA LYS B 184 -6.07 -12.35 44.61
C LYS B 184 -5.38 -12.54 43.27
N GLU B 185 -5.52 -13.74 42.71
CA GLU B 185 -4.92 -14.07 41.43
C GLU B 185 -5.96 -14.80 40.57
N GLU B 186 -5.71 -14.83 39.28
CA GLU B 186 -6.58 -15.53 38.33
C GLU B 186 -6.74 -16.99 38.74
N SER B 187 -7.94 -17.53 38.52
CA SER B 187 -8.23 -18.90 38.95
C SER B 187 -7.34 -19.91 38.23
N ASP B 188 -7.16 -19.75 36.92
CA ASP B 188 -6.36 -20.64 36.11
C ASP B 188 -5.16 -19.91 35.51
N GLU B 189 -4.49 -19.10 36.34
CA GLU B 189 -3.38 -18.29 35.86
C GLU B 189 -2.17 -19.17 35.55
N ILE B 190 -1.61 -18.99 34.36
CA ILE B 190 -0.37 -19.62 33.96
C ILE B 190 0.68 -18.54 33.75
N GLY B 191 1.94 -18.89 34.01
CA GLY B 191 3.00 -17.91 33.97
C GLY B 191 3.64 -17.75 32.60
N GLY B 192 4.97 -17.76 32.56
CA GLY B 192 5.71 -17.59 31.34
C GLY B 192 6.14 -16.17 31.04
N TYR B 193 5.34 -15.18 31.43
CA TYR B 193 5.60 -13.78 31.12
C TYR B 193 6.28 -13.07 32.29
N PHE B 194 6.95 -11.98 31.98
CA PHE B 194 7.61 -11.14 32.95
C PHE B 194 6.71 -9.97 33.32
N ILE B 195 7.23 -9.07 34.16
CA ILE B 195 6.53 -7.88 34.60
C ILE B 195 7.47 -6.69 34.52
N VAL B 196 6.97 -5.56 34.03
CA VAL B 196 7.75 -4.34 33.89
C VAL B 196 7.12 -3.29 34.80
N ASN B 197 7.69 -2.08 34.80
CA ASN B 197 7.24 -1.00 35.69
C ASN B 197 5.72 -0.82 35.68
N GLY B 198 5.14 -0.63 34.50
CA GLY B 198 3.73 -0.34 34.42
C GLY B 198 2.88 -1.37 33.70
N ILE B 199 3.45 -2.07 32.73
CA ILE B 199 2.68 -2.98 31.89
C ILE B 199 3.28 -4.37 31.93
N GLU B 200 2.53 -5.32 31.39
CA GLU B 200 2.97 -6.71 31.31
C GLU B 200 3.68 -6.96 29.98
N LYS B 201 4.74 -7.76 30.02
CA LYS B 201 5.56 -8.00 28.85
C LYS B 201 6.00 -9.46 28.83
N LEU B 202 6.34 -9.94 27.63
CA LEU B 202 6.72 -11.33 27.43
C LEU B 202 7.79 -11.39 26.33
N ILE B 203 8.87 -12.12 26.59
CA ILE B 203 9.93 -12.28 25.60
C ILE B 203 9.41 -13.16 24.47
N ARG B 204 9.36 -12.61 23.26
CA ARG B 204 8.84 -13.35 22.12
C ARG B 204 9.81 -14.47 21.73
N MET B 205 9.28 -15.43 20.97
CA MET B 205 10.09 -16.53 20.48
C MET B 205 10.97 -16.05 19.33
N LEU B 206 11.98 -16.85 19.01
CA LEU B 206 12.88 -16.54 17.90
C LEU B 206 13.52 -17.84 17.42
N ILE B 207 13.45 -18.08 16.12
CA ILE B 207 13.99 -19.30 15.52
C ILE B 207 15.32 -18.95 14.86
N VAL B 208 16.29 -19.85 14.97
CA VAL B 208 17.66 -19.63 14.55
C VAL B 208 18.16 -20.86 13.81
N GLN B 209 19.43 -20.82 13.42
CA GLN B 209 20.07 -21.93 12.73
C GLN B 209 20.12 -23.16 13.65
N ARG B 210 20.20 -24.33 13.02
CA ARG B 210 20.18 -25.58 13.77
C ARG B 210 21.39 -25.68 14.71
N ARG B 211 21.18 -26.35 15.83
CA ARG B 211 22.21 -26.50 16.85
C ARG B 211 22.85 -27.88 16.76
N ASN B 212 24.17 -27.92 16.96
CA ASN B 212 24.96 -29.16 16.93
C ASN B 212 24.82 -29.88 15.59
N HIS B 213 24.62 -29.13 14.52
CA HIS B 213 24.46 -29.73 13.19
C HIS B 213 25.21 -28.92 12.15
N PRO B 214 26.16 -29.52 11.44
CA PRO B 214 26.86 -28.80 10.37
C PRO B 214 25.93 -28.47 9.21
N MET B 215 26.26 -27.40 8.51
CA MET B 215 25.47 -26.93 7.37
C MET B 215 26.23 -27.18 6.07
N ALA B 216 25.53 -26.92 4.96
CA ALA B 216 26.12 -26.85 3.63
C ALA B 216 25.30 -25.83 2.86
N ILE B 217 25.75 -24.58 2.88
CA ILE B 217 24.96 -23.45 2.46
C ILE B 217 25.66 -22.73 1.31
N ILE B 218 24.87 -22.21 0.38
CA ILE B 218 25.36 -21.42 -0.75
C ILE B 218 24.60 -20.10 -0.76
N ARG B 219 25.33 -18.99 -0.72
CA ARG B 219 24.73 -17.66 -0.74
C ARG B 219 25.66 -16.72 -1.48
N PRO B 220 25.13 -15.85 -2.36
CA PRO B 220 26.00 -14.90 -3.06
C PRO B 220 26.74 -13.95 -2.15
N SER B 221 26.30 -13.79 -0.90
CA SER B 221 27.01 -12.93 0.05
C SER B 221 28.38 -13.48 0.43
N PHE B 222 28.66 -14.74 0.12
CA PHE B 222 29.98 -15.31 0.37
C PHE B 222 30.98 -14.98 -0.73
N ALA B 223 30.52 -14.41 -1.85
CA ALA B 223 31.41 -14.05 -2.95
C ALA B 223 31.98 -12.65 -2.81
N ASN B 224 31.11 -11.67 -2.57
CA ASN B 224 31.56 -10.29 -2.38
C ASN B 224 32.27 -10.07 -1.05
N ARG B 225 32.37 -11.10 -0.21
CA ARG B 225 33.07 -10.97 1.07
C ARG B 225 34.57 -10.75 0.87
N GLY B 226 35.09 -11.05 -0.32
CA GLY B 226 36.51 -10.90 -0.60
C GLY B 226 36.88 -11.44 -1.96
N ALA B 227 38.02 -11.00 -2.48
CA ALA B 227 38.45 -11.44 -3.80
C ALA B 227 38.73 -12.94 -3.81
N SER B 228 38.50 -13.55 -4.97
CA SER B 228 38.71 -14.98 -5.22
C SER B 228 37.83 -15.88 -4.34
N TYR B 229 36.77 -15.33 -3.75
CA TYR B 229 35.86 -16.15 -2.96
C TYR B 229 34.83 -16.82 -3.86
N SER B 230 34.21 -17.87 -3.34
CA SER B 230 33.19 -18.63 -4.06
C SER B 230 31.90 -18.66 -3.25
N HIS B 231 30.82 -19.04 -3.91
CA HIS B 231 29.51 -19.08 -3.28
C HIS B 231 29.33 -20.29 -2.36
N TYR B 232 30.20 -21.30 -2.48
CA TYR B 232 30.11 -22.47 -1.62
C TYR B 232 30.56 -22.11 -0.20
N GLY B 233 30.41 -23.07 0.70
CA GLY B 233 30.83 -22.90 2.07
C GLY B 233 30.00 -23.73 3.03
N ILE B 234 30.51 -23.87 4.24
CA ILE B 234 29.86 -24.64 5.30
C ILE B 234 29.75 -23.74 6.54
N GLN B 235 28.56 -23.67 7.11
CA GLN B 235 28.29 -22.86 8.29
C GLN B 235 28.10 -23.77 9.49
N ILE B 236 28.87 -23.52 10.55
CA ILE B 236 28.72 -24.24 11.80
C ILE B 236 28.42 -23.22 12.90
N ARG B 237 27.78 -23.70 13.96
CA ARG B 237 27.47 -22.87 15.12
C ARG B 237 27.72 -23.71 16.37
N SER B 238 28.89 -23.56 16.97
CA SER B 238 29.24 -24.29 18.17
C SER B 238 28.35 -23.85 19.34
N VAL B 239 28.39 -24.63 20.41
CA VAL B 239 27.59 -24.34 21.59
C VAL B 239 28.21 -25.07 22.78
N ARG B 240 28.24 -24.39 23.92
CA ARG B 240 28.75 -24.96 25.16
C ARG B 240 27.61 -25.61 25.94
N PRO B 241 27.94 -26.39 26.98
CA PRO B 241 26.88 -26.84 27.91
C PRO B 241 26.14 -25.69 28.57
N ASP B 242 26.68 -24.47 28.54
CA ASP B 242 26.01 -23.28 29.04
C ASP B 242 25.02 -22.70 28.02
N GLN B 243 24.80 -23.39 26.91
CA GLN B 243 23.86 -22.97 25.87
C GLN B 243 24.22 -21.60 25.29
N THR B 244 25.51 -21.30 25.22
CA THR B 244 26.00 -20.11 24.55
C THR B 244 26.65 -20.53 23.24
N SER B 245 26.26 -19.88 22.15
CA SER B 245 26.65 -20.31 20.81
C SER B 245 27.67 -19.37 20.21
N GLN B 246 28.44 -19.91 19.26
CA GLN B 246 29.45 -19.13 18.54
C GLN B 246 29.67 -19.82 17.19
N THR B 247 29.47 -19.08 16.10
CA THR B 247 29.50 -19.67 14.78
C THR B 247 30.92 -19.90 14.30
N ASN B 248 31.07 -20.85 13.38
CA ASN B 248 32.35 -21.16 12.75
C ASN B 248 32.08 -21.51 11.30
N VAL B 249 32.62 -20.72 10.36
CA VAL B 249 32.31 -20.88 8.95
C VAL B 249 33.57 -21.31 8.21
N LEU B 250 33.37 -22.09 7.15
CA LEU B 250 34.43 -22.52 6.25
C LEU B 250 34.08 -22.07 4.84
N HIS B 251 34.98 -21.34 4.20
CA HIS B 251 34.76 -20.80 2.86
C HIS B 251 35.68 -21.50 1.87
N TYR B 252 35.10 -21.99 0.78
CA TYR B 252 35.87 -22.53 -0.33
C TYR B 252 36.17 -21.43 -1.34
N LEU B 253 37.42 -21.41 -1.82
CA LEU B 253 37.88 -20.38 -2.72
C LEU B 253 38.15 -20.95 -4.10
N ASN B 254 38.09 -20.08 -5.11
CA ASN B 254 38.40 -20.50 -6.47
C ASN B 254 39.87 -20.85 -6.63
N ASP B 255 40.74 -20.26 -5.81
CA ASP B 255 42.17 -20.55 -5.85
C ASP B 255 42.49 -21.94 -5.32
N GLY B 256 41.52 -22.64 -4.72
CA GLY B 256 41.75 -23.92 -4.11
C GLY B 256 42.00 -23.88 -2.62
N GLN B 257 42.20 -22.69 -2.05
CA GLN B 257 42.38 -22.54 -0.62
C GLN B 257 41.02 -22.56 0.08
N VAL B 258 41.06 -22.85 1.39
CA VAL B 258 39.87 -22.79 2.23
C VAL B 258 40.21 -21.98 3.47
N THR B 259 39.26 -21.15 3.90
CA THR B 259 39.48 -20.21 5.01
C THR B 259 38.49 -20.50 6.13
N PHE B 260 39.02 -20.70 7.33
CA PHE B 260 38.18 -20.82 8.52
C PHE B 260 37.82 -19.44 9.04
N ARG B 261 36.67 -19.36 9.70
CA ARG B 261 36.15 -18.08 10.19
C ARG B 261 35.48 -18.27 11.53
N PHE B 262 35.68 -17.31 12.42
CA PHE B 262 35.02 -17.28 13.71
C PHE B 262 34.67 -15.83 14.06
N SER B 263 33.51 -15.63 14.65
CA SER B 263 33.01 -14.30 14.95
C SER B 263 33.36 -13.90 16.38
N TRP B 264 33.81 -12.67 16.54
CA TRP B 264 34.11 -12.08 17.85
C TRP B 264 33.04 -11.07 18.19
N ARG B 265 33.25 -10.38 19.33
CA ARG B 265 32.29 -9.41 19.85
C ARG B 265 31.72 -8.51 18.76
N LYS B 266 32.60 -7.83 18.02
CA LYS B 266 32.17 -7.08 16.85
C LYS B 266 33.10 -7.27 15.67
N ASN B 267 34.06 -8.19 15.75
CA ASN B 267 35.07 -8.40 14.72
C ASN B 267 34.83 -9.71 14.00
N GLU B 268 35.57 -9.89 12.91
CA GLU B 268 35.55 -11.14 12.13
C GLU B 268 36.97 -11.44 11.70
N TYR B 269 37.49 -12.60 12.13
CA TYR B 269 38.87 -12.99 11.88
C TYR B 269 38.89 -14.27 11.06
N LEU B 270 39.55 -14.23 9.91
CA LEU B 270 39.72 -15.40 9.06
C LEU B 270 41.08 -16.03 9.34
N VAL B 271 41.07 -17.33 9.60
CA VAL B 271 42.28 -18.08 9.92
C VAL B 271 42.39 -19.25 8.95
N PRO B 272 43.57 -19.53 8.39
CA PRO B 272 43.72 -20.71 7.53
C PRO B 272 43.40 -21.98 8.29
N VAL B 273 42.81 -22.95 7.58
CA VAL B 273 42.33 -24.16 8.24
C VAL B 273 43.46 -25.05 8.72
N VAL B 274 44.63 -25.01 8.07
CA VAL B 274 45.73 -25.89 8.48
C VAL B 274 46.31 -25.43 9.80
N MET B 275 46.45 -24.12 10.00
CA MET B 275 46.99 -23.59 11.25
C MET B 275 46.09 -23.95 12.42
N ILE B 276 44.78 -24.00 12.20
CA ILE B 276 43.85 -24.28 13.29
C ILE B 276 43.55 -25.77 13.41
N LEU B 277 43.85 -26.57 12.39
CA LEU B 277 43.51 -27.99 12.42
C LEU B 277 44.60 -28.84 13.07
N LYS B 278 45.87 -28.56 12.76
CA LYS B 278 46.99 -29.29 13.36
C LYS B 278 47.38 -28.72 14.73
N ALA B 279 46.56 -27.85 15.30
CA ALA B 279 46.86 -27.24 16.59
C ALA B 279 46.09 -27.83 17.76
N LEU B 280 44.98 -28.54 17.51
CA LEU B 280 44.26 -29.20 18.59
C LEU B 280 45.11 -30.27 19.25
N CYS B 281 45.57 -31.25 18.47
CA CYS B 281 46.47 -32.29 18.94
C CYS B 281 47.64 -32.39 17.99
N HIS B 282 48.75 -32.92 18.51
CA HIS B 282 49.97 -33.04 17.71
C HIS B 282 49.76 -34.12 16.66
N THR B 283 49.50 -33.68 15.43
CA THR B 283 49.27 -34.58 14.30
C THR B 283 49.91 -33.97 13.06
N SER B 284 50.78 -34.72 12.41
CA SER B 284 51.37 -34.27 11.16
C SER B 284 50.30 -34.23 10.07
N ASP B 285 50.69 -33.68 8.91
CA ASP B 285 49.76 -33.57 7.78
C ASP B 285 49.36 -34.93 7.23
N ARG B 286 49.95 -36.03 7.70
CA ARG B 286 49.51 -37.35 7.29
C ARG B 286 48.09 -37.62 7.76
N GLU B 287 47.80 -37.32 9.03
CA GLU B 287 46.43 -37.44 9.53
C GLU B 287 45.50 -36.43 8.89
N ILE B 288 46.03 -35.31 8.39
CA ILE B 288 45.20 -34.37 7.64
C ILE B 288 44.76 -34.99 6.31
N PHE B 289 45.67 -35.69 5.64
CA PHE B 289 45.31 -36.39 4.41
C PHE B 289 44.27 -37.47 4.66
N ASP B 290 44.29 -38.08 5.85
CA ASP B 290 43.29 -39.08 6.19
C ASP B 290 41.91 -38.48 6.34
N GLY B 291 41.81 -37.16 6.53
CA GLY B 291 40.52 -36.50 6.63
C GLY B 291 39.78 -36.34 5.32
N ILE B 292 40.30 -36.90 4.24
CA ILE B 292 39.67 -36.89 2.93
C ILE B 292 39.59 -38.34 2.45
N ILE B 293 39.09 -38.54 1.23
CA ILE B 293 38.94 -39.88 0.67
C ILE B 293 40.28 -40.61 0.72
N GLY B 294 40.32 -41.70 1.48
CA GLY B 294 41.54 -42.46 1.67
C GLY B 294 41.39 -43.92 1.32
N ASN B 295 40.14 -44.38 1.27
CA ASN B 295 39.88 -45.76 0.84
C ASN B 295 40.33 -45.97 -0.60
N ASP B 296 40.26 -44.94 -1.43
CA ASP B 296 40.75 -44.98 -2.80
C ASP B 296 41.44 -43.67 -3.11
N VAL B 297 42.33 -43.69 -4.10
CA VAL B 297 43.08 -42.52 -4.49
C VAL B 297 42.89 -42.26 -5.99
N LYS B 298 41.88 -42.90 -6.57
CA LYS B 298 41.60 -42.69 -7.99
C LYS B 298 40.84 -41.40 -8.24
N ASP B 299 40.01 -40.96 -7.29
CA ASP B 299 39.29 -39.70 -7.40
C ASP B 299 40.29 -38.58 -7.12
N SER B 300 41.01 -38.18 -8.17
CA SER B 300 42.11 -37.22 -8.02
C SER B 300 41.66 -35.78 -8.00
N PHE B 301 40.35 -35.50 -7.91
CA PHE B 301 39.90 -34.12 -7.80
C PHE B 301 40.03 -33.63 -6.37
N LEU B 302 39.36 -34.31 -5.43
CA LEU B 302 39.45 -33.93 -4.02
C LEU B 302 40.88 -34.09 -3.50
N THR B 303 41.62 -35.06 -4.04
CA THR B 303 43.00 -35.27 -3.62
C THR B 303 43.90 -34.14 -4.10
N ASP B 304 43.77 -33.76 -5.37
CA ASP B 304 44.66 -32.75 -5.94
C ASP B 304 44.48 -31.41 -5.24
N ARG B 305 43.23 -30.98 -5.03
CA ARG B 305 43.02 -29.71 -4.35
C ARG B 305 43.46 -29.77 -2.90
N LEU B 306 43.43 -30.96 -2.30
CA LEU B 306 44.02 -31.13 -0.96
C LEU B 306 45.53 -30.98 -1.02
N GLU B 307 46.16 -31.51 -2.07
CA GLU B 307 47.59 -31.31 -2.26
C GLU B 307 47.92 -29.82 -2.39
N LEU B 308 47.13 -29.10 -3.18
CA LEU B 308 47.29 -27.65 -3.25
C LEU B 308 47.00 -26.99 -1.90
N LEU B 309 46.15 -27.63 -1.08
CA LEU B 309 45.85 -27.10 0.24
C LEU B 309 46.99 -27.35 1.22
N LEU B 310 47.73 -28.44 1.05
CA LEU B 310 48.85 -28.73 1.95
C LEU B 310 50.07 -27.91 1.57
N ARG B 311 50.43 -27.88 0.29
CA ARG B 311 51.54 -27.02 -0.13
C ARG B 311 51.19 -25.55 -0.01
N GLY B 312 49.90 -25.21 -0.03
CA GLY B 312 49.48 -23.85 0.27
C GLY B 312 49.84 -23.40 1.66
N PHE B 313 50.15 -24.34 2.56
CA PHE B 313 50.55 -24.04 3.92
C PHE B 313 52.06 -24.17 4.12
N LYS B 314 52.68 -25.22 3.55
CA LYS B 314 54.13 -25.35 3.67
C LYS B 314 54.85 -24.26 2.91
N LYS B 315 54.30 -23.84 1.76
CA LYS B 315 54.84 -22.70 1.04
C LYS B 315 54.35 -21.37 1.59
N ARG B 316 53.36 -21.39 2.48
CA ARG B 316 52.95 -20.17 3.16
C ARG B 316 54.06 -19.70 4.10
N TYR B 317 54.55 -20.59 4.97
CA TYR B 317 55.72 -20.31 5.79
C TYR B 317 56.35 -21.63 6.18
N PRO B 318 57.68 -21.76 6.13
CA PRO B 318 58.32 -23.04 6.44
C PRO B 318 58.47 -23.32 7.93
N HIS B 319 58.41 -22.29 8.78
CA HIS B 319 58.61 -22.48 10.20
C HIS B 319 57.31 -22.97 10.85
N LEU B 320 57.26 -22.99 12.18
CA LEU B 320 56.10 -23.45 12.94
C LEU B 320 55.77 -24.91 12.62
N GLN B 321 56.80 -25.75 12.61
CA GLN B 321 56.65 -27.16 12.27
C GLN B 321 56.19 -28.02 13.43
N ASN B 322 55.88 -27.43 14.58
CA ASN B 322 55.52 -28.18 15.78
C ASN B 322 54.19 -27.69 16.33
N ARG B 323 53.41 -28.60 16.91
CA ARG B 323 52.12 -28.24 17.49
C ARG B 323 52.30 -27.25 18.63
N THR B 324 53.23 -27.54 19.54
CA THR B 324 53.49 -26.63 20.67
C THR B 324 54.26 -25.39 20.25
N GLN B 325 54.47 -25.19 18.95
CA GLN B 325 55.10 -23.99 18.42
C GLN B 325 54.13 -23.07 17.71
N VAL B 326 53.04 -23.60 17.15
CA VAL B 326 52.09 -22.76 16.43
C VAL B 326 51.17 -22.01 17.39
N LEU B 327 50.88 -22.59 18.56
CA LEU B 327 50.00 -21.93 19.51
C LEU B 327 50.57 -20.60 19.98
N GLN B 328 51.90 -20.48 20.07
CA GLN B 328 52.51 -19.20 20.39
C GLN B 328 52.17 -18.15 19.33
N TYR B 329 52.27 -18.53 18.06
CA TYR B 329 51.92 -17.61 16.98
C TYR B 329 50.45 -17.23 17.01
N LEU B 330 49.58 -18.13 17.47
CA LEU B 330 48.17 -17.79 17.64
C LEU B 330 47.98 -16.76 18.74
N GLY B 331 48.62 -16.99 19.90
CA GLY B 331 48.51 -16.05 21.00
C GLY B 331 49.05 -14.67 20.66
N ASP B 332 50.09 -14.60 19.84
CA ASP B 332 50.67 -13.31 19.46
C ASP B 332 49.67 -12.47 18.68
N LYS B 333 49.08 -13.06 17.63
CA LYS B 333 48.11 -12.34 16.82
C LYS B 333 46.80 -12.10 17.55
N PHE B 334 46.48 -12.92 18.55
CA PHE B 334 45.24 -12.79 19.32
C PHE B 334 45.52 -12.37 20.76
N ARG B 335 46.47 -11.44 20.94
CA ARG B 335 46.81 -10.96 22.27
C ARG B 335 45.91 -9.79 22.67
N VAL B 336 45.78 -8.79 21.79
CA VAL B 336 45.06 -7.56 22.15
C VAL B 336 43.56 -7.68 21.98
N VAL B 337 43.06 -8.74 21.35
CA VAL B 337 41.63 -8.87 21.13
C VAL B 337 40.93 -9.62 22.26
N PHE B 338 41.53 -10.71 22.73
CA PHE B 338 40.95 -11.49 23.82
C PHE B 338 41.12 -10.82 25.19
N GLN B 339 41.86 -9.72 25.26
CA GLN B 339 42.15 -8.99 26.50
C GLN B 339 42.93 -9.80 27.51
N ALA B 340 43.38 -11.00 27.13
CA ALA B 340 44.16 -11.85 28.03
C ALA B 340 45.61 -11.37 28.03
N SER B 341 46.03 -10.75 29.12
CA SER B 341 47.35 -10.15 29.24
C SER B 341 47.56 -9.73 30.70
N PRO B 342 48.83 -9.60 31.13
CA PRO B 342 50.06 -9.92 30.42
C PRO B 342 50.83 -11.10 31.01
N ASP B 343 50.16 -11.92 31.82
CA ASP B 343 50.84 -12.97 32.56
C ASP B 343 50.85 -14.30 31.81
N GLN B 344 49.67 -14.79 31.41
CA GLN B 344 49.58 -16.07 30.74
C GLN B 344 50.39 -16.08 29.46
N SER B 345 51.20 -17.12 29.29
CA SER B 345 52.11 -17.21 28.15
C SER B 345 51.32 -17.37 26.85
N ASP B 346 52.02 -17.18 25.74
CA ASP B 346 51.40 -17.33 24.43
C ASP B 346 50.97 -18.77 24.16
N LEU B 347 51.54 -19.75 24.88
CA LEU B 347 51.07 -21.11 24.78
C LEU B 347 49.74 -21.29 25.51
N GLU B 348 49.60 -20.64 26.68
CA GLU B 348 48.32 -20.68 27.39
C GLU B 348 47.25 -19.92 26.62
N VAL B 349 47.61 -18.80 26.00
CA VAL B 349 46.67 -18.05 25.19
C VAL B 349 46.33 -18.81 23.92
N GLY B 350 47.34 -19.45 23.31
CA GLY B 350 47.10 -20.23 22.11
C GLY B 350 46.19 -21.43 22.36
N GLN B 351 46.35 -22.06 23.53
CA GLN B 351 45.43 -23.12 23.91
C GLN B 351 44.06 -22.56 24.28
N GLU B 352 44.02 -21.36 24.87
CA GLU B 352 42.75 -20.75 25.24
C GLU B 352 41.93 -20.39 24.00
N VAL B 353 42.58 -19.90 22.95
CA VAL B 353 41.87 -19.52 21.73
C VAL B 353 41.11 -20.71 21.17
N LEU B 354 41.80 -21.84 20.97
CA LEU B 354 41.14 -23.04 20.50
C LEU B 354 40.09 -23.53 21.48
N ASP B 355 40.24 -23.20 22.76
CA ASP B 355 39.28 -23.58 23.78
C ASP B 355 38.05 -22.68 23.81
N ARG B 356 38.07 -21.57 23.08
CA ARG B 356 37.01 -20.57 23.16
C ARG B 356 36.16 -20.48 21.89
N ILE B 357 36.77 -20.51 20.71
CA ILE B 357 36.09 -20.11 19.48
C ILE B 357 35.67 -21.31 18.64
N VAL B 358 36.57 -22.24 18.38
CA VAL B 358 36.37 -23.23 17.33
C VAL B 358 35.73 -24.49 17.91
N LEU B 359 34.57 -24.85 17.36
CA LEU B 359 33.83 -26.10 17.65
C LEU B 359 33.92 -26.48 19.14
N VAL B 360 33.40 -25.59 19.97
CA VAL B 360 33.49 -25.71 21.43
C VAL B 360 32.61 -26.86 21.92
N HIS B 361 31.95 -27.55 20.99
CA HIS B 361 31.08 -28.68 21.34
C HIS B 361 31.77 -29.65 22.30
N LEU B 362 33.01 -30.04 21.98
CA LEU B 362 33.73 -31.00 22.81
C LEU B 362 34.24 -30.39 24.10
N GLY B 363 34.34 -29.06 24.18
CA GLY B 363 34.80 -28.40 25.38
C GLY B 363 36.24 -28.74 25.75
N LYS B 364 36.57 -28.47 27.00
CA LYS B 364 37.92 -28.69 27.49
C LYS B 364 38.25 -30.18 27.55
N ASP B 365 39.52 -30.50 27.34
CA ASP B 365 40.03 -31.87 27.38
C ASP B 365 39.25 -32.77 26.43
N GLY B 366 39.15 -32.34 25.18
CA GLY B 366 38.44 -33.10 24.17
C GLY B 366 39.11 -33.09 22.82
N SER B 367 40.41 -32.81 22.80
CA SER B 367 41.13 -32.67 21.53
C SER B 367 41.15 -33.95 20.72
N GLN B 368 40.80 -35.09 21.34
CA GLN B 368 40.78 -36.35 20.62
C GLN B 368 39.74 -36.32 19.51
N ASP B 369 38.53 -35.85 19.81
CA ASP B 369 37.50 -35.69 18.80
C ASP B 369 37.31 -34.25 18.35
N LYS B 370 37.77 -33.28 19.15
CA LYS B 370 37.81 -31.90 18.70
C LYS B 370 38.57 -31.78 17.39
N PHE B 371 39.65 -32.56 17.25
CA PHE B 371 40.39 -32.62 16.00
C PHE B 371 39.53 -33.20 14.88
N ARG B 372 38.95 -34.38 15.10
CA ARG B 372 38.26 -35.12 14.04
C ARG B 372 37.00 -34.43 13.54
N MET B 373 36.39 -33.55 14.35
CA MET B 373 35.13 -32.93 13.96
C MET B 373 35.30 -32.03 12.75
N LEU B 374 36.15 -31.00 12.86
CA LEU B 374 36.42 -30.14 11.71
C LEU B 374 37.32 -30.84 10.70
N LEU B 375 38.07 -31.84 11.15
CA LEU B 375 38.82 -32.69 10.21
C LEU B 375 37.88 -33.43 9.27
N PHE B 376 36.65 -33.67 9.71
CA PHE B 376 35.61 -34.20 8.84
C PHE B 376 34.86 -33.10 8.11
N MET B 377 34.82 -31.89 8.67
CA MET B 377 34.09 -30.79 8.04
C MET B 377 34.73 -30.41 6.71
N ILE B 378 36.06 -30.42 6.63
CA ILE B 378 36.76 -30.06 5.42
C ILE B 378 36.66 -31.19 4.40
N ARG B 379 36.04 -32.30 4.80
CA ARG B 379 35.72 -33.37 3.86
C ARG B 379 34.35 -33.19 3.24
N LYS B 380 33.34 -32.85 4.07
CA LYS B 380 32.02 -32.59 3.53
C LYS B 380 32.01 -31.33 2.66
N LEU B 381 32.91 -30.40 2.92
CA LEU B 381 33.03 -29.21 2.08
C LEU B 381 33.41 -29.60 0.65
N TYR B 382 34.36 -30.53 0.51
CA TYR B 382 34.74 -30.99 -0.81
C TYR B 382 33.68 -31.90 -1.40
N SER B 383 32.90 -32.58 -0.55
CA SER B 383 31.82 -33.43 -1.04
C SER B 383 30.70 -32.61 -1.64
N LEU B 384 30.58 -31.33 -1.26
CA LEU B 384 29.57 -30.46 -1.84
C LEU B 384 30.11 -29.62 -2.99
N VAL B 385 31.38 -29.20 -2.91
CA VAL B 385 31.98 -28.43 -3.99
C VAL B 385 32.04 -29.26 -5.27
N ALA B 386 32.43 -30.53 -5.16
CA ALA B 386 32.50 -31.40 -6.32
C ALA B 386 31.14 -31.86 -6.82
N GLY B 387 30.06 -31.52 -6.11
CA GLY B 387 28.72 -31.77 -6.60
C GLY B 387 28.05 -33.05 -6.11
N GLU B 388 28.68 -33.79 -5.20
CA GLU B 388 28.07 -35.00 -4.68
C GLU B 388 26.96 -34.71 -3.67
N CYS B 389 26.98 -33.56 -3.03
CA CYS B 389 25.97 -33.19 -2.05
C CYS B 389 25.03 -32.13 -2.61
N SER B 390 23.86 -32.00 -1.97
CA SER B 390 22.85 -31.03 -2.39
C SER B 390 22.93 -29.77 -1.54
N PRO B 391 22.73 -28.60 -2.16
CA PRO B 391 22.81 -27.33 -1.41
C PRO B 391 21.62 -27.21 -0.45
N ASP B 392 21.92 -27.22 0.84
CA ASP B 392 20.89 -27.09 1.86
C ASP B 392 20.42 -25.65 1.96
N ASN B 393 19.15 -25.48 2.36
CA ASN B 393 18.58 -24.16 2.54
C ASN B 393 18.34 -23.87 4.02
N PRO B 394 18.64 -22.66 4.49
CA PRO B 394 18.42 -22.33 5.90
C PRO B 394 16.96 -22.10 6.27
N ASP B 395 16.03 -22.28 5.34
CA ASP B 395 14.61 -22.09 5.61
C ASP B 395 13.89 -23.39 5.96
N ALA B 396 14.50 -24.54 5.68
CA ALA B 396 13.85 -25.81 5.98
C ALA B 396 13.81 -26.05 7.49
N THR B 397 12.69 -26.62 7.96
CA THR B 397 12.52 -26.85 9.38
C THR B 397 13.49 -27.89 9.93
N GLN B 398 14.04 -28.76 9.08
CA GLN B 398 15.01 -29.75 9.52
C GLN B 398 16.31 -29.13 9.99
N HIS B 399 16.54 -27.85 9.70
CA HIS B 399 17.75 -27.13 10.10
C HIS B 399 17.40 -25.88 10.88
N GLN B 400 16.48 -26.02 11.85
CA GLN B 400 15.98 -24.90 12.60
C GLN B 400 16.02 -25.19 14.10
N GLU B 401 16.43 -24.19 14.87
CA GLU B 401 16.43 -24.25 16.33
C GLU B 401 15.53 -23.16 16.87
N VAL B 402 14.72 -23.50 17.87
CA VAL B 402 13.72 -22.60 18.42
C VAL B 402 14.20 -22.14 19.80
N LEU B 403 14.65 -20.89 19.88
CA LEU B 403 15.04 -20.30 21.15
C LEU B 403 13.79 -20.01 21.97
N LEU B 404 13.63 -20.71 23.09
CA LEU B 404 12.41 -20.63 23.89
C LEU B 404 12.37 -19.40 24.79
N GLY B 405 13.40 -18.57 24.80
CA GLY B 405 13.51 -17.52 25.78
C GLY B 405 13.97 -18.07 27.12
N GLY B 406 14.37 -17.17 28.00
CA GLY B 406 14.95 -17.60 29.27
C GLY B 406 16.38 -18.07 29.14
N PHE B 407 16.66 -18.96 28.18
CA PHE B 407 18.05 -19.28 27.86
C PHE B 407 18.78 -18.06 27.35
N LEU B 408 18.12 -17.26 26.51
CA LEU B 408 18.69 -15.97 26.11
C LEU B 408 18.75 -15.01 27.29
N TYR B 409 17.79 -15.11 28.21
CA TYR B 409 17.85 -14.32 29.45
C TYR B 409 19.07 -14.71 30.27
N GLY B 410 19.43 -16.00 30.27
CA GLY B 410 20.64 -16.43 30.94
C GLY B 410 21.90 -16.04 30.19
N MET B 411 21.85 -16.04 28.86
CA MET B 411 22.99 -15.58 28.07
C MET B 411 23.25 -14.10 28.27
N ILE B 412 22.20 -13.33 28.59
CA ILE B 412 22.39 -11.92 28.90
C ILE B 412 22.98 -11.76 30.29
N LEU B 413 22.44 -12.48 31.28
CA LEU B 413 22.99 -12.44 32.62
C LEU B 413 24.44 -12.89 32.64
N LYS B 414 24.78 -13.90 31.84
CA LYS B 414 26.15 -14.38 31.78
C LYS B 414 27.10 -13.30 31.28
N GLU B 415 26.60 -12.36 30.48
CA GLU B 415 27.43 -11.27 29.98
C GLU B 415 27.32 -10.02 30.84
N LYS B 416 26.17 -9.78 31.47
CA LYS B 416 26.04 -8.64 32.37
C LYS B 416 26.88 -8.81 33.62
N ILE B 417 27.15 -10.06 34.04
CA ILE B 417 28.07 -10.26 35.14
C ILE B 417 29.52 -10.10 34.66
N ASP B 418 29.78 -10.36 33.39
CA ASP B 418 31.11 -10.07 32.83
C ASP B 418 31.37 -8.57 32.82
N GLU B 419 30.32 -7.76 32.67
CA GLU B 419 30.46 -6.33 32.86
C GLU B 419 30.97 -6.00 34.26
N TYR B 420 30.51 -6.73 35.26
CA TYR B 420 30.96 -6.52 36.64
C TYR B 420 32.40 -6.99 36.83
N LEU B 421 32.72 -8.18 36.32
CA LEU B 421 34.09 -8.70 36.48
C LEU B 421 35.10 -7.88 35.72
N GLN B 422 34.68 -7.26 34.61
CA GLN B 422 35.59 -6.41 33.85
C GLN B 422 35.58 -4.97 34.36
N ASN B 423 34.51 -4.55 35.04
CA ASN B 423 34.47 -3.20 35.59
C ASN B 423 35.41 -3.06 36.78
N ILE B 424 35.48 -4.09 37.62
CA ILE B 424 36.40 -4.04 38.75
C ILE B 424 37.84 -4.14 38.28
N ILE B 425 38.08 -4.78 37.13
CA ILE B 425 39.41 -4.74 36.53
C ILE B 425 39.69 -3.36 35.96
N ALA B 426 38.69 -2.74 35.32
CA ALA B 426 38.82 -1.35 34.91
C ALA B 426 38.94 -0.43 36.11
N GLN B 427 38.56 -0.89 37.31
CA GLN B 427 38.68 -0.06 38.51
C GLN B 427 40.07 -0.11 39.09
N VAL B 428 40.69 -1.29 39.16
CA VAL B 428 42.05 -1.38 39.65
C VAL B 428 43.03 -0.78 38.66
N ARG B 429 42.71 -0.84 37.36
CA ARG B 429 43.56 -0.18 36.36
C ARG B 429 43.41 1.33 36.45
N MET B 430 42.19 1.82 36.69
CA MET B 430 42.00 3.25 36.90
C MET B 430 42.55 3.69 38.24
N ASP B 431 42.60 2.78 39.22
CA ASP B 431 43.15 3.13 40.52
C ASP B 431 44.68 3.24 40.45
N ILE B 432 45.32 2.27 39.81
CA ILE B 432 46.77 2.34 39.64
C ILE B 432 47.16 3.43 38.66
N ASN B 433 46.23 3.88 37.81
CA ASN B 433 46.51 5.00 36.92
C ASN B 433 46.68 6.29 37.72
N ARG B 434 45.81 6.51 38.71
CA ARG B 434 45.95 7.67 39.58
C ARG B 434 47.11 7.53 40.56
N GLY B 435 47.61 6.32 40.76
CA GLY B 435 48.67 6.09 41.71
C GLY B 435 48.17 6.03 43.14
N MET B 436 49.13 5.86 44.06
CA MET B 436 48.85 5.77 45.50
C MET B 436 47.86 4.63 45.80
N ALA B 437 48.19 3.44 45.31
CA ALA B 437 47.36 2.26 45.52
C ALA B 437 47.95 1.43 46.66
N ILE B 438 47.19 1.29 47.74
CA ILE B 438 47.62 0.52 48.90
C ILE B 438 47.44 -0.98 48.64
N ASN B 439 47.97 -1.81 49.53
CA ASN B 439 48.02 -3.24 49.31
C ASN B 439 46.63 -3.85 49.23
N PHE B 440 46.59 -5.15 48.92
CA PHE B 440 45.35 -5.84 48.59
C PHE B 440 44.75 -6.61 49.76
N LYS B 441 45.59 -7.13 50.66
CA LYS B 441 45.10 -7.93 51.79
C LYS B 441 44.31 -7.10 52.80
N ASP B 442 44.22 -5.79 52.62
CA ASP B 442 43.48 -4.94 53.53
C ASP B 442 41.98 -5.05 53.22
N LYS B 443 41.18 -5.28 54.25
CA LYS B 443 39.73 -5.34 54.07
C LYS B 443 39.16 -3.98 53.68
N ARG B 444 39.88 -2.89 53.95
CA ARG B 444 39.47 -1.59 53.43
C ARG B 444 39.66 -1.52 51.92
N TYR B 445 40.72 -2.15 51.42
CA TYR B 445 40.95 -2.20 49.97
C TYR B 445 39.82 -2.96 49.27
N MET B 446 39.34 -4.04 49.88
CA MET B 446 38.27 -4.82 49.28
C MET B 446 37.01 -3.98 49.09
N SER B 447 36.56 -3.30 50.15
CA SER B 447 35.36 -2.50 50.06
C SER B 447 35.55 -1.26 49.22
N ARG B 448 36.76 -0.68 49.24
CA ARG B 448 37.01 0.54 48.48
C ARG B 448 36.94 0.28 46.97
N VAL B 449 37.64 -0.75 46.50
CA VAL B 449 37.68 -1.01 45.05
C VAL B 449 36.34 -1.54 44.55
N LEU B 450 35.52 -2.11 45.45
CA LEU B 450 34.27 -2.74 45.03
C LEU B 450 33.08 -1.78 45.13
N MET B 451 33.06 -0.89 46.12
CA MET B 451 31.94 0.04 46.25
C MET B 451 31.98 1.16 45.23
N ARG B 452 33.12 1.42 44.61
CA ARG B 452 33.28 2.51 43.66
C ARG B 452 32.93 2.09 42.23
N VAL B 453 32.29 0.94 42.05
CA VAL B 453 31.79 0.51 40.76
C VAL B 453 30.32 0.16 40.90
N ASN B 454 29.60 0.20 39.78
CA ASN B 454 28.19 -0.14 39.76
C ASN B 454 28.01 -1.65 39.67
N GLU B 455 27.19 -2.20 40.57
CA GLU B 455 26.92 -3.64 40.58
C GLU B 455 25.43 -3.95 40.54
N ASN B 456 24.59 -2.96 40.24
CA ASN B 456 23.14 -3.15 40.17
C ASN B 456 22.78 -3.53 38.74
N ILE B 457 22.85 -4.83 38.45
CA ILE B 457 22.50 -5.32 37.12
C ILE B 457 20.99 -5.50 36.94
N GLY B 458 20.23 -5.52 38.03
CA GLY B 458 18.78 -5.62 37.91
C GLY B 458 18.17 -4.46 37.15
N SER B 459 18.66 -3.24 37.40
CA SER B 459 18.17 -2.09 36.67
C SER B 459 18.53 -2.15 35.20
N LYS B 460 19.64 -2.83 34.86
CA LYS B 460 20.01 -3.00 33.46
C LYS B 460 19.19 -4.09 32.79
N MET B 461 18.73 -5.08 33.56
CA MET B 461 17.83 -6.09 33.00
C MET B 461 16.44 -5.52 32.78
N GLN B 462 16.03 -4.55 33.61
CA GLN B 462 14.77 -3.85 33.37
C GLN B 462 14.83 -3.06 32.06
N TYR B 463 16.00 -2.53 31.71
CA TYR B 463 16.16 -1.87 30.42
C TYR B 463 16.05 -2.87 29.28
N PHE B 464 16.52 -4.10 29.49
CA PHE B 464 16.34 -5.15 28.48
C PHE B 464 14.88 -5.51 28.30
N LEU B 465 14.07 -5.34 29.34
CA LEU B 465 12.63 -5.59 29.28
C LEU B 465 11.82 -4.31 29.18
N SER B 466 12.46 -3.20 28.80
CA SER B 466 11.78 -1.93 28.61
C SER B 466 11.46 -1.65 27.15
N THR B 467 12.45 -1.78 26.27
CA THR B 467 12.25 -1.60 24.84
C THR B 467 12.55 -2.84 24.01
N GLY B 468 13.30 -3.81 24.54
CA GLY B 468 13.59 -5.04 23.84
C GLY B 468 14.96 -5.14 23.21
N ASN B 469 15.75 -4.07 23.26
CA ASN B 469 17.09 -4.06 22.69
C ASN B 469 18.13 -4.35 23.78
N LEU B 470 19.11 -5.17 23.44
CA LEU B 470 20.17 -5.54 24.37
C LEU B 470 21.43 -4.72 24.12
N VAL B 471 22.22 -4.55 25.17
CA VAL B 471 23.52 -3.87 25.09
C VAL B 471 24.52 -4.82 25.73
N SER B 472 25.33 -5.48 24.89
CA SER B 472 26.27 -6.48 25.34
C SER B 472 27.66 -6.19 24.81
N GLN B 473 28.68 -6.68 25.53
CA GLN B 473 30.05 -6.53 25.06
C GLN B 473 30.29 -7.40 23.82
N SER B 474 29.95 -8.68 23.91
CA SER B 474 29.98 -9.55 22.74
C SER B 474 28.86 -9.24 21.76
N GLY B 475 27.88 -8.44 22.16
CA GLY B 475 26.76 -8.06 21.32
C GLY B 475 25.74 -9.17 21.17
N LEU B 476 26.07 -10.20 20.40
CA LEU B 476 25.22 -11.35 20.17
C LEU B 476 25.96 -12.31 19.25
N ASP B 477 25.35 -13.48 19.03
CA ASP B 477 25.85 -14.45 18.06
C ASP B 477 25.04 -14.45 16.77
N LEU B 478 23.74 -14.23 16.86
CA LEU B 478 22.88 -14.17 15.68
C LEU B 478 22.87 -12.73 15.15
N GLN B 479 21.96 -12.46 14.20
CA GLN B 479 21.94 -11.18 13.50
C GLN B 479 20.98 -10.17 14.11
N GLN B 480 20.02 -10.60 14.90
CA GLN B 480 19.02 -9.68 15.45
C GLN B 480 19.66 -8.72 16.44
N VAL B 481 19.11 -7.51 16.51
CA VAL B 481 19.59 -6.50 17.44
C VAL B 481 18.50 -5.93 18.34
N SER B 482 17.23 -5.99 17.96
CA SER B 482 16.15 -5.45 18.78
C SER B 482 14.88 -6.25 18.50
N GLY B 483 13.77 -5.79 19.08
CA GLY B 483 12.50 -6.45 18.91
C GLY B 483 12.46 -7.86 19.48
N TYR B 484 12.68 -7.98 20.80
CA TYR B 484 12.67 -9.27 21.47
C TYR B 484 11.50 -9.46 22.43
N THR B 485 10.98 -8.38 23.01
CA THR B 485 9.96 -8.46 24.04
C THR B 485 8.69 -7.79 23.53
N VAL B 486 7.60 -8.57 23.48
CA VAL B 486 6.31 -8.07 23.05
C VAL B 486 5.41 -7.88 24.26
N VAL B 487 4.51 -6.91 24.17
CA VAL B 487 3.54 -6.67 25.23
C VAL B 487 2.48 -7.76 25.21
N ALA B 488 2.18 -8.33 26.38
CA ALA B 488 1.18 -9.39 26.48
C ALA B 488 -0.18 -8.75 26.74
N GLU B 489 -0.85 -8.37 25.65
CA GLU B 489 -2.16 -7.75 25.75
C GLU B 489 -3.19 -8.77 26.23
N LYS B 490 -4.11 -8.30 27.06
CA LYS B 490 -5.20 -9.12 27.60
C LYS B 490 -6.51 -8.86 26.87
N ILE B 491 -6.44 -8.65 25.56
CA ILE B 491 -7.64 -8.40 24.77
C ILE B 491 -8.60 -9.57 24.87
N ASN B 492 -8.09 -10.79 24.78
CA ASN B 492 -8.91 -12.00 24.86
C ASN B 492 -8.01 -13.14 25.33
N PHE B 493 -8.54 -14.37 25.27
CA PHE B 493 -7.72 -15.53 25.55
C PHE B 493 -6.93 -15.97 24.32
N TYR B 494 -7.42 -15.66 23.13
CA TYR B 494 -6.71 -16.02 21.90
C TYR B 494 -5.35 -15.31 21.82
N ARG B 495 -5.36 -13.99 22.00
CA ARG B 495 -4.12 -13.23 21.89
C ARG B 495 -3.15 -13.56 23.01
N PHE B 496 -3.66 -13.91 24.19
CA PHE B 496 -2.79 -14.21 25.32
C PHE B 496 -2.18 -15.60 25.20
N ILE B 497 -2.90 -16.56 24.62
CA ILE B 497 -2.34 -17.89 24.42
C ILE B 497 -1.48 -17.95 23.16
N SER B 498 -1.68 -17.03 22.21
CA SER B 498 -0.86 -17.01 21.01
C SER B 498 0.51 -16.39 21.26
N HIS B 499 0.60 -15.47 22.22
CA HIS B 499 1.90 -14.90 22.57
C HIS B 499 2.86 -15.96 23.08
N PHE B 500 2.35 -16.96 23.78
CA PHE B 500 3.15 -18.11 24.21
C PHE B 500 3.29 -19.16 23.12
N ARG B 501 2.86 -18.85 21.89
CA ARG B 501 2.92 -19.77 20.78
C ARG B 501 3.54 -19.17 19.53
N MET B 502 3.76 -17.85 19.49
CA MET B 502 4.36 -17.22 18.32
C MET B 502 5.74 -17.80 18.03
N VAL B 503 6.13 -17.74 16.76
CA VAL B 503 7.49 -18.10 16.33
C VAL B 503 7.90 -17.07 15.27
N HIS B 504 8.98 -16.34 15.53
CA HIS B 504 9.44 -15.28 14.64
C HIS B 504 10.68 -15.74 13.90
N ARG B 505 10.70 -15.52 12.58
CA ARG B 505 11.84 -15.95 11.77
C ARG B 505 13.04 -15.04 11.97
N GLY B 506 12.80 -13.74 12.14
CA GLY B 506 13.88 -12.79 12.33
C GLY B 506 13.75 -11.56 11.48
N SER B 507 13.97 -10.38 12.07
CA SER B 507 13.90 -9.14 11.32
C SER B 507 14.99 -9.02 10.27
N PHE B 508 16.10 -9.74 10.44
CA PHE B 508 17.15 -9.73 9.43
C PHE B 508 16.68 -10.38 8.13
N PHE B 509 15.84 -11.41 8.23
CA PHE B 509 15.26 -12.03 7.07
C PHE B 509 13.98 -11.35 6.62
N ALA B 510 13.34 -10.57 7.49
CA ALA B 510 12.17 -9.80 7.09
C ALA B 510 12.53 -8.60 6.23
N GLN B 511 13.78 -8.13 6.31
CA GLN B 511 14.20 -7.01 5.48
C GLN B 511 14.34 -7.42 4.01
N LEU B 512 14.68 -8.68 3.75
CA LEU B 512 14.82 -9.16 2.39
C LEU B 512 13.49 -9.10 1.65
N LYS B 513 13.50 -8.55 0.45
CA LYS B 513 12.29 -8.42 -0.34
C LYS B 513 11.88 -9.71 -1.04
N THR B 514 12.74 -10.72 -1.03
CA THR B 514 12.40 -12.00 -1.64
C THR B 514 11.32 -12.72 -0.83
N THR B 515 10.66 -13.68 -1.47
CA THR B 515 9.58 -14.43 -0.85
C THR B 515 9.88 -15.91 -0.73
N THR B 516 11.11 -16.33 -1.02
CA THR B 516 11.47 -17.74 -0.89
C THR B 516 11.56 -18.18 0.57
N VAL B 517 11.81 -17.24 1.48
CA VAL B 517 11.86 -17.57 2.91
C VAL B 517 10.46 -17.59 3.49
N ARG B 518 9.56 -16.76 2.99
CA ARG B 518 8.21 -16.68 3.52
C ARG B 518 7.31 -17.82 3.04
N LYS B 519 7.66 -18.46 1.92
CA LYS B 519 6.83 -19.52 1.38
C LYS B 519 6.81 -20.74 2.32
N LEU B 520 5.64 -21.34 2.46
CA LEU B 520 5.49 -22.48 3.36
C LEU B 520 6.10 -23.72 2.73
N LEU B 521 6.78 -24.52 3.56
CA LEU B 521 7.45 -25.73 3.12
C LEU B 521 6.72 -26.96 3.65
N PRO B 522 6.57 -28.01 2.83
CA PRO B 522 5.86 -29.21 3.32
C PRO B 522 6.53 -29.89 4.49
N GLU B 523 7.81 -29.58 4.78
CA GLU B 523 8.47 -30.16 5.94
C GLU B 523 7.93 -29.59 7.25
N SER B 524 7.19 -28.49 7.20
CA SER B 524 6.49 -27.92 8.35
C SER B 524 5.23 -28.70 8.72
N TRP B 525 5.04 -29.85 8.08
CA TRP B 525 3.87 -30.69 8.33
C TRP B 525 3.82 -31.12 9.79
N GLY B 526 2.76 -30.68 10.48
CA GLY B 526 2.54 -31.07 11.86
C GLY B 526 3.12 -30.13 12.90
N PHE B 527 4.07 -29.27 12.52
CA PHE B 527 4.71 -28.37 13.46
C PHE B 527 4.13 -26.96 13.39
N LEU B 528 4.19 -26.33 12.22
CA LEU B 528 3.69 -24.97 12.02
C LEU B 528 2.60 -25.04 10.95
N CYS B 529 1.35 -25.07 11.40
CA CYS B 529 0.23 -25.22 10.48
C CYS B 529 0.16 -24.00 9.55
N PRO B 530 -0.17 -24.20 8.28
CA PRO B 530 -0.31 -23.07 7.35
C PRO B 530 -1.63 -22.34 7.42
N VAL B 531 -2.42 -22.56 8.48
CA VAL B 531 -3.73 -21.92 8.63
C VAL B 531 -3.74 -20.91 9.77
N HIS B 532 -2.59 -20.63 10.38
CA HIS B 532 -2.48 -19.71 11.51
C HIS B 532 -1.30 -18.78 11.25
N THR B 533 -1.58 -17.65 10.59
CA THR B 533 -0.55 -16.65 10.29
C THR B 533 -1.23 -15.31 10.01
N PRO B 534 -0.81 -14.24 10.67
CA PRO B 534 -1.43 -12.93 10.42
C PRO B 534 -1.06 -12.40 9.04
N ASP B 535 -2.04 -11.75 8.40
CA ASP B 535 -1.82 -11.17 7.09
C ASP B 535 -0.98 -9.90 7.19
N GLY B 536 -0.61 -9.36 6.04
CA GLY B 536 0.19 -8.15 6.00
C GLY B 536 1.66 -8.41 5.72
N SER B 537 2.52 -7.52 6.22
CA SER B 537 3.95 -7.65 6.05
C SER B 537 4.53 -8.86 6.81
N PRO B 538 4.14 -9.11 8.08
CA PRO B 538 4.70 -10.26 8.79
C PRO B 538 4.13 -11.60 8.32
N CYS B 539 3.34 -11.59 7.24
CA CYS B 539 2.78 -12.83 6.72
C CYS B 539 3.88 -13.75 6.22
N GLY B 540 3.91 -14.97 6.75
CA GLY B 540 4.88 -15.96 6.37
C GLY B 540 6.07 -16.08 7.31
N LEU B 541 6.16 -15.21 8.31
CA LEU B 541 7.25 -15.23 9.28
C LEU B 541 6.77 -15.39 10.72
N LEU B 542 5.67 -14.73 11.08
CA LEU B 542 5.11 -14.82 12.43
C LEU B 542 4.08 -15.95 12.43
N ASN B 543 4.60 -17.17 12.49
CA ASN B 543 3.79 -18.38 12.51
C ASN B 543 3.89 -19.03 13.89
N HIS B 544 2.93 -19.91 14.19
CA HIS B 544 2.85 -20.54 15.49
C HIS B 544 3.07 -22.05 15.38
N PHE B 545 3.19 -22.69 16.55
CA PHE B 545 3.35 -24.13 16.63
C PHE B 545 1.97 -24.82 16.64
N ALA B 546 2.00 -26.14 16.65
CA ALA B 546 0.78 -26.94 16.72
C ALA B 546 0.47 -27.27 18.18
N HIS B 547 -0.48 -28.18 18.40
CA HIS B 547 -0.85 -28.56 19.76
C HIS B 547 0.26 -29.37 20.43
N LYS B 548 0.59 -30.52 19.85
CA LYS B 548 1.52 -31.46 20.44
C LYS B 548 2.97 -31.18 20.05
N CYS B 549 3.27 -29.98 19.56
CA CYS B 549 4.64 -29.62 19.19
C CYS B 549 5.39 -29.19 20.45
N ARG B 550 5.76 -30.17 21.26
CA ARG B 550 6.48 -29.92 22.48
C ARG B 550 7.94 -29.58 22.18
N ILE B 551 8.61 -29.01 23.18
CA ILE B 551 10.02 -28.63 23.09
C ILE B 551 10.77 -29.33 24.21
N SER B 552 11.82 -30.07 23.85
CA SER B 552 12.64 -30.73 24.86
C SER B 552 13.39 -29.70 25.68
N THR B 553 13.47 -29.93 27.00
CA THR B 553 14.11 -29.00 27.91
C THR B 553 15.59 -29.30 28.11
N GLN B 554 15.90 -30.52 28.56
CA GLN B 554 17.27 -30.88 28.88
C GLN B 554 17.47 -32.36 28.67
N GLN B 555 18.58 -32.73 28.02
CA GLN B 555 18.90 -34.12 27.79
C GLN B 555 19.35 -34.79 29.09
N SER B 556 19.36 -36.12 29.08
CA SER B 556 19.74 -36.88 30.26
C SER B 556 20.20 -38.27 29.83
N ASP B 557 21.25 -38.76 30.50
CA ASP B 557 21.80 -40.09 30.26
C ASP B 557 22.22 -40.27 28.80
N VAL B 558 23.04 -39.33 28.33
CA VAL B 558 23.56 -39.39 26.96
C VAL B 558 24.85 -40.22 26.88
N SER B 559 25.58 -40.35 27.98
CA SER B 559 26.87 -41.04 27.97
C SER B 559 26.76 -42.53 27.69
N ARG B 560 25.57 -43.12 27.79
CA ARG B 560 25.39 -44.54 27.51
C ARG B 560 24.86 -44.81 26.10
N ILE B 561 24.34 -43.80 25.40
CA ILE B 561 23.93 -43.98 24.01
C ILE B 561 25.08 -44.49 23.14
N PRO B 562 26.30 -43.92 23.21
CA PRO B 562 27.40 -44.52 22.44
C PRO B 562 27.74 -45.93 22.88
N SER B 563 27.63 -46.21 24.19
CA SER B 563 27.86 -47.58 24.68
C SER B 563 26.91 -48.59 24.03
N ILE B 564 25.75 -48.13 23.56
CA ILE B 564 24.87 -49.01 22.79
C ILE B 564 25.28 -49.04 21.33
N LEU B 565 25.70 -47.89 20.79
CA LEU B 565 26.07 -47.82 19.38
C LEU B 565 27.28 -48.69 19.07
N TYR B 566 28.33 -48.58 19.88
CA TYR B 566 29.53 -49.39 19.64
C TYR B 566 29.25 -50.88 19.77
N SER B 567 28.23 -51.24 20.57
CA SER B 567 27.83 -52.64 20.66
C SER B 567 27.06 -53.10 19.43
N LEU B 568 26.26 -52.21 18.83
CA LEU B 568 25.45 -52.52 17.65
C LEU B 568 26.26 -52.63 16.37
N GLY B 569 27.59 -52.55 16.42
CA GLY B 569 28.42 -52.67 15.23
C GLY B 569 29.11 -51.40 14.82
N VAL B 570 28.79 -50.26 15.41
CA VAL B 570 29.44 -49.01 15.07
C VAL B 570 30.90 -49.06 15.53
N ALA B 571 31.82 -49.00 14.58
CA ALA B 571 33.23 -49.06 14.91
C ALA B 571 33.67 -47.75 15.56
N PRO B 572 34.69 -47.79 16.43
CA PRO B 572 35.20 -46.56 17.03
C PRO B 572 35.81 -45.63 15.98
N ALA B 573 35.40 -44.37 16.01
CA ALA B 573 35.86 -43.39 15.03
C ALA B 573 37.34 -43.02 15.18
N SER B 574 38.05 -43.62 16.13
CA SER B 574 39.46 -43.30 16.30
C SER B 574 40.33 -43.94 15.23
N HIS B 575 39.92 -45.09 14.70
CA HIS B 575 40.71 -45.82 13.70
C HIS B 575 39.81 -46.34 12.59
N THR B 576 38.87 -45.53 12.13
CA THR B 576 38.01 -45.90 11.02
C THR B 576 38.46 -45.33 9.68
N PHE B 577 39.23 -44.24 9.69
CA PHE B 577 39.78 -43.57 8.51
C PHE B 577 38.77 -43.49 7.35
N ALA B 578 37.51 -43.23 7.67
CA ALA B 578 36.46 -43.12 6.67
C ALA B 578 36.19 -41.65 6.35
N ALA B 579 35.71 -41.41 5.13
CA ALA B 579 35.43 -40.05 4.69
C ALA B 579 34.45 -40.10 3.52
N GLY B 580 33.62 -39.06 3.43
CA GLY B 580 32.67 -38.93 2.35
C GLY B 580 31.46 -39.81 2.51
N PRO B 581 30.60 -39.85 1.48
CA PRO B 581 29.40 -40.68 1.53
C PRO B 581 29.65 -42.18 1.41
N SER B 582 30.91 -42.62 1.39
CA SER B 582 31.19 -44.04 1.29
C SER B 582 30.72 -44.79 2.53
N LEU B 583 30.81 -44.16 3.70
CA LEU B 583 30.32 -44.73 4.94
C LEU B 583 29.39 -43.74 5.62
N CYS B 584 28.39 -44.27 6.32
CA CYS B 584 27.44 -43.44 7.04
C CYS B 584 28.06 -42.93 8.33
N CYS B 585 27.69 -41.71 8.71
CA CYS B 585 28.28 -41.03 9.87
C CYS B 585 27.29 -41.10 11.02
N VAL B 586 27.42 -42.14 11.85
CA VAL B 586 26.64 -42.26 13.07
C VAL B 586 27.23 -41.28 14.10
N GLN B 587 26.43 -40.31 14.52
CA GLN B 587 26.94 -39.27 15.40
C GLN B 587 25.83 -38.72 16.29
N ILE B 588 26.16 -38.52 17.56
CA ILE B 588 25.31 -37.79 18.50
C ILE B 588 25.49 -36.32 18.21
N ASP B 589 24.62 -35.47 18.77
CA ASP B 589 24.70 -34.03 18.51
C ASP B 589 26.08 -33.50 18.88
N GLY B 590 26.81 -33.01 17.88
CA GLY B 590 28.16 -32.55 18.07
C GLY B 590 29.19 -33.66 18.12
N LYS B 591 29.02 -34.60 19.04
CA LYS B 591 29.97 -35.70 19.25
C LYS B 591 29.74 -36.77 18.18
N ILE B 592 30.72 -36.94 17.30
CA ILE B 592 30.66 -37.99 16.29
C ILE B 592 31.07 -39.31 16.93
N ILE B 593 30.36 -40.39 16.59
CA ILE B 593 30.55 -41.67 17.24
C ILE B 593 31.45 -42.58 16.42
N GLY B 594 31.05 -42.87 15.19
CA GLY B 594 31.82 -43.80 14.38
C GLY B 594 31.34 -43.84 12.95
N TRP B 595 31.96 -44.74 12.19
CA TRP B 595 31.67 -44.92 10.77
C TRP B 595 31.42 -46.39 10.49
N VAL B 596 30.32 -46.69 9.81
CA VAL B 596 29.94 -48.05 9.46
C VAL B 596 29.23 -48.03 8.11
N SER B 597 28.98 -49.22 7.57
CA SER B 597 28.39 -49.33 6.24
C SER B 597 26.96 -48.81 6.23
N HIS B 598 26.41 -48.69 5.01
CA HIS B 598 25.07 -48.15 4.83
C HIS B 598 24.00 -49.18 5.14
N GLU B 599 24.24 -50.44 4.76
CA GLU B 599 23.27 -51.50 5.04
C GLU B 599 23.01 -51.63 6.53
N GLN B 600 24.07 -51.55 7.33
CA GLN B 600 23.89 -51.50 8.78
C GLN B 600 23.23 -50.20 9.22
N GLY B 601 23.34 -49.14 8.41
CA GLY B 601 22.67 -47.89 8.75
C GLY B 601 21.16 -48.05 8.83
N LYS B 602 20.56 -48.66 7.81
CA LYS B 602 19.12 -48.90 7.83
C LYS B 602 18.73 -49.78 9.01
N ILE B 603 19.50 -50.85 9.24
CA ILE B 603 19.16 -51.77 10.32
C ILE B 603 19.32 -51.11 11.68
N ILE B 604 20.44 -50.40 11.89
CA ILE B 604 20.66 -49.74 13.17
C ILE B 604 19.60 -48.67 13.42
N ALA B 605 19.23 -47.93 12.38
CA ALA B 605 18.20 -46.90 12.53
C ALA B 605 16.86 -47.52 12.92
N ASP B 606 16.40 -48.51 12.14
CA ASP B 606 15.13 -49.16 12.44
C ASP B 606 15.18 -49.95 13.74
N THR B 607 16.37 -50.43 14.15
CA THR B 607 16.48 -51.14 15.41
C THR B 607 16.47 -50.18 16.60
N LEU B 608 17.15 -49.04 16.47
CA LEU B 608 17.12 -48.06 17.55
C LEU B 608 15.71 -47.53 17.79
N ARG B 609 14.90 -47.45 16.73
CA ARG B 609 13.50 -47.12 16.92
C ARG B 609 12.75 -48.21 17.66
N TYR B 610 13.26 -49.44 17.64
CA TYR B 610 12.68 -50.55 18.40
C TYR B 610 13.21 -50.59 19.82
N TRP B 611 14.41 -50.05 20.07
CA TRP B 611 14.92 -49.97 21.43
C TRP B 611 14.18 -48.92 22.24
N LYS B 612 13.97 -47.74 21.66
CA LYS B 612 13.40 -46.61 22.39
C LYS B 612 11.88 -46.63 22.46
N VAL B 613 11.21 -47.50 21.70
CA VAL B 613 9.75 -47.50 21.73
C VAL B 613 9.23 -48.11 23.04
N GLU B 614 9.89 -49.16 23.53
CA GLU B 614 9.57 -49.74 24.81
C GLU B 614 10.59 -49.31 25.85
N GLY B 615 10.49 -49.86 27.05
CA GLY B 615 11.38 -49.51 28.14
C GLY B 615 12.39 -50.58 28.50
N LYS B 616 12.96 -51.24 27.48
CA LYS B 616 13.95 -52.27 27.73
C LYS B 616 15.19 -51.70 28.41
N THR B 617 15.87 -50.77 27.73
CA THR B 617 17.12 -50.21 28.24
C THR B 617 16.87 -48.80 28.76
N PRO B 618 17.29 -48.50 30.00
CA PRO B 618 17.14 -47.13 30.52
C PRO B 618 18.04 -46.10 29.85
N GLY B 619 18.88 -46.51 28.90
CA GLY B 619 19.80 -45.61 28.24
C GLY B 619 19.15 -44.69 27.25
N LEU B 620 18.22 -45.22 26.45
CA LEU B 620 17.56 -44.45 25.41
C LEU B 620 16.22 -43.95 25.91
N PRO B 621 16.03 -42.65 26.09
CA PRO B 621 14.73 -42.12 26.50
C PRO B 621 13.78 -42.07 25.31
N ILE B 622 12.59 -41.50 25.57
CA ILE B 622 11.59 -41.37 24.51
C ILE B 622 11.74 -40.05 23.75
N ASP B 623 12.39 -39.04 24.35
CA ASP B 623 12.60 -37.76 23.69
C ASP B 623 13.92 -37.76 22.93
N LEU B 624 14.01 -38.65 21.95
CA LEU B 624 15.22 -38.83 21.15
C LEU B 624 14.81 -38.94 19.68
N GLU B 625 15.20 -37.95 18.88
CA GLU B 625 14.90 -37.95 17.45
C GLU B 625 16.00 -38.69 16.70
N ILE B 626 15.85 -40.02 16.64
CA ILE B 626 16.77 -40.84 15.87
C ILE B 626 16.66 -40.46 14.39
N GLY B 627 17.80 -40.20 13.76
CA GLY B 627 17.81 -39.74 12.40
C GLY B 627 18.62 -40.62 11.46
N TYR B 628 18.33 -40.52 10.16
CA TYR B 628 19.06 -41.27 9.15
C TYR B 628 18.83 -40.62 7.80
N VAL B 629 19.86 -40.67 6.94
CA VAL B 629 19.80 -40.15 5.59
C VAL B 629 20.36 -41.21 4.65
N PRO B 630 19.58 -41.71 3.70
CA PRO B 630 20.12 -42.65 2.70
C PRO B 630 21.17 -41.97 1.84
N PRO B 631 22.37 -42.58 1.73
CA PRO B 631 23.45 -41.95 0.96
C PRO B 631 23.32 -42.10 -0.55
N SER B 632 22.30 -42.80 -1.04
CA SER B 632 22.19 -43.09 -2.45
C SER B 632 21.73 -41.87 -3.24
N THR B 633 21.75 -42.01 -4.56
CA THR B 633 21.32 -41.01 -5.54
C THR B 633 21.66 -39.59 -5.13
N ARG B 634 22.96 -39.36 -4.92
CA ARG B 634 23.60 -38.05 -4.75
C ARG B 634 22.78 -37.05 -3.92
N GLY B 635 22.13 -37.54 -2.87
CA GLY B 635 21.45 -36.66 -1.93
C GLY B 635 22.43 -35.83 -1.14
N GLN B 636 21.88 -35.06 -0.19
CA GLN B 636 22.73 -34.34 0.74
C GLN B 636 23.53 -35.34 1.58
N TYR B 637 24.50 -34.81 2.32
CA TYR B 637 25.45 -35.67 3.01
C TYR B 637 24.73 -36.59 3.98
N PRO B 638 24.98 -37.90 3.94
CA PRO B 638 24.22 -38.82 4.79
C PRO B 638 24.71 -38.87 6.22
N GLY B 639 24.16 -39.80 7.00
CA GLY B 639 24.56 -39.98 8.37
C GLY B 639 23.41 -40.31 9.31
N LEU B 640 23.71 -40.52 10.57
CA LEU B 640 22.71 -40.82 11.61
C LEU B 640 22.84 -39.77 12.70
N TYR B 641 21.83 -38.93 12.83
CA TYR B 641 21.86 -37.84 13.80
C TYR B 641 21.17 -38.27 15.10
N LEU B 642 21.82 -38.01 16.22
CA LEU B 642 21.27 -38.29 17.55
C LEU B 642 21.29 -36.99 18.33
N PHE B 643 20.21 -36.22 18.21
CA PHE B 643 20.06 -34.98 18.95
C PHE B 643 19.52 -35.26 20.35
N GLY B 644 19.04 -34.23 21.04
CA GLY B 644 18.60 -34.41 22.41
C GLY B 644 18.84 -33.20 23.29
N GLY B 645 19.69 -32.29 22.86
CA GLY B 645 19.98 -31.09 23.61
C GLY B 645 18.78 -30.16 23.70
N HIS B 646 19.05 -28.97 24.24
CA HIS B 646 18.00 -27.98 24.43
C HIS B 646 17.49 -27.47 23.07
N SER B 647 16.30 -26.86 23.12
CA SER B 647 15.73 -26.10 22.01
C SER B 647 15.60 -26.96 20.74
N ARG B 648 14.75 -27.96 20.85
CA ARG B 648 14.43 -28.83 19.72
C ARG B 648 12.91 -28.98 19.60
N MET B 649 12.46 -29.31 18.39
CA MET B 649 11.05 -29.47 18.09
C MET B 649 10.70 -30.95 18.12
N LEU B 650 9.76 -31.33 18.99
CA LEU B 650 9.36 -32.72 19.18
C LEU B 650 7.87 -32.85 18.93
N ARG B 651 7.46 -34.03 18.47
CA ARG B 651 6.06 -34.28 18.14
C ARG B 651 5.74 -35.76 18.32
N PRO B 652 4.64 -36.10 18.99
CA PRO B 652 4.28 -37.51 19.17
C PRO B 652 3.55 -38.08 17.97
N VAL B 653 3.98 -39.24 17.52
CA VAL B 653 3.32 -40.00 16.46
C VAL B 653 3.45 -41.49 16.80
N ARG B 654 2.32 -42.18 16.82
CA ARG B 654 2.31 -43.55 17.33
C ARG B 654 2.96 -44.51 16.34
N TYR B 655 3.56 -45.57 16.88
CA TYR B 655 4.33 -46.52 16.10
C TYR B 655 3.48 -47.75 15.81
N LEU B 656 3.67 -48.33 14.61
CA LEU B 656 2.81 -49.44 14.19
C LEU B 656 3.10 -50.72 14.98
N PRO B 657 4.31 -51.27 14.98
CA PRO B 657 4.58 -52.43 15.83
C PRO B 657 4.78 -51.99 17.27
N LEU B 658 4.21 -52.75 18.20
CA LEU B 658 4.25 -52.42 19.63
C LEU B 658 3.65 -51.02 19.85
N ASP B 659 2.35 -50.94 19.59
CA ASP B 659 1.68 -49.65 19.39
C ASP B 659 1.75 -48.78 20.64
N LYS B 660 2.61 -47.76 20.58
CA LYS B 660 2.79 -46.79 21.65
C LYS B 660 3.02 -45.43 21.03
N GLU B 661 3.16 -44.41 21.87
CA GLU B 661 3.40 -43.05 21.42
C GLU B 661 4.90 -42.82 21.26
N ASP B 662 5.33 -42.64 20.01
CA ASP B 662 6.73 -42.33 19.70
C ASP B 662 6.91 -40.82 19.57
N ILE B 663 8.18 -40.40 19.46
CA ILE B 663 8.53 -38.99 19.34
C ILE B 663 9.48 -38.82 18.17
N VAL B 664 9.18 -37.88 17.28
CA VAL B 664 10.01 -37.57 16.13
C VAL B 664 10.32 -36.08 16.12
N GLY B 665 11.31 -35.72 15.31
CA GLY B 665 11.71 -34.34 15.17
C GLY B 665 11.52 -33.83 13.74
N PRO B 666 12.02 -32.63 13.47
CA PRO B 666 11.87 -32.07 12.12
C PRO B 666 12.69 -32.79 11.07
N PHE B 667 13.78 -33.43 11.46
CA PHE B 667 14.67 -34.07 10.48
C PHE B 667 14.22 -35.47 10.09
N GLU B 668 13.19 -36.02 10.75
CA GLU B 668 12.78 -37.39 10.46
C GLU B 668 11.55 -37.47 9.57
N GLN B 669 10.76 -36.39 9.47
CA GLN B 669 9.59 -36.41 8.61
C GLN B 669 9.94 -36.30 7.13
N VAL B 670 11.19 -35.98 6.80
CA VAL B 670 11.56 -35.80 5.40
C VAL B 670 11.88 -37.13 4.72
N TYR B 671 12.46 -38.08 5.45
CA TYR B 671 12.86 -39.35 4.87
C TYR B 671 11.97 -40.52 5.27
N MET B 672 11.41 -40.52 6.48
CA MET B 672 10.56 -41.61 6.93
C MET B 672 9.11 -41.33 6.57
N ASN B 673 8.41 -42.38 6.14
CA ASN B 673 7.01 -42.26 5.77
C ASN B 673 6.13 -42.13 7.01
N ILE B 674 4.89 -41.69 6.78
CA ILE B 674 3.92 -41.51 7.84
C ILE B 674 2.54 -41.52 7.21
N ALA B 675 1.53 -41.83 8.01
CA ALA B 675 0.14 -41.84 7.57
C ALA B 675 -0.68 -40.91 8.47
N VAL B 676 -1.57 -40.13 7.84
CA VAL B 676 -2.38 -39.19 8.59
C VAL B 676 -3.40 -39.92 9.44
N THR B 677 -4.09 -40.90 8.86
CA THR B 677 -5.08 -41.71 9.52
C THR B 677 -4.97 -43.14 9.00
N PRO B 678 -5.27 -44.14 9.83
CA PRO B 678 -5.06 -45.54 9.40
C PRO B 678 -6.01 -45.98 8.30
N GLN B 679 -6.07 -45.21 7.21
CA GLN B 679 -6.76 -45.60 5.99
C GLN B 679 -5.93 -45.42 4.74
N GLU B 680 -4.90 -44.58 4.75
CA GLU B 680 -3.96 -44.43 3.64
C GLU B 680 -2.71 -45.27 3.83
N ILE B 681 -2.77 -46.30 4.67
CA ILE B 681 -1.63 -47.13 4.99
C ILE B 681 -1.81 -48.48 4.30
N GLN B 682 -0.73 -48.98 3.71
CA GLN B 682 -0.73 -50.29 3.07
C GLN B 682 0.55 -51.02 3.49
N ASN B 683 0.83 -52.14 2.81
CA ASN B 683 1.85 -53.07 3.26
C ASN B 683 3.25 -52.54 2.97
N ASN B 684 4.07 -52.46 4.02
CA ASN B 684 5.52 -52.22 3.91
C ASN B 684 5.85 -50.90 3.23
N VAL B 685 5.03 -49.87 3.42
CA VAL B 685 5.33 -48.56 2.85
C VAL B 685 5.20 -47.50 3.93
N HIS B 686 4.63 -47.86 5.08
CA HIS B 686 4.46 -46.94 6.19
C HIS B 686 4.99 -47.56 7.48
N THR B 687 5.52 -46.71 8.34
CA THR B 687 6.05 -47.13 9.63
C THR B 687 5.53 -46.33 10.81
N HIS B 688 4.84 -45.22 10.58
CA HIS B 688 4.27 -44.41 11.65
C HIS B 688 2.92 -43.87 11.20
N VAL B 689 1.99 -43.78 12.14
CA VAL B 689 0.66 -43.24 11.87
C VAL B 689 0.30 -42.23 12.95
N GLU B 690 -0.43 -41.20 12.56
CA GLU B 690 -0.87 -40.15 13.48
C GLU B 690 -2.20 -40.57 14.10
N PHE B 691 -2.21 -40.76 15.42
CA PHE B 691 -3.43 -41.16 16.11
C PHE B 691 -4.52 -40.12 16.02
N THR B 692 -4.17 -38.84 15.88
CA THR B 692 -5.15 -37.78 15.70
C THR B 692 -4.72 -36.86 14.56
N PRO B 693 -5.45 -36.84 13.45
CA PRO B 693 -5.10 -35.93 12.35
C PRO B 693 -5.39 -34.47 12.65
N THR B 694 -6.02 -34.17 13.79
CA THR B 694 -6.41 -32.81 14.13
C THR B 694 -5.34 -32.05 14.91
N ASN B 695 -4.25 -32.71 15.31
CA ASN B 695 -3.19 -32.03 16.05
C ASN B 695 -2.22 -31.27 15.15
N ILE B 696 -2.51 -31.16 13.86
CA ILE B 696 -1.64 -30.43 12.96
C ILE B 696 -1.90 -28.93 13.04
N LEU B 697 -3.16 -28.54 13.23
CA LEU B 697 -3.51 -27.14 13.32
C LEU B 697 -3.09 -26.57 14.68
N SER B 698 -3.16 -25.25 14.80
CA SER B 698 -2.67 -24.56 15.98
C SER B 698 -3.75 -24.53 17.06
N ILE B 699 -3.42 -23.87 18.19
CA ILE B 699 -4.34 -23.73 19.29
C ILE B 699 -5.61 -23.00 18.85
N LEU B 700 -5.47 -22.04 17.94
CA LEU B 700 -6.60 -21.23 17.49
C LEU B 700 -7.11 -21.65 16.13
N ALA B 701 -6.32 -22.41 15.35
CA ALA B 701 -6.78 -22.84 14.03
C ALA B 701 -7.69 -24.06 14.11
N ASN B 702 -7.52 -24.90 15.13
CA ASN B 702 -8.39 -26.05 15.31
C ASN B 702 -9.70 -25.69 16.01
N LEU B 703 -9.87 -24.43 16.42
CA LEU B 703 -11.10 -24.03 17.09
C LEU B 703 -12.22 -23.73 16.10
N THR B 704 -11.87 -23.30 14.89
CA THR B 704 -12.88 -23.01 13.89
C THR B 704 -13.61 -24.30 13.48
N PRO B 705 -14.91 -24.24 13.24
CA PRO B 705 -15.66 -25.46 12.91
C PRO B 705 -15.58 -25.82 11.44
N PHE B 706 -15.14 -27.05 11.16
CA PHE B 706 -15.09 -27.60 9.80
C PHE B 706 -14.26 -26.70 8.88
N SER B 707 -12.98 -26.58 9.22
CA SER B 707 -12.05 -25.81 8.38
C SER B 707 -11.87 -26.44 7.01
N ASP B 708 -12.25 -27.71 6.85
CA ASP B 708 -12.12 -28.37 5.55
C ASP B 708 -13.07 -27.78 4.52
N PHE B 709 -14.19 -27.21 4.96
CA PHE B 709 -15.21 -26.69 4.05
C PHE B 709 -14.95 -25.23 3.65
N ASN B 710 -14.09 -24.53 4.36
CA ASN B 710 -13.79 -23.14 4.06
C ASN B 710 -12.49 -23.04 3.28
N GLN B 711 -12.34 -21.94 2.54
CA GLN B 711 -11.13 -21.70 1.78
C GLN B 711 -9.99 -21.30 2.72
N SER B 712 -8.76 -21.56 2.27
CA SER B 712 -7.60 -21.27 3.12
C SER B 712 -7.47 -19.80 3.50
N PRO B 713 -7.64 -18.83 2.59
CA PRO B 713 -7.59 -17.42 3.03
C PRO B 713 -8.63 -17.06 4.08
N ARG B 714 -9.71 -17.82 4.19
CA ARG B 714 -10.69 -17.57 5.25
C ARG B 714 -10.21 -18.09 6.60
N ASN B 715 -9.36 -19.12 6.60
CA ASN B 715 -8.79 -19.61 7.85
C ASN B 715 -7.64 -18.74 8.32
N MET B 716 -6.80 -18.26 7.39
CA MET B 716 -5.72 -17.36 7.77
C MET B 716 -6.24 -16.03 8.28
N TYR B 717 -7.38 -15.57 7.75
CA TYR B 717 -7.98 -14.34 8.25
C TYR B 717 -8.72 -14.56 9.56
N GLN B 718 -9.35 -15.73 9.72
CA GLN B 718 -9.97 -16.07 11.00
C GLN B 718 -8.93 -16.16 12.11
N CYS B 719 -7.67 -16.43 11.77
CA CYS B 719 -6.59 -16.37 12.75
C CYS B 719 -6.48 -14.98 13.35
N GLN B 720 -6.43 -13.95 12.49
CA GLN B 720 -6.34 -12.58 12.99
C GLN B 720 -7.63 -12.17 13.69
N MET B 721 -8.77 -12.33 13.03
CA MET B 721 -10.04 -11.92 13.62
C MET B 721 -10.28 -12.61 14.95
N GLY B 722 -9.91 -13.89 15.06
CA GLY B 722 -10.01 -14.57 16.34
C GLY B 722 -9.15 -13.93 17.41
N LYS B 723 -7.94 -13.51 17.05
CA LYS B 723 -7.02 -12.94 18.03
C LYS B 723 -7.44 -11.54 18.47
N GLN B 724 -8.27 -10.85 17.70
CA GLN B 724 -8.68 -9.49 18.02
C GLN B 724 -10.19 -9.38 18.25
N THR B 725 -10.75 -10.37 18.93
CA THR B 725 -12.16 -10.31 19.30
C THR B 725 -12.29 -9.64 20.68
N MET B 726 -13.48 -9.68 21.26
CA MET B 726 -13.75 -9.05 22.55
C MET B 726 -14.17 -10.07 23.59
N GLY B 727 -13.47 -11.21 23.64
CA GLY B 727 -13.73 -12.20 24.65
C GLY B 727 -13.37 -11.70 26.04
N THR B 728 -13.74 -12.50 27.03
CA THR B 728 -13.47 -12.14 28.43
C THR B 728 -11.98 -12.17 28.69
N PRO B 729 -11.37 -11.05 29.11
CA PRO B 729 -9.92 -11.06 29.39
C PRO B 729 -9.56 -12.00 30.52
N GLY B 730 -10.19 -11.81 31.67
CA GLY B 730 -9.96 -12.66 32.81
C GLY B 730 -11.13 -12.59 33.77
N VAL B 731 -10.86 -13.01 35.00
CA VAL B 731 -11.86 -12.94 36.06
C VAL B 731 -11.45 -12.02 37.20
N ALA B 732 -10.19 -11.57 37.24
CA ALA B 732 -9.72 -10.62 38.24
C ALA B 732 -9.41 -9.31 37.52
N LEU B 733 -10.43 -8.47 37.38
CA LEU B 733 -10.27 -7.17 36.73
C LEU B 733 -9.92 -6.07 37.72
N CYS B 734 -10.53 -6.09 38.90
CA CYS B 734 -10.20 -5.09 39.92
C CYS B 734 -8.78 -5.27 40.46
N HIS B 735 -8.18 -6.44 40.26
CA HIS B 735 -6.81 -6.69 40.68
C HIS B 735 -5.79 -6.44 39.58
N ARG B 736 -6.23 -6.03 38.40
CA ARG B 736 -5.35 -5.72 37.29
C ARG B 736 -5.37 -4.22 36.99
N SER B 737 -4.26 -3.72 36.49
CA SER B 737 -4.11 -2.31 36.13
C SER B 737 -3.61 -2.18 34.70
N ASP B 738 -4.12 -3.02 33.80
CA ASP B 738 -3.72 -2.98 32.41
C ASP B 738 -4.29 -1.73 31.72
N ASN B 739 -3.68 -1.38 30.59
CA ASN B 739 -4.04 -0.15 29.90
C ASN B 739 -5.45 -0.25 29.32
N LYS B 740 -5.67 -1.20 28.42
CA LYS B 740 -6.93 -1.32 27.71
C LYS B 740 -7.47 -2.74 27.86
N LEU B 741 -8.75 -2.85 28.20
CA LEU B 741 -9.42 -4.14 28.34
C LEU B 741 -10.74 -4.12 27.58
N TYR B 742 -11.09 -5.26 27.00
CA TYR B 742 -12.35 -5.43 26.28
C TYR B 742 -13.01 -6.72 26.74
N ARG B 743 -14.24 -6.61 27.21
CA ARG B 743 -14.93 -7.74 27.82
C ARG B 743 -16.34 -7.86 27.28
N LEU B 744 -16.73 -9.07 26.89
CA LEU B 744 -18.11 -9.38 26.54
C LEU B 744 -18.83 -9.97 27.74
N GLN B 745 -20.09 -9.59 27.92
CA GLN B 745 -20.86 -9.98 29.10
C GLN B 745 -21.77 -11.17 28.85
N THR B 746 -22.40 -11.25 27.67
CA THR B 746 -23.34 -12.33 27.35
C THR B 746 -22.68 -13.40 26.49
N GLY B 747 -21.41 -13.69 26.75
CA GLY B 747 -20.72 -14.70 25.97
C GLY B 747 -21.29 -16.09 26.22
N GLN B 748 -21.27 -16.91 25.18
CA GLN B 748 -21.80 -18.26 25.25
C GLN B 748 -20.83 -19.22 24.57
N THR B 749 -20.99 -20.50 24.87
CA THR B 749 -20.18 -21.51 24.21
C THR B 749 -20.78 -21.87 22.86
N PRO B 750 -19.96 -22.32 21.90
CA PRO B 750 -20.50 -22.70 20.59
C PRO B 750 -21.35 -23.96 20.69
N ILE B 751 -22.49 -23.93 20.00
CA ILE B 751 -23.32 -25.14 19.90
C ILE B 751 -22.54 -26.24 19.18
N VAL B 752 -22.02 -25.92 17.99
CA VAL B 752 -21.11 -26.80 17.27
C VAL B 752 -19.69 -26.32 17.55
N LYS B 753 -18.95 -27.10 18.33
CA LYS B 753 -17.62 -26.71 18.78
C LYS B 753 -16.64 -27.85 18.54
N ALA B 754 -15.35 -27.51 18.60
CA ALA B 754 -14.32 -28.51 18.40
C ALA B 754 -14.25 -29.47 19.59
N ASN B 755 -13.70 -30.65 19.33
CA ASN B 755 -13.57 -31.65 20.39
C ASN B 755 -12.58 -31.21 21.46
N LEU B 756 -11.61 -30.38 21.09
CA LEU B 756 -10.60 -29.88 22.03
C LEU B 756 -11.02 -28.57 22.69
N TYR B 757 -12.17 -28.01 22.33
CA TYR B 757 -12.63 -26.77 22.96
C TYR B 757 -12.94 -26.98 24.43
N ASP B 758 -13.31 -28.20 24.81
CA ASP B 758 -13.52 -28.53 26.22
C ASP B 758 -12.24 -28.96 26.92
N ASP B 759 -11.29 -29.53 26.17
CA ASP B 759 -10.01 -29.91 26.77
C ASP B 759 -9.16 -28.69 27.10
N TYR B 760 -9.23 -27.64 26.28
CA TYR B 760 -8.49 -26.41 26.54
C TYR B 760 -9.04 -25.62 27.71
N GLY B 761 -10.22 -25.97 28.22
CA GLY B 761 -10.83 -25.19 29.28
C GLY B 761 -11.30 -23.82 28.87
N MET B 762 -11.43 -23.55 27.57
CA MET B 762 -11.86 -22.24 27.10
C MET B 762 -13.33 -21.98 27.39
N ASP B 763 -14.06 -22.94 27.95
CA ASP B 763 -15.42 -22.68 28.41
C ASP B 763 -15.44 -21.60 29.49
N ASN B 764 -14.33 -21.45 30.22
CA ASN B 764 -14.24 -20.39 31.23
C ASN B 764 -14.23 -19.01 30.59
N PHE B 765 -13.79 -18.91 29.34
CA PHE B 765 -13.67 -17.64 28.63
C PHE B 765 -14.51 -17.69 27.36
N PRO B 766 -15.81 -17.42 27.46
CA PRO B 766 -16.65 -17.35 26.25
C PRO B 766 -16.35 -16.08 25.46
N ASN B 767 -16.05 -16.25 24.17
CA ASN B 767 -15.65 -15.14 23.33
C ASN B 767 -16.74 -14.67 22.37
N GLY B 768 -17.87 -15.37 22.30
CA GLY B 768 -18.95 -14.96 21.44
C GLY B 768 -20.28 -15.48 21.93
N PHE B 769 -21.27 -15.40 21.05
CA PHE B 769 -22.63 -15.80 21.38
C PHE B 769 -23.26 -16.48 20.17
N ASN B 770 -24.47 -17.01 20.39
CA ASN B 770 -25.21 -17.73 19.36
C ASN B 770 -26.53 -17.02 19.10
N ALA B 771 -26.83 -16.79 17.83
CA ALA B 771 -28.07 -16.15 17.43
C ALA B 771 -28.52 -16.72 16.09
N VAL B 772 -29.76 -16.43 15.71
CA VAL B 772 -30.37 -17.02 14.54
C VAL B 772 -29.92 -16.26 13.29
N VAL B 773 -29.26 -16.96 12.38
CA VAL B 773 -28.81 -16.38 11.12
C VAL B 773 -29.85 -16.66 10.03
N ALA B 774 -30.13 -15.64 9.22
CA ALA B 774 -31.00 -15.77 8.06
C ALA B 774 -30.26 -15.21 6.86
N VAL B 775 -29.82 -16.10 5.96
CA VAL B 775 -29.07 -15.68 4.79
C VAL B 775 -30.05 -15.16 3.74
N ILE B 776 -30.32 -13.86 3.78
CA ILE B 776 -31.28 -13.24 2.88
C ILE B 776 -30.66 -11.95 2.35
N SER B 777 -31.15 -11.51 1.18
CA SER B 777 -30.91 -10.16 0.69
C SER B 777 -32.14 -9.28 0.85
N TYR B 778 -32.97 -9.58 1.86
CA TYR B 778 -34.29 -8.97 1.97
C TYR B 778 -34.22 -7.47 2.15
N THR B 779 -33.43 -7.02 3.13
CA THR B 779 -33.37 -5.59 3.45
C THR B 779 -32.92 -4.77 2.26
N GLY B 780 -31.73 -5.09 1.73
CA GLY B 780 -31.17 -4.37 0.60
C GLY B 780 -30.02 -3.45 0.96
N TYR B 781 -29.60 -3.44 2.22
CA TYR B 781 -28.50 -2.58 2.67
C TYR B 781 -27.19 -3.34 2.76
N ASP B 782 -27.03 -4.40 1.96
CA ASP B 782 -25.84 -5.24 2.03
C ASP B 782 -25.53 -5.74 0.61
N MET B 783 -24.64 -5.02 -0.07
CA MET B 783 -24.08 -5.46 -1.34
C MET B 783 -22.67 -6.00 -1.17
N ASP B 784 -22.40 -6.62 -0.03
CA ASP B 784 -21.09 -7.13 0.35
C ASP B 784 -21.30 -8.03 1.56
N ASP B 785 -20.20 -8.46 2.19
CA ASP B 785 -20.28 -9.28 3.39
C ASP B 785 -20.83 -8.52 4.60
N ALA B 786 -21.20 -7.25 4.44
CA ALA B 786 -21.77 -6.49 5.54
C ALA B 786 -23.09 -7.12 5.99
N MET B 787 -23.35 -7.04 7.29
CA MET B 787 -24.51 -7.66 7.92
C MET B 787 -25.43 -6.60 8.49
N ILE B 788 -26.55 -7.06 9.05
CA ILE B 788 -27.58 -6.19 9.62
C ILE B 788 -28.13 -6.86 10.87
N ILE B 789 -28.00 -6.19 12.02
CA ILE B 789 -28.50 -6.70 13.27
C ILE B 789 -29.93 -6.25 13.49
N ASN B 790 -30.63 -6.93 14.39
CA ASN B 790 -31.99 -6.55 14.76
C ASN B 790 -31.95 -5.53 15.88
N LYS B 791 -32.69 -4.43 15.71
CA LYS B 791 -32.72 -3.39 16.73
C LYS B 791 -33.39 -3.90 18.01
N SER B 792 -34.41 -4.75 17.87
CA SER B 792 -35.07 -5.31 19.05
C SER B 792 -34.15 -6.25 19.81
N ALA B 793 -33.24 -6.92 19.11
CA ALA B 793 -32.25 -7.76 19.80
C ALA B 793 -31.17 -6.91 20.44
N ASP B 794 -30.80 -5.80 19.79
CA ASP B 794 -29.72 -4.96 20.31
C ASP B 794 -30.12 -4.30 21.62
N GLU B 795 -31.39 -3.87 21.75
CA GLU B 795 -31.85 -3.25 22.98
C GLU B 795 -31.97 -4.25 24.12
N ARG B 796 -31.78 -5.54 23.86
CA ARG B 796 -31.82 -6.58 24.89
C ARG B 796 -30.43 -7.03 25.32
N GLY B 797 -29.38 -6.45 24.76
CA GLY B 797 -28.02 -6.84 25.07
C GLY B 797 -27.34 -7.71 24.04
N PHE B 798 -27.65 -7.53 22.76
CA PHE B 798 -27.06 -8.34 21.70
C PHE B 798 -25.61 -7.91 21.50
N GLY B 799 -24.69 -8.68 22.08
CA GLY B 799 -23.27 -8.37 22.01
C GLY B 799 -22.91 -7.13 22.81
N TYR B 800 -23.17 -7.17 24.11
CA TYR B 800 -22.91 -6.04 24.98
C TYR B 800 -21.51 -6.14 25.56
N GLY B 801 -20.74 -5.05 25.45
CA GLY B 801 -19.36 -5.07 25.86
C GLY B 801 -19.00 -3.80 26.63
N THR B 802 -17.91 -3.91 27.40
CA THR B 802 -17.40 -2.80 28.19
C THR B 802 -15.90 -2.70 28.03
N MET B 803 -15.40 -1.46 28.05
CA MET B 803 -13.98 -1.17 27.98
C MET B 803 -13.48 -0.74 29.35
N TYR B 804 -12.18 -0.92 29.59
CA TYR B 804 -11.56 -0.57 30.86
C TYR B 804 -10.23 0.11 30.61
N LYS B 805 -10.12 1.37 31.02
CA LYS B 805 -8.90 2.13 30.92
C LYS B 805 -8.30 2.34 32.32
N THR B 806 -6.99 2.57 32.35
CA THR B 806 -6.27 2.77 33.61
C THR B 806 -5.26 3.89 33.40
N GLU B 807 -5.45 5.00 34.10
CA GLU B 807 -4.55 6.15 34.04
C GLU B 807 -3.91 6.34 35.40
N LYS B 808 -2.59 6.48 35.42
CA LYS B 808 -1.82 6.68 36.66
C LYS B 808 -1.45 8.16 36.74
N VAL B 809 -2.20 8.91 37.53
CA VAL B 809 -1.91 10.32 37.78
C VAL B 809 -1.02 10.42 39.01
N ASP B 810 0.14 11.03 38.86
CA ASP B 810 1.11 11.14 39.95
C ASP B 810 1.82 12.48 39.86
N LEU B 811 2.21 13.01 41.02
CA LEU B 811 2.91 14.29 41.13
C LEU B 811 4.16 14.05 41.97
N ALA B 812 5.25 13.64 41.32
CA ALA B 812 6.50 13.37 42.04
C ALA B 812 7.65 13.52 41.06
N LEU B 813 8.48 14.54 41.27
CA LEU B 813 9.67 14.76 40.45
C LEU B 813 10.87 14.90 41.38
N ASN B 814 11.85 14.02 41.20
CA ASN B 814 13.05 14.01 42.04
C ASN B 814 14.31 13.81 41.21
N GLY B 818 14.47 12.47 47.44
CA GLY B 818 15.47 13.28 48.10
C GLY B 818 15.13 14.75 48.13
N ASP B 819 14.21 15.17 47.25
CA ASP B 819 13.79 16.55 47.17
C ASP B 819 12.59 16.79 48.08
N PRO B 820 12.41 18.01 48.58
CA PRO B 820 11.27 18.30 49.45
C PRO B 820 9.96 18.23 48.68
N ILE B 821 8.93 17.72 49.35
CA ILE B 821 7.62 17.58 48.73
C ILE B 821 7.02 18.96 48.48
N THR B 822 6.57 19.20 47.25
CA THR B 822 5.99 20.47 46.86
C THR B 822 4.49 20.38 46.62
N GLN B 823 4.06 19.44 45.78
CA GLN B 823 2.63 19.26 45.52
C GLN B 823 2.02 18.38 46.60
N HIS B 824 0.78 18.69 46.96
CA HIS B 824 0.05 17.95 47.97
C HIS B 824 -1.37 17.69 47.50
N PHE B 825 -1.85 16.47 47.72
CA PHE B 825 -3.23 16.15 47.43
C PHE B 825 -4.17 16.83 48.42
N GLY B 826 -5.45 16.84 48.09
CA GLY B 826 -6.44 17.47 48.95
C GLY B 826 -6.76 18.89 48.54
N PHE B 827 -7.00 19.76 49.52
CA PHE B 827 -7.47 21.11 49.26
C PHE B 827 -6.87 22.07 50.28
N GLY B 828 -6.58 23.28 49.84
CA GLY B 828 -6.03 24.33 50.69
C GLY B 828 -7.03 25.46 50.85
N ASN B 829 -7.11 25.99 52.07
CA ASN B 829 -8.14 26.94 52.46
C ASN B 829 -7.90 28.36 51.95
N ASP B 830 -6.95 28.55 51.03
CA ASP B 830 -6.65 29.90 50.55
C ASP B 830 -7.78 30.43 49.66
N GLU B 831 -8.10 29.72 48.59
CA GLU B 831 -9.12 30.15 47.65
C GLU B 831 -9.76 28.91 47.03
N TRP B 832 -11.05 29.03 46.70
CA TRP B 832 -11.78 27.87 46.23
C TRP B 832 -12.92 28.23 45.28
N PRO B 833 -12.93 27.67 44.07
CA PRO B 833 -14.12 27.78 43.21
C PRO B 833 -15.14 26.72 43.55
N LYS B 834 -16.40 27.03 43.27
CA LYS B 834 -17.50 26.15 43.64
C LYS B 834 -17.73 25.10 42.55
N GLU B 835 -18.78 24.30 42.75
CA GLU B 835 -19.20 23.27 41.79
C GLU B 835 -18.10 22.24 41.54
N TRP B 836 -17.37 21.89 42.59
CA TRP B 836 -16.34 20.87 42.52
C TRP B 836 -16.60 19.69 43.46
N LEU B 837 -17.78 19.65 44.10
CA LEU B 837 -18.11 18.55 44.99
C LEU B 837 -18.85 17.41 44.30
N GLU B 838 -19.50 17.68 43.17
CA GLU B 838 -20.24 16.64 42.47
C GLU B 838 -19.34 15.56 41.89
N LYS B 839 -18.06 15.88 41.66
CA LYS B 839 -17.13 14.93 41.08
C LYS B 839 -16.05 14.45 42.03
N LEU B 840 -15.73 15.22 43.08
CA LEU B 840 -14.66 14.88 43.99
C LEU B 840 -15.14 14.96 45.43
N ASP B 841 -14.35 14.36 46.32
CA ASP B 841 -14.61 14.40 47.76
C ASP B 841 -13.88 15.59 48.37
N GLU B 842 -13.83 15.64 49.70
CA GLU B 842 -13.07 16.67 50.40
C GLU B 842 -11.58 16.37 50.44
N ASP B 843 -11.16 15.18 50.04
CA ASP B 843 -9.75 14.78 50.02
C ASP B 843 -9.11 14.97 48.65
N GLY B 844 -9.82 15.55 47.69
CA GLY B 844 -9.32 15.70 46.35
C GLY B 844 -9.38 14.45 45.48
N LEU B 845 -10.11 13.43 45.93
CA LEU B 845 -10.28 12.19 45.18
C LEU B 845 -11.71 12.07 44.68
N PRO B 846 -11.93 11.45 43.52
CA PRO B 846 -13.28 11.37 42.96
C PRO B 846 -14.10 10.24 43.59
N TYR B 847 -15.41 10.43 43.57
CA TYR B 847 -16.32 9.40 44.03
C TYR B 847 -16.36 8.25 43.03
N ILE B 848 -16.81 7.09 43.51
CA ILE B 848 -16.89 5.90 42.69
C ILE B 848 -18.25 5.87 41.98
N GLY B 849 -18.23 5.63 40.67
CA GLY B 849 -19.45 5.53 39.91
C GLY B 849 -19.99 6.84 39.38
N THR B 850 -19.16 7.86 39.22
CA THR B 850 -19.60 9.16 38.73
C THR B 850 -19.30 9.29 37.23
N TYR B 851 -20.25 9.84 36.49
CA TYR B 851 -20.10 10.04 35.06
C TYR B 851 -19.31 11.32 34.80
N VAL B 852 -18.26 11.22 33.98
CA VAL B 852 -17.37 12.33 33.70
C VAL B 852 -17.25 12.51 32.20
N GLU B 853 -17.38 13.75 31.74
CA GLU B 853 -17.15 14.11 30.34
C GLU B 853 -15.70 14.55 30.16
N GLU B 854 -15.38 15.14 29.02
CA GLU B 854 -14.09 15.75 28.80
C GLU B 854 -14.15 17.21 29.25
N GLY B 855 -13.31 17.57 30.21
CA GLY B 855 -13.35 18.88 30.82
C GLY B 855 -13.86 18.93 32.24
N ASP B 856 -14.11 17.76 32.87
CA ASP B 856 -14.62 17.64 34.22
C ASP B 856 -13.48 17.35 35.21
N PRO B 857 -13.60 17.82 36.45
CA PRO B 857 -12.56 17.54 37.45
C PRO B 857 -12.55 16.06 37.83
N ILE B 858 -11.35 15.49 37.89
CA ILE B 858 -11.20 14.09 38.24
C ILE B 858 -10.25 13.90 39.41
N CYS B 859 -9.35 14.87 39.61
CA CYS B 859 -8.48 14.87 40.79
C CYS B 859 -7.89 16.26 40.97
N ALA B 860 -8.01 16.80 42.18
CA ALA B 860 -7.55 18.14 42.49
C ALA B 860 -6.36 18.08 43.43
N TYR B 861 -5.37 18.93 43.19
CA TYR B 861 -4.17 18.99 43.99
C TYR B 861 -3.86 20.44 44.35
N PHE B 862 -3.40 20.65 45.59
CA PHE B 862 -3.04 21.97 46.06
C PHE B 862 -1.52 22.10 46.11
N ASP B 863 -1.04 23.32 45.83
CA ASP B 863 0.38 23.62 45.83
C ASP B 863 0.63 24.86 46.67
N ASP B 864 1.62 24.79 47.55
CA ASP B 864 1.88 25.89 48.47
C ASP B 864 2.66 27.03 47.84
N THR B 865 3.45 26.75 46.80
CA THR B 865 4.28 27.78 46.19
C THR B 865 3.43 28.82 45.48
N LEU B 866 2.61 28.38 44.52
CA LEU B 866 1.77 29.29 43.76
C LEU B 866 0.53 29.75 44.51
N ASN B 867 0.36 29.31 45.76
CA ASN B 867 -0.80 29.63 46.61
C ASN B 867 -2.11 29.63 45.82
N LYS B 868 -2.28 28.58 45.02
CA LYS B 868 -3.45 28.46 44.16
C LYS B 868 -3.69 26.99 43.87
N THR B 869 -4.93 26.54 44.10
CA THR B 869 -5.32 25.16 43.79
C THR B 869 -5.84 25.10 42.36
N LYS B 870 -5.19 24.27 41.55
CA LYS B 870 -5.56 24.10 40.14
C LYS B 870 -5.98 22.66 39.89
N ILE B 871 -6.90 22.49 38.95
CA ILE B 871 -7.49 21.19 38.64
C ILE B 871 -6.90 20.68 37.35
N LYS B 872 -6.58 19.38 37.32
CA LYS B 872 -6.17 18.70 36.10
C LYS B 872 -7.32 17.78 35.66
N THR B 873 -7.84 18.04 34.47
CA THR B 873 -9.07 17.40 34.02
C THR B 873 -8.78 16.22 33.10
N TYR B 874 -9.78 15.36 32.97
CA TYR B 874 -9.70 14.21 32.08
C TYR B 874 -10.07 14.63 30.67
N HIS B 875 -9.15 14.45 29.73
CA HIS B 875 -9.32 14.89 28.34
C HIS B 875 -9.42 13.66 27.45
N SER B 876 -10.64 13.36 27.00
CA SER B 876 -10.87 12.26 26.08
C SER B 876 -12.25 12.44 25.45
N SER B 877 -12.33 12.27 24.13
CA SER B 877 -13.58 12.49 23.41
C SER B 877 -14.69 11.57 23.88
N GLU B 878 -14.36 10.43 24.48
CA GLU B 878 -15.37 9.49 24.94
C GLU B 878 -15.58 9.66 26.44
N PRO B 879 -16.74 10.15 26.89
CA PRO B 879 -16.99 10.22 28.33
C PRO B 879 -17.18 8.85 28.93
N ALA B 880 -16.50 8.62 30.06
CA ALA B 880 -16.47 7.31 30.69
C ALA B 880 -16.99 7.40 32.12
N TYR B 881 -17.06 6.23 32.77
CA TYR B 881 -17.45 6.13 34.16
C TYR B 881 -16.22 5.89 35.03
N ILE B 882 -16.27 6.40 36.26
CA ILE B 882 -15.20 6.18 37.23
C ILE B 882 -15.49 4.89 37.98
N GLU B 883 -14.49 4.00 38.04
CA GLU B 883 -14.66 2.69 38.65
C GLU B 883 -13.81 2.50 39.89
N GLU B 884 -12.50 2.71 39.79
CA GLU B 884 -11.60 2.44 40.90
C GLU B 884 -10.55 3.53 41.00
N VAL B 885 -10.06 3.75 42.22
CA VAL B 885 -8.95 4.65 42.50
C VAL B 885 -8.03 3.94 43.49
N ASN B 886 -6.75 3.83 43.14
CA ASN B 886 -5.78 3.08 43.93
C ASN B 886 -4.78 4.04 44.56
N LEU B 887 -4.66 3.98 45.88
CA LEU B 887 -3.69 4.79 46.62
C LEU B 887 -2.44 3.96 46.88
N ILE B 888 -1.30 4.45 46.40
CA ILE B 888 -0.02 3.76 46.54
C ILE B 888 1.03 4.75 46.99
N GLY B 889 1.74 4.41 48.07
CA GLY B 889 2.90 5.17 48.49
C GLY B 889 4.03 4.26 48.91
N ASP B 890 5.17 4.37 48.24
CA ASP B 890 6.28 3.43 48.41
C ASP B 890 7.57 4.14 48.04
N GLU B 891 8.65 3.35 47.88
CA GLU B 891 9.99 3.86 47.62
C GLU B 891 10.45 4.77 48.75
N SER B 892 10.22 4.31 49.98
CA SER B 892 10.53 5.06 51.18
C SER B 892 10.46 4.13 52.38
N ASN B 893 11.42 4.26 53.29
CA ASN B 893 11.49 3.35 54.43
C ASN B 893 10.54 3.78 55.54
N LYS B 894 10.74 4.98 56.09
CA LYS B 894 9.98 5.42 57.27
C LYS B 894 9.20 6.71 57.06
N PHE B 895 9.38 7.40 55.94
CA PHE B 895 8.60 8.60 55.63
C PHE B 895 7.57 8.24 54.55
N GLN B 896 6.30 8.51 54.83
CA GLN B 896 5.21 8.12 53.95
C GLN B 896 4.35 9.33 53.61
N GLU B 897 4.05 9.49 52.33
CA GLU B 897 3.15 10.52 51.83
C GLU B 897 2.79 10.16 50.40
N LEU B 898 1.50 10.30 50.07
CA LEU B 898 1.01 9.84 48.78
C LEU B 898 1.26 10.87 47.70
N GLN B 899 1.94 10.44 46.62
CA GLN B 899 2.14 11.27 45.44
C GLN B 899 1.80 10.51 44.16
N THR B 900 1.09 9.39 44.26
CA THR B 900 0.76 8.58 43.11
C THR B 900 -0.55 7.85 43.37
N VAL B 901 -1.57 8.16 42.57
CA VAL B 901 -2.87 7.51 42.65
C VAL B 901 -3.24 6.98 41.27
N SER B 902 -3.69 5.73 41.22
CA SER B 902 -4.01 5.04 39.97
C SER B 902 -5.52 4.97 39.83
N ILE B 903 -6.08 5.85 39.01
CA ILE B 903 -7.51 5.88 38.74
C ILE B 903 -7.81 4.93 37.59
N LYS B 904 -8.97 4.28 37.65
CA LYS B 904 -9.37 3.30 36.65
C LYS B 904 -10.78 3.61 36.16
N TYR B 905 -10.93 3.68 34.84
CA TYR B 905 -12.19 4.03 34.21
C TYR B 905 -12.79 2.83 33.49
N ARG B 906 -14.11 2.83 33.38
CA ARG B 906 -14.85 1.84 32.59
C ARG B 906 -15.69 2.57 31.55
N ILE B 907 -15.80 1.98 30.37
CA ILE B 907 -16.49 2.60 29.24
C ILE B 907 -17.66 1.70 28.86
N ARG B 908 -18.88 2.21 29.06
CA ARG B 908 -20.08 1.51 28.61
C ARG B 908 -20.09 1.50 27.07
N ARG B 909 -19.85 0.34 26.48
CA ARG B 909 -19.75 0.20 25.03
C ARG B 909 -20.97 -0.57 24.53
N THR B 910 -22.06 0.16 24.32
CA THR B 910 -23.22 -0.44 23.67
C THR B 910 -22.89 -0.67 22.19
N PRO B 911 -23.24 -1.84 21.64
CA PRO B 911 -22.95 -2.08 20.22
C PRO B 911 -23.81 -1.20 19.33
N GLN B 912 -23.20 -0.16 18.76
CA GLN B 912 -23.92 0.78 17.93
C GLN B 912 -23.94 0.31 16.48
N ILE B 913 -24.57 1.09 15.62
CA ILE B 913 -24.52 0.87 14.19
C ILE B 913 -23.20 1.39 13.66
N GLY B 914 -22.41 0.51 13.03
CA GLY B 914 -21.10 0.88 12.56
C GLY B 914 -20.00 -0.03 13.05
N ASP B 915 -20.29 -0.82 14.08
CA ASP B 915 -19.31 -1.77 14.59
C ASP B 915 -19.12 -2.92 13.60
N LYS B 916 -18.22 -3.83 13.94
CA LYS B 916 -17.83 -4.93 13.05
C LYS B 916 -18.06 -6.26 13.74
N PHE B 917 -19.23 -6.86 13.53
CA PHE B 917 -19.47 -8.22 13.95
C PHE B 917 -19.05 -9.19 12.85
N SER B 918 -18.74 -10.42 13.25
CA SER B 918 -18.28 -11.40 12.29
C SER B 918 -18.42 -12.80 12.88
N SER B 919 -18.61 -13.78 12.02
CA SER B 919 -18.64 -15.18 12.41
C SER B 919 -17.21 -15.69 12.57
N ARG B 920 -17.06 -16.99 12.80
CA ARG B 920 -15.74 -17.62 12.97
C ARG B 920 -15.29 -18.35 11.72
N HIS B 921 -15.63 -17.82 10.54
CA HIS B 921 -15.25 -18.41 9.27
C HIS B 921 -14.64 -17.37 8.34
N GLY B 922 -14.08 -16.30 8.90
CA GLY B 922 -13.56 -15.21 8.10
C GLY B 922 -14.60 -14.29 7.51
N GLN B 923 -15.86 -14.44 7.89
CA GLN B 923 -16.96 -13.63 7.34
C GLN B 923 -16.91 -12.24 7.97
N LYS B 924 -16.05 -11.40 7.42
CA LYS B 924 -15.99 -10.00 7.83
C LYS B 924 -17.32 -9.30 7.56
N GLY B 925 -17.50 -8.15 8.20
CA GLY B 925 -18.74 -7.42 8.02
C GLY B 925 -18.96 -6.29 9.00
N VAL B 926 -19.52 -5.19 8.51
CA VAL B 926 -19.84 -4.02 9.33
C VAL B 926 -21.35 -3.86 9.38
N CYS B 927 -21.85 -3.42 10.53
CA CYS B 927 -23.29 -3.23 10.71
C CYS B 927 -23.79 -2.14 9.76
N SER B 928 -24.69 -2.52 8.86
CA SER B 928 -25.23 -1.57 7.90
C SER B 928 -26.29 -0.68 8.53
N ARG B 929 -27.31 -1.28 9.13
CA ARG B 929 -28.35 -0.52 9.81
C ARG B 929 -29.03 -1.43 10.83
N LYS B 930 -29.36 -0.86 11.99
CA LYS B 930 -30.11 -1.59 13.01
C LYS B 930 -31.57 -1.73 12.57
N TRP B 931 -31.88 -2.86 11.94
CA TRP B 931 -33.22 -3.07 11.40
C TRP B 931 -34.18 -3.44 12.52
N PRO B 932 -35.25 -2.69 12.74
CA PRO B 932 -36.18 -3.03 13.82
C PRO B 932 -36.99 -4.28 13.50
N THR B 933 -37.49 -4.91 14.56
CA THR B 933 -38.31 -6.11 14.41
C THR B 933 -39.69 -5.81 13.86
N ILE B 934 -40.04 -4.53 13.72
CA ILE B 934 -41.37 -4.16 13.21
C ILE B 934 -41.52 -4.62 11.76
N ASP B 935 -40.52 -4.36 10.92
CA ASP B 935 -40.53 -4.77 9.53
C ASP B 935 -39.57 -5.91 9.25
N MET B 936 -39.04 -6.56 10.28
CA MET B 936 -38.19 -7.72 10.07
C MET B 936 -39.02 -8.90 9.61
N PRO B 937 -38.57 -9.65 8.60
CA PRO B 937 -39.32 -10.83 8.16
C PRO B 937 -39.41 -11.87 9.26
N PHE B 938 -40.61 -12.43 9.43
CA PHE B 938 -40.88 -13.41 10.48
C PHE B 938 -41.11 -14.78 9.85
N SER B 939 -40.63 -15.81 10.53
CA SER B 939 -40.69 -17.17 10.01
C SER B 939 -42.06 -17.79 10.27
N GLU B 940 -42.18 -19.09 10.01
CA GLU B 940 -43.43 -19.79 10.29
C GLU B 940 -43.69 -19.86 11.79
N THR B 941 -42.64 -20.05 12.59
CA THR B 941 -42.80 -20.09 14.04
C THR B 941 -43.13 -18.72 14.60
N GLY B 942 -42.39 -17.69 14.18
CA GLY B 942 -42.63 -16.35 14.64
C GLY B 942 -41.38 -15.67 15.20
N ILE B 943 -40.22 -16.26 14.94
CA ILE B 943 -38.95 -15.72 15.42
C ILE B 943 -38.38 -14.78 14.36
N GLN B 944 -37.93 -13.61 14.79
CA GLN B 944 -37.29 -12.68 13.88
C GLN B 944 -35.78 -12.83 13.92
N PRO B 945 -35.12 -13.04 12.80
CA PRO B 945 -33.66 -13.25 12.82
C PRO B 945 -32.94 -11.97 13.23
N ASP B 946 -32.04 -12.10 14.20
CA ASP B 946 -31.28 -10.97 14.72
C ASP B 946 -30.03 -10.68 13.90
N ILE B 947 -29.87 -11.31 12.74
CA ILE B 947 -28.74 -11.03 11.85
C ILE B 947 -29.12 -11.49 10.45
N ILE B 948 -28.74 -10.68 9.46
CA ILE B 948 -29.02 -10.96 8.06
C ILE B 948 -27.71 -10.87 7.29
N ILE B 949 -27.43 -11.88 6.47
CA ILE B 949 -26.20 -11.94 5.68
C ILE B 949 -26.58 -12.04 4.20
N ASN B 950 -25.97 -11.19 3.39
CA ASN B 950 -26.22 -11.20 1.95
C ASN B 950 -25.69 -12.50 1.35
N PRO B 951 -26.54 -13.30 0.69
CA PRO B 951 -26.04 -14.56 0.10
C PRO B 951 -25.04 -14.37 -1.03
N HIS B 952 -24.87 -13.14 -1.53
CA HIS B 952 -23.92 -12.91 -2.61
C HIS B 952 -22.47 -12.92 -2.15
N ALA B 953 -22.21 -12.99 -0.84
CA ALA B 953 -20.84 -13.05 -0.36
C ALA B 953 -20.26 -14.44 -0.56
N PHE B 954 -21.07 -15.48 -0.42
CA PHE B 954 -20.57 -16.85 -0.46
C PHE B 954 -19.85 -17.23 -1.74
N PRO B 955 -20.30 -16.84 -2.95
CA PRO B 955 -19.56 -17.24 -4.16
C PRO B 955 -18.14 -16.70 -4.21
N SER B 956 -17.88 -15.53 -3.62
CA SER B 956 -16.53 -14.98 -3.62
C SER B 956 -15.75 -15.33 -2.35
N ARG B 957 -16.42 -15.32 -1.19
CA ARG B 957 -15.74 -15.70 0.04
C ARG B 957 -15.36 -17.17 0.04
N MET B 958 -16.11 -18.00 -0.71
CA MET B 958 -15.85 -19.44 -0.81
C MET B 958 -15.88 -20.10 0.57
N THR B 959 -17.05 -20.04 1.19
CA THR B 959 -17.25 -20.61 2.52
C THR B 959 -18.49 -21.49 2.52
N ILE B 960 -18.35 -22.69 3.06
CA ILE B 960 -19.48 -23.61 3.22
C ILE B 960 -19.68 -24.06 4.66
N GLY B 961 -18.66 -24.02 5.51
CA GLY B 961 -18.79 -24.34 6.91
C GLY B 961 -19.92 -23.59 7.60
N MET B 962 -19.98 -22.27 7.43
CA MET B 962 -21.06 -21.50 8.03
C MET B 962 -22.43 -21.97 7.57
N PHE B 963 -22.52 -22.63 6.41
CA PHE B 963 -23.77 -23.26 6.01
C PHE B 963 -24.00 -24.54 6.79
N VAL B 964 -22.98 -25.40 6.90
CA VAL B 964 -23.16 -26.70 7.53
C VAL B 964 -23.35 -26.57 9.04
N GLU B 965 -22.80 -25.51 9.65
CA GLU B 965 -23.09 -25.25 11.05
C GLU B 965 -24.40 -24.51 11.25
N SER B 966 -24.99 -23.99 10.16
CA SER B 966 -26.34 -23.44 10.24
C SER B 966 -27.40 -24.53 10.31
N LEU B 967 -27.07 -25.74 9.83
CA LEU B 967 -27.92 -26.91 10.02
C LEU B 967 -27.54 -27.68 11.29
N ALA B 968 -26.24 -27.83 11.54
CA ALA B 968 -25.79 -28.50 12.76
C ALA B 968 -26.24 -27.73 14.00
N GLY B 969 -25.99 -26.42 14.00
CA GLY B 969 -26.49 -25.59 15.10
C GLY B 969 -28.00 -25.58 15.20
N LYS B 970 -28.69 -25.75 14.08
CA LYS B 970 -30.15 -25.80 14.12
C LYS B 970 -30.65 -27.13 14.67
N ALA B 971 -29.98 -28.23 14.33
CA ALA B 971 -30.34 -29.52 14.89
C ALA B 971 -30.03 -29.57 16.38
N GLY B 972 -28.88 -29.04 16.77
CA GLY B 972 -28.53 -29.00 18.19
C GLY B 972 -29.42 -28.08 18.99
N ALA B 973 -29.88 -26.99 18.39
CA ALA B 973 -30.78 -26.06 19.08
C ALA B 973 -32.17 -26.63 19.31
N LEU B 974 -32.49 -27.78 18.70
CA LEU B 974 -33.76 -28.46 18.93
C LEU B 974 -33.61 -29.68 19.82
N HIS B 975 -32.70 -30.58 19.48
CA HIS B 975 -32.50 -31.82 20.23
C HIS B 975 -31.68 -31.61 21.50
N GLY B 976 -31.18 -30.40 21.74
CA GLY B 976 -30.34 -30.14 22.88
C GLY B 976 -28.90 -30.61 22.75
N ILE B 977 -28.63 -31.51 21.80
CA ILE B 977 -27.27 -32.03 21.63
C ILE B 977 -26.35 -30.91 21.15
N ALA B 978 -25.04 -31.17 21.29
CA ALA B 978 -24.00 -30.23 20.87
C ALA B 978 -23.10 -30.95 19.87
N GLN B 979 -23.30 -30.67 18.58
CA GLN B 979 -22.50 -31.30 17.54
C GLN B 979 -21.03 -30.92 17.72
N ASP B 980 -20.14 -31.86 17.42
CA ASP B 980 -18.71 -31.61 17.48
C ASP B 980 -18.18 -31.40 16.08
N SER B 981 -17.44 -30.31 15.88
CA SER B 981 -16.92 -30.01 14.55
C SER B 981 -15.82 -30.97 14.15
N THR B 982 -14.69 -30.94 14.87
CA THR B 982 -13.54 -31.85 14.77
C THR B 982 -13.26 -32.21 13.31
N PRO B 983 -12.72 -31.28 12.52
CA PRO B 983 -12.62 -31.48 11.07
C PRO B 983 -11.87 -32.75 10.70
N TRP B 984 -12.02 -33.14 9.44
CA TRP B 984 -11.47 -34.38 8.88
C TRP B 984 -12.13 -35.61 9.51
N ILE B 985 -13.45 -35.57 9.65
CA ILE B 985 -14.23 -36.72 10.05
C ILE B 985 -15.28 -37.10 9.01
N PHE B 986 -15.55 -36.24 8.03
CA PHE B 986 -16.54 -36.51 7.00
C PHE B 986 -15.86 -36.65 5.64
N ASN B 987 -16.42 -37.53 4.81
CA ASN B 987 -15.87 -37.80 3.49
C ASN B 987 -17.04 -37.88 2.50
N GLU B 988 -16.74 -38.34 1.28
CA GLU B 988 -17.74 -38.41 0.22
C GLU B 988 -18.84 -39.43 0.49
N ASP B 989 -18.64 -40.34 1.45
CA ASP B 989 -19.65 -41.35 1.73
C ASP B 989 -20.84 -40.77 2.46
N ASP B 990 -20.61 -40.24 3.65
CA ASP B 990 -21.66 -39.62 4.46
C ASP B 990 -21.38 -38.11 4.54
N THR B 991 -22.16 -37.35 3.77
CA THR B 991 -22.00 -35.90 3.77
C THR B 991 -22.64 -35.29 5.01
N PRO B 992 -22.08 -34.19 5.54
CA PRO B 992 -22.66 -33.58 6.74
C PRO B 992 -24.04 -32.98 6.49
N ALA B 993 -24.34 -32.55 5.26
CA ALA B 993 -25.67 -32.05 4.96
C ALA B 993 -26.72 -33.15 5.07
N ASP B 994 -26.32 -34.41 4.86
CA ASP B 994 -27.25 -35.52 5.01
C ASP B 994 -27.31 -35.99 6.46
N TYR B 995 -26.15 -36.15 7.11
CA TYR B 995 -26.13 -36.58 8.50
C TYR B 995 -26.86 -35.60 9.40
N PHE B 996 -26.58 -34.31 9.23
CA PHE B 996 -27.32 -33.27 9.94
C PHE B 996 -28.71 -33.04 9.35
N GLY B 997 -28.96 -33.51 8.13
CA GLY B 997 -30.28 -33.36 7.55
C GLY B 997 -31.31 -34.29 8.15
N GLU B 998 -30.91 -35.54 8.42
CA GLU B 998 -31.84 -36.49 9.02
C GLU B 998 -32.31 -36.04 10.39
N GLN B 999 -31.46 -35.31 11.12
CA GLN B 999 -31.86 -34.80 12.43
C GLN B 999 -32.94 -33.74 12.29
N LEU B 1000 -32.84 -32.88 11.26
CA LEU B 1000 -33.91 -31.92 11.00
C LEU B 1000 -35.17 -32.61 10.49
N ALA B 1001 -35.01 -33.69 9.72
CA ALA B 1001 -36.17 -34.41 9.22
C ALA B 1001 -36.97 -35.03 10.36
N LYS B 1002 -36.28 -35.68 11.30
CA LYS B 1002 -36.97 -36.25 12.46
C LYS B 1002 -37.30 -35.21 13.52
N ALA B 1003 -36.91 -33.95 13.32
CA ALA B 1003 -37.25 -32.88 14.25
C ALA B 1003 -38.54 -32.18 13.87
N GLY B 1004 -38.82 -32.04 12.57
CA GLY B 1004 -40.05 -31.43 12.12
C GLY B 1004 -39.84 -30.29 11.14
N TYR B 1005 -38.58 -29.94 10.87
CA TYR B 1005 -38.26 -28.88 9.93
C TYR B 1005 -37.86 -29.48 8.57
N ASN B 1006 -37.42 -28.63 7.67
CA ASN B 1006 -37.03 -29.08 6.33
C ASN B 1006 -35.73 -29.88 6.39
N TYR B 1007 -35.61 -30.83 5.46
CA TYR B 1007 -34.42 -31.69 5.43
C TYR B 1007 -33.19 -30.89 5.02
N HIS B 1008 -33.33 -29.99 4.05
CA HIS B 1008 -32.20 -29.20 3.58
C HIS B 1008 -31.94 -27.98 4.45
N GLY B 1009 -32.92 -27.54 5.23
CA GLY B 1009 -32.78 -26.37 6.09
C GLY B 1009 -33.55 -25.16 5.62
N ASN B 1010 -34.12 -25.19 4.42
CA ASN B 1010 -34.88 -24.05 3.89
C ASN B 1010 -36.19 -23.95 4.65
N GLU B 1011 -36.28 -22.97 5.55
CA GLU B 1011 -37.48 -22.77 6.37
C GLU B 1011 -38.38 -21.72 5.71
N PRO B 1012 -39.66 -22.01 5.55
CA PRO B 1012 -40.56 -21.04 4.89
C PRO B 1012 -40.70 -19.76 5.72
N MET B 1013 -40.45 -18.63 5.08
CA MET B 1013 -40.45 -17.34 5.74
C MET B 1013 -41.59 -16.47 5.22
N TYR B 1014 -41.92 -15.44 5.99
CA TYR B 1014 -42.94 -14.47 5.62
C TYR B 1014 -42.32 -13.08 5.62
N SER B 1015 -42.60 -12.32 4.57
CA SER B 1015 -42.03 -10.98 4.44
C SER B 1015 -42.61 -10.04 5.49
N GLY B 1016 -41.81 -9.04 5.86
CA GLY B 1016 -42.22 -8.07 6.86
C GLY B 1016 -43.02 -6.92 6.32
N ALA B 1017 -42.63 -6.40 5.16
CA ALA B 1017 -43.24 -5.19 4.64
C ALA B 1017 -44.68 -5.44 4.18
N THR B 1018 -44.86 -6.32 3.20
CA THR B 1018 -46.19 -6.58 2.68
C THR B 1018 -46.95 -7.60 3.54
N GLY B 1019 -46.29 -8.70 3.87
CA GLY B 1019 -46.88 -9.71 4.75
C GLY B 1019 -47.15 -11.05 4.11
N GLU B 1020 -46.92 -11.22 2.81
CA GLU B 1020 -47.15 -12.50 2.15
C GLU B 1020 -45.88 -13.34 2.17
N GLU B 1021 -46.05 -14.64 1.86
CA GLU B 1021 -44.93 -15.55 1.85
C GLU B 1021 -43.98 -15.21 0.70
N LEU B 1022 -42.69 -15.39 0.95
CA LEU B 1022 -41.68 -15.14 -0.08
C LEU B 1022 -41.81 -16.16 -1.21
N ARG B 1023 -41.02 -15.93 -2.27
CA ARG B 1023 -41.02 -16.85 -3.41
C ARG B 1023 -40.51 -18.23 -3.00
N ALA B 1024 -39.28 -18.29 -2.50
CA ALA B 1024 -38.69 -19.53 -2.02
C ALA B 1024 -38.51 -19.47 -0.51
N ASP B 1025 -38.17 -20.62 0.06
CA ASP B 1025 -37.95 -20.71 1.50
C ASP B 1025 -36.60 -20.09 1.87
N ILE B 1026 -36.50 -19.62 3.10
CA ILE B 1026 -35.33 -18.90 3.58
C ILE B 1026 -34.43 -19.85 4.38
N TYR B 1027 -33.14 -19.82 4.09
CA TYR B 1027 -32.15 -20.60 4.81
C TYR B 1027 -31.98 -20.01 6.22
N VAL B 1028 -32.38 -20.76 7.24
CA VAL B 1028 -32.39 -20.29 8.61
C VAL B 1028 -31.54 -21.22 9.47
N GLY B 1029 -30.80 -20.64 10.41
CA GLY B 1029 -29.99 -21.40 11.32
C GLY B 1029 -29.28 -20.48 12.29
N VAL B 1030 -28.46 -21.08 13.15
CA VAL B 1030 -27.68 -20.34 14.14
C VAL B 1030 -26.20 -20.57 13.89
N VAL B 1031 -25.41 -19.52 14.06
CA VAL B 1031 -23.96 -19.57 13.86
C VAL B 1031 -23.30 -18.82 15.02
N TYR B 1032 -22.19 -19.36 15.51
CA TYR B 1032 -21.43 -18.73 16.58
C TYR B 1032 -20.62 -17.55 16.03
N TYR B 1033 -20.75 -16.39 16.67
CA TYR B 1033 -20.05 -15.18 16.26
C TYR B 1033 -18.98 -14.82 17.29
N GLN B 1034 -18.35 -13.67 17.04
CA GLN B 1034 -17.39 -13.08 17.98
C GLN B 1034 -17.23 -11.61 17.62
N ARG B 1035 -17.30 -10.74 18.61
CA ARG B 1035 -17.32 -9.30 18.39
C ARG B 1035 -15.91 -8.75 18.28
N LEU B 1036 -15.66 -7.97 17.23
CA LEU B 1036 -14.36 -7.38 17.00
C LEU B 1036 -14.12 -6.21 17.95
N ARG B 1037 -12.92 -5.63 17.86
CA ARG B 1037 -12.52 -4.54 18.74
C ARG B 1037 -12.78 -3.16 18.12
N HIS B 1038 -12.70 -3.04 16.79
CA HIS B 1038 -12.86 -1.76 16.14
C HIS B 1038 -14.28 -1.22 16.36
N MET B 1039 -14.36 0.10 16.55
CA MET B 1039 -15.62 0.78 16.80
C MET B 1039 -15.82 1.89 15.77
N VAL B 1040 -17.03 2.45 15.78
CA VAL B 1040 -17.37 3.53 14.84
C VAL B 1040 -16.97 4.91 15.37
N ASN B 1041 -16.82 5.07 16.68
CA ASN B 1041 -16.41 6.33 17.29
C ASN B 1041 -14.90 6.53 17.24
N ASP B 1042 -14.19 5.78 16.40
CA ASP B 1042 -12.73 5.83 16.40
C ASP B 1042 -12.21 7.19 15.93
N LYS B 1043 -12.55 7.59 14.71
CA LYS B 1043 -12.04 8.84 14.16
C LYS B 1043 -13.00 10.01 14.37
N PHE B 1044 -14.20 9.92 13.82
CA PHE B 1044 -15.23 10.97 13.91
C PHE B 1044 -14.63 12.35 13.64
N GLN B 1045 -13.91 12.45 12.53
CA GLN B 1045 -13.17 13.67 12.22
C GLN B 1045 -14.08 14.71 11.56
N VAL B 1046 -14.00 15.94 12.06
CA VAL B 1046 -14.75 17.06 11.51
C VAL B 1046 -14.11 18.35 12.04
N ARG B 1047 -14.08 19.38 11.19
CA ARG B 1047 -13.47 20.64 11.58
C ARG B 1047 -13.95 21.75 10.65
N SER B 1048 -14.27 22.91 11.22
CA SER B 1048 -14.55 24.11 10.48
C SER B 1048 -13.48 25.18 10.68
N THR B 1049 -13.22 25.54 11.93
CA THR B 1049 -12.16 26.49 12.27
C THR B 1049 -11.50 26.03 13.56
N GLY B 1050 -10.18 26.25 13.66
CA GLY B 1050 -9.44 25.86 14.84
C GLY B 1050 -8.09 26.52 14.91
N PRO B 1051 -7.17 25.91 15.67
CA PRO B 1051 -5.82 26.47 15.80
C PRO B 1051 -4.98 26.25 14.57
N VAL B 1052 -4.11 27.22 14.29
CA VAL B 1052 -3.20 27.16 13.15
C VAL B 1052 -1.77 27.12 13.65
N ASN B 1053 -0.91 26.45 12.87
CA ASN B 1053 0.51 26.37 13.20
C ASN B 1053 1.16 27.72 12.97
N SER B 1054 1.71 28.32 14.04
CA SER B 1054 2.26 29.66 13.94
C SER B 1054 3.43 29.74 12.97
N LEU B 1055 4.13 28.61 12.75
CA LEU B 1055 5.27 28.62 11.84
C LEU B 1055 4.82 28.72 10.39
N THR B 1056 3.61 28.27 10.07
CA THR B 1056 3.15 28.22 8.69
C THR B 1056 1.75 28.81 8.50
N MET B 1057 1.02 29.10 9.57
CA MET B 1057 -0.37 29.57 9.49
C MET B 1057 -1.27 28.56 8.79
N GLN B 1058 -0.92 27.29 8.88
CA GLN B 1058 -1.72 26.18 8.37
C GLN B 1058 -2.39 25.46 9.53
N PRO B 1059 -3.51 24.77 9.26
CA PRO B 1059 -4.14 23.97 10.31
C PRO B 1059 -3.17 22.96 10.91
N VAL B 1060 -3.29 22.75 12.22
CA VAL B 1060 -2.35 21.89 12.92
C VAL B 1060 -2.68 20.42 12.67
N LYS B 1061 -1.70 19.56 12.94
CA LYS B 1061 -1.85 18.12 12.76
C LYS B 1061 -2.16 17.47 14.10
N GLY B 1062 -3.22 16.66 14.11
CA GLY B 1062 -3.63 15.98 15.33
C GLY B 1062 -5.07 16.29 15.70
N ARG B 1063 -5.90 15.26 15.81
CA ARG B 1063 -7.34 15.43 16.00
C ARG B 1063 -7.72 15.81 17.44
N LYS B 1064 -6.77 16.24 18.27
CA LYS B 1064 -7.15 16.05 19.76
C LYS B 1064 -7.26 17.56 19.64
N ARG B 1065 -6.37 18.18 18.88
CA ARG B 1065 -6.47 19.60 18.74
C ARG B 1065 -7.49 19.80 17.65
N HIS B 1066 -8.23 18.74 17.30
CA HIS B 1066 -9.13 18.93 16.16
C HIS B 1066 -8.39 19.20 14.85
N GLY B 1067 -7.53 18.25 14.47
CA GLY B 1067 -6.71 18.43 13.30
C GLY B 1067 -7.53 18.58 12.03
N GLY B 1068 -6.93 19.26 11.05
CA GLY B 1068 -7.55 19.41 9.76
C GLY B 1068 -7.10 18.34 8.78
N ILE B 1069 -7.98 18.01 7.84
CA ILE B 1069 -7.70 16.99 6.84
C ILE B 1069 -6.69 17.54 5.84
N ARG B 1070 -5.60 16.81 5.64
CA ARG B 1070 -4.54 17.24 4.74
C ARG B 1070 -4.76 16.63 3.36
N VAL B 1071 -4.79 17.47 2.34
CA VAL B 1071 -4.70 17.02 0.96
C VAL B 1071 -3.22 16.76 0.67
N GLY B 1072 -2.93 15.66 -0.01
CA GLY B 1072 -1.55 15.30 -0.28
C GLY B 1072 -1.09 15.71 -1.66
N GLU B 1073 -0.61 14.74 -2.44
CA GLU B 1073 -0.19 14.98 -3.81
C GLU B 1073 -0.92 14.13 -4.84
N MET B 1074 -1.54 13.02 -4.44
CA MET B 1074 -2.29 12.18 -5.35
C MET B 1074 -3.67 12.76 -5.68
N GLU B 1075 -4.13 13.77 -4.95
CA GLU B 1075 -5.37 14.46 -5.25
C GLU B 1075 -5.16 15.84 -5.85
N ARG B 1076 -3.97 16.44 -5.67
CA ARG B 1076 -3.67 17.71 -6.31
C ARG B 1076 -3.75 17.59 -7.83
N ASP B 1077 -3.40 16.42 -8.37
CA ASP B 1077 -3.56 16.14 -9.78
C ASP B 1077 -4.92 15.53 -10.11
N ALA B 1078 -5.64 15.04 -9.12
CA ALA B 1078 -6.98 14.51 -9.31
C ALA B 1078 -8.06 15.58 -9.23
N LEU B 1079 -7.69 16.83 -8.94
CA LEU B 1079 -8.64 17.94 -8.86
C LEU B 1079 -8.56 18.88 -10.04
N ILE B 1080 -7.35 19.17 -10.54
CA ILE B 1080 -7.21 19.99 -11.74
C ILE B 1080 -7.30 19.15 -13.02
N GLY B 1081 -7.50 17.83 -12.89
CA GLY B 1081 -7.72 17.01 -14.07
C GLY B 1081 -9.10 17.24 -14.66
N HIS B 1082 -10.06 17.65 -13.84
CA HIS B 1082 -11.38 18.05 -14.33
C HIS B 1082 -11.36 19.41 -14.99
N GLY B 1083 -10.22 20.09 -15.01
CA GLY B 1083 -10.16 21.44 -15.53
C GLY B 1083 -10.85 22.48 -14.66
N THR B 1084 -11.08 22.16 -13.39
CA THR B 1084 -11.74 23.07 -12.44
C THR B 1084 -10.66 23.69 -11.56
N SER B 1085 -10.18 24.85 -11.97
CA SER B 1085 -9.14 25.55 -11.22
C SER B 1085 -9.69 26.27 -10.00
N PHE B 1086 -10.99 26.61 -10.01
CA PHE B 1086 -11.60 27.29 -8.86
C PHE B 1086 -11.76 26.37 -7.66
N LEU B 1087 -11.54 25.07 -7.81
CA LEU B 1087 -11.60 24.14 -6.69
C LEU B 1087 -10.24 23.99 -6.02
N LEU B 1088 -9.18 23.82 -6.80
CA LEU B 1088 -7.84 23.69 -6.22
C LEU B 1088 -7.36 25.01 -5.66
N GLN B 1089 -7.58 26.11 -6.39
CA GLN B 1089 -7.17 27.42 -5.90
C GLN B 1089 -7.92 27.83 -4.64
N ASP B 1090 -9.10 27.25 -4.39
CA ASP B 1090 -9.87 27.56 -3.20
C ASP B 1090 -9.46 26.68 -2.02
N ARG B 1091 -9.32 25.37 -2.24
CA ARG B 1091 -8.98 24.47 -1.15
C ARG B 1091 -7.54 24.63 -0.71
N LEU B 1092 -6.64 24.97 -1.63
CA LEU B 1092 -5.22 25.07 -1.31
C LEU B 1092 -4.80 26.45 -0.85
N LEU B 1093 -5.49 27.50 -1.30
CA LEU B 1093 -5.13 28.87 -0.95
C LEU B 1093 -6.19 29.58 -0.14
N ASN B 1094 -7.45 29.60 -0.62
CA ASN B 1094 -8.49 30.38 0.03
C ASN B 1094 -8.95 29.78 1.35
N SER B 1095 -8.67 28.49 1.58
CA SER B 1095 -9.14 27.83 2.80
C SER B 1095 -8.07 27.69 3.86
N SER B 1096 -6.79 27.73 3.49
CA SER B 1096 -5.71 27.46 4.43
C SER B 1096 -4.79 28.65 4.66
N ASP B 1097 -4.24 29.24 3.60
CA ASP B 1097 -3.19 30.24 3.72
C ASP B 1097 -3.52 31.53 2.97
N TYR B 1098 -4.80 31.87 2.85
CA TYR B 1098 -5.19 33.12 2.20
C TYR B 1098 -4.81 34.29 3.09
N THR B 1099 -3.70 34.97 2.76
CA THR B 1099 -3.20 36.10 3.53
C THR B 1099 -3.01 37.28 2.60
N GLN B 1100 -3.75 38.36 2.86
CA GLN B 1100 -3.63 39.59 2.06
C GLN B 1100 -2.49 40.43 2.62
N ALA B 1101 -1.26 39.96 2.38
CA ALA B 1101 -0.08 40.64 2.84
C ALA B 1101 0.21 41.86 1.96
N SER B 1102 1.26 42.60 2.31
CA SER B 1102 1.66 43.80 1.59
C SER B 1102 3.02 43.56 0.94
N VAL B 1103 3.19 44.08 -0.28
CA VAL B 1103 4.42 43.94 -1.04
C VAL B 1103 4.73 45.28 -1.69
N CYS B 1104 5.97 45.75 -1.53
CA CYS B 1104 6.39 47.00 -2.13
C CYS B 1104 6.43 46.88 -3.65
N ARG B 1105 6.36 48.03 -4.31
CA ARG B 1105 6.24 48.06 -5.77
C ARG B 1105 7.61 48.20 -6.44
N GLU B 1106 8.36 49.24 -6.10
CA GLU B 1106 9.65 49.47 -6.74
C GLU B 1106 10.73 48.52 -6.27
N CYS B 1107 10.53 47.80 -5.17
CA CYS B 1107 11.50 46.84 -4.67
C CYS B 1107 11.06 45.39 -4.81
N GLY B 1108 9.75 45.13 -4.89
CA GLY B 1108 9.25 43.77 -5.03
C GLY B 1108 9.68 42.83 -3.93
N SER B 1109 9.28 43.13 -2.69
CA SER B 1109 9.62 42.29 -1.54
C SER B 1109 8.43 42.22 -0.60
N ILE B 1110 8.36 41.13 0.16
CA ILE B 1110 7.21 40.86 1.02
C ILE B 1110 7.49 41.37 2.43
N LEU B 1111 8.55 40.85 3.06
CA LEU B 1111 8.86 41.18 4.44
C LEU B 1111 9.53 42.54 4.59
N THR B 1112 9.87 43.21 3.49
CA THR B 1112 10.54 44.50 3.58
C THR B 1112 9.58 45.59 4.06
N THR B 1113 8.39 45.66 3.46
CA THR B 1113 7.41 46.64 3.89
C THR B 1113 6.96 46.36 5.32
N GLN B 1114 6.48 47.40 6.00
CA GLN B 1114 6.15 47.30 7.41
C GLN B 1114 5.21 48.44 7.78
N GLN B 1115 4.67 48.35 9.00
CA GLN B 1115 3.86 49.40 9.58
C GLN B 1115 4.72 50.29 10.46
N SER B 1116 4.46 51.60 10.40
CA SER B 1116 5.23 52.59 11.14
C SER B 1116 4.37 53.17 12.25
N VAL B 1117 4.96 54.12 13.00
CA VAL B 1117 4.28 54.80 14.09
C VAL B 1117 4.52 56.31 13.92
N PRO B 1118 3.47 57.11 13.77
CA PRO B 1118 3.66 58.56 13.62
C PRO B 1118 3.63 59.30 14.95
N ARG B 1119 4.31 60.44 14.97
CA ARG B 1119 4.28 61.31 16.14
C ARG B 1119 2.94 62.04 16.22
N ILE B 1120 2.61 62.81 15.17
CA ILE B 1120 1.31 63.46 15.11
C ILE B 1120 0.26 62.44 14.64
N GLY B 1121 -1.00 62.77 14.91
CA GLY B 1121 -2.09 61.89 14.55
C GLY B 1121 -2.18 61.59 13.06
N SER B 1122 -1.99 60.32 12.69
CA SER B 1122 -2.05 59.89 11.31
C SER B 1122 -2.70 58.52 11.25
N ILE B 1123 -3.02 58.07 10.03
CA ILE B 1123 -3.72 56.82 9.81
C ILE B 1123 -3.05 56.06 8.66
N SER B 1124 -2.88 54.75 8.84
CA SER B 1124 -2.36 53.86 7.82
C SER B 1124 -1.01 54.33 7.28
N THR B 1125 -0.02 54.36 8.18
CA THR B 1125 1.33 54.79 7.83
C THR B 1125 2.19 53.59 7.42
N VAL B 1126 1.70 52.85 6.43
CA VAL B 1126 2.45 51.73 5.88
C VAL B 1126 3.51 52.27 4.93
N CYS B 1127 4.67 51.61 4.88
CA CYS B 1127 5.81 52.14 4.14
C CYS B 1127 6.77 51.00 3.82
N CYS B 1128 7.92 51.35 3.27
CA CYS B 1128 8.98 50.41 2.91
C CYS B 1128 10.30 50.93 3.45
N ARG B 1129 11.14 50.01 3.95
CA ARG B 1129 12.38 50.38 4.62
C ARG B 1129 13.61 50.31 3.72
N ARG B 1130 13.71 49.29 2.88
CA ARG B 1130 14.93 49.13 2.07
C ARG B 1130 15.03 50.21 1.00
N CYS B 1131 13.92 50.50 0.32
CA CYS B 1131 13.92 51.57 -0.68
C CYS B 1131 14.02 52.95 -0.05
N SER B 1132 13.87 53.07 1.26
CA SER B 1132 13.99 54.33 1.96
C SER B 1132 15.41 54.50 2.51
N MET B 1133 15.67 55.67 3.09
CA MET B 1133 16.95 55.96 3.71
C MET B 1133 16.74 56.96 4.84
N ARG B 1134 17.82 57.27 5.55
CA ARG B 1134 17.73 58.16 6.69
C ARG B 1134 17.39 59.58 6.26
N PHE B 1135 16.69 60.30 7.14
CA PHE B 1135 16.30 61.68 6.83
C PHE B 1135 17.53 62.60 6.79
N GLU B 1136 18.49 62.38 7.68
CA GLU B 1136 19.67 63.23 7.74
C GLU B 1136 20.77 62.78 6.80
N ASP B 1137 20.92 61.48 6.58
CA ASP B 1137 21.96 60.99 5.68
C ASP B 1137 21.68 61.36 4.23
N ALA B 1138 20.41 61.56 3.88
CA ALA B 1138 20.02 61.93 2.52
C ALA B 1138 19.90 63.46 2.44
N LYS B 1139 21.05 64.11 2.46
CA LYS B 1139 21.14 65.56 2.40
C LYS B 1139 21.62 66.00 1.02
N LYS B 1140 21.18 67.19 0.61
CA LYS B 1140 21.56 67.74 -0.68
C LYS B 1140 22.08 69.17 -0.54
N GLY B 1148 16.13 77.25 -8.56
CA GLY B 1148 16.22 78.03 -7.33
C GLY B 1148 15.17 77.67 -6.30
N GLU B 1149 14.59 76.48 -6.46
CA GLU B 1149 13.57 76.01 -5.53
C GLU B 1149 14.22 75.39 -4.30
N LYS B 1150 13.63 75.65 -3.14
CA LYS B 1150 14.21 75.18 -1.88
C LYS B 1150 14.15 73.66 -1.80
N ILE B 1151 15.27 73.05 -1.40
CA ILE B 1151 15.37 71.60 -1.36
C ILE B 1151 14.79 71.07 -0.06
N PHE B 1152 13.48 70.82 -0.05
CA PHE B 1152 12.79 70.28 1.11
C PHE B 1152 11.62 69.44 0.64
N ILE B 1153 11.01 68.72 1.57
CA ILE B 1153 9.89 67.83 1.28
C ILE B 1153 8.66 68.32 2.04
N ASP B 1154 7.51 67.81 1.63
CA ASP B 1154 6.24 68.14 2.25
C ASP B 1154 6.02 67.44 3.59
N ASP B 1155 7.03 66.72 4.09
CA ASP B 1155 7.03 66.01 5.36
C ASP B 1155 6.05 64.83 5.38
N SER B 1156 5.35 64.56 4.29
CA SER B 1156 4.44 63.43 4.25
C SER B 1156 5.12 62.13 3.84
N GLN B 1157 6.29 62.21 3.20
CA GLN B 1157 7.03 61.02 2.79
C GLN B 1157 7.87 60.44 3.90
N ILE B 1158 7.98 61.11 5.05
CA ILE B 1158 8.80 60.64 6.15
C ILE B 1158 7.96 59.70 7.01
N TRP B 1159 8.65 58.82 7.74
CA TRP B 1159 7.99 57.90 8.66
C TRP B 1159 8.98 57.49 9.73
N GLU B 1160 8.45 57.14 10.90
CA GLU B 1160 9.26 56.85 12.07
C GLU B 1160 8.91 55.48 12.62
N ASP B 1161 9.88 54.86 13.29
CA ASP B 1161 9.72 53.57 13.94
C ASP B 1161 9.76 53.74 15.45
N GLY B 1162 9.59 52.62 16.16
CA GLY B 1162 9.61 52.67 17.61
C GLY B 1162 10.96 53.02 18.18
N GLN B 1163 12.04 52.63 17.50
CA GLN B 1163 13.40 52.89 17.97
C GLN B 1163 13.83 54.35 17.78
N GLY B 1164 12.95 55.25 17.34
CA GLY B 1164 13.28 56.66 17.27
C GLY B 1164 14.14 57.05 16.07
N ASN B 1165 13.78 56.58 14.89
CA ASN B 1165 14.47 56.94 13.66
C ASN B 1165 13.52 57.70 12.74
N LYS B 1166 14.10 58.31 11.70
CA LYS B 1166 13.36 59.08 10.71
C LYS B 1166 13.84 58.67 9.32
N PHE B 1167 12.96 58.04 8.55
CA PHE B 1167 13.29 57.57 7.22
C PHE B 1167 12.38 58.23 6.19
N VAL B 1168 12.96 58.53 5.03
CA VAL B 1168 12.23 59.12 3.90
C VAL B 1168 12.33 58.17 2.72
N GLY B 1169 11.22 57.97 2.02
CA GLY B 1169 11.15 57.08 0.88
C GLY B 1169 10.31 55.84 1.18
N GLY B 1170 10.21 55.00 0.17
CA GLY B 1170 9.38 53.81 0.28
C GLY B 1170 7.91 54.12 0.50
N ASN B 1171 7.40 55.17 -0.15
CA ASN B 1171 6.04 55.62 0.09
C ASN B 1171 5.03 54.70 -0.58
N GLU B 1172 5.12 54.53 -1.90
CA GLU B 1172 4.13 53.77 -2.64
C GLU B 1172 4.26 52.27 -2.37
N THR B 1173 3.14 51.61 -2.17
CA THR B 1173 3.07 50.18 -1.93
C THR B 1173 1.62 49.74 -2.10
N THR B 1174 1.41 48.43 -2.05
CA THR B 1174 0.08 47.86 -2.21
C THR B 1174 0.04 46.51 -1.50
N THR B 1175 -1.14 45.90 -1.51
CA THR B 1175 -1.37 44.61 -0.87
C THR B 1175 -1.73 43.56 -1.92
N VAL B 1176 -1.21 42.35 -1.74
CA VAL B 1176 -1.47 41.25 -2.66
C VAL B 1176 -1.85 40.02 -1.86
N ALA B 1177 -2.61 39.13 -2.50
CA ALA B 1177 -2.94 37.85 -1.90
C ALA B 1177 -1.81 36.86 -2.10
N ILE B 1178 -1.44 36.17 -1.03
CA ILE B 1178 -0.25 35.31 -1.05
C ILE B 1178 -0.36 34.27 0.07
N PRO B 1179 0.06 33.03 -0.17
CA PRO B 1179 0.14 32.06 0.93
C PRO B 1179 1.16 32.50 1.97
N PHE B 1180 0.82 32.29 3.25
CA PHE B 1180 1.74 32.65 4.32
C PHE B 1180 3.00 31.79 4.29
N VAL B 1181 2.90 30.55 3.81
CA VAL B 1181 4.07 29.67 3.73
C VAL B 1181 5.10 30.24 2.79
N LEU B 1182 4.69 31.01 1.77
CA LEU B 1182 5.64 31.62 0.85
C LEU B 1182 6.51 32.65 1.56
N LYS B 1183 5.97 33.32 2.58
CA LYS B 1183 6.79 34.21 3.38
C LYS B 1183 7.82 33.44 4.19
N TYR B 1184 7.44 32.26 4.70
CA TYR B 1184 8.40 31.41 5.40
C TYR B 1184 9.46 30.89 4.45
N LEU B 1185 9.08 30.61 3.20
CA LEU B 1185 10.07 30.22 2.20
C LEU B 1185 11.03 31.36 1.92
N ASP B 1186 10.51 32.59 1.82
CA ASP B 1186 11.37 33.75 1.62
C ASP B 1186 12.29 33.96 2.82
N SER B 1187 11.86 33.58 4.02
CA SER B 1187 12.69 33.74 5.20
C SER B 1187 13.83 32.73 5.22
N GLU B 1188 13.53 31.46 4.94
CA GLU B 1188 14.58 30.45 4.92
C GLU B 1188 15.54 30.66 3.75
N LEU B 1189 15.07 31.22 2.64
CA LEU B 1189 15.96 31.50 1.52
C LEU B 1189 16.80 32.75 1.78
N SER B 1190 16.22 33.78 2.39
CA SER B 1190 16.99 34.96 2.75
C SER B 1190 18.02 34.67 3.83
N ALA B 1191 17.82 33.62 4.62
CA ALA B 1191 18.80 33.23 5.62
C ALA B 1191 20.09 32.73 4.98
N MET B 1192 19.97 32.05 3.82
CA MET B 1192 21.16 31.58 3.12
C MET B 1192 21.84 32.70 2.35
N GLY B 1193 21.05 33.52 1.65
CA GLY B 1193 21.61 34.60 0.87
C GLY B 1193 21.01 34.74 -0.51
N ILE B 1194 20.10 33.83 -0.87
CA ILE B 1194 19.40 33.89 -2.15
C ILE B 1194 18.15 34.75 -1.97
N ARG B 1195 17.86 35.59 -2.96
CA ARG B 1195 16.78 36.57 -2.88
C ARG B 1195 15.69 36.24 -3.89
N LEU B 1196 14.46 36.59 -3.51
CA LEU B 1196 13.29 36.44 -4.39
C LEU B 1196 12.65 37.81 -4.56
N ARG B 1197 12.36 38.18 -5.80
CA ARG B 1197 11.72 39.46 -6.11
C ARG B 1197 10.47 39.18 -6.94
N TYR B 1198 9.34 39.78 -6.52
CA TYR B 1198 8.07 39.62 -7.19
C TYR B 1198 7.73 40.94 -7.88
N ASN B 1199 7.77 40.95 -9.21
CA ASN B 1199 7.48 42.16 -10.00
C ASN B 1199 5.96 42.36 -10.08
N VAL B 1200 5.42 42.87 -8.97
CA VAL B 1200 3.97 43.04 -8.87
C VAL B 1200 3.49 44.05 -9.90
N GLU B 1201 2.54 43.62 -10.73
CA GLU B 1201 1.90 44.38 -11.78
C GLU B 1201 0.56 44.95 -11.29
N PRO B 1202 0.24 46.21 -11.59
CA PRO B 1202 0.97 47.18 -12.41
C PRO B 1202 2.21 47.78 -11.73
N LYS B 1203 3.25 47.99 -12.53
CA LYS B 1203 4.49 48.61 -12.07
C LYS B 1203 5.09 47.87 -10.87
N GLU C 30 -68.91 -5.25 -6.98
CA GLU C 30 -68.18 -4.26 -6.19
C GLU C 30 -67.98 -4.73 -4.76
N TRP C 31 -66.75 -4.58 -4.26
CA TRP C 31 -66.42 -4.98 -2.90
C TRP C 31 -66.95 -3.95 -1.91
N ASN C 32 -67.76 -4.39 -0.96
CA ASN C 32 -68.34 -3.52 0.05
C ASN C 32 -68.15 -4.15 1.43
N VAL C 33 -68.50 -3.39 2.46
CA VAL C 33 -68.28 -3.86 3.83
C VAL C 33 -69.21 -5.01 4.18
N GLU C 34 -70.49 -4.92 3.79
CA GLU C 34 -71.42 -6.00 4.10
C GLU C 34 -71.11 -7.25 3.28
N LYS C 35 -70.52 -7.08 2.09
CA LYS C 35 -70.10 -8.24 1.31
C LYS C 35 -68.89 -8.91 1.95
N PHE C 36 -68.05 -8.14 2.64
CA PHE C 36 -66.92 -8.72 3.37
C PHE C 36 -67.34 -9.23 4.73
N LYS C 37 -68.38 -8.65 5.32
CA LYS C 37 -68.84 -9.09 6.64
C LYS C 37 -69.55 -10.42 6.57
N LYS C 38 -70.34 -10.65 5.51
CA LYS C 38 -71.04 -11.92 5.36
C LYS C 38 -70.08 -13.09 5.13
N ASP C 39 -68.83 -12.81 4.79
CA ASP C 39 -67.82 -13.84 4.57
C ASP C 39 -66.80 -13.93 5.70
N PHE C 40 -66.56 -12.84 6.42
CA PHE C 40 -65.56 -12.85 7.48
C PHE C 40 -66.06 -13.61 8.69
N GLU C 41 -65.26 -14.56 9.17
CA GLU C 41 -65.60 -15.35 10.34
C GLU C 41 -64.35 -15.59 11.17
N VAL C 42 -64.57 -15.89 12.45
CA VAL C 42 -63.50 -16.17 13.39
C VAL C 42 -63.66 -17.59 13.91
N ASN C 43 -62.54 -18.24 14.20
CA ASN C 43 -62.54 -19.61 14.75
C ASN C 43 -61.41 -19.70 15.77
N ILE C 44 -61.75 -19.50 17.04
CA ILE C 44 -60.76 -19.57 18.11
C ILE C 44 -60.40 -21.03 18.33
N SER C 45 -59.16 -21.39 17.99
CA SER C 45 -58.72 -22.78 18.15
C SER C 45 -58.43 -23.10 19.62
N SER C 46 -57.70 -22.22 20.31
CA SER C 46 -57.38 -22.43 21.70
C SER C 46 -57.25 -21.07 22.38
N LEU C 47 -57.28 -21.08 23.71
CA LEU C 47 -57.20 -19.85 24.48
C LEU C 47 -56.66 -20.18 25.87
N ASP C 48 -55.86 -19.25 26.40
CA ASP C 48 -55.29 -19.38 27.73
C ASP C 48 -54.98 -17.98 28.26
N ALA C 49 -54.74 -17.90 29.57
CA ALA C 49 -54.40 -16.63 30.19
C ALA C 49 -53.01 -16.14 29.82
N ARG C 50 -52.26 -16.88 29.02
CA ARG C 50 -50.90 -16.50 28.64
C ARG C 50 -50.75 -16.51 27.12
N GLU C 51 -51.50 -17.37 26.44
CA GLU C 51 -51.38 -17.55 25.01
C GLU C 51 -52.74 -17.91 24.42
N ALA C 52 -53.06 -17.31 23.28
CA ALA C 52 -54.32 -17.57 22.60
C ALA C 52 -54.07 -17.75 21.11
N ASN C 53 -54.74 -18.74 20.51
CA ASN C 53 -54.60 -19.05 19.10
C ASN C 53 -55.99 -19.07 18.46
N PHE C 54 -56.27 -18.07 17.63
CA PHE C 54 -57.55 -17.95 16.93
C PHE C 54 -57.30 -17.87 15.43
N ASP C 55 -58.37 -18.00 14.66
CA ASP C 55 -58.30 -18.05 13.21
C ASP C 55 -59.15 -16.95 12.59
N LEU C 56 -58.66 -16.37 11.51
CA LEU C 56 -59.38 -15.36 10.75
C LEU C 56 -59.66 -15.89 9.35
N ILE C 57 -60.92 -15.79 8.91
CA ILE C 57 -61.36 -16.35 7.64
C ILE C 57 -61.44 -15.24 6.60
N ASN C 58 -60.96 -15.54 5.40
CA ASN C 58 -61.04 -14.67 4.21
C ASN C 58 -60.80 -13.20 4.54
N ILE C 59 -59.69 -12.92 5.22
CA ILE C 59 -59.26 -11.56 5.47
C ILE C 59 -58.01 -11.29 4.64
N ASP C 60 -57.81 -10.02 4.30
CA ASP C 60 -56.70 -9.64 3.43
C ASP C 60 -55.37 -9.69 4.19
N THR C 61 -54.31 -10.00 3.46
CA THR C 61 -52.98 -10.12 4.08
C THR C 61 -52.48 -8.78 4.58
N SER C 62 -52.79 -7.69 3.88
CA SER C 62 -52.34 -6.37 4.32
C SER C 62 -52.99 -5.98 5.63
N ILE C 63 -54.27 -6.32 5.81
CA ILE C 63 -54.94 -6.04 7.08
C ILE C 63 -54.40 -6.94 8.17
N ALA C 64 -54.19 -8.22 7.86
CA ALA C 64 -53.65 -9.15 8.85
C ALA C 64 -52.23 -8.75 9.25
N ASN C 65 -51.41 -8.36 8.28
CA ASN C 65 -50.07 -7.90 8.59
C ASN C 65 -50.10 -6.59 9.38
N ALA C 66 -51.10 -5.75 9.14
CA ALA C 66 -51.24 -4.52 9.91
C ALA C 66 -51.57 -4.83 11.37
N PHE C 67 -52.35 -5.88 11.61
CA PHE C 67 -52.67 -6.25 12.98
C PHE C 67 -51.45 -6.78 13.72
N ARG C 68 -50.68 -7.66 13.06
CA ARG C 68 -49.47 -8.19 13.69
C ARG C 68 -48.43 -7.10 13.89
N ARG C 69 -48.26 -6.23 12.88
CA ARG C 69 -47.27 -5.17 12.97
C ARG C 69 -47.63 -4.16 14.06
N ILE C 70 -48.93 -3.93 14.27
CA ILE C 70 -49.34 -2.98 15.29
C ILE C 70 -49.37 -3.63 16.67
N MET C 71 -49.42 -4.97 16.73
CA MET C 71 -49.41 -5.66 18.03
C MET C 71 -48.00 -5.76 18.59
N ILE C 72 -46.99 -5.85 17.73
CA ILE C 72 -45.62 -6.02 18.20
C ILE C 72 -44.97 -4.68 18.55
N SER C 73 -45.55 -3.56 18.11
CA SER C 73 -44.92 -2.26 18.29
C SER C 73 -45.74 -1.29 19.11
N GLU C 74 -47.02 -1.11 18.79
CA GLU C 74 -47.77 0.05 19.27
C GLU C 74 -48.42 -0.15 20.63
N VAL C 75 -48.72 -1.39 21.02
CA VAL C 75 -49.44 -1.58 22.29
C VAL C 75 -48.56 -1.10 23.45
N PRO C 76 -49.07 -0.24 24.32
CA PRO C 76 -48.24 0.28 25.42
C PRO C 76 -48.05 -0.77 26.51
N SER C 77 -47.06 -0.50 27.36
CA SER C 77 -46.75 -1.37 28.49
C SER C 77 -45.90 -0.60 29.49
N VAL C 78 -45.89 -1.09 30.72
CA VAL C 78 -45.14 -0.44 31.81
C VAL C 78 -43.76 -1.09 31.91
N ALA C 79 -42.73 -0.26 31.99
CA ALA C 79 -41.36 -0.75 32.09
C ALA C 79 -40.50 0.34 32.70
N ALA C 80 -39.41 -0.09 33.35
CA ALA C 80 -38.49 0.84 33.99
C ALA C 80 -37.80 1.71 32.94
N GLU C 81 -37.89 3.03 33.11
CA GLU C 81 -37.35 3.98 32.15
C GLU C 81 -36.15 4.75 32.68
N TYR C 82 -36.15 5.15 33.94
CA TYR C 82 -35.01 5.81 34.57
C TYR C 82 -34.59 5.05 35.81
N VAL C 83 -33.28 5.12 36.12
CA VAL C 83 -32.70 4.42 37.25
C VAL C 83 -31.99 5.42 38.14
N TYR C 84 -32.23 5.33 39.44
CA TYR C 84 -31.57 6.17 40.44
C TYR C 84 -30.84 5.24 41.41
N PHE C 85 -29.52 5.15 41.26
CA PHE C 85 -28.69 4.24 42.05
C PHE C 85 -28.07 4.97 43.24
N PHE C 86 -27.84 4.22 44.31
CA PHE C 86 -27.18 4.74 45.51
C PHE C 86 -25.91 3.98 45.86
N ASN C 87 -25.90 2.65 45.71
CA ASN C 87 -24.72 1.86 46.04
C ASN C 87 -24.80 0.55 45.26
N ASN C 88 -23.80 0.29 44.43
CA ASN C 88 -23.76 -0.89 43.57
C ASN C 88 -22.40 -1.58 43.68
N THR C 89 -21.98 -1.84 44.91
CA THR C 89 -20.68 -2.45 45.19
C THR C 89 -20.61 -3.87 44.65
N SER C 90 -21.76 -4.40 44.20
CA SER C 90 -21.81 -5.76 43.68
C SER C 90 -20.87 -5.93 42.48
N VAL C 91 -20.50 -7.18 42.22
CA VAL C 91 -19.59 -7.47 41.11
C VAL C 91 -20.26 -7.17 39.78
N ILE C 92 -21.56 -7.42 39.68
CA ILE C 92 -22.29 -7.06 38.46
C ILE C 92 -22.26 -5.55 38.29
N GLN C 93 -21.93 -5.11 37.08
CA GLN C 93 -21.66 -3.70 36.83
C GLN C 93 -22.91 -2.85 37.03
N ASP C 94 -22.69 -1.54 37.13
CA ASP C 94 -23.77 -0.60 37.42
C ASP C 94 -24.78 -0.54 36.28
N GLU C 95 -24.31 -0.20 35.07
CA GLU C 95 -25.20 -0.11 33.92
C GLU C 95 -25.81 -1.46 33.55
N VAL C 96 -25.18 -2.57 33.96
CA VAL C 96 -25.75 -3.88 33.67
C VAL C 96 -26.93 -4.15 34.59
N LEU C 97 -26.83 -3.79 35.87
CA LEU C 97 -27.96 -3.94 36.78
C LEU C 97 -29.12 -3.06 36.34
N ALA C 98 -28.84 -1.81 35.95
CA ALA C 98 -29.88 -0.94 35.43
C ALA C 98 -30.44 -1.49 34.12
N HIS C 99 -29.64 -2.25 33.37
CA HIS C 99 -30.12 -2.86 32.14
C HIS C 99 -31.10 -4.00 32.44
N ARG C 100 -30.76 -4.84 33.43
CA ARG C 100 -31.63 -5.98 33.75
C ARG C 100 -32.91 -5.52 34.43
N ILE C 101 -32.81 -4.58 35.37
CA ILE C 101 -34.00 -4.05 36.04
C ILE C 101 -34.95 -3.43 35.01
N GLY C 102 -34.39 -2.81 33.97
CA GLY C 102 -35.23 -2.28 32.91
C GLY C 102 -35.94 -3.37 32.14
N LEU C 103 -35.25 -4.48 31.88
CA LEU C 103 -35.85 -5.60 31.14
C LEU C 103 -36.84 -6.41 31.97
N VAL C 104 -36.88 -6.19 33.28
CA VAL C 104 -37.79 -6.94 34.15
C VAL C 104 -39.23 -6.54 33.84
N PRO C 105 -40.08 -7.47 33.42
CA PRO C 105 -41.47 -7.13 33.17
C PRO C 105 -42.26 -7.02 34.47
N LEU C 106 -43.39 -6.31 34.39
CA LEU C 106 -44.24 -6.05 35.53
C LEU C 106 -45.69 -6.38 35.18
N LYS C 107 -46.41 -6.94 36.15
CA LYS C 107 -47.83 -7.25 35.97
C LYS C 107 -48.68 -6.04 36.37
N VAL C 108 -48.47 -4.95 35.63
CA VAL C 108 -49.18 -3.69 35.85
C VAL C 108 -50.15 -3.47 34.70
N ASP C 109 -51.41 -3.27 35.03
CA ASP C 109 -52.42 -3.05 34.00
C ASP C 109 -52.26 -1.64 33.43
N PRO C 110 -52.19 -1.49 32.10
CA PRO C 110 -52.04 -0.16 31.51
C PRO C 110 -53.28 0.71 31.67
N ASP C 111 -53.24 1.89 31.05
CA ASP C 111 -54.30 2.91 31.05
C ASP C 111 -54.60 3.44 32.44
N MET C 112 -53.82 3.00 33.44
CA MET C 112 -53.91 3.61 34.76
C MET C 112 -52.99 4.82 34.87
N LEU C 113 -51.81 4.74 34.27
CA LEU C 113 -50.87 5.85 34.18
C LEU C 113 -50.84 6.33 32.74
N THR C 114 -51.27 7.57 32.51
CA THR C 114 -51.34 8.10 31.16
C THR C 114 -49.93 8.46 30.66
N TRP C 115 -49.88 8.97 29.43
CA TRP C 115 -48.61 9.34 28.83
C TRP C 115 -48.03 10.57 29.50
N VAL C 116 -46.70 10.67 29.47
CA VAL C 116 -45.96 11.76 30.09
C VAL C 116 -45.18 12.50 29.03
N ASP C 117 -45.13 13.83 29.16
CA ASP C 117 -44.37 14.65 28.22
C ASP C 117 -42.90 14.66 28.59
N SER C 118 -42.05 14.95 27.61
CA SER C 118 -40.60 14.91 27.78
C SER C 118 -39.91 16.25 27.64
N ASN C 119 -40.61 17.29 27.17
CA ASN C 119 -39.96 18.59 26.97
C ASN C 119 -39.75 19.32 28.29
N LEU C 120 -40.65 19.15 29.25
CA LEU C 120 -40.58 19.85 30.52
C LEU C 120 -39.54 19.20 31.45
N PRO C 121 -38.94 19.98 32.35
CA PRO C 121 -37.92 19.42 33.25
C PRO C 121 -38.47 18.34 34.18
N ASP C 122 -37.56 17.57 34.80
CA ASP C 122 -37.95 16.36 35.50
C ASP C 122 -38.61 16.63 36.84
N ASP C 123 -38.30 17.76 37.48
CA ASP C 123 -38.78 18.00 38.83
C ASP C 123 -40.31 18.08 38.89
N GLU C 124 -40.95 18.56 37.82
CA GLU C 124 -42.41 18.54 37.73
C GLU C 124 -42.92 17.57 36.69
N LYS C 125 -42.06 17.02 35.83
CA LYS C 125 -42.49 15.99 34.89
C LYS C 125 -42.85 14.71 35.61
N PHE C 126 -42.19 14.40 36.72
CA PHE C 126 -42.42 13.18 37.48
C PHE C 126 -43.55 13.41 38.47
N THR C 127 -44.70 12.80 38.19
CA THR C 127 -45.83 12.80 39.12
C THR C 127 -46.28 11.37 39.34
N ASP C 128 -47.03 11.16 40.43
CA ASP C 128 -47.54 9.83 40.72
C ASP C 128 -48.51 9.35 39.65
N GLU C 129 -49.17 10.26 38.95
CA GLU C 129 -50.08 9.88 37.87
C GLU C 129 -49.31 9.44 36.62
N ASN C 130 -48.10 9.94 36.43
CA ASN C 130 -47.31 9.56 35.26
C ASN C 130 -46.58 8.24 35.48
N THR C 131 -45.80 8.16 36.55
CA THR C 131 -44.96 7.01 36.83
C THR C 131 -45.27 6.43 38.21
N ILE C 132 -44.81 5.21 38.42
CA ILE C 132 -44.82 4.57 39.74
C ILE C 132 -43.42 4.01 39.99
N VAL C 133 -43.04 3.98 41.27
CA VAL C 133 -41.66 3.73 41.66
C VAL C 133 -41.60 2.39 42.41
N LEU C 134 -40.59 1.59 42.08
CA LEU C 134 -40.29 0.36 42.80
C LEU C 134 -38.88 0.46 43.37
N SER C 135 -38.73 0.10 44.64
CA SER C 135 -37.46 0.24 45.34
C SER C 135 -36.81 -1.12 45.56
N LEU C 136 -35.53 -1.08 45.92
CA LEU C 136 -34.77 -2.30 46.17
C LEU C 136 -33.67 -1.99 47.18
N ASN C 137 -33.67 -2.72 48.30
CA ASN C 137 -32.67 -2.53 49.36
C ASN C 137 -32.33 -3.91 49.93
N VAL C 138 -31.19 -4.45 49.51
CA VAL C 138 -30.75 -5.78 49.92
C VAL C 138 -29.31 -5.69 50.42
N LYS C 139 -29.02 -6.42 51.49
CA LYS C 139 -27.69 -6.50 52.07
C LYS C 139 -27.36 -7.97 52.36
N CYS C 140 -26.10 -8.34 52.15
CA CYS C 140 -25.64 -9.71 52.33
C CYS C 140 -24.74 -9.80 53.55
N THR C 141 -24.96 -10.85 54.35
CA THR C 141 -24.19 -11.09 55.56
C THR C 141 -23.79 -12.55 55.63
N ARG C 142 -22.78 -12.84 56.45
CA ARG C 142 -22.31 -14.19 56.62
C ARG C 142 -23.26 -15.00 57.50
N ASN C 143 -23.46 -16.27 57.13
CA ASN C 143 -24.32 -17.18 57.88
C ASN C 143 -23.54 -18.46 58.14
N PRO C 144 -23.23 -18.78 59.40
CA PRO C 144 -22.44 -19.98 59.68
C PRO C 144 -23.25 -21.25 59.45
N ASP C 145 -22.59 -22.24 58.85
CA ASP C 145 -23.22 -23.53 58.57
C ASP C 145 -22.11 -24.54 58.31
N ALA C 146 -22.50 -25.82 58.28
CA ALA C 146 -21.55 -26.89 58.05
C ALA C 146 -21.22 -26.98 56.56
N PRO C 147 -19.94 -26.84 56.17
CA PRO C 147 -19.51 -26.92 54.77
C PRO C 147 -19.83 -28.26 54.13
N SER C 150 -18.49 -26.26 47.36
CA SER C 150 -19.34 -27.39 47.01
C SER C 150 -20.73 -27.22 47.60
N THR C 151 -20.83 -26.48 48.70
CA THR C 151 -22.11 -26.24 49.34
C THR C 151 -22.85 -25.09 48.65
N ASP C 152 -24.16 -25.24 48.54
CA ASP C 152 -24.96 -24.24 47.85
C ASP C 152 -24.97 -22.93 48.64
N PRO C 153 -24.92 -21.78 47.97
CA PRO C 153 -24.91 -20.49 48.67
C PRO C 153 -26.23 -20.16 49.38
N LYS C 154 -27.24 -21.03 49.29
CA LYS C 154 -28.52 -20.75 49.94
C LYS C 154 -28.40 -20.80 51.46
N GLU C 155 -27.39 -21.48 52.00
CA GLU C 155 -27.21 -21.58 53.45
C GLU C 155 -25.85 -21.06 53.89
N LEU C 156 -25.07 -20.44 53.01
CA LEU C 156 -23.80 -19.86 53.37
C LEU C 156 -23.92 -18.39 53.75
N TYR C 157 -24.81 -17.64 53.10
CA TYR C 157 -24.98 -16.23 53.37
C TYR C 157 -26.47 -15.91 53.44
N ASN C 158 -26.77 -14.67 53.80
CA ASN C 158 -28.15 -14.18 53.88
C ASN C 158 -28.40 -13.26 52.68
N ASN C 159 -29.48 -13.54 51.95
CA ASN C 159 -29.83 -12.79 50.75
C ASN C 159 -28.70 -12.79 49.74
N ALA C 160 -28.15 -13.98 49.49
CA ALA C 160 -27.04 -14.09 48.54
C ALA C 160 -27.51 -13.87 47.12
N HIS C 161 -28.72 -14.30 46.79
CA HIS C 161 -29.31 -14.12 45.47
C HIS C 161 -30.53 -13.22 45.59
N VAL C 162 -30.53 -12.12 44.85
CA VAL C 162 -31.65 -11.19 44.84
C VAL C 162 -32.49 -11.49 43.60
N TYR C 163 -33.72 -11.96 43.83
CA TYR C 163 -34.61 -12.31 42.75
C TYR C 163 -35.48 -11.11 42.39
N ALA C 164 -36.44 -11.30 41.48
CA ALA C 164 -37.31 -10.22 41.07
C ALA C 164 -38.36 -9.88 42.13
N ARG C 165 -38.69 -10.83 43.02
CA ARG C 165 -39.68 -10.55 44.05
C ARG C 165 -39.18 -9.56 45.08
N ASP C 166 -37.86 -9.34 45.18
CA ASP C 166 -37.32 -8.37 46.11
C ASP C 166 -37.60 -6.93 45.70
N LEU C 167 -38.07 -6.70 44.48
CA LEU C 167 -38.41 -5.36 44.01
C LEU C 167 -39.69 -4.92 44.70
N LYS C 168 -39.55 -4.17 45.79
CA LYS C 168 -40.69 -3.75 46.61
C LYS C 168 -41.26 -2.46 46.01
N PHE C 169 -42.49 -2.54 45.51
CA PHE C 169 -43.17 -1.36 45.01
C PHE C 169 -43.41 -0.37 46.14
N GLU C 170 -43.30 0.92 45.83
CA GLU C 170 -43.47 1.97 46.84
C GLU C 170 -44.78 2.71 46.61
N PRO C 171 -45.82 2.44 47.41
CA PRO C 171 -47.06 3.21 47.28
C PRO C 171 -46.87 4.63 47.81
N GLN C 172 -47.13 5.61 46.95
CA GLN C 172 -46.90 7.00 47.28
C GLN C 172 -47.83 7.87 46.44
N GLY C 173 -47.58 9.17 46.45
CA GLY C 173 -48.33 10.11 45.63
C GLY C 173 -49.75 10.32 46.12
N ARG C 174 -50.61 10.71 45.19
CA ARG C 174 -51.99 11.07 45.54
C ARG C 174 -52.88 9.84 45.64
N GLN C 175 -52.75 8.89 44.72
CA GLN C 175 -53.66 7.75 44.63
C GLN C 175 -52.86 6.45 44.77
N SER C 176 -52.84 5.91 45.99
CA SER C 176 -52.28 4.59 46.24
C SER C 176 -53.35 3.52 46.34
N THR C 177 -54.62 3.90 46.45
CA THR C 177 -55.71 2.92 46.51
C THR C 177 -55.96 2.24 45.18
N THR C 178 -55.47 2.82 44.08
CA THR C 178 -55.66 2.21 42.76
C THR C 178 -54.93 0.87 42.64
N PHE C 179 -53.91 0.64 43.46
CA PHE C 179 -53.19 -0.62 43.46
C PHE C 179 -53.50 -1.47 44.69
N ALA C 180 -54.45 -1.03 45.52
CA ALA C 180 -54.83 -1.81 46.70
C ALA C 180 -55.51 -3.12 46.34
N ASP C 181 -56.12 -3.20 45.15
CA ASP C 181 -56.71 -4.47 44.72
C ASP C 181 -55.64 -5.45 44.28
N CYS C 182 -54.78 -5.04 43.36
CA CYS C 182 -53.67 -5.87 42.90
C CYS C 182 -52.37 -5.06 43.03
N PRO C 183 -51.43 -5.49 43.87
CA PRO C 183 -50.18 -4.73 44.01
C PRO C 183 -49.27 -4.91 42.81
N VAL C 184 -48.33 -3.99 42.68
CA VAL C 184 -47.36 -4.03 41.59
C VAL C 184 -46.41 -5.20 41.84
N VAL C 185 -46.57 -6.26 41.05
CA VAL C 185 -45.75 -7.47 41.18
C VAL C 185 -45.06 -7.74 39.85
N PRO C 186 -43.77 -8.07 39.85
CA PRO C 186 -43.12 -8.44 38.58
C PRO C 186 -43.78 -9.66 37.96
N ALA C 187 -43.63 -9.77 36.62
CA ALA C 187 -44.28 -10.85 35.90
C ALA C 187 -43.75 -12.22 36.29
N ASP C 188 -42.53 -12.29 36.81
CA ASP C 188 -41.94 -13.56 37.25
C ASP C 188 -41.06 -13.32 38.46
N PRO C 189 -41.47 -13.77 39.65
CA PRO C 189 -40.65 -13.55 40.86
C PRO C 189 -39.42 -14.41 40.94
N ASP C 190 -39.17 -15.27 39.95
CA ASP C 190 -38.01 -16.16 39.95
C ASP C 190 -36.89 -15.67 39.04
N ILE C 191 -37.00 -14.45 38.50
CA ILE C 191 -35.95 -13.91 37.64
C ILE C 191 -34.70 -13.64 38.47
N LEU C 192 -33.57 -14.17 38.02
CA LEU C 192 -32.30 -14.01 38.71
C LEU C 192 -31.65 -12.71 38.22
N LEU C 193 -31.85 -11.64 38.99
CA LEU C 193 -31.29 -10.34 38.60
C LEU C 193 -29.79 -10.29 38.88
N ALA C 194 -29.39 -10.53 40.12
CA ALA C 194 -27.99 -10.45 40.51
C ALA C 194 -27.72 -11.40 41.66
N LYS C 195 -26.43 -11.58 41.96
CA LYS C 195 -25.98 -12.38 43.09
C LYS C 195 -25.10 -11.52 43.97
N LEU C 196 -25.16 -11.79 45.28
CA LEU C 196 -24.49 -10.95 46.27
C LEU C 196 -23.45 -11.76 47.03
N ARG C 197 -22.59 -11.03 47.74
CA ARG C 197 -21.54 -11.56 48.58
C ARG C 197 -21.43 -10.69 49.81
N PRO C 198 -20.89 -11.21 50.91
CA PRO C 198 -20.81 -10.41 52.14
C PRO C 198 -20.00 -9.14 51.95
N GLY C 199 -20.54 -8.03 52.46
CA GLY C 199 -19.95 -6.72 52.31
C GLY C 199 -20.47 -5.91 51.15
N GLN C 200 -21.24 -6.52 50.25
CA GLN C 200 -21.81 -5.83 49.10
C GLN C 200 -23.29 -5.56 49.33
N GLU C 201 -23.73 -4.36 48.98
CA GLU C 201 -25.11 -3.95 49.18
C GLU C 201 -25.68 -3.43 47.86
N ILE C 202 -27.02 -3.41 47.80
CA ILE C 202 -27.75 -2.90 46.64
C ILE C 202 -28.88 -2.02 47.16
N SER C 203 -28.80 -0.72 46.91
CA SER C 203 -29.82 0.24 47.33
C SER C 203 -30.15 1.12 46.14
N LEU C 204 -31.43 1.15 45.74
CA LEU C 204 -31.82 1.87 44.55
C LEU C 204 -33.33 2.12 44.56
N LYS C 205 -33.74 3.12 43.79
CA LYS C 205 -35.14 3.35 43.47
C LYS C 205 -35.27 3.47 41.95
N ALA C 206 -36.31 2.84 41.40
CA ALA C 206 -36.49 2.76 39.96
C ALA C 206 -37.83 3.35 39.57
N HIS C 207 -37.81 4.27 38.61
CA HIS C 207 -39.02 4.88 38.08
C HIS C 207 -39.39 4.22 36.77
N CYS C 208 -40.64 3.78 36.65
CA CYS C 208 -41.12 3.12 35.45
C CYS C 208 -42.33 3.85 34.89
N ILE C 209 -42.36 4.01 33.56
CA ILE C 209 -43.42 4.69 32.86
C ILE C 209 -43.93 3.79 31.74
N LEU C 210 -44.88 4.31 30.96
CA LEU C 210 -45.40 3.62 29.81
C LEU C 210 -44.62 4.00 28.56
N GLY C 211 -44.73 3.15 27.54
CA GLY C 211 -44.05 3.39 26.28
C GLY C 211 -44.49 2.40 25.23
N ILE C 212 -44.16 2.71 23.99
CA ILE C 212 -44.50 1.86 22.86
C ILE C 212 -43.25 1.10 22.42
N GLY C 213 -43.47 -0.07 21.83
CA GLY C 213 -42.37 -0.95 21.47
C GLY C 213 -41.46 -0.40 20.38
N GLY C 214 -41.91 0.60 19.64
CA GLY C 214 -41.07 1.15 18.58
C GLY C 214 -39.91 1.98 19.12
N ASP C 215 -40.16 2.70 20.23
CA ASP C 215 -39.08 3.45 20.86
C ASP C 215 -38.05 2.52 21.50
N HIS C 216 -38.53 1.56 22.29
CA HIS C 216 -37.68 0.56 22.92
C HIS C 216 -38.50 -0.71 23.08
N ALA C 217 -38.02 -1.81 22.51
CA ALA C 217 -38.80 -3.04 22.48
C ALA C 217 -38.96 -3.68 23.86
N LYS C 218 -38.41 -3.09 24.92
CA LYS C 218 -38.70 -3.56 26.26
C LYS C 218 -40.14 -3.26 26.67
N PHE C 219 -40.80 -2.34 25.97
CA PHE C 219 -42.21 -2.02 26.20
C PHE C 219 -43.14 -2.94 25.41
N SER C 220 -42.62 -4.01 24.82
CA SER C 220 -43.44 -4.93 24.03
C SER C 220 -43.96 -6.03 24.94
N PRO C 221 -45.27 -6.08 25.21
CA PRO C 221 -45.81 -7.14 26.07
C PRO C 221 -46.03 -8.47 25.36
N VAL C 222 -45.74 -8.56 24.06
CA VAL C 222 -45.93 -9.78 23.29
C VAL C 222 -44.60 -10.50 23.18
N SER C 223 -44.64 -11.83 23.27
CA SER C 223 -43.43 -12.63 23.08
C SER C 223 -43.12 -12.79 21.60
N THR C 224 -44.02 -13.43 20.85
CA THR C 224 -43.86 -13.64 19.41
C THR C 224 -45.22 -13.48 18.75
N ALA C 225 -45.50 -12.29 18.23
CA ALA C 225 -46.72 -12.02 17.49
C ALA C 225 -46.49 -12.39 16.03
N SER C 226 -47.18 -13.42 15.56
CA SER C 226 -46.99 -13.91 14.20
C SER C 226 -48.23 -14.64 13.73
N TYR C 227 -48.36 -14.73 12.41
CA TYR C 227 -49.44 -15.47 11.76
C TYR C 227 -48.85 -16.36 10.68
N ARG C 228 -49.64 -17.32 10.24
CA ARG C 228 -49.23 -18.24 9.18
C ARG C 228 -50.44 -18.62 8.35
N LEU C 229 -50.18 -18.89 7.06
CA LEU C 229 -51.24 -19.28 6.15
C LEU C 229 -51.50 -20.78 6.26
N LEU C 230 -52.77 -21.16 6.16
CA LEU C 230 -53.16 -22.56 6.25
C LEU C 230 -52.58 -23.34 5.08
N PRO C 231 -51.71 -24.32 5.32
CA PRO C 231 -51.12 -25.08 4.21
C PRO C 231 -52.11 -25.97 3.50
N GLN C 232 -52.45 -25.64 2.26
CA GLN C 232 -53.39 -26.42 1.47
C GLN C 232 -52.66 -27.54 0.74
N ILE C 233 -53.24 -28.73 0.77
CA ILE C 233 -52.68 -29.91 0.13
C ILE C 233 -53.69 -30.44 -0.89
N ASN C 234 -53.23 -30.65 -2.11
CA ASN C 234 -54.07 -31.12 -3.20
C ASN C 234 -53.72 -32.57 -3.54
N ILE C 235 -54.75 -33.38 -3.77
CA ILE C 235 -54.60 -34.77 -4.13
C ILE C 235 -54.95 -34.92 -5.61
N LEU C 236 -53.93 -35.18 -6.44
CA LEU C 236 -54.13 -35.26 -7.88
C LEU C 236 -54.42 -36.68 -8.35
N GLN C 237 -53.86 -37.69 -7.70
CA GLN C 237 -53.99 -39.07 -8.09
C GLN C 237 -54.39 -39.91 -6.87
N PRO C 238 -54.89 -41.12 -7.09
CA PRO C 238 -55.22 -41.98 -5.95
C PRO C 238 -53.99 -42.36 -5.15
N ILE C 239 -54.14 -42.37 -3.82
CA ILE C 239 -53.06 -42.68 -2.90
C ILE C 239 -53.32 -43.97 -2.13
N LYS C 240 -54.32 -44.74 -2.52
CA LYS C 240 -54.67 -45.96 -1.80
C LYS C 240 -53.54 -46.99 -1.92
N GLY C 241 -53.55 -47.94 -0.98
CA GLY C 241 -52.55 -48.99 -0.97
C GLY C 241 -51.43 -48.70 0.01
N GLU C 242 -50.25 -49.27 -0.24
CA GLU C 242 -49.09 -49.02 0.60
C GLU C 242 -48.47 -47.64 0.36
N SER C 243 -48.95 -46.90 -0.66
CA SER C 243 -48.43 -45.56 -0.89
C SER C 243 -48.84 -44.61 0.23
N ALA C 244 -50.05 -44.76 0.75
CA ALA C 244 -50.50 -43.92 1.86
C ALA C 244 -49.85 -44.31 3.18
N ARG C 245 -49.37 -45.56 3.31
CA ARG C 245 -48.70 -45.97 4.52
C ARG C 245 -47.39 -45.19 4.70
N ARG C 246 -46.71 -44.87 3.61
CA ARG C 246 -45.50 -44.07 3.66
C ARG C 246 -45.77 -42.58 3.45
N PHE C 247 -46.93 -42.23 2.88
CA PHE C 247 -47.28 -40.83 2.70
C PHE C 247 -47.74 -40.18 4.01
N GLN C 248 -48.41 -40.95 4.87
CA GLN C 248 -48.90 -40.40 6.12
C GLN C 248 -47.77 -40.05 7.07
N LYS C 249 -46.66 -40.77 7.02
CA LYS C 249 -45.55 -40.52 7.94
C LYS C 249 -44.67 -39.36 7.50
N CYS C 250 -44.72 -38.97 6.22
CA CYS C 250 -43.97 -37.81 5.78
C CYS C 250 -44.51 -36.52 6.39
N PHE C 251 -45.80 -36.50 6.70
CA PHE C 251 -46.46 -35.41 7.40
C PHE C 251 -46.69 -35.80 8.85
N PRO C 252 -47.06 -34.84 9.70
CA PRO C 252 -47.46 -35.20 11.06
C PRO C 252 -48.63 -36.17 11.03
N PRO C 253 -48.69 -37.10 11.98
CA PRO C 253 -49.72 -38.15 11.92
C PRO C 253 -51.14 -37.62 11.93
N GLY C 254 -51.39 -36.48 12.56
CA GLY C 254 -52.71 -35.89 12.60
C GLY C 254 -53.17 -35.21 11.34
N VAL C 255 -52.34 -35.19 10.30
CA VAL C 255 -52.67 -34.47 9.07
C VAL C 255 -53.42 -35.39 8.11
N ILE C 256 -52.80 -36.50 7.72
CA ILE C 256 -53.36 -37.41 6.73
C ILE C 256 -54.13 -38.51 7.44
N GLY C 257 -55.31 -38.82 6.90
CA GLY C 257 -56.15 -39.87 7.45
C GLY C 257 -56.47 -40.92 6.40
N ILE C 258 -56.46 -42.18 6.82
CA ILE C 258 -56.71 -43.32 5.95
C ILE C 258 -57.88 -44.11 6.51
N ASP C 259 -58.76 -44.58 5.63
CA ASP C 259 -59.92 -45.37 6.04
C ASP C 259 -59.69 -46.87 5.82
N GLU C 260 -59.41 -47.27 4.59
CA GLU C 260 -59.08 -48.66 4.28
C GLU C 260 -58.36 -48.69 2.93
N GLY C 261 -58.21 -49.89 2.37
CA GLY C 261 -57.60 -50.01 1.05
C GLY C 261 -58.36 -49.27 -0.03
N SER C 262 -59.68 -49.14 0.12
CA SER C 262 -60.50 -48.32 -0.75
C SER C 262 -60.78 -46.99 -0.05
N ASP C 263 -61.63 -46.16 -0.66
CA ASP C 263 -62.00 -44.86 -0.09
C ASP C 263 -60.75 -44.01 0.15
N GLU C 264 -60.18 -43.58 -0.98
CA GLU C 264 -58.86 -42.95 -1.03
C GLU C 264 -58.63 -41.98 0.12
N ALA C 265 -57.39 -41.99 0.64
CA ALA C 265 -57.05 -41.23 1.82
C ALA C 265 -57.30 -39.74 1.61
N TYR C 266 -57.48 -39.02 2.71
CA TYR C 266 -57.82 -37.62 2.70
C TYR C 266 -56.97 -36.91 3.76
N VAL C 267 -57.30 -35.66 4.03
CA VAL C 267 -56.63 -34.86 5.05
C VAL C 267 -57.59 -34.68 6.22
N LYS C 268 -57.04 -34.81 7.44
CA LYS C 268 -57.85 -34.62 8.64
C LYS C 268 -58.08 -33.14 8.91
N ASP C 269 -57.00 -32.38 9.07
CA ASP C 269 -57.07 -30.94 9.24
C ASP C 269 -55.72 -30.34 8.85
N ALA C 270 -55.76 -29.29 8.04
CA ALA C 270 -54.55 -28.65 7.55
C ALA C 270 -53.93 -27.69 8.56
N ARG C 271 -54.42 -27.68 9.80
CA ARG C 271 -53.86 -26.78 10.82
C ARG C 271 -52.78 -27.45 11.65
N LYS C 272 -52.82 -28.77 11.80
CA LYS C 272 -51.75 -29.51 12.47
C LYS C 272 -50.57 -29.80 11.54
N ASP C 273 -50.60 -29.29 10.31
CA ASP C 273 -49.57 -29.56 9.32
C ASP C 273 -48.55 -28.42 9.33
N THR C 274 -47.31 -28.72 9.69
CA THR C 274 -46.21 -27.77 9.59
C THR C 274 -45.60 -27.88 8.20
N VAL C 275 -45.43 -26.74 7.54
CA VAL C 275 -44.93 -26.72 6.17
C VAL C 275 -43.45 -27.10 6.17
N SER C 276 -43.13 -28.27 5.61
CA SER C 276 -41.77 -28.73 5.51
C SER C 276 -41.38 -29.27 4.14
N ARG C 277 -42.34 -29.57 3.27
CA ARG C 277 -42.07 -30.08 1.92
C ARG C 277 -41.22 -31.35 1.97
N GLU C 278 -41.64 -32.29 2.81
CA GLU C 278 -40.94 -33.56 2.92
C GLU C 278 -41.30 -34.52 1.79
N VAL C 279 -42.51 -34.42 1.24
CA VAL C 279 -42.92 -35.30 0.16
C VAL C 279 -42.26 -34.95 -1.16
N LEU C 280 -41.73 -33.73 -1.30
CA LEU C 280 -41.09 -33.34 -2.55
C LEU C 280 -39.74 -34.01 -2.76
N ARG C 281 -39.21 -34.68 -1.74
CA ARG C 281 -37.92 -35.37 -1.89
C ARG C 281 -38.08 -36.70 -2.60
N TYR C 282 -39.24 -37.34 -2.49
CA TYR C 282 -39.46 -38.65 -3.09
C TYR C 282 -40.03 -38.50 -4.49
N GLU C 283 -39.44 -39.20 -5.45
CA GLU C 283 -39.95 -39.19 -6.81
C GLU C 283 -41.30 -39.88 -6.93
N GLU C 284 -41.68 -40.68 -5.91
CA GLU C 284 -42.97 -41.34 -5.94
C GLU C 284 -44.12 -40.36 -5.76
N PHE C 285 -43.92 -39.32 -4.95
CA PHE C 285 -44.94 -38.32 -4.67
C PHE C 285 -44.67 -36.98 -5.33
N ALA C 286 -43.52 -36.81 -6.00
CA ALA C 286 -43.17 -35.53 -6.59
C ALA C 286 -44.06 -35.15 -7.78
N ASP C 287 -44.95 -36.05 -8.21
CA ASP C 287 -45.80 -35.79 -9.37
C ASP C 287 -47.28 -35.81 -9.07
N LYS C 288 -47.72 -36.45 -7.98
CA LYS C 288 -49.14 -36.62 -7.70
C LYS C 288 -49.55 -35.92 -6.40
N VAL C 289 -48.90 -34.80 -6.07
CA VAL C 289 -49.30 -33.98 -4.93
C VAL C 289 -48.76 -32.59 -5.15
N LYS C 290 -49.47 -31.59 -4.62
CA LYS C 290 -49.06 -30.19 -4.73
C LYS C 290 -49.31 -29.50 -3.40
N LEU C 291 -48.32 -28.76 -2.93
CA LEU C 291 -48.40 -28.03 -1.68
C LEU C 291 -48.63 -26.54 -1.98
N GLY C 292 -49.77 -26.02 -1.56
CA GLY C 292 -50.08 -24.62 -1.79
C GLY C 292 -50.36 -23.86 -0.52
N ARG C 293 -50.94 -22.67 -0.63
CA ARG C 293 -51.26 -21.83 0.51
C ARG C 293 -52.60 -21.18 0.31
N VAL C 294 -53.38 -21.09 1.38
CA VAL C 294 -54.67 -20.40 1.37
C VAL C 294 -54.38 -18.94 1.70
N ARG C 295 -54.39 -18.10 0.67
CA ARG C 295 -54.06 -16.68 0.81
C ARG C 295 -55.10 -15.90 1.60
N ASN C 296 -56.18 -16.53 2.07
CA ASN C 296 -57.25 -15.84 2.75
C ASN C 296 -57.48 -16.29 4.19
N HIS C 297 -57.10 -17.53 4.54
CA HIS C 297 -57.32 -18.05 5.88
C HIS C 297 -56.03 -17.90 6.69
N PHE C 298 -56.07 -17.04 7.70
CA PHE C 298 -54.93 -16.82 8.58
C PHE C 298 -55.26 -17.32 9.98
N ILE C 299 -54.21 -17.64 10.73
CA ILE C 299 -54.31 -18.02 12.13
C ILE C 299 -53.31 -17.17 12.92
N PHE C 300 -53.74 -16.70 14.09
CA PHE C 300 -52.92 -15.84 14.92
C PHE C 300 -52.68 -16.50 16.27
N ASN C 301 -51.41 -16.51 16.69
CA ASN C 301 -51.02 -17.05 17.98
C ASN C 301 -50.21 -16.00 18.71
N VAL C 302 -50.80 -15.40 19.75
CA VAL C 302 -50.19 -14.30 20.48
C VAL C 302 -49.95 -14.71 21.92
N GLU C 303 -48.87 -14.20 22.49
CA GLU C 303 -48.52 -14.43 23.88
C GLU C 303 -48.55 -13.10 24.64
N SER C 304 -48.36 -13.18 25.95
CA SER C 304 -48.35 -12.01 26.81
C SER C 304 -47.18 -12.07 27.77
N ALA C 305 -46.61 -10.89 28.08
CA ALA C 305 -45.52 -10.81 29.02
C ALA C 305 -45.98 -10.83 30.47
N GLY C 306 -47.25 -10.54 30.73
CA GLY C 306 -47.76 -10.53 32.08
C GLY C 306 -48.61 -9.31 32.38
N ALA C 307 -48.32 -8.19 31.71
CA ALA C 307 -49.10 -6.97 31.89
C ALA C 307 -50.36 -6.94 31.04
N MET C 308 -50.44 -7.77 30.01
CA MET C 308 -51.58 -7.83 29.11
C MET C 308 -52.19 -9.22 29.11
N THR C 309 -53.33 -9.33 28.45
CA THR C 309 -53.97 -10.60 28.16
C THR C 309 -54.11 -10.77 26.66
N PRO C 310 -53.98 -12.00 26.14
CA PRO C 310 -54.00 -12.19 24.68
C PRO C 310 -55.31 -11.80 24.02
N GLU C 311 -56.38 -11.59 24.78
CA GLU C 311 -57.65 -11.15 24.22
C GLU C 311 -57.76 -9.63 24.22
N GLU C 312 -57.41 -8.99 25.34
CA GLU C 312 -57.52 -7.53 25.43
C GLU C 312 -56.46 -6.84 24.59
N ILE C 313 -55.32 -7.50 24.35
CA ILE C 313 -54.27 -6.86 23.56
C ILE C 313 -54.65 -6.85 22.08
N PHE C 314 -55.43 -7.83 21.62
CA PHE C 314 -55.96 -7.77 20.27
C PHE C 314 -57.16 -6.84 20.19
N PHE C 315 -57.92 -6.75 21.28
CA PHE C 315 -59.01 -5.78 21.35
C PHE C 315 -58.46 -4.36 21.29
N LYS C 316 -57.30 -4.13 21.90
CA LYS C 316 -56.62 -2.85 21.77
C LYS C 316 -55.91 -2.70 20.44
N SER C 317 -55.58 -3.80 19.78
CA SER C 317 -54.95 -3.74 18.47
C SER C 317 -55.91 -3.17 17.43
N VAL C 318 -57.12 -3.72 17.35
CA VAL C 318 -58.12 -3.19 16.44
C VAL C 318 -58.58 -1.81 16.89
N ARG C 319 -58.41 -1.50 18.18
CA ARG C 319 -58.80 -0.18 18.68
C ARG C 319 -57.74 0.87 18.37
N ILE C 320 -56.46 0.51 18.46
CA ILE C 320 -55.41 1.50 18.19
C ILE C 320 -55.29 1.75 16.69
N LEU C 321 -55.63 0.77 15.86
CA LEU C 321 -55.69 1.01 14.42
C LEU C 321 -56.95 1.81 14.07
N LYS C 322 -58.04 1.55 14.79
CA LYS C 322 -59.24 2.37 14.64
C LYS C 322 -58.99 3.81 15.08
N ASN C 323 -58.04 4.02 15.98
CA ASN C 323 -57.70 5.37 16.44
C ASN C 323 -56.66 6.03 15.55
N LYS C 324 -55.79 5.24 14.91
CA LYS C 324 -54.76 5.82 14.06
C LYS C 324 -55.36 6.44 12.80
N ALA C 325 -56.35 5.78 12.21
CA ALA C 325 -56.96 6.28 10.98
C ALA C 325 -58.11 7.26 11.25
N GLU C 326 -58.84 7.09 12.35
CA GLU C 326 -59.85 8.08 12.70
C GLU C 326 -59.21 9.42 13.07
N TYR C 327 -57.97 9.40 13.56
CA TYR C 327 -57.27 10.64 13.83
C TYR C 327 -57.03 11.43 12.56
N LEU C 328 -56.95 10.74 11.42
CA LEU C 328 -56.82 11.41 10.13
C LEU C 328 -58.16 11.67 9.45
N LYS C 329 -59.21 10.92 9.82
CA LYS C 329 -60.53 11.16 9.25
C LYS C 329 -61.05 12.54 9.65
N ASN C 330 -61.11 12.81 10.95
CA ASN C 330 -61.54 14.11 11.43
C ASN C 330 -60.38 15.11 11.42
N CYS C 331 -59.73 15.25 10.26
CA CYS C 331 -58.60 16.15 10.10
C CYS C 331 -58.51 16.60 8.66
N PRO C 332 -58.72 17.88 8.37
CA PRO C 332 -58.63 18.37 6.99
C PRO C 332 -57.20 18.29 6.47
N ILE C 333 -57.05 18.61 5.19
CA ILE C 333 -55.76 18.57 4.52
C ILE C 333 -55.13 19.95 4.56
N THR C 334 -53.80 19.98 4.59
CA THR C 334 -53.03 21.22 4.64
C THR C 334 -52.37 21.45 3.29
N GLN C 335 -52.48 22.68 2.79
CA GLN C 335 -51.89 23.08 1.51
C GLN C 335 -52.38 22.18 0.37
N THR D 12 -11.45 51.48 5.53
CA THR D 12 -10.29 52.36 5.63
C THR D 12 -9.02 51.63 5.20
N ALA D 13 -8.25 52.25 4.30
CA ALA D 13 -7.01 51.70 3.77
C ALA D 13 -7.23 50.32 3.16
N THR D 14 -8.08 50.29 2.14
CA THR D 14 -8.41 49.06 1.43
C THR D 14 -8.63 49.37 -0.03
N THR D 15 -8.40 48.38 -0.88
CA THR D 15 -8.57 48.56 -2.33
C THR D 15 -9.99 48.93 -2.71
N LEU D 16 -10.97 48.66 -1.84
CA LEU D 16 -12.35 49.01 -2.14
C LEU D 16 -12.61 50.50 -1.97
N ASN D 17 -11.86 51.17 -1.10
CA ASN D 17 -12.07 52.59 -0.82
C ASN D 17 -11.25 53.48 -1.75
N THR D 18 -9.93 53.29 -1.74
CA THR D 18 -9.03 54.15 -2.51
C THR D 18 -8.49 53.39 -3.73
N PRO D 19 -8.16 54.11 -4.81
CA PRO D 19 -7.57 53.45 -5.97
C PRO D 19 -6.23 52.80 -5.64
N VAL D 20 -5.93 51.71 -6.35
CA VAL D 20 -4.71 50.97 -6.09
C VAL D 20 -3.50 51.77 -6.57
N VAL D 21 -3.53 52.23 -7.83
CA VAL D 21 -2.44 52.96 -8.43
C VAL D 21 -3.00 54.23 -9.06
N ILE D 22 -2.35 55.36 -8.79
CA ILE D 22 -2.77 56.67 -9.31
C ILE D 22 -1.53 57.41 -9.79
N HIS D 23 -1.62 57.96 -10.99
CA HIS D 23 -0.52 58.74 -11.56
C HIS D 23 -1.09 59.87 -12.42
N ALA D 24 -0.26 60.86 -12.68
CA ALA D 24 -0.62 61.97 -13.55
C ALA D 24 -0.19 61.66 -14.98
N THR D 25 -1.10 61.87 -15.94
CA THR D 25 -0.81 61.56 -17.32
C THR D 25 -0.04 62.67 -18.04
N GLN D 26 -0.15 63.91 -17.56
CA GLN D 26 0.55 65.04 -18.17
C GLN D 26 1.09 65.92 -17.06
N LEU D 27 1.60 67.10 -17.43
CA LEU D 27 2.16 68.04 -16.48
C LEU D 27 1.09 69.01 -16.00
N PRO D 28 1.15 69.44 -14.74
CA PRO D 28 0.18 70.44 -14.26
C PRO D 28 0.31 71.75 -15.00
N GLN D 29 -0.83 72.36 -15.32
CA GLN D 29 -0.89 73.63 -16.02
C GLN D 29 -1.64 74.65 -15.19
N HIS D 30 -1.29 75.93 -15.38
CA HIS D 30 -1.85 77.01 -14.60
C HIS D 30 -3.26 77.34 -15.06
N VAL D 31 -4.03 77.96 -14.14
CA VAL D 31 -5.35 78.51 -14.42
C VAL D 31 -5.41 79.89 -13.79
N SER D 32 -6.55 80.56 -13.95
CA SER D 32 -6.76 81.89 -13.41
C SER D 32 -7.95 81.87 -12.46
N THR D 33 -8.32 83.06 -11.97
CA THR D 33 -9.41 83.19 -11.02
C THR D 33 -10.79 83.14 -11.66
N ASP D 34 -10.87 83.25 -12.99
CA ASP D 34 -12.15 83.17 -13.68
C ASP D 34 -12.52 81.75 -14.06
N GLU D 35 -11.53 80.87 -14.24
CA GLU D 35 -11.82 79.48 -14.62
C GLU D 35 -12.36 78.68 -13.44
N VAL D 36 -11.98 79.03 -12.21
CA VAL D 36 -12.50 78.32 -11.05
C VAL D 36 -13.97 78.65 -10.85
N LEU D 37 -14.36 79.89 -11.13
CA LEU D 37 -15.79 80.23 -11.10
C LEU D 37 -16.52 79.63 -12.30
N GLN D 38 -15.82 79.50 -13.43
CA GLN D 38 -16.41 78.86 -14.60
C GLN D 38 -16.73 77.39 -14.33
N PHE D 39 -15.93 76.73 -13.48
CA PHE D 39 -16.19 75.34 -13.15
C PHE D 39 -17.21 75.21 -12.03
N LEU D 40 -17.10 76.04 -10.99
CA LEU D 40 -18.01 75.95 -9.85
C LEU D 40 -19.45 76.25 -10.25
N GLU D 41 -19.65 77.13 -11.23
CA GLU D 41 -21.01 77.42 -11.68
C GLU D 41 -21.64 76.23 -12.38
N SER D 42 -20.82 75.35 -12.97
CA SER D 42 -21.31 74.15 -13.64
C SER D 42 -21.44 72.98 -12.68
N PHE D 43 -20.50 72.84 -11.74
CA PHE D 43 -20.54 71.76 -10.77
C PHE D 43 -21.54 71.99 -9.65
N ILE D 44 -22.07 73.21 -9.51
CA ILE D 44 -23.06 73.48 -8.48
C ILE D 44 -24.49 73.21 -8.96
N ASP D 45 -24.71 73.14 -10.26
CA ASP D 45 -26.04 72.94 -10.83
C ASP D 45 -26.29 71.50 -11.24
N GLU D 46 -25.33 70.60 -11.06
CA GLU D 46 -25.46 69.22 -11.50
C GLU D 46 -25.67 68.23 -10.36
N LYS D 47 -25.29 68.57 -9.13
CA LYS D 47 -25.35 67.62 -8.03
C LYS D 47 -26.65 67.72 -7.24
N GLU D 48 -27.11 68.95 -6.96
CA GLU D 48 -28.36 69.12 -6.23
C GLU D 48 -29.57 68.75 -7.06
N ASN D 49 -29.47 68.79 -8.39
CA ASN D 49 -30.59 68.46 -9.25
C ASN D 49 -30.82 66.95 -9.28
N THR D 80 -27.94 61.82 -1.56
CA THR D 80 -28.13 61.82 -0.11
C THR D 80 -27.01 62.59 0.58
N ASN D 81 -25.81 62.02 0.57
CA ASN D 81 -24.64 62.66 1.16
C ASN D 81 -23.97 63.65 0.22
N LEU D 82 -24.65 64.05 -0.85
CA LEU D 82 -24.04 64.96 -1.82
C LEU D 82 -23.90 66.37 -1.26
N SER D 83 -24.81 66.78 -0.37
CA SER D 83 -24.79 68.14 0.15
C SER D 83 -23.69 68.36 1.18
N SER D 84 -22.94 67.32 1.56
CA SER D 84 -21.87 67.48 2.54
C SER D 84 -20.79 68.41 2.02
N SER D 85 -20.16 68.05 0.91
CA SER D 85 -19.13 68.90 0.31
C SER D 85 -19.73 70.11 -0.40
N ILE D 86 -21.04 70.09 -0.67
CA ILE D 86 -21.68 71.24 -1.32
C ILE D 86 -21.73 72.42 -0.37
N SER D 87 -21.96 72.15 0.93
CA SER D 87 -22.00 73.23 1.91
C SER D 87 -20.69 74.02 1.91
N GLN D 88 -19.56 73.33 1.74
CA GLN D 88 -18.27 73.99 1.61
C GLN D 88 -17.95 74.37 0.16
N LEU D 89 -18.81 73.99 -0.79
CA LEU D 89 -18.60 74.35 -2.19
C LEU D 89 -19.23 75.70 -2.52
N LYS D 90 -20.38 76.01 -1.94
CA LYS D 90 -20.95 77.35 -2.11
C LYS D 90 -20.15 78.40 -1.35
N ARG D 91 -19.45 77.99 -0.29
CA ARG D 91 -18.70 78.94 0.53
C ARG D 91 -17.42 79.40 -0.13
N ILE D 92 -16.87 78.61 -1.07
CA ILE D 92 -15.61 78.97 -1.69
C ILE D 92 -15.79 79.82 -2.95
N GLN D 93 -16.96 79.77 -3.59
CA GLN D 93 -17.17 80.56 -4.80
C GLN D 93 -17.35 82.04 -4.49
N ARG D 94 -17.83 82.38 -3.30
CA ARG D 94 -18.03 83.76 -2.89
C ARG D 94 -16.78 84.36 -2.26
N ASP D 95 -15.65 83.66 -2.29
CA ASP D 95 -14.41 84.13 -1.68
C ASP D 95 -13.46 84.79 -2.65
N PHE D 96 -13.32 84.23 -3.86
CA PHE D 96 -12.40 84.81 -4.84
C PHE D 96 -12.82 86.20 -5.29
N LYS D 97 -14.10 86.54 -5.18
CA LYS D 97 -14.54 87.89 -5.51
C LYS D 97 -14.39 88.84 -4.33
N GLY D 98 -14.52 88.32 -3.10
CA GLY D 98 -14.36 89.13 -1.91
C GLY D 98 -14.21 88.31 -0.65
N LEU D 99 -13.21 88.67 0.17
CA LEU D 99 -12.99 87.93 1.42
C LEU D 99 -13.85 88.51 2.53
N PRO D 100 -14.64 87.69 3.24
CA PRO D 100 -15.46 88.15 4.37
C PRO D 100 -14.61 88.70 5.51
N ASP E 2 32.43 -17.28 -57.52
CA ASP E 2 32.83 -16.16 -56.66
C ASP E 2 32.60 -16.50 -55.20
N GLN E 3 33.51 -16.06 -54.33
CA GLN E 3 33.43 -16.35 -52.91
C GLN E 3 32.75 -15.22 -52.13
N GLU E 4 33.30 -14.00 -52.22
CA GLU E 4 32.75 -12.86 -51.49
C GLU E 4 32.61 -11.60 -52.34
N ASN E 5 33.32 -11.49 -53.46
CA ASN E 5 33.19 -10.30 -54.30
C ASN E 5 31.79 -10.14 -54.86
N GLU E 6 31.10 -11.25 -55.13
CA GLU E 6 29.71 -11.18 -55.55
C GLU E 6 28.81 -10.60 -54.47
N ARG E 7 29.22 -10.69 -53.20
CA ARG E 7 28.47 -10.07 -52.12
C ARG E 7 28.83 -8.58 -51.97
N ASN E 8 30.11 -8.24 -52.16
CA ASN E 8 30.52 -6.84 -52.10
C ASN E 8 29.84 -6.02 -53.19
N ILE E 9 29.85 -6.54 -54.42
CA ILE E 9 29.20 -5.83 -55.52
C ILE E 9 27.69 -5.77 -55.34
N SER E 10 27.12 -6.70 -54.56
CA SER E 10 25.69 -6.66 -54.29
C SER E 10 25.36 -5.61 -53.23
N ARG E 11 26.21 -5.47 -52.22
CA ARG E 11 26.00 -4.43 -51.21
C ARG E 11 26.17 -3.04 -51.83
N LEU E 12 27.18 -2.86 -52.68
CA LEU E 12 27.35 -1.59 -53.36
C LEU E 12 26.23 -1.34 -54.36
N TRP E 13 25.73 -2.40 -55.00
CA TRP E 13 24.61 -2.25 -55.92
C TRP E 13 23.35 -1.78 -55.19
N ARG E 14 23.13 -2.29 -53.97
CA ARG E 14 22.03 -1.83 -53.15
C ARG E 14 22.33 -0.52 -52.44
N ALA E 15 23.58 -0.08 -52.44
CA ALA E 15 23.95 1.21 -51.86
C ALA E 15 24.00 2.33 -52.90
N PHE E 16 24.02 2.00 -54.19
CA PHE E 16 24.00 2.98 -55.25
C PHE E 16 22.58 3.42 -55.59
N ARG E 17 21.66 2.46 -55.73
CA ARG E 17 20.26 2.80 -55.96
C ARG E 17 19.67 3.55 -54.78
N THR E 18 20.18 3.29 -53.57
CA THR E 18 19.72 4.03 -52.40
C THR E 18 20.17 5.48 -52.45
N VAL E 19 21.38 5.72 -52.99
CA VAL E 19 21.85 7.08 -53.18
C VAL E 19 20.95 7.82 -54.16
N LYS E 20 20.62 7.18 -55.29
CA LYS E 20 19.76 7.82 -56.27
C LYS E 20 18.35 8.04 -55.74
N GLU E 21 17.87 7.12 -54.90
CA GLU E 21 16.61 7.36 -54.20
C GLU E 21 16.75 8.56 -53.26
N MET E 22 17.89 8.68 -52.59
CA MET E 22 18.13 9.82 -51.71
C MET E 22 18.25 11.12 -52.49
N VAL E 23 18.70 11.06 -53.74
CA VAL E 23 18.80 12.25 -54.56
C VAL E 23 17.41 12.69 -55.04
N LYS E 24 16.58 11.74 -55.46
CA LYS E 24 15.23 12.08 -55.92
C LYS E 24 14.38 12.63 -54.76
N ASP E 25 14.57 12.09 -53.57
CA ASP E 25 13.83 12.59 -52.41
C ASP E 25 14.19 14.03 -52.08
N ARG E 26 15.40 14.47 -52.46
CA ARG E 26 15.78 15.86 -52.29
C ARG E 26 15.06 16.78 -53.26
N GLY E 27 14.46 16.23 -54.31
CA GLY E 27 13.81 17.03 -55.34
C GLY E 27 14.59 17.20 -56.62
N TYR E 28 15.73 16.52 -56.77
CA TYR E 28 16.55 16.65 -57.96
C TYR E 28 16.00 15.76 -59.09
N PHE E 29 16.49 16.03 -60.30
CA PHE E 29 15.98 15.36 -61.50
C PHE E 29 16.69 14.01 -61.66
N ILE E 30 15.95 12.93 -61.42
CA ILE E 30 16.43 11.57 -61.64
C ILE E 30 15.34 10.81 -62.37
N THR E 31 15.71 10.16 -63.48
CA THR E 31 14.73 9.43 -64.28
C THR E 31 14.41 8.08 -63.65
N GLN E 32 13.20 7.59 -63.93
CA GLN E 32 12.77 6.31 -63.37
C GLN E 32 13.62 5.17 -63.89
N GLU E 33 14.05 5.25 -65.16
CA GLU E 33 14.91 4.21 -65.71
C GLU E 33 16.26 4.14 -65.01
N GLU E 34 16.68 5.22 -64.36
CA GLU E 34 17.94 5.22 -63.62
C GLU E 34 17.77 4.99 -62.13
N VAL E 35 16.55 5.15 -61.59
CA VAL E 35 16.32 4.88 -60.18
C VAL E 35 16.61 3.41 -59.87
N GLU E 36 15.89 2.51 -60.52
CA GLU E 36 16.16 1.08 -60.40
C GLU E 36 17.11 0.65 -61.52
N LEU E 37 18.21 0.02 -61.13
CA LEU E 37 19.22 -0.44 -62.08
C LEU E 37 19.40 -1.95 -61.91
N PRO E 38 19.12 -2.75 -62.93
CA PRO E 38 19.26 -4.20 -62.78
C PRO E 38 20.69 -4.61 -62.50
N LEU E 39 20.84 -5.78 -61.88
CA LEU E 39 22.17 -6.29 -61.56
C LEU E 39 22.97 -6.57 -62.83
N GLU E 40 22.29 -7.00 -63.89
CA GLU E 40 22.99 -7.29 -65.15
C GLU E 40 23.56 -6.02 -65.76
N ASP E 41 22.75 -4.95 -65.82
CA ASP E 41 23.23 -3.70 -66.39
C ASP E 41 24.30 -3.07 -65.51
N PHE E 42 24.22 -3.27 -64.18
CA PHE E 42 25.21 -2.69 -63.28
C PHE E 42 26.58 -3.33 -63.47
N LYS E 43 26.62 -4.58 -63.95
CA LYS E 43 27.91 -5.23 -64.18
C LYS E 43 28.59 -4.69 -65.42
N ALA E 44 27.85 -4.57 -66.52
CA ALA E 44 28.45 -4.10 -67.77
C ALA E 44 28.70 -2.60 -67.76
N LYS E 45 28.16 -1.87 -66.78
CA LYS E 45 28.31 -0.42 -66.78
C LYS E 45 29.48 0.04 -65.91
N TYR E 46 29.58 -0.49 -64.70
CA TYR E 46 30.58 -0.03 -63.74
C TYR E 46 31.61 -1.08 -63.37
N CYS E 47 31.50 -2.30 -63.89
CA CYS E 47 32.47 -3.36 -63.64
C CYS E 47 33.22 -3.66 -64.93
N ASP E 48 34.55 -3.73 -64.84
CA ASP E 48 35.38 -3.99 -66.00
C ASP E 48 35.43 -5.49 -66.28
N SER E 49 36.33 -5.89 -67.19
CA SER E 49 36.48 -7.30 -67.52
C SER E 49 37.07 -8.09 -66.36
N MET E 50 37.79 -7.45 -65.46
CA MET E 50 38.36 -8.15 -64.31
C MET E 50 37.27 -8.61 -63.34
N GLY E 51 36.17 -7.86 -63.25
CA GLY E 51 35.07 -8.20 -62.37
C GLY E 51 34.89 -7.24 -61.20
N ARG E 52 35.93 -6.46 -60.87
CA ARG E 52 35.76 -5.55 -59.74
C ARG E 52 35.12 -4.24 -60.20
N PRO E 53 34.32 -3.60 -59.35
CA PRO E 53 33.69 -2.33 -59.72
C PRO E 53 34.59 -1.13 -59.47
N GLN E 54 34.39 -0.10 -60.28
CA GLN E 54 35.09 1.17 -60.15
C GLN E 54 34.08 2.27 -59.87
N ARG E 55 34.42 3.15 -58.93
CA ARG E 55 33.49 4.15 -58.42
C ARG E 55 33.78 5.56 -58.91
N LYS E 56 34.63 5.72 -59.92
CA LYS E 56 34.90 7.05 -60.45
C LYS E 56 33.85 7.48 -61.47
N MET E 57 33.24 6.53 -62.18
CA MET E 57 32.14 6.85 -63.08
C MET E 57 30.81 6.99 -62.33
N MET E 58 30.71 6.46 -61.11
CA MET E 58 29.47 6.54 -60.35
C MET E 58 29.17 7.95 -59.88
N SER E 59 30.17 8.83 -59.85
CA SER E 59 29.93 10.22 -59.50
C SER E 59 29.17 10.93 -60.61
N PHE E 60 28.23 11.78 -60.24
CA PHE E 60 27.38 12.43 -61.22
C PHE E 60 26.80 13.72 -60.64
N GLN E 61 26.48 14.65 -61.54
CA GLN E 61 25.83 15.90 -61.17
C GLN E 61 24.33 15.80 -61.45
N ALA E 62 23.53 16.29 -60.52
CA ALA E 62 22.08 16.30 -60.66
C ALA E 62 21.56 17.73 -60.47
N ASN E 63 20.69 18.18 -61.39
CA ASN E 63 20.09 19.50 -61.41
C ASN E 63 18.70 19.47 -60.81
N PRO E 64 18.28 20.53 -60.13
CA PRO E 64 16.92 20.56 -59.57
C PRO E 64 15.86 20.58 -60.65
N THR E 65 14.73 19.95 -60.34
CA THR E 65 13.62 19.90 -61.27
C THR E 65 12.96 21.28 -61.40
N GLU E 66 12.15 21.42 -62.45
CA GLU E 66 11.39 22.66 -62.62
C GLU E 66 10.36 22.83 -61.52
N GLU E 67 9.82 21.72 -60.99
CA GLU E 67 8.90 21.81 -59.87
C GLU E 67 9.62 22.28 -58.60
N SER E 68 10.87 21.84 -58.41
CA SER E 68 11.62 22.25 -57.23
C SER E 68 12.09 23.69 -57.35
N ILE E 69 12.50 24.11 -58.55
CA ILE E 69 12.94 25.49 -58.74
C ILE E 69 11.76 26.44 -58.61
N SER E 70 10.58 26.03 -59.07
CA SER E 70 9.38 26.85 -58.92
C SER E 70 8.99 27.02 -57.46
N LYS E 71 9.47 26.15 -56.57
CA LYS E 71 9.20 26.26 -55.14
C LYS E 71 10.42 26.71 -54.34
N PHE E 72 11.62 26.24 -54.69
CA PHE E 72 12.85 26.62 -54.00
C PHE E 72 13.76 27.33 -54.99
N PRO E 73 13.75 28.67 -55.04
CA PRO E 73 14.63 29.37 -56.00
C PRO E 73 16.11 29.34 -55.63
N ASP E 74 16.46 28.90 -54.43
CA ASP E 74 17.85 28.94 -53.97
C ASP E 74 18.59 27.65 -54.18
N MET E 75 17.91 26.50 -54.23
CA MET E 75 18.60 25.22 -54.37
C MET E 75 19.25 25.11 -55.73
N GLY E 76 20.50 24.64 -55.75
CA GLY E 76 21.23 24.45 -56.99
C GLY E 76 21.60 23.00 -57.23
N SER E 77 22.42 22.74 -58.24
CA SER E 77 22.86 21.40 -58.54
C SER E 77 23.86 20.91 -57.49
N LEU E 78 24.02 19.59 -57.43
CA LEU E 78 24.96 18.97 -56.50
C LEU E 78 25.84 17.98 -57.27
N TRP E 79 26.88 17.52 -56.59
CA TRP E 79 27.91 16.66 -57.20
C TRP E 79 28.13 15.46 -56.28
N VAL E 80 27.43 14.36 -56.56
CA VAL E 80 27.57 13.14 -55.77
C VAL E 80 28.93 12.52 -56.08
N GLU E 81 29.58 12.01 -55.03
CA GLU E 81 30.91 11.41 -55.17
C GLU E 81 31.02 10.16 -54.31
N PHE E 82 31.62 9.12 -54.88
CA PHE E 82 31.95 7.90 -54.16
C PHE E 82 33.46 7.74 -54.11
N CYS E 83 34.00 7.50 -52.93
CA CYS E 83 35.44 7.37 -52.78
C CYS E 83 35.91 5.98 -53.16
N ASP E 84 37.18 5.89 -53.54
CA ASP E 84 37.81 4.62 -53.91
C ASP E 84 38.65 4.03 -52.78
N GLU E 85 39.44 4.86 -52.09
CA GLU E 85 40.26 4.36 -51.00
C GLU E 85 39.39 4.00 -49.80
N PRO E 86 39.76 2.96 -49.06
CA PRO E 86 38.96 2.59 -47.87
C PRO E 86 39.01 3.63 -46.78
N SER E 87 40.20 4.16 -46.48
CA SER E 87 40.36 5.21 -45.47
C SER E 87 40.58 6.53 -46.18
N VAL E 88 39.66 7.48 -45.99
CA VAL E 88 39.78 8.79 -46.61
C VAL E 88 40.96 9.53 -46.01
N GLY E 89 41.54 10.44 -46.80
CA GLY E 89 42.67 11.23 -46.34
C GLY E 89 42.44 12.70 -46.63
N VAL E 90 43.18 13.53 -45.90
CA VAL E 90 43.11 14.97 -46.11
C VAL E 90 43.59 15.33 -47.51
N LYS E 91 44.54 14.57 -48.06
CA LYS E 91 44.98 14.80 -49.42
C LYS E 91 43.92 14.40 -50.43
N THR E 92 43.22 13.30 -50.17
CA THR E 92 42.14 12.85 -51.04
C THR E 92 40.88 13.68 -50.91
N MET E 93 40.80 14.55 -49.90
CA MET E 93 39.63 15.39 -49.67
C MET E 93 39.85 16.85 -50.05
N LYS E 94 41.09 17.34 -49.96
CA LYS E 94 41.36 18.73 -50.34
C LYS E 94 41.14 18.97 -51.82
N THR E 95 41.52 18.00 -52.66
CA THR E 95 41.26 18.11 -54.09
C THR E 95 39.78 18.01 -54.39
N PHE E 96 39.02 17.34 -53.53
CA PHE E 96 37.58 17.22 -53.73
C PHE E 96 36.83 18.48 -53.30
N VAL E 97 37.21 19.05 -52.16
CA VAL E 97 36.53 20.26 -51.68
C VAL E 97 36.90 21.46 -52.55
N ILE E 98 38.12 21.47 -53.09
CA ILE E 98 38.50 22.52 -54.04
C ILE E 98 37.78 22.31 -55.36
N HIS E 99 37.60 21.04 -55.77
CA HIS E 99 36.83 20.75 -56.98
C HIS E 99 35.41 21.28 -56.88
N ILE E 100 34.85 21.33 -55.67
CA ILE E 100 33.53 21.92 -55.49
C ILE E 100 33.58 23.44 -55.61
N GLN E 101 34.65 24.04 -55.08
CA GLN E 101 34.82 25.49 -55.18
C GLN E 101 35.06 25.95 -56.60
N GLU E 102 35.53 25.06 -57.48
CA GLU E 102 35.84 25.46 -58.86
C GLU E 102 34.57 25.61 -59.69
N LYS E 103 33.70 24.60 -59.67
CA LYS E 103 32.52 24.58 -60.52
C LYS E 103 31.30 25.22 -59.85
N ASN E 104 31.49 25.95 -58.76
CA ASN E 104 30.42 26.68 -58.08
C ASN E 104 29.26 25.76 -57.68
N PHE E 105 29.61 24.58 -57.16
CA PHE E 105 28.60 23.65 -56.70
C PHE E 105 28.04 24.11 -55.36
N GLN E 106 26.73 24.39 -55.34
CA GLN E 106 26.11 24.90 -54.12
C GLN E 106 26.07 23.86 -53.01
N THR E 107 25.98 22.57 -53.37
CA THR E 107 25.90 21.51 -52.39
C THR E 107 26.70 20.31 -52.88
N GLY E 108 27.39 19.65 -51.94
CA GLY E 108 28.14 18.45 -52.25
C GLY E 108 27.80 17.33 -51.29
N ILE E 109 28.06 16.11 -51.73
CA ILE E 109 27.82 14.92 -50.93
C ILE E 109 28.94 13.91 -51.22
N PHE E 110 29.66 13.50 -50.18
CA PHE E 110 30.80 12.62 -50.30
C PHE E 110 30.53 11.34 -49.50
N VAL E 111 30.73 10.19 -50.13
CA VAL E 111 30.48 8.89 -49.51
C VAL E 111 31.80 8.15 -49.40
N TYR E 112 32.22 7.87 -48.18
CA TYR E 112 33.44 7.10 -47.94
C TYR E 112 33.11 5.61 -47.77
N GLN E 113 34.17 4.80 -47.70
CA GLN E 113 34.01 3.34 -47.73
C GLN E 113 34.10 2.73 -46.33
N ASN E 114 35.22 2.93 -45.62
CA ASN E 114 35.45 2.26 -44.35
C ASN E 114 35.55 3.21 -43.18
N ASN E 115 36.43 4.20 -43.23
CA ASN E 115 36.72 5.05 -42.09
C ASN E 115 36.76 6.51 -42.53
N ILE E 116 36.96 7.40 -41.56
CA ILE E 116 37.00 8.84 -41.79
C ILE E 116 38.26 9.39 -41.14
N THR E 117 38.64 10.60 -41.56
CA THR E 117 39.85 11.24 -41.07
C THR E 117 39.49 12.43 -40.20
N PRO E 118 39.99 12.48 -38.95
CA PRO E 118 39.70 13.65 -38.11
C PRO E 118 40.23 14.95 -38.69
N SER E 119 41.34 14.90 -39.44
CA SER E 119 41.84 16.10 -40.10
C SER E 119 40.88 16.57 -41.18
N ALA E 120 40.19 15.65 -41.85
CA ALA E 120 39.21 16.03 -42.86
C ALA E 120 37.97 16.65 -42.23
N MET E 121 37.66 16.29 -40.97
CA MET E 121 36.52 16.88 -40.30
C MET E 121 36.73 18.35 -39.94
N LYS E 122 37.98 18.81 -39.93
CA LYS E 122 38.27 20.21 -39.66
C LYS E 122 38.14 21.09 -40.89
N LEU E 123 37.75 20.52 -42.04
CA LEU E 123 37.63 21.28 -43.28
C LEU E 123 36.28 21.12 -43.97
N VAL E 124 35.32 20.43 -43.36
CA VAL E 124 34.02 20.22 -43.99
C VAL E 124 33.00 21.31 -43.63
N PRO E 125 33.06 21.98 -42.48
CA PRO E 125 32.19 23.14 -42.27
C PRO E 125 32.85 24.48 -42.60
N SER E 126 34.13 24.50 -42.97
CA SER E 126 34.87 25.71 -43.23
C SER E 126 34.95 26.05 -44.72
N ILE E 127 33.92 25.69 -45.49
CA ILE E 127 33.92 25.94 -46.94
C ILE E 127 32.72 26.79 -47.36
N PRO E 128 32.25 27.75 -46.57
CA PRO E 128 31.01 28.46 -46.92
C PRO E 128 31.18 29.26 -48.20
N PRO E 129 30.09 29.60 -48.90
CA PRO E 129 28.70 29.27 -48.57
C PRO E 129 28.29 27.86 -48.99
N ALA E 130 29.16 27.19 -49.74
CA ALA E 130 28.87 25.83 -50.20
C ALA E 130 28.82 24.88 -49.01
N THR E 131 27.79 24.04 -48.96
CA THR E 131 27.60 23.07 -47.90
C THR E 131 27.82 21.67 -48.44
N ILE E 132 28.55 20.85 -47.69
CA ILE E 132 28.86 19.48 -48.09
C ILE E 132 28.44 18.53 -46.98
N GLU E 133 28.13 17.30 -47.37
CA GLU E 133 27.70 16.27 -46.43
C GLU E 133 28.55 15.02 -46.61
N THR E 134 28.53 14.16 -45.60
CA THR E 134 29.32 12.94 -45.59
C THR E 134 28.43 11.76 -45.22
N PHE E 135 28.59 10.66 -45.94
CA PHE E 135 27.82 9.45 -45.69
C PHE E 135 28.73 8.24 -45.80
N ASN E 136 28.33 7.15 -45.15
CA ASN E 136 29.07 5.90 -45.18
C ASN E 136 28.32 4.87 -46.00
N GLU E 137 29.09 4.01 -46.69
CA GLU E 137 28.47 2.95 -47.48
C GLU E 137 27.76 1.93 -46.60
N ALA E 138 28.30 1.66 -45.41
CA ALA E 138 27.66 0.71 -44.51
C ALA E 138 26.38 1.27 -43.91
N ALA E 139 26.40 2.55 -43.51
CA ALA E 139 25.24 3.20 -42.94
C ALA E 139 24.19 3.58 -43.98
N LEU E 140 24.38 3.17 -45.24
CA LEU E 140 23.46 3.52 -46.32
C LEU E 140 23.01 2.29 -47.10
N VAL E 141 23.37 1.09 -46.64
CA VAL E 141 23.02 -0.14 -47.36
C VAL E 141 21.52 -0.23 -47.57
N VAL E 142 20.74 0.09 -46.55
CA VAL E 142 19.28 -0.02 -46.60
C VAL E 142 18.69 1.39 -46.50
N ASN E 143 17.75 1.70 -47.39
CA ASN E 143 17.07 2.99 -47.36
C ASN E 143 16.20 3.08 -46.11
N ILE E 144 16.35 4.17 -45.36
CA ILE E 144 15.58 4.35 -44.14
C ILE E 144 14.11 4.63 -44.47
N THR E 145 13.87 5.41 -45.52
CA THR E 145 12.49 5.78 -45.86
C THR E 145 11.68 4.57 -46.32
N HIS E 146 12.34 3.57 -46.93
CA HIS E 146 11.64 2.37 -47.36
C HIS E 146 11.08 1.56 -46.20
N HIS E 147 11.44 1.89 -44.96
CA HIS E 147 10.95 1.16 -43.80
C HIS E 147 9.46 1.38 -43.62
N GLU E 148 8.85 0.52 -42.80
CA GLU E 148 7.41 0.57 -42.59
C GLU E 148 7.02 1.65 -41.59
N LEU E 149 7.52 1.55 -40.37
CA LEU E 149 7.13 2.46 -39.29
C LEU E 149 7.76 3.84 -39.40
N VAL E 150 8.47 4.13 -40.48
CA VAL E 150 9.02 5.48 -40.69
C VAL E 150 8.02 6.29 -41.48
N PRO E 151 7.84 7.58 -41.19
CA PRO E 151 6.89 8.39 -41.94
C PRO E 151 7.50 9.02 -43.18
N LYS E 152 6.70 9.83 -43.88
CA LYS E 152 7.15 10.55 -45.06
C LYS E 152 7.47 11.99 -44.67
N HIS E 153 8.73 12.39 -44.81
CA HIS E 153 9.18 13.73 -44.46
C HIS E 153 9.32 14.58 -45.71
N ILE E 154 8.79 15.80 -45.65
CA ILE E 154 8.80 16.72 -46.78
C ILE E 154 9.23 18.09 -46.27
N ARG E 155 10.41 18.56 -46.70
CA ARG E 155 10.86 19.89 -46.32
C ARG E 155 9.98 20.95 -46.98
N LEU E 156 9.61 21.97 -46.21
CA LEU E 156 8.69 22.97 -46.66
C LEU E 156 9.45 24.15 -47.31
N SER E 157 8.71 25.18 -47.69
CA SER E 157 9.28 26.36 -48.32
C SER E 157 9.18 27.56 -47.37
N SER E 158 9.86 28.64 -47.73
CA SER E 158 9.82 29.86 -46.93
C SER E 158 8.47 30.55 -46.99
N ASP E 159 7.59 30.16 -47.91
CA ASP E 159 6.26 30.73 -48.00
C ASP E 159 5.25 29.95 -47.17
N GLU E 160 5.22 28.62 -47.32
CA GLU E 160 4.31 27.81 -46.54
C GLU E 160 4.73 27.76 -45.07
N LYS E 161 6.03 27.90 -44.80
CA LYS E 161 6.49 28.00 -43.41
C LYS E 161 5.92 29.25 -42.75
N ARG E 162 6.05 30.40 -43.40
CA ARG E 162 5.44 31.63 -42.88
C ARG E 162 3.94 31.48 -42.76
N GLU E 163 3.31 30.73 -43.67
CA GLU E 163 1.89 30.43 -43.53
C GLU E 163 1.62 29.60 -42.29
N LEU E 164 2.57 28.74 -41.89
CA LEU E 164 2.41 27.93 -40.69
C LEU E 164 2.59 28.77 -39.43
N LEU E 165 3.70 29.52 -39.34
CA LEU E 165 3.94 30.35 -38.17
C LEU E 165 2.89 31.43 -38.00
N LYS E 166 2.19 31.79 -39.07
CA LYS E 166 1.06 32.71 -38.97
C LYS E 166 -0.25 32.00 -38.67
N ARG E 167 -0.37 30.74 -39.09
CA ARG E 167 -1.59 29.98 -38.84
C ARG E 167 -1.75 29.68 -37.35
N TYR E 168 -0.67 29.27 -36.69
CA TYR E 168 -0.71 28.91 -35.28
C TYR E 168 -0.16 30.00 -34.36
N ARG E 169 0.41 31.06 -34.92
CA ARG E 169 1.01 32.15 -34.14
C ARG E 169 2.13 31.61 -33.23
N LEU E 170 3.15 31.06 -33.87
CA LEU E 170 4.29 30.45 -33.20
C LEU E 170 5.58 31.14 -33.64
N LYS E 171 6.71 30.59 -33.18
CA LYS E 171 8.02 30.97 -33.66
C LYS E 171 8.82 29.70 -33.94
N GLU E 172 9.97 29.87 -34.60
CA GLU E 172 10.75 28.71 -35.03
C GLU E 172 11.23 27.87 -33.85
N SER E 173 11.46 28.50 -32.70
CA SER E 173 11.93 27.80 -31.51
C SER E 173 10.80 27.25 -30.65
N GLN E 174 9.59 27.11 -31.21
CA GLN E 174 8.44 26.64 -30.46
C GLN E 174 7.88 25.30 -30.95
N LEU E 175 8.23 24.87 -32.16
CA LEU E 175 7.74 23.62 -32.69
C LEU E 175 8.57 22.44 -32.19
N PRO E 176 8.02 21.23 -32.26
CA PRO E 176 8.82 20.04 -31.91
C PRO E 176 10.08 19.96 -32.77
N ARG E 177 11.20 19.67 -32.12
CA ARG E 177 12.51 19.73 -32.75
C ARG E 177 12.93 18.37 -33.30
N ILE E 178 14.02 18.39 -34.07
CA ILE E 178 14.68 17.18 -34.55
C ILE E 178 16.18 17.47 -34.60
N GLN E 179 16.98 16.43 -34.39
CA GLN E 179 18.42 16.60 -34.26
C GLN E 179 19.10 16.56 -35.62
N ARG E 180 20.42 16.74 -35.61
CA ARG E 180 21.22 16.76 -36.83
C ARG E 180 21.79 15.38 -37.19
N ALA E 181 22.11 14.57 -36.19
CA ALA E 181 22.78 13.29 -36.40
C ALA E 181 21.80 12.12 -36.49
N ASP E 182 20.58 12.38 -36.95
CA ASP E 182 19.59 11.32 -37.15
C ASP E 182 19.56 10.88 -38.61
N PRO E 183 19.18 9.63 -38.88
CA PRO E 183 19.18 9.15 -40.28
C PRO E 183 18.10 9.77 -41.15
N VAL E 184 17.32 10.72 -40.65
CA VAL E 184 16.25 11.34 -41.43
C VAL E 184 16.63 12.71 -41.94
N ALA E 185 17.10 13.59 -41.05
CA ALA E 185 17.48 14.94 -41.47
C ALA E 185 18.67 14.91 -42.42
N LEU E 186 19.63 14.02 -42.18
CA LEU E 186 20.74 13.85 -43.10
C LEU E 186 20.27 13.25 -44.42
N TYR E 187 19.24 12.42 -44.39
CA TYR E 187 18.72 11.82 -45.62
C TYR E 187 18.09 12.86 -46.52
N LEU E 188 17.46 13.88 -45.94
CA LEU E 188 16.90 14.98 -46.70
C LEU E 188 17.87 16.13 -46.89
N GLY E 189 19.03 16.08 -46.27
CA GLY E 189 19.97 17.19 -46.29
C GLY E 189 19.35 18.48 -45.78
N LEU E 190 18.88 18.46 -44.54
CA LEU E 190 18.23 19.61 -43.96
C LEU E 190 19.25 20.60 -43.41
N LYS E 191 18.77 21.81 -43.12
CA LYS E 191 19.59 22.87 -42.55
C LYS E 191 18.84 23.50 -41.38
N ARG E 192 19.51 24.45 -40.72
CA ARG E 192 18.93 25.11 -39.56
C ARG E 192 17.80 26.04 -39.97
N GLY E 193 16.72 26.01 -39.21
CA GLY E 193 15.63 26.95 -39.41
C GLY E 193 14.69 26.63 -40.56
N GLU E 194 14.36 25.36 -40.76
CA GLU E 194 13.36 24.98 -41.75
C GLU E 194 12.51 23.84 -41.19
N VAL E 195 11.20 23.97 -41.32
CA VAL E 195 10.25 22.98 -40.80
C VAL E 195 9.93 21.98 -41.91
N VAL E 196 9.75 20.72 -41.52
CA VAL E 196 9.41 19.65 -42.45
C VAL E 196 8.02 19.12 -42.11
N LYS E 197 7.27 18.75 -43.15
CA LYS E 197 5.96 18.14 -42.97
C LYS E 197 6.10 16.63 -42.93
N ILE E 198 5.45 16.00 -41.95
CA ILE E 198 5.57 14.57 -41.71
C ILE E 198 4.18 13.94 -41.86
N ILE E 199 4.06 13.02 -42.80
CA ILE E 199 2.82 12.27 -43.03
C ILE E 199 3.04 10.85 -42.54
N ARG E 200 2.34 10.47 -41.48
CA ARG E 200 2.46 9.14 -40.91
C ARG E 200 1.09 8.52 -40.69
N LYS E 201 1.06 7.19 -40.73
CA LYS E 201 -0.16 6.46 -40.40
C LYS E 201 -0.44 6.53 -38.90
N SER E 202 -1.71 6.40 -38.55
CA SER E 202 -2.13 6.43 -37.15
C SER E 202 -3.10 5.29 -36.90
N GLU E 203 -2.93 4.59 -35.77
CA GLU E 203 -3.81 3.49 -35.41
C GLU E 203 -5.23 3.96 -35.08
N THR E 204 -5.46 5.27 -34.99
CA THR E 204 -6.78 5.81 -34.73
C THR E 204 -7.18 6.93 -35.69
N SER E 205 -6.25 7.49 -36.45
CA SER E 205 -6.56 8.59 -37.35
C SER E 205 -5.95 8.44 -38.74
N GLY E 206 -5.19 7.38 -38.99
CA GLY E 206 -4.63 7.17 -40.31
C GLY E 206 -3.68 8.29 -40.71
N ARG E 207 -3.99 8.93 -41.85
CA ARG E 207 -3.16 10.01 -42.36
C ARG E 207 -3.12 11.20 -41.40
N TYR E 208 -1.96 11.47 -40.84
CA TYR E 208 -1.78 12.57 -39.90
C TYR E 208 -0.58 13.40 -40.32
N ALA E 209 -0.70 14.72 -40.18
CA ALA E 209 0.33 15.68 -40.59
C ALA E 209 0.84 16.40 -39.36
N SER E 210 2.05 16.05 -38.93
CA SER E 210 2.73 16.70 -37.81
C SER E 210 4.03 17.31 -38.31
N TYR E 211 4.25 18.58 -38.01
CA TYR E 211 5.44 19.27 -38.48
C TYR E 211 6.57 19.13 -37.45
N ARG E 212 7.77 19.50 -37.87
CA ARG E 212 8.95 19.33 -37.01
C ARG E 212 10.05 20.26 -37.51
N ILE E 213 10.52 21.14 -36.63
CA ILE E 213 11.62 22.04 -36.96
C ILE E 213 12.94 21.30 -36.83
N CYS E 214 13.89 21.63 -37.71
CA CYS E 214 15.20 20.98 -37.74
C CYS E 214 16.22 21.88 -37.06
N MET E 215 16.59 21.53 -35.84
CA MET E 215 17.61 22.27 -35.09
C MET E 215 18.52 21.32 -34.33
N PRO F 55 6.04 61.49 -14.51
CA PRO F 55 4.99 61.96 -15.41
C PRO F 55 5.14 61.42 -16.83
N GLU F 56 6.18 61.89 -17.54
CA GLU F 56 6.42 61.42 -18.90
C GLU F 56 6.83 59.96 -18.93
N ASP F 57 7.41 59.44 -17.85
CA ASP F 57 7.73 58.02 -17.79
C ASP F 57 6.47 57.17 -17.77
N PHE F 58 5.51 57.54 -16.91
CA PHE F 58 4.24 56.84 -16.85
C PHE F 58 3.42 57.04 -18.12
N GLN F 59 3.54 58.21 -18.77
CA GLN F 59 2.79 58.46 -20.00
C GLN F 59 3.36 57.68 -21.17
N GLN F 60 4.69 57.66 -21.31
CA GLN F 60 5.30 56.87 -22.38
C GLN F 60 5.03 55.39 -22.19
N HIS F 61 4.99 54.93 -20.94
CA HIS F 61 4.62 53.54 -20.64
C HIS F 61 3.11 53.32 -20.67
N GLU F 62 2.31 54.39 -20.72
CA GLU F 62 0.86 54.26 -20.82
C GLU F 62 0.40 54.06 -22.25
N GLN F 63 1.04 54.74 -23.21
CA GLN F 63 0.61 54.63 -24.61
C GLN F 63 1.09 53.32 -25.24
N ILE F 64 2.30 52.88 -24.91
CA ILE F 64 2.81 51.64 -25.48
C ILE F 64 2.02 50.44 -24.96
N ARG F 65 1.49 50.53 -23.74
CA ARG F 65 0.68 49.44 -23.20
C ARG F 65 -0.66 49.34 -23.92
N ARG F 66 -1.23 50.48 -24.30
CA ARG F 66 -2.51 50.47 -25.02
C ARG F 66 -2.32 50.06 -26.47
N LYS F 67 -1.24 50.50 -27.12
CA LYS F 67 -0.98 50.10 -28.50
C LYS F 67 -0.66 48.60 -28.59
N THR F 68 0.14 48.10 -27.65
CA THR F 68 0.44 46.66 -27.63
C THR F 68 -0.81 45.86 -27.31
N LEU F 69 -1.62 46.33 -26.35
CA LEU F 69 -2.88 45.66 -26.05
C LEU F 69 -3.82 45.68 -27.25
N LYS F 70 -3.69 46.68 -28.12
CA LYS F 70 -4.49 46.73 -29.33
C LYS F 70 -3.98 45.74 -30.38
N GLU F 71 -2.66 45.60 -30.49
CA GLU F 71 -2.09 44.67 -31.45
C GLU F 71 -2.37 43.21 -31.05
N LYS F 72 -2.51 42.95 -29.76
CA LYS F 72 -2.81 41.60 -29.31
C LYS F 72 -4.22 41.18 -29.66
N ALA F 73 -5.14 42.14 -29.82
CA ALA F 73 -6.54 41.84 -30.07
C ALA F 73 -6.73 41.36 -31.50
N ILE F 74 -7.39 40.22 -31.66
CA ILE F 74 -7.74 39.68 -32.97
C ILE F 74 -9.02 40.36 -33.43
N PRO F 75 -9.12 40.78 -34.69
CA PRO F 75 -10.33 41.45 -35.16
C PRO F 75 -11.56 40.56 -35.04
N LYS F 76 -12.73 41.21 -34.91
CA LYS F 76 -13.98 40.50 -34.68
C LYS F 76 -14.40 39.67 -35.88
N ASP F 77 -13.96 40.02 -37.09
CA ASP F 77 -14.33 39.29 -38.29
C ASP F 77 -13.37 38.17 -38.64
N GLN F 78 -12.22 38.10 -37.99
CA GLN F 78 -11.21 37.08 -38.29
C GLN F 78 -11.08 36.02 -37.19
N ARG F 79 -11.93 36.06 -36.17
CA ARG F 79 -11.89 35.05 -35.13
C ARG F 79 -12.31 33.70 -35.69
N ALA F 80 -11.46 32.69 -35.51
CA ALA F 80 -11.68 31.36 -36.08
C ALA F 80 -11.90 30.29 -35.01
N THR F 81 -11.97 30.68 -33.73
CA THR F 81 -12.23 29.71 -32.68
C THR F 81 -13.64 29.16 -32.79
N THR F 82 -13.87 28.05 -32.08
CA THR F 82 -15.16 27.37 -32.18
C THR F 82 -16.28 28.23 -31.60
N PRO F 83 -17.45 28.24 -32.23
CA PRO F 83 -18.59 29.01 -31.70
C PRO F 83 -19.40 28.25 -30.66
N TYR F 84 -19.00 27.03 -30.29
CA TYR F 84 -19.72 26.24 -29.32
C TYR F 84 -19.27 26.60 -27.91
N MET F 85 -20.19 27.09 -27.09
CA MET F 85 -19.89 27.43 -25.71
C MET F 85 -19.76 26.14 -24.90
N THR F 86 -18.54 25.81 -24.50
CA THR F 86 -18.28 24.54 -23.83
C THR F 86 -18.60 24.63 -22.35
N LYS F 87 -18.44 23.50 -21.65
CA LYS F 87 -18.78 23.44 -20.23
C LYS F 87 -17.85 24.27 -19.36
N TYR F 88 -16.65 24.62 -19.85
CA TYR F 88 -15.73 25.42 -19.05
C TYR F 88 -16.13 26.89 -19.04
N GLU F 89 -16.48 27.44 -20.20
CA GLU F 89 -17.02 28.79 -20.23
C GLU F 89 -18.38 28.85 -19.55
N ARG F 90 -19.14 27.75 -19.61
CA ARG F 90 -20.44 27.71 -18.96
C ARG F 90 -20.29 27.64 -17.44
N ALA F 91 -19.35 26.84 -16.96
CA ALA F 91 -19.14 26.74 -15.51
C ALA F 91 -18.61 28.04 -14.94
N ARG F 92 -17.66 28.67 -15.63
CA ARG F 92 -17.11 29.92 -15.13
C ARG F 92 -18.13 31.04 -15.20
N ILE F 93 -18.99 31.05 -16.21
CA ILE F 93 -19.97 32.12 -16.32
C ILE F 93 -21.10 31.92 -15.32
N LEU F 94 -21.42 30.67 -14.97
CA LEU F 94 -22.44 30.44 -13.95
C LEU F 94 -21.91 30.72 -12.56
N GLY F 95 -20.65 30.37 -12.29
CA GLY F 95 -20.07 30.68 -10.99
C GLY F 95 -19.86 32.17 -10.80
N THR F 96 -19.27 32.83 -11.81
CA THR F 96 -19.00 34.26 -11.70
C THR F 96 -20.30 35.05 -11.60
N ARG F 97 -21.30 34.71 -12.41
CA ARG F 97 -22.58 35.40 -12.34
C ARG F 97 -23.28 35.13 -11.01
N ALA F 98 -23.14 33.92 -10.47
CA ALA F 98 -23.68 33.64 -9.14
C ALA F 98 -23.03 34.52 -8.09
N LEU F 99 -21.70 34.70 -8.18
CA LEU F 99 -21.01 35.62 -7.30
C LEU F 99 -21.46 37.06 -7.52
N GLN F 100 -21.76 37.41 -8.77
CA GLN F 100 -22.23 38.75 -9.08
C GLN F 100 -23.58 39.02 -8.41
N ILE F 101 -24.58 38.20 -8.74
CA ILE F 101 -25.94 38.44 -8.24
C ILE F 101 -26.06 38.19 -6.75
N SER F 102 -25.12 37.45 -6.15
CA SER F 102 -25.15 37.25 -4.71
C SER F 102 -24.76 38.51 -3.94
N MET F 103 -24.18 39.49 -4.61
CA MET F 103 -23.75 40.74 -3.99
C MET F 103 -24.62 41.92 -4.45
N ASN F 104 -25.93 41.68 -4.56
CA ASN F 104 -26.91 42.71 -4.89
C ASN F 104 -26.69 43.28 -6.30
N ALA F 105 -26.52 42.36 -7.27
CA ALA F 105 -26.40 42.82 -8.65
C ALA F 105 -27.78 42.84 -9.31
N PRO F 106 -28.00 43.75 -10.26
CA PRO F 106 -29.29 43.82 -10.94
C PRO F 106 -29.58 42.56 -11.73
N VAL F 107 -30.77 42.01 -11.54
CA VAL F 107 -31.21 40.80 -12.22
C VAL F 107 -32.09 41.19 -13.40
N PHE F 108 -31.96 40.46 -14.51
CA PHE F 108 -32.73 40.74 -15.72
C PHE F 108 -33.86 39.75 -15.97
N VAL F 109 -33.78 38.54 -15.41
CA VAL F 109 -34.82 37.54 -15.58
C VAL F 109 -35.71 37.55 -14.34
N ASP F 110 -36.97 37.17 -14.51
CA ASP F 110 -37.91 37.15 -13.41
C ASP F 110 -37.77 35.85 -12.63
N LEU F 111 -37.71 35.95 -11.31
CA LEU F 111 -37.60 34.80 -10.43
C LEU F 111 -38.88 34.63 -9.63
N GLU F 112 -39.20 33.37 -9.31
CA GLU F 112 -40.41 33.04 -8.56
C GLU F 112 -40.05 31.97 -7.53
N GLY F 113 -40.02 32.37 -6.25
CA GLY F 113 -39.73 31.43 -5.19
C GLY F 113 -38.35 30.82 -5.23
N GLU F 114 -37.40 31.46 -5.91
CA GLU F 114 -36.04 30.96 -6.03
C GLU F 114 -35.16 31.63 -4.98
N THR F 115 -34.27 30.83 -4.37
CA THR F 115 -33.40 31.32 -3.31
C THR F 115 -31.95 30.87 -3.51
N ASP F 116 -31.57 30.51 -4.73
CA ASP F 116 -30.23 30.01 -5.01
C ASP F 116 -29.57 30.90 -6.07
N PRO F 117 -28.46 31.57 -5.75
CA PRO F 117 -27.80 32.41 -6.77
C PRO F 117 -27.34 31.63 -7.99
N LEU F 118 -27.07 30.34 -7.85
CA LEU F 118 -26.66 29.55 -9.00
C LEU F 118 -27.87 29.05 -9.80
N ARG F 119 -28.96 28.69 -9.12
CA ARG F 119 -30.16 28.26 -9.82
C ARG F 119 -30.74 29.39 -10.67
N ILE F 120 -30.77 30.61 -10.12
CA ILE F 120 -31.24 31.75 -10.89
C ILE F 120 -30.26 32.11 -11.99
N ALA F 121 -28.97 31.76 -11.84
CA ALA F 121 -28.00 32.01 -12.89
C ALA F 121 -28.20 31.09 -14.08
N MET F 122 -28.64 29.85 -13.82
CA MET F 122 -28.89 28.91 -14.92
C MET F 122 -30.08 29.36 -15.76
N LYS F 123 -31.20 29.68 -15.11
CA LYS F 123 -32.36 30.16 -15.85
C LYS F 123 -32.12 31.52 -16.47
N GLU F 124 -31.24 32.33 -15.87
CA GLU F 124 -30.87 33.60 -16.49
C GLU F 124 -29.99 33.38 -17.71
N LEU F 125 -29.26 32.26 -17.75
CA LEU F 125 -28.46 31.92 -18.92
C LEU F 125 -29.32 31.35 -20.05
N ALA F 126 -30.40 30.66 -19.71
CA ALA F 126 -31.29 30.12 -20.74
C ALA F 126 -31.96 31.25 -21.53
N GLU F 127 -32.33 32.32 -20.84
CA GLU F 127 -32.93 33.48 -21.50
C GLU F 127 -31.89 34.43 -22.08
N LYS F 128 -30.60 34.09 -21.98
CA LYS F 128 -29.51 34.93 -22.48
C LYS F 128 -29.54 36.31 -21.85
N LYS F 129 -29.90 36.37 -20.57
CA LYS F 129 -29.92 37.61 -19.81
C LYS F 129 -28.63 37.83 -19.02
N ILE F 130 -27.52 37.26 -19.48
CA ILE F 130 -26.23 37.39 -18.81
C ILE F 130 -25.37 38.39 -19.56
N PRO F 131 -25.28 39.65 -19.12
CA PRO F 131 -24.37 40.58 -19.80
C PRO F 131 -22.93 40.34 -19.40
N LEU F 132 -22.18 39.68 -20.28
CA LEU F 132 -20.79 39.30 -20.04
C LEU F 132 -20.15 38.99 -21.37
N VAL F 133 -18.81 38.99 -21.38
CA VAL F 133 -18.03 38.71 -22.57
C VAL F 133 -16.99 37.65 -22.21
N ILE F 134 -16.78 36.69 -23.10
CA ILE F 134 -15.72 35.71 -22.88
C ILE F 134 -14.44 36.20 -23.53
N ARG F 135 -13.34 36.16 -22.78
CA ARG F 135 -12.03 36.62 -23.25
C ARG F 135 -11.15 35.40 -23.46
N ARG F 136 -11.08 34.91 -24.69
CA ARG F 136 -10.31 33.71 -25.02
C ARG F 136 -8.86 34.10 -25.29
N TYR F 137 -7.96 33.65 -24.43
CA TYR F 137 -6.54 33.95 -24.55
C TYR F 137 -5.85 32.93 -25.46
N LEU F 138 -5.10 33.44 -26.44
CA LEU F 138 -4.27 32.56 -27.26
C LEU F 138 -2.92 32.35 -26.61
N PRO F 139 -2.28 31.20 -26.85
CA PRO F 139 -1.01 30.91 -26.16
C PRO F 139 0.11 31.88 -26.50
N ASP F 140 0.12 32.43 -27.71
CA ASP F 140 1.18 33.36 -28.10
C ASP F 140 1.13 34.67 -27.33
N GLY F 141 -0.04 35.01 -26.78
CA GLY F 141 -0.21 36.28 -26.09
C GLY F 141 -1.38 37.06 -26.62
N SER F 142 -1.73 36.81 -27.89
CA SER F 142 -2.90 37.46 -28.49
C SER F 142 -4.19 36.94 -27.85
N PHE F 143 -5.28 37.63 -28.15
CA PHE F 143 -6.58 37.25 -27.60
C PHE F 143 -7.68 37.69 -28.56
N GLU F 144 -8.90 37.27 -28.24
CA GLU F 144 -10.09 37.67 -28.98
C GLU F 144 -11.31 37.37 -28.11
N ASP F 145 -12.31 38.24 -28.20
CA ASP F 145 -13.45 38.22 -27.30
C ASP F 145 -14.67 37.60 -27.99
N TRP F 146 -15.38 36.76 -27.24
CA TRP F 146 -16.62 36.14 -27.69
C TRP F 146 -17.76 36.61 -26.81
N SER F 147 -18.65 37.43 -27.37
CA SER F 147 -19.84 37.85 -26.65
C SER F 147 -20.76 36.66 -26.43
N VAL F 148 -21.19 36.46 -25.18
CA VAL F 148 -21.97 35.27 -24.83
C VAL F 148 -23.29 35.21 -25.58
N GLU F 149 -23.76 36.34 -26.13
CA GLU F 149 -25.02 36.33 -26.86
C GLU F 149 -24.93 35.51 -28.14
N GLU F 150 -23.77 35.50 -28.80
CA GLU F 150 -23.58 34.77 -30.05
C GLU F 150 -23.07 33.35 -29.83
N LEU F 151 -22.81 32.95 -28.59
CA LEU F 151 -22.33 31.60 -28.33
C LEU F 151 -23.46 30.58 -28.50
N ILE F 152 -23.08 29.31 -28.60
CA ILE F 152 -24.01 28.21 -28.79
C ILE F 152 -23.87 27.27 -27.59
N VAL F 153 -24.96 27.12 -26.84
CA VAL F 153 -24.98 26.25 -25.67
C VAL F 153 -25.43 24.86 -26.10
N ASP F 154 -24.74 23.85 -25.59
CA ASP F 154 -25.06 22.47 -25.91
C ASP F 154 -26.39 22.04 -25.29
N ASN G 8 31.16 56.22 -6.55
CA ASN G 8 29.79 56.36 -6.09
C ASN G 8 29.53 57.77 -5.56
N GLU G 9 28.52 57.88 -4.70
CA GLU G 9 28.15 59.11 -3.98
C GLU G 9 27.95 60.30 -4.91
N ASN G 10 27.81 60.07 -6.21
CA ASN G 10 27.56 61.14 -7.17
C ASN G 10 26.33 60.89 -8.02
N ARG G 11 26.06 59.64 -8.40
CA ARG G 11 24.89 59.31 -9.20
C ARG G 11 23.72 58.83 -8.35
N GLU G 12 23.85 58.85 -7.03
CA GLU G 12 22.76 58.46 -6.13
C GLU G 12 21.86 59.62 -5.75
N THR G 13 22.36 60.85 -5.83
CA THR G 13 21.57 62.03 -5.51
C THR G 13 20.77 62.55 -6.71
N ALA G 14 21.20 62.23 -7.93
CA ALA G 14 20.54 62.75 -9.11
C ALA G 14 19.09 62.29 -9.20
N ARG G 15 18.86 60.98 -9.14
CA ARG G 15 17.50 60.46 -9.24
C ARG G 15 16.66 60.83 -8.03
N PHE G 16 17.28 61.13 -6.89
CA PHE G 16 16.52 61.60 -5.73
C PHE G 16 16.08 63.04 -5.90
N ILE G 17 16.91 63.87 -6.54
CA ILE G 17 16.54 65.27 -6.73
C ILE G 17 15.48 65.40 -7.83
N LYS G 18 15.65 64.66 -8.93
CA LYS G 18 14.74 64.80 -10.06
C LYS G 18 13.30 64.42 -9.69
N LYS G 19 13.13 63.50 -8.73
CA LYS G 19 11.78 63.14 -8.33
C LYS G 19 11.14 64.23 -7.48
N HIS G 20 11.92 64.91 -6.65
CA HIS G 20 11.42 65.98 -5.80
C HIS G 20 11.37 67.33 -6.52
N LYS G 21 11.83 67.41 -7.77
CA LYS G 21 11.73 68.64 -8.53
C LYS G 21 10.28 68.94 -8.83
N LYS G 22 9.77 70.03 -8.26
CA LYS G 22 8.38 70.41 -8.49
C LYS G 22 8.20 70.83 -9.94
N GLN G 23 7.15 70.31 -10.58
CA GLN G 23 6.93 70.56 -12.00
C GLN G 23 6.60 72.02 -12.27
N VAL G 24 6.01 72.72 -11.29
CA VAL G 24 5.49 74.06 -11.50
C VAL G 24 6.16 75.01 -10.51
N THR G 25 6.61 76.16 -11.02
CA THR G 25 7.12 77.26 -10.21
C THR G 25 6.06 78.36 -10.23
N ASN G 26 5.33 78.49 -9.12
CA ASN G 26 4.17 79.37 -9.08
C ASN G 26 4.58 80.84 -9.12
N PRO G 27 4.22 81.60 -10.15
CA PRO G 27 4.57 83.02 -10.20
C PRO G 27 3.47 83.91 -9.66
N ILE G 28 3.89 85.07 -9.16
CA ILE G 28 2.96 86.10 -8.69
C ILE G 28 2.57 86.97 -9.88
N ASP G 29 1.26 87.23 -10.01
CA ASP G 29 0.73 87.95 -11.15
C ASP G 29 -0.26 89.01 -10.68
N GLU G 30 -0.85 89.70 -11.66
CA GLU G 30 -1.88 90.74 -11.47
C GLU G 30 -1.51 91.73 -10.36
N LYS G 31 -0.22 91.94 -10.14
CA LYS G 31 0.30 92.92 -9.18
C LYS G 31 -0.26 92.72 -7.77
N ASN G 32 -0.82 91.54 -7.49
CA ASN G 32 -1.42 91.27 -6.20
C ASN G 32 -0.42 90.72 -5.18
N GLY G 33 0.72 90.21 -5.65
CA GLY G 33 1.68 89.57 -4.77
C GLY G 33 1.30 88.19 -4.31
N THR G 34 0.17 87.66 -4.79
CA THR G 34 -0.29 86.32 -4.43
C THR G 34 -0.35 85.47 -5.70
N SER G 35 0.27 84.30 -5.65
CA SER G 35 0.31 83.43 -6.82
C SER G 35 -0.97 82.61 -6.91
N ASN G 36 -1.11 81.89 -8.02
CA ASN G 36 -2.28 81.05 -8.28
C ASN G 36 -1.93 79.63 -7.84
N CYS G 37 -2.21 79.33 -6.57
CA CYS G 37 -1.97 77.99 -6.04
C CYS G 37 -2.93 76.97 -6.64
N ILE G 38 -4.09 77.40 -7.14
CA ILE G 38 -4.97 76.51 -7.86
C ILE G 38 -4.29 76.08 -9.17
N VAL G 39 -4.46 74.80 -9.52
CA VAL G 39 -3.73 74.24 -10.65
C VAL G 39 -4.60 73.15 -11.30
N ARG G 40 -4.36 72.92 -12.58
CA ARG G 40 -5.08 71.91 -13.36
C ARG G 40 -4.19 70.68 -13.51
N VAL G 41 -4.71 69.52 -13.11
CA VAL G 41 -3.94 68.28 -13.17
C VAL G 41 -4.77 67.17 -13.81
N PRO G 42 -4.40 66.69 -14.99
CA PRO G 42 -5.05 65.49 -15.55
C PRO G 42 -4.42 64.23 -14.95
N ILE G 43 -5.26 63.38 -14.38
CA ILE G 43 -4.79 62.18 -13.68
C ILE G 43 -5.49 60.95 -14.24
N ALA G 44 -4.87 59.80 -14.03
CA ALA G 44 -5.41 58.50 -14.44
C ALA G 44 -5.33 57.55 -13.26
N LEU G 45 -6.48 57.09 -12.79
CA LEU G 45 -6.57 56.26 -11.60
C LEU G 45 -7.00 54.84 -11.96
N TYR G 46 -6.54 53.87 -11.17
CA TYR G 46 -6.94 52.48 -11.30
C TYR G 46 -8.09 52.24 -10.33
N VAL G 47 -9.30 52.10 -10.87
CA VAL G 47 -10.52 52.11 -10.06
C VAL G 47 -11.06 50.69 -9.94
N SER G 48 -11.95 50.52 -8.96
CA SER G 48 -12.67 49.27 -8.76
C SER G 48 -14.17 49.51 -8.89
N LEU G 49 -14.90 48.41 -9.10
CA LEU G 49 -16.35 48.47 -9.29
C LEU G 49 -17.05 47.62 -8.25
N ALA G 50 -18.37 47.48 -8.41
CA ALA G 50 -19.22 46.70 -7.52
C ALA G 50 -20.33 46.09 -8.34
N PRO G 51 -20.87 44.93 -7.93
CA PRO G 51 -21.94 44.30 -8.72
C PRO G 51 -23.19 45.16 -8.85
N MET G 52 -23.49 45.99 -7.86
CA MET G 52 -24.64 46.88 -7.94
C MET G 52 -24.40 48.08 -8.84
N TYR G 53 -23.22 48.19 -9.46
CA TYR G 53 -22.92 49.30 -10.36
C TYR G 53 -22.45 48.80 -11.72
N LEU G 54 -22.83 47.59 -12.12
CA LEU G 54 -22.54 47.11 -13.46
C LEU G 54 -23.41 47.78 -14.52
N GLU G 55 -24.44 48.50 -14.12
CA GLU G 55 -25.29 49.24 -15.04
C GLU G 55 -24.92 50.71 -15.16
N ASN G 56 -24.41 51.30 -14.07
CA ASN G 56 -23.97 52.70 -14.07
C ASN G 56 -22.57 52.75 -13.46
N PRO G 57 -21.55 52.37 -14.22
CA PRO G 57 -20.18 52.41 -13.67
C PRO G 57 -19.70 53.81 -13.34
N LEU G 58 -20.16 54.83 -14.07
CA LEU G 58 -19.80 56.20 -13.71
C LEU G 58 -20.38 56.59 -12.36
N GLN G 59 -21.63 56.20 -12.10
CA GLN G 59 -22.21 56.39 -10.77
C GLN G 59 -21.41 55.62 -9.72
N GLY G 60 -20.96 54.42 -10.07
CA GLY G 60 -20.12 53.62 -9.18
C GLY G 60 -18.81 54.27 -8.82
N VAL G 61 -18.00 54.59 -9.84
CA VAL G 61 -16.65 55.11 -9.58
C VAL G 61 -16.72 56.45 -8.86
N MET G 62 -17.71 57.30 -9.22
CA MET G 62 -17.81 58.60 -8.59
C MET G 62 -18.20 58.47 -7.11
N LYS G 63 -19.25 57.71 -6.83
CA LYS G 63 -19.76 57.57 -5.47
C LYS G 63 -18.91 56.64 -4.61
N GLN G 64 -17.78 56.15 -5.11
CA GLN G 64 -16.92 55.27 -4.34
C GLN G 64 -15.53 55.84 -4.09
N HIS G 65 -14.84 56.28 -5.14
CA HIS G 65 -13.42 56.61 -5.03
C HIS G 65 -13.15 58.10 -4.90
N LEU G 66 -13.58 58.90 -5.88
CA LEU G 66 -13.17 60.30 -5.95
C LEU G 66 -14.13 61.25 -5.26
N ASN G 67 -15.25 60.76 -4.75
CA ASN G 67 -16.09 61.61 -3.90
C ASN G 67 -15.50 61.73 -2.50
N PRO G 68 -15.01 60.65 -1.87
CA PRO G 68 -14.27 60.81 -0.61
C PRO G 68 -13.00 61.61 -0.76
N LEU G 69 -12.44 61.73 -1.96
CA LEU G 69 -11.24 62.51 -2.19
C LEU G 69 -11.50 64.01 -2.23
N VAL G 70 -12.76 64.43 -2.35
CA VAL G 70 -13.09 65.84 -2.41
C VAL G 70 -12.75 66.50 -1.08
N MET G 71 -12.14 67.69 -1.15
CA MET G 71 -11.77 68.48 0.03
C MET G 71 -10.80 67.73 0.93
N LYS G 72 -10.01 66.81 0.36
CA LYS G 72 -9.01 66.07 1.10
C LYS G 72 -7.72 66.01 0.30
N TYR G 73 -6.60 65.96 1.02
CA TYR G 73 -5.29 65.95 0.39
C TYR G 73 -5.02 64.60 -0.28
N ASN G 74 -4.19 64.64 -1.32
CA ASN G 74 -3.73 63.44 -2.00
C ASN G 74 -2.21 63.53 -2.16
N ASN G 75 -1.54 62.41 -1.92
CA ASN G 75 -0.08 62.42 -1.88
C ASN G 75 0.53 62.59 -3.26
N LYS G 76 0.02 61.84 -4.25
CA LYS G 76 0.63 61.85 -5.58
C LYS G 76 0.51 63.22 -6.23
N VAL G 77 -0.69 63.81 -6.22
CA VAL G 77 -0.87 65.12 -6.85
C VAL G 77 -0.29 66.22 -5.97
N GLY G 78 -0.24 66.01 -4.65
CA GLY G 78 0.29 67.01 -3.75
C GLY G 78 -0.58 68.25 -3.63
N GLY G 79 -1.80 68.05 -3.16
CA GLY G 79 -2.72 69.18 -3.00
C GLY G 79 -4.08 68.69 -2.55
N VAL G 80 -4.98 69.66 -2.41
CA VAL G 80 -6.35 69.40 -1.94
C VAL G 80 -7.27 69.42 -3.14
N VAL G 81 -8.14 68.41 -3.24
CA VAL G 81 -9.06 68.31 -4.36
C VAL G 81 -10.17 69.34 -4.20
N LEU G 82 -10.46 70.07 -5.29
CA LEU G 82 -11.52 71.08 -5.28
C LEU G 82 -12.73 70.67 -6.09
N GLY G 83 -12.57 69.76 -7.06
CA GLY G 83 -13.69 69.33 -7.88
C GLY G 83 -13.25 68.56 -9.10
N TYR G 84 -14.11 67.64 -9.57
CA TYR G 84 -13.80 66.79 -10.70
C TYR G 84 -14.82 67.01 -11.81
N GLU G 85 -14.36 66.84 -13.05
CA GLU G 85 -15.22 66.91 -14.22
C GLU G 85 -14.47 66.34 -15.41
N GLY G 86 -15.19 65.65 -16.29
CA GLY G 86 -14.57 65.03 -17.45
C GLY G 86 -14.02 63.66 -17.18
N LEU G 87 -14.84 62.78 -16.62
CA LEU G 87 -14.44 61.42 -16.31
C LEU G 87 -14.65 60.54 -17.52
N LYS G 88 -13.64 59.73 -17.85
CA LYS G 88 -13.69 58.83 -19.00
C LYS G 88 -13.09 57.50 -18.60
N ILE G 89 -13.90 56.43 -18.70
CA ILE G 89 -13.44 55.09 -18.35
C ILE G 89 -12.62 54.53 -19.50
N LEU G 90 -11.37 54.17 -19.22
CA LEU G 90 -10.50 53.60 -20.24
C LEU G 90 -11.03 52.23 -20.67
N ASP G 91 -11.38 52.10 -21.94
CA ASP G 91 -11.93 50.85 -22.44
C ASP G 91 -10.86 49.76 -22.42
N ALA G 92 -11.23 48.60 -21.89
CA ALA G 92 -10.33 47.46 -21.81
C ALA G 92 -10.43 46.55 -23.03
N ASP G 93 -10.99 47.04 -24.12
CA ASP G 93 -11.13 46.24 -25.34
C ASP G 93 -10.82 47.09 -26.56
N PRO G 94 -9.84 46.71 -27.38
CA PRO G 94 -9.53 47.48 -28.58
C PRO G 94 -10.61 47.36 -29.65
N LEU G 95 -10.37 47.98 -30.81
CA LEU G 95 -11.24 47.97 -31.98
C LEU G 95 -12.55 48.72 -31.76
N SER G 96 -12.78 49.26 -30.57
CA SER G 96 -13.99 50.02 -30.31
C SER G 96 -13.80 51.46 -30.76
N LYS G 97 -14.76 51.97 -31.54
CA LYS G 97 -14.69 53.35 -32.01
C LYS G 97 -14.78 54.31 -30.82
N GLU G 98 -14.07 55.42 -30.94
CA GLU G 98 -14.02 56.41 -29.86
C GLU G 98 -15.41 57.00 -29.63
N ASP G 99 -15.64 57.44 -28.38
CA ASP G 99 -16.91 58.04 -27.97
C ASP G 99 -18.06 57.04 -28.06
N THR G 100 -17.77 55.77 -27.89
CA THR G 100 -18.80 54.74 -27.89
C THR G 100 -19.58 54.77 -26.57
N SER G 101 -20.85 54.38 -26.65
CA SER G 101 -21.71 54.43 -25.46
C SER G 101 -21.44 53.24 -24.54
N GLU G 102 -21.39 52.04 -25.09
CA GLU G 102 -21.18 50.84 -24.30
C GLU G 102 -19.70 50.56 -24.11
N LYS G 103 -19.34 50.13 -22.90
CA LYS G 103 -17.98 49.75 -22.55
C LYS G 103 -17.98 48.32 -22.02
N LEU G 104 -16.83 47.90 -21.51
CA LEU G 104 -16.68 46.55 -20.96
C LEU G 104 -15.47 46.52 -20.05
N ILE G 105 -15.67 46.03 -18.82
CA ILE G 105 -14.69 46.12 -17.75
C ILE G 105 -14.16 44.73 -17.43
N LYS G 106 -12.85 44.65 -17.19
CA LYS G 106 -12.23 43.37 -16.82
C LYS G 106 -12.57 43.01 -15.39
N ILE G 107 -13.04 41.78 -15.19
CA ILE G 107 -13.40 41.28 -13.86
C ILE G 107 -12.28 40.41 -13.35
N THR G 108 -11.79 40.72 -12.15
CA THR G 108 -10.84 39.84 -11.49
C THR G 108 -11.54 38.54 -11.09
N PRO G 109 -10.88 37.39 -11.22
CA PRO G 109 -11.58 36.12 -11.06
C PRO G 109 -12.00 35.81 -9.63
N ASP G 110 -11.36 36.41 -8.63
CA ASP G 110 -11.67 36.06 -7.24
C ASP G 110 -12.98 36.70 -6.79
N THR G 111 -13.13 37.99 -7.00
CA THR G 111 -14.29 38.75 -6.53
C THR G 111 -15.08 39.29 -7.72
N PRO G 112 -16.38 39.52 -7.54
CA PRO G 112 -17.18 40.09 -8.65
C PRO G 112 -16.80 41.50 -9.04
N PHE G 113 -15.93 42.17 -8.29
CA PHE G 113 -15.55 43.54 -8.61
C PHE G 113 -14.76 43.59 -9.90
N GLY G 114 -14.81 44.73 -10.59
CA GLY G 114 -14.08 44.96 -11.82
C GLY G 114 -12.95 45.93 -11.61
N PHE G 115 -11.87 45.76 -12.36
CA PHE G 115 -10.67 46.59 -12.26
C PHE G 115 -10.35 47.16 -13.64
N THR G 116 -10.49 48.48 -13.78
CA THR G 116 -10.18 49.15 -15.03
C THR G 116 -9.61 50.53 -14.73
N TRP G 117 -9.01 51.14 -15.75
CA TRP G 117 -8.45 52.47 -15.65
C TRP G 117 -9.51 53.53 -15.97
N CYS G 118 -9.27 54.73 -15.46
CA CYS G 118 -10.16 55.86 -15.69
C CYS G 118 -9.35 57.14 -15.77
N HIS G 119 -9.69 58.00 -16.72
CA HIS G 119 -9.06 59.30 -16.89
C HIS G 119 -10.01 60.39 -16.45
N VAL G 120 -9.49 61.35 -15.69
CA VAL G 120 -10.29 62.46 -15.17
C VAL G 120 -9.37 63.66 -14.97
N ASN G 121 -9.85 64.83 -15.38
CA ASN G 121 -9.13 66.09 -15.18
C ASN G 121 -9.51 66.63 -13.81
N LEU G 122 -8.61 66.47 -12.84
CA LEU G 122 -8.86 66.91 -11.48
C LEU G 122 -8.39 68.35 -11.29
N TYR G 123 -9.10 69.09 -10.47
CA TYR G 123 -8.80 70.50 -10.19
C TYR G 123 -8.40 70.59 -8.72
N VAL G 124 -7.10 70.71 -8.45
CA VAL G 124 -6.59 70.66 -7.10
C VAL G 124 -5.94 71.99 -6.75
N TRP G 125 -5.70 72.19 -5.46
CA TRP G 125 -5.08 73.39 -4.91
C TRP G 125 -3.84 72.96 -4.14
N GLN G 126 -2.67 73.32 -4.66
CA GLN G 126 -1.41 72.88 -4.08
C GLN G 126 -0.72 74.02 -3.34
N PRO G 127 -0.64 73.98 -2.01
CA PRO G 127 0.10 75.02 -1.27
C PRO G 127 1.60 74.79 -1.33
N GLN G 128 2.30 75.65 -2.06
CA GLN G 128 3.75 75.57 -2.14
C GLN G 128 4.36 76.26 -0.92
N VAL G 129 5.66 76.50 -0.95
CA VAL G 129 6.37 77.18 0.12
C VAL G 129 7.04 78.43 -0.44
N GLY G 130 7.07 79.49 0.36
CA GLY G 130 7.69 80.73 -0.04
C GLY G 130 6.84 81.56 -0.99
N ASP G 131 5.57 81.75 -0.65
CA ASP G 131 4.66 82.53 -1.47
C ASP G 131 3.66 83.24 -0.57
N VAL G 132 3.27 84.44 -0.98
CA VAL G 132 2.36 85.27 -0.19
C VAL G 132 0.92 84.90 -0.54
N LEU G 133 0.10 84.71 0.50
CA LEU G 133 -1.32 84.40 0.32
C LEU G 133 -2.13 85.26 1.28
N GLU G 134 -3.45 85.17 1.14
CA GLU G 134 -4.39 85.98 1.91
C GLU G 134 -4.97 85.18 3.07
N GLY G 135 -5.14 85.85 4.22
CA GLY G 135 -5.72 85.22 5.39
C GLY G 135 -6.65 86.16 6.13
N TYR G 136 -7.43 85.58 7.04
CA TYR G 136 -8.35 86.31 7.88
C TYR G 136 -8.39 85.66 9.26
N ILE G 137 -8.38 86.48 10.31
CA ILE G 137 -8.15 85.99 11.66
C ILE G 137 -9.24 85.00 12.06
N PHE G 138 -8.83 83.80 12.46
CA PHE G 138 -9.77 82.82 13.00
C PHE G 138 -10.07 83.10 14.47
N ILE G 139 -9.06 82.99 15.32
CA ILE G 139 -9.19 83.15 16.76
C ILE G 139 -7.89 83.74 17.28
N GLN G 140 -7.99 84.77 18.11
CA GLN G 140 -6.82 85.42 18.69
C GLN G 140 -6.52 84.81 20.06
N SER G 141 -5.32 84.27 20.21
CA SER G 141 -4.88 83.65 21.45
C SER G 141 -3.57 84.29 21.90
N ALA G 142 -3.07 83.85 23.05
CA ALA G 142 -1.84 84.40 23.61
C ALA G 142 -0.59 83.94 22.87
N SER G 143 -0.67 82.85 22.10
CA SER G 143 0.48 82.34 21.37
C SER G 143 0.18 81.97 19.92
N HIS G 144 -1.08 81.83 19.53
CA HIS G 144 -1.43 81.39 18.20
C HIS G 144 -2.54 82.26 17.62
N ILE G 145 -2.52 82.41 16.30
CA ILE G 145 -3.57 83.13 15.56
C ILE G 145 -3.87 82.34 14.30
N GLY G 146 -5.11 81.85 14.19
CA GLY G 146 -5.53 81.15 12.98
C GLY G 146 -5.98 82.12 11.91
N LEU G 147 -5.68 81.78 10.66
CA LEU G 147 -6.00 82.62 9.52
C LEU G 147 -6.94 81.91 8.57
N LEU G 148 -8.01 82.59 8.17
CA LEU G 148 -8.95 82.07 7.17
C LEU G 148 -8.34 82.25 5.80
N ILE G 149 -7.70 81.18 5.28
CA ILE G 149 -7.19 81.19 3.92
C ILE G 149 -8.32 80.72 3.02
N HIS G 150 -8.95 81.67 2.32
CA HIS G 150 -10.11 81.43 1.46
C HIS G 150 -11.30 80.88 2.25
N ASP G 151 -11.29 81.02 3.58
CA ASP G 151 -12.36 80.55 4.46
C ASP G 151 -12.62 79.06 4.31
N ALA G 152 -11.67 78.31 3.76
CA ALA G 152 -11.84 76.89 3.54
C ALA G 152 -10.85 76.05 4.34
N PHE G 153 -9.57 76.42 4.35
CA PHE G 153 -8.53 75.65 4.98
C PHE G 153 -8.00 76.36 6.22
N ASN G 154 -7.25 75.62 7.03
CA ASN G 154 -6.72 76.13 8.29
C ASN G 154 -5.29 76.61 8.10
N ALA G 155 -5.01 77.82 8.57
CA ALA G 155 -3.67 78.39 8.55
C ALA G 155 -3.18 78.56 9.98
N SER G 156 -1.89 78.84 10.12
CA SER G 156 -1.28 78.93 11.45
C SER G 156 -0.03 79.78 11.38
N ILE G 157 0.14 80.65 12.39
CA ILE G 157 1.34 81.45 12.56
C ILE G 157 1.69 81.44 14.05
N LYS G 158 2.89 80.97 14.38
CA LYS G 158 3.28 80.76 15.77
C LYS G 158 3.94 82.03 16.33
N LYS G 159 4.12 82.03 17.65
CA LYS G 159 4.69 83.19 18.35
C LYS G 159 6.06 83.56 17.79
N ASN G 160 6.98 82.59 17.73
CA ASN G 160 8.30 82.86 17.17
C ASN G 160 8.22 83.33 15.73
N ASN G 161 7.19 82.89 15.00
CA ASN G 161 6.99 83.35 13.63
C ASN G 161 6.51 84.80 13.59
N ILE G 162 5.73 85.21 14.58
CA ILE G 162 5.24 86.59 14.65
C ILE G 162 6.41 87.53 14.89
N PRO G 163 6.52 88.63 14.15
CA PRO G 163 7.65 89.54 14.34
C PRO G 163 7.69 90.14 15.74
N VAL G 164 8.86 90.66 16.11
CA VAL G 164 9.07 91.17 17.46
C VAL G 164 8.33 92.48 17.67
N ASP G 165 8.16 93.28 16.61
CA ASP G 165 7.54 94.59 16.77
C ASP G 165 6.10 94.49 17.26
N TRP G 166 5.40 93.40 16.91
CA TRP G 166 4.04 93.20 17.37
C TRP G 166 4.04 92.60 18.77
N THR G 167 3.11 93.05 19.61
CA THR G 167 3.02 92.61 20.99
C THR G 167 1.57 92.28 21.32
N PHE G 168 1.38 91.33 22.22
CA PHE G 168 0.04 90.90 22.61
C PHE G 168 -0.61 91.94 23.52
N VAL G 169 -1.94 91.88 23.58
CA VAL G 169 -2.71 92.63 24.56
C VAL G 169 -3.95 91.81 24.92
N HIS G 170 -4.11 91.50 26.20
CA HIS G 170 -5.17 90.63 26.67
C HIS G 170 -6.27 91.44 27.32
N ASN G 171 -7.51 91.21 26.88
CA ASN G 171 -8.66 91.87 27.47
C ASN G 171 -9.13 91.12 28.70
N ASP G 172 -9.56 91.86 29.72
CA ASP G 172 -10.02 91.28 30.97
C ASP G 172 -11.53 91.34 31.14
N VAL G 173 -12.26 91.85 30.15
CA VAL G 173 -13.71 91.91 30.25
C VAL G 173 -14.32 90.53 30.12
N GLU G 174 -14.05 89.86 29.00
CA GLU G 174 -14.58 88.52 28.76
C GLU G 174 -13.45 87.51 28.61
N LEU G 214 -9.13 84.85 24.33
CA LEU G 214 -9.32 86.08 23.58
C LEU G 214 -8.03 86.90 23.54
N GLY G 215 -8.17 88.18 23.24
CA GLY G 215 -7.03 89.07 23.10
C GLY G 215 -7.06 89.80 21.77
N HIS G 216 -6.01 90.59 21.55
CA HIS G 216 -5.88 91.36 20.32
C HIS G 216 -4.42 91.64 20.06
N TRP G 217 -4.15 92.29 18.93
CA TRP G 217 -2.80 92.64 18.51
C TRP G 217 -2.60 94.15 18.57
N VAL G 218 -1.39 94.57 18.20
CA VAL G 218 -1.08 95.98 17.99
C VAL G 218 0.09 96.05 17.02
N ASP G 219 -0.02 96.95 16.04
CA ASP G 219 1.01 97.07 15.02
C ASP G 219 2.19 97.89 15.55
N SER G 220 3.28 97.88 14.79
CA SER G 220 4.45 98.67 15.16
C SER G 220 4.13 100.16 15.16
N ASN G 221 3.19 100.59 14.30
CA ASN G 221 2.77 101.98 14.29
C ASN G 221 1.85 102.33 15.46
N GLY G 222 1.20 101.34 16.06
CA GLY G 222 0.30 101.59 17.17
C GLY G 222 -1.16 101.55 16.76
N GLU G 223 -1.51 100.62 15.86
CA GLU G 223 -2.86 100.49 15.35
C GLU G 223 -3.28 99.03 15.35
N PRO G 224 -4.57 98.75 15.53
CA PRO G 224 -5.02 97.35 15.57
C PRO G 224 -4.93 96.70 14.20
N ILE G 225 -4.51 95.44 14.19
CA ILE G 225 -4.38 94.71 12.93
C ILE G 225 -5.78 94.42 12.36
N ASP G 226 -5.94 94.68 11.07
CA ASP G 226 -7.21 94.48 10.42
C ASP G 226 -7.52 92.98 10.30
N GLY G 227 -8.74 92.68 9.87
CA GLY G 227 -9.13 91.27 9.72
C GLY G 227 -8.37 90.57 8.63
N LYS G 228 -8.19 91.22 7.48
CA LYS G 228 -7.51 90.63 6.33
C LYS G 228 -6.01 90.84 6.47
N LEU G 229 -5.26 89.74 6.44
CA LEU G 229 -3.81 89.76 6.48
C LEU G 229 -3.26 89.09 5.22
N ARG G 230 -1.94 89.19 5.04
CA ARG G 230 -1.25 88.57 3.92
C ARG G 230 -0.01 87.87 4.46
N PHE G 231 -0.11 86.55 4.65
CA PHE G 231 0.98 85.75 5.16
C PHE G 231 1.82 85.20 4.01
N THR G 232 2.89 84.49 4.36
CA THR G 232 3.75 83.84 3.37
C THR G 232 3.97 82.39 3.81
N VAL G 233 3.57 81.45 2.97
CA VAL G 233 3.64 80.04 3.32
C VAL G 233 5.10 79.61 3.46
N ARG G 234 5.40 78.91 4.55
CA ARG G 234 6.74 78.37 4.79
C ARG G 234 6.76 76.88 5.03
N ASN G 235 5.63 76.27 5.41
CA ASN G 235 5.57 74.84 5.66
C ASN G 235 4.10 74.43 5.66
N VAL G 236 3.86 73.20 5.22
CA VAL G 236 2.51 72.63 5.15
C VAL G 236 2.43 71.44 6.10
N HIS G 237 1.28 71.31 6.78
CA HIS G 237 1.02 70.21 7.70
C HIS G 237 -0.19 69.45 7.17
N THR G 238 0.07 68.41 6.38
CA THR G 238 -0.99 67.64 5.75
C THR G 238 -1.21 66.26 6.38
N THR G 239 -0.37 65.87 7.33
CA THR G 239 -0.53 64.56 7.98
C THR G 239 -1.69 64.52 8.96
N GLY G 240 -2.40 65.63 9.15
CA GLY G 240 -3.54 65.67 10.04
C GLY G 240 -4.85 65.37 9.33
N ARG G 241 -5.92 65.31 10.13
CA ARG G 241 -7.25 65.06 9.55
C ARG G 241 -7.66 66.16 8.59
N VAL G 242 -7.12 67.37 8.76
CA VAL G 242 -7.37 68.48 7.84
C VAL G 242 -6.03 69.09 7.47
N VAL G 243 -5.96 69.62 6.25
CA VAL G 243 -4.71 70.19 5.74
C VAL G 243 -4.43 71.49 6.47
N SER G 244 -3.42 71.48 7.33
CA SER G 244 -3.00 72.67 8.07
C SER G 244 -1.85 73.36 7.34
N VAL G 245 -1.92 74.68 7.26
CA VAL G 245 -0.91 75.49 6.59
C VAL G 245 -0.22 76.36 7.63
N ASP G 246 1.08 76.56 7.44
CA ASP G 246 1.90 77.38 8.34
C ASP G 246 2.53 78.51 7.53
N GLY G 247 1.99 79.71 7.68
CA GLY G 247 2.49 80.88 6.98
C GLY G 247 3.41 81.73 7.84
N THR G 248 3.99 82.75 7.21
CA THR G 248 4.86 83.69 7.91
C THR G 248 4.56 85.10 7.43
N LEU G 249 4.86 86.07 8.29
CA LEU G 249 4.64 87.49 7.99
C LEU G 249 5.93 88.22 7.63
N ILE G 250 7.01 87.98 8.38
CA ILE G 250 8.27 88.64 8.09
C ILE G 250 8.87 88.05 6.82
N SER G 251 9.43 88.93 5.98
CA SER G 251 10.04 88.51 4.72
C SER G 251 11.11 89.50 4.28
N ASN H 3 -62.18 -4.75 -35.36
CA ASN H 3 -62.60 -5.73 -36.35
C ASN H 3 -61.62 -6.89 -36.42
N THR H 4 -62.12 -8.06 -36.81
CA THR H 4 -61.29 -9.25 -36.90
C THR H 4 -60.47 -9.24 -38.19
N LEU H 5 -59.15 -9.37 -38.04
CA LEU H 5 -58.25 -9.42 -39.18
C LEU H 5 -57.78 -10.84 -39.49
N PHE H 6 -57.95 -11.78 -38.57
CA PHE H 6 -57.52 -13.16 -38.77
C PHE H 6 -58.31 -14.06 -37.84
N ASP H 7 -58.69 -15.23 -38.35
CA ASP H 7 -59.45 -16.20 -37.57
C ASP H 7 -59.19 -17.59 -38.13
N ASP H 8 -58.83 -18.53 -37.26
CA ASP H 8 -58.53 -19.89 -37.68
C ASP H 8 -58.58 -20.79 -36.45
N ILE H 9 -58.57 -22.10 -36.71
CA ILE H 9 -58.54 -23.12 -35.66
C ILE H 9 -57.25 -23.91 -35.82
N PHE H 10 -56.59 -24.20 -34.70
CA PHE H 10 -55.30 -24.85 -34.71
C PHE H 10 -55.33 -26.10 -33.84
N GLN H 11 -54.46 -27.05 -34.17
CA GLN H 11 -54.36 -28.33 -33.47
C GLN H 11 -52.99 -28.42 -32.80
N VAL H 12 -52.97 -28.42 -31.47
CA VAL H 12 -51.71 -28.48 -30.73
C VAL H 12 -51.09 -29.85 -30.91
N SER H 13 -49.77 -29.87 -31.17
CA SER H 13 -49.05 -31.11 -31.41
C SER H 13 -48.04 -31.45 -30.32
N GLU H 14 -47.56 -30.49 -29.56
CA GLU H 14 -46.56 -30.75 -28.53
C GLU H 14 -46.65 -29.70 -27.44
N VAL H 15 -46.62 -30.15 -26.19
CA VAL H 15 -46.62 -29.28 -25.02
C VAL H 15 -45.25 -29.38 -24.35
N ASP H 16 -44.72 -28.23 -23.94
CA ASP H 16 -43.38 -28.18 -23.35
C ASP H 16 -43.32 -27.18 -22.20
N PRO H 17 -43.10 -27.65 -20.96
CA PRO H 17 -42.99 -26.73 -19.82
C PRO H 17 -41.86 -25.72 -19.99
N GLY H 18 -40.64 -26.23 -20.21
CA GLY H 18 -39.50 -25.37 -20.43
C GLY H 18 -39.04 -24.61 -19.20
N ARG H 19 -38.95 -25.30 -18.05
CA ARG H 19 -38.47 -24.80 -16.77
C ARG H 19 -39.40 -23.76 -16.15
N TYR H 20 -40.53 -23.45 -16.76
CA TYR H 20 -41.46 -22.47 -16.24
C TYR H 20 -42.60 -23.17 -15.51
N ASN H 21 -43.38 -22.38 -14.77
CA ASN H 21 -44.56 -22.86 -14.07
C ASN H 21 -45.85 -22.19 -14.50
N LYS H 22 -45.79 -20.93 -14.93
CA LYS H 22 -46.97 -20.20 -15.36
C LYS H 22 -47.14 -20.18 -16.87
N VAL H 23 -46.06 -20.00 -17.63
CA VAL H 23 -46.12 -19.98 -19.07
C VAL H 23 -45.70 -21.34 -19.60
N CYS H 24 -45.98 -21.58 -20.89
CA CYS H 24 -45.70 -22.87 -21.50
C CYS H 24 -45.40 -22.68 -22.97
N ARG H 25 -44.91 -23.74 -23.60
CA ARG H 25 -44.56 -23.75 -25.02
C ARG H 25 -45.59 -24.58 -25.78
N ILE H 26 -46.10 -24.03 -26.88
CA ILE H 26 -47.13 -24.67 -27.69
C ILE H 26 -46.70 -24.62 -29.14
N GLU H 27 -46.78 -25.76 -29.83
CA GLU H 27 -46.51 -25.86 -31.26
C GLU H 27 -47.76 -26.44 -31.92
N ALA H 28 -48.61 -25.56 -32.46
CA ALA H 28 -49.89 -25.95 -33.03
C ALA H 28 -49.87 -25.78 -34.54
N ALA H 29 -50.48 -26.72 -35.24
CA ALA H 29 -50.60 -26.68 -36.69
C ALA H 29 -52.06 -26.43 -37.08
N SER H 30 -52.25 -26.05 -38.35
CA SER H 30 -53.56 -25.74 -38.88
C SER H 30 -54.07 -26.90 -39.73
N THR H 31 -55.35 -27.24 -39.54
CA THR H 31 -55.98 -28.29 -40.32
C THR H 31 -56.75 -27.77 -41.53
N THR H 32 -57.22 -26.52 -41.47
CA THR H 32 -57.90 -25.94 -42.62
C THR H 32 -56.92 -25.72 -43.77
N GLN H 33 -55.82 -25.01 -43.49
CA GLN H 33 -54.76 -24.78 -44.47
C GLN H 33 -53.52 -25.56 -44.04
N ASP H 34 -52.92 -26.27 -45.00
CA ASP H 34 -51.84 -27.20 -44.67
C ASP H 34 -50.53 -26.50 -44.36
N GLN H 35 -50.28 -25.34 -44.95
CA GLN H 35 -48.99 -24.67 -44.81
C GLN H 35 -48.89 -23.82 -43.54
N CYS H 36 -50.01 -23.47 -42.94
CA CYS H 36 -50.00 -22.58 -41.78
C CYS H 36 -49.82 -23.37 -40.48
N LYS H 37 -49.19 -22.73 -39.50
CA LYS H 37 -48.99 -23.32 -38.19
C LYS H 37 -48.66 -22.20 -37.21
N LEU H 38 -48.91 -22.47 -35.93
CA LEU H 38 -48.73 -21.47 -34.88
C LEU H 38 -47.71 -21.95 -33.86
N THR H 39 -47.04 -21.00 -33.22
CA THR H 39 -46.10 -21.27 -32.13
C THR H 39 -46.28 -20.15 -31.11
N LEU H 40 -47.13 -20.39 -30.11
CA LEU H 40 -47.50 -19.39 -29.12
C LEU H 40 -47.13 -19.85 -27.72
N ASP H 41 -46.80 -18.89 -26.87
CA ASP H 41 -46.52 -19.14 -25.46
C ASP H 41 -47.78 -18.84 -24.66
N ILE H 42 -48.41 -19.88 -24.13
CA ILE H 42 -49.69 -19.76 -23.44
C ILE H 42 -49.46 -19.75 -21.93
N ASN H 43 -50.35 -19.04 -21.23
CA ASN H 43 -50.34 -19.02 -19.77
C ASN H 43 -51.13 -20.23 -19.29
N VAL H 44 -50.41 -21.30 -18.92
CA VAL H 44 -51.06 -22.56 -18.61
C VAL H 44 -51.84 -22.49 -17.31
N GLU H 45 -51.45 -21.62 -16.38
CA GLU H 45 -52.15 -21.52 -15.11
C GLU H 45 -53.51 -20.87 -15.28
N LEU H 46 -53.65 -19.95 -16.22
CA LEU H 46 -54.93 -19.28 -16.48
C LEU H 46 -55.67 -19.86 -17.68
N PHE H 47 -55.02 -20.71 -18.47
CA PHE H 47 -55.67 -21.35 -19.63
C PHE H 47 -54.96 -22.66 -19.91
N PRO H 48 -55.30 -23.72 -19.17
CA PRO H 48 -54.60 -24.99 -19.34
C PRO H 48 -54.93 -25.65 -20.67
N VAL H 49 -53.89 -26.10 -21.37
CA VAL H 49 -54.03 -26.78 -22.65
C VAL H 49 -53.21 -28.06 -22.62
N ALA H 50 -53.67 -29.05 -23.38
CA ALA H 50 -53.01 -30.34 -23.47
C ALA H 50 -52.77 -30.68 -24.94
N ALA H 51 -51.99 -31.73 -25.16
CA ALA H 51 -51.71 -32.18 -26.51
C ALA H 51 -52.97 -32.72 -27.17
N GLN H 52 -53.01 -32.64 -28.51
CA GLN H 52 -54.15 -33.09 -29.31
C GLN H 52 -55.43 -32.36 -28.88
N ASP H 53 -55.38 -31.04 -28.99
CA ASP H 53 -56.51 -30.19 -28.63
C ASP H 53 -56.67 -29.11 -29.69
N SER H 54 -57.88 -28.56 -29.79
CA SER H 54 -58.21 -27.55 -30.78
C SER H 54 -58.38 -26.20 -30.09
N LEU H 55 -57.68 -25.19 -30.61
CA LEU H 55 -57.76 -23.83 -30.11
C LEU H 55 -58.07 -22.89 -31.27
N THR H 56 -59.13 -22.10 -31.13
CA THR H 56 -59.56 -21.18 -32.18
C THR H 56 -58.90 -19.84 -31.96
N VAL H 57 -57.75 -19.62 -32.59
CA VAL H 57 -57.01 -18.37 -32.48
C VAL H 57 -57.64 -17.34 -33.40
N THR H 58 -57.80 -16.11 -32.89
CA THR H 58 -58.44 -15.05 -33.65
C THR H 58 -57.72 -13.74 -33.35
N ILE H 59 -57.10 -13.16 -34.37
CA ILE H 59 -56.44 -11.87 -34.24
C ILE H 59 -57.47 -10.76 -34.44
N ALA H 60 -57.43 -9.75 -33.56
CA ALA H 60 -58.36 -8.63 -33.64
C ALA H 60 -57.59 -7.32 -33.45
N SER H 61 -58.01 -6.29 -34.18
CA SER H 61 -57.36 -4.99 -34.06
C SER H 61 -57.91 -4.18 -32.90
N SER H 62 -59.19 -4.34 -32.57
CA SER H 62 -59.82 -3.62 -31.46
C SER H 62 -61.06 -4.40 -31.04
N LEU H 63 -61.85 -3.79 -30.15
CA LEU H 63 -63.08 -4.39 -29.66
C LEU H 63 -64.25 -3.53 -30.11
N ASN H 64 -65.14 -4.11 -30.90
CA ASN H 64 -66.30 -3.39 -31.43
C ASN H 64 -67.24 -2.95 -30.32
N ALA H 75 -62.68 5.85 -30.62
CA ALA H 75 -61.39 6.39 -30.19
C ALA H 75 -61.22 6.23 -28.68
N THR H 76 -60.86 5.03 -28.25
CA THR H 76 -60.66 4.78 -26.83
C THR H 76 -59.39 5.47 -26.34
N ARG H 77 -59.49 6.10 -25.17
CA ARG H 77 -58.35 6.84 -24.63
C ARG H 77 -57.33 5.89 -24.00
N SER H 78 -57.73 5.14 -22.99
CA SER H 78 -56.83 4.22 -22.30
C SER H 78 -57.64 3.01 -21.83
N TRP H 79 -57.02 2.18 -21.01
CA TRP H 79 -57.66 0.98 -20.49
C TRP H 79 -58.37 1.28 -19.18
N ARG H 80 -59.43 0.51 -18.90
CA ARG H 80 -60.23 0.68 -17.72
C ARG H 80 -60.73 -0.70 -17.29
N PRO H 81 -60.75 -1.00 -15.99
CA PRO H 81 -61.28 -2.27 -15.53
C PRO H 81 -62.73 -2.44 -15.94
N PRO H 82 -63.13 -3.62 -16.40
CA PRO H 82 -64.48 -3.80 -16.93
C PRO H 82 -65.53 -3.71 -15.83
N GLN H 83 -66.52 -2.85 -16.05
CA GLN H 83 -67.65 -2.71 -15.14
C GLN H 83 -68.88 -3.40 -15.71
N ALA H 84 -69.93 -3.45 -14.90
CA ALA H 84 -71.16 -4.11 -15.32
C ALA H 84 -71.84 -3.33 -16.45
N GLY H 85 -72.28 -4.05 -17.47
CA GLY H 85 -72.96 -3.44 -18.60
C GLY H 85 -72.06 -3.05 -19.75
N ASP H 86 -70.77 -3.39 -19.70
CA ASP H 86 -69.82 -3.03 -20.74
C ASP H 86 -69.79 -4.11 -21.81
N ARG H 87 -70.08 -3.73 -23.05
CA ARG H 87 -70.01 -4.67 -24.17
C ARG H 87 -68.56 -4.83 -24.61
N SER H 88 -68.20 -6.06 -24.97
CA SER H 88 -66.84 -6.35 -25.41
C SER H 88 -66.87 -7.57 -26.33
N LEU H 89 -65.95 -7.58 -27.30
CA LEU H 89 -65.83 -8.72 -28.19
C LEU H 89 -65.25 -9.94 -27.50
N ALA H 90 -64.52 -9.75 -26.39
CA ALA H 90 -63.92 -10.87 -25.68
C ALA H 90 -64.93 -11.72 -24.92
N ASP H 91 -66.19 -11.30 -24.85
CA ASP H 91 -67.20 -12.09 -24.16
C ASP H 91 -67.42 -13.45 -24.82
N ASP H 92 -67.25 -13.51 -26.14
CA ASP H 92 -67.40 -14.78 -26.85
C ASP H 92 -66.20 -15.70 -26.64
N TYR H 93 -65.01 -15.13 -26.45
CA TYR H 93 -63.79 -15.91 -26.31
C TYR H 93 -63.45 -16.12 -24.83
N ASP H 94 -62.47 -16.98 -24.59
CA ASP H 94 -62.08 -17.36 -23.23
C ASP H 94 -60.81 -16.64 -22.78
N TYR H 95 -59.72 -16.76 -23.53
CA TYR H 95 -58.43 -16.19 -23.15
C TYR H 95 -58.08 -15.04 -24.08
N VAL H 96 -57.62 -13.94 -23.50
CA VAL H 96 -57.32 -12.71 -24.23
C VAL H 96 -55.90 -12.28 -23.91
N MET H 97 -55.22 -11.72 -24.92
CA MET H 97 -53.88 -11.16 -24.75
C MET H 97 -53.75 -9.90 -25.58
N TYR H 98 -52.71 -9.13 -25.29
CA TYR H 98 -52.43 -7.88 -25.98
C TYR H 98 -50.93 -7.76 -26.20
N GLY H 99 -50.55 -7.22 -27.35
CA GLY H 99 -49.14 -7.08 -27.67
C GLY H 99 -48.95 -6.38 -28.99
N THR H 100 -47.69 -6.24 -29.37
CA THR H 100 -47.29 -5.52 -30.59
C THR H 100 -46.54 -6.46 -31.52
N ALA H 101 -46.17 -5.93 -32.68
CA ALA H 101 -45.34 -6.64 -33.66
C ALA H 101 -43.97 -5.98 -33.74
N TYR H 102 -42.94 -6.80 -33.98
CA TYR H 102 -41.58 -6.28 -34.00
C TYR H 102 -40.74 -6.78 -35.16
N LYS H 103 -41.25 -7.67 -36.01
CA LYS H 103 -40.46 -8.18 -37.13
C LYS H 103 -41.37 -8.91 -38.10
N PHE H 104 -41.11 -8.72 -39.39
CA PHE H 104 -41.81 -9.44 -40.46
C PHE H 104 -40.73 -10.05 -41.35
N GLU H 105 -40.27 -11.25 -40.98
CA GLU H 105 -39.23 -11.92 -41.74
C GLU H 105 -39.81 -12.53 -43.01
N GLU H 106 -38.96 -12.67 -44.02
CA GLU H 106 -39.37 -13.17 -45.32
C GLU H 106 -38.80 -14.55 -45.57
N VAL H 107 -39.60 -15.39 -46.23
CA VAL H 107 -39.20 -16.73 -46.66
C VAL H 107 -39.28 -16.74 -48.18
N SER H 108 -39.02 -17.89 -48.79
CA SER H 108 -39.24 -18.05 -50.23
C SER H 108 -40.60 -17.48 -50.63
N LYS H 109 -40.66 -16.89 -51.82
CA LYS H 109 -41.82 -16.13 -52.24
C LYS H 109 -43.10 -16.96 -52.14
N ASP H 110 -44.23 -16.24 -51.98
CA ASP H 110 -45.62 -16.68 -51.82
C ASP H 110 -45.94 -17.16 -50.40
N LEU H 111 -45.05 -16.96 -49.43
CA LEU H 111 -45.38 -17.20 -48.03
C LEU H 111 -44.57 -16.26 -47.15
N ILE H 112 -45.12 -15.95 -45.98
CA ILE H 112 -44.52 -15.01 -45.05
C ILE H 112 -44.70 -15.53 -43.63
N ALA H 113 -43.89 -14.99 -42.71
CA ALA H 113 -43.95 -15.34 -41.30
C ALA H 113 -43.82 -14.08 -40.47
N VAL H 114 -44.78 -13.86 -39.57
CA VAL H 114 -44.83 -12.65 -38.76
C VAL H 114 -44.45 -12.98 -37.32
N TYR H 115 -44.01 -11.95 -36.60
CA TYR H 115 -43.62 -12.06 -35.20
C TYR H 115 -44.46 -11.11 -34.36
N TYR H 116 -45.13 -11.65 -33.34
CA TYR H 116 -45.90 -10.88 -32.39
C TYR H 116 -45.32 -11.07 -31.00
N SER H 117 -45.12 -9.97 -30.28
CA SER H 117 -44.58 -9.98 -28.92
C SER H 117 -45.65 -9.47 -27.97
N PHE H 118 -46.14 -10.35 -27.10
CA PHE H 118 -47.19 -10.00 -26.14
C PHE H 118 -46.57 -9.64 -24.79
N GLY H 119 -45.79 -8.57 -24.79
CA GLY H 119 -45.15 -8.12 -23.56
C GLY H 119 -44.20 -9.13 -22.95
N GLY H 120 -43.45 -9.85 -23.79
CA GLY H 120 -42.55 -10.91 -23.35
C GLY H 120 -42.89 -12.26 -23.92
N LEU H 121 -44.17 -12.53 -24.14
CA LEU H 121 -44.62 -13.80 -24.70
C LEU H 121 -44.66 -13.67 -26.21
N LEU H 122 -43.76 -14.36 -26.90
CA LEU H 122 -43.64 -14.25 -28.34
C LEU H 122 -44.64 -15.17 -29.05
N MET H 123 -44.71 -15.04 -30.37
CA MET H 123 -45.56 -15.87 -31.20
C MET H 123 -45.04 -15.85 -32.62
N ARG H 124 -45.26 -16.95 -33.34
CA ARG H 124 -44.77 -17.09 -34.71
C ARG H 124 -45.77 -17.91 -35.50
N LEU H 125 -46.16 -17.39 -36.67
CA LEU H 125 -47.10 -18.09 -37.54
C LEU H 125 -46.77 -17.79 -38.99
N GLU H 126 -46.73 -18.84 -39.81
CA GLU H 126 -46.47 -18.72 -41.23
C GLU H 126 -47.78 -18.60 -41.99
N GLY H 127 -47.72 -18.72 -43.31
CA GLY H 127 -48.93 -18.68 -44.13
C GLY H 127 -48.81 -17.82 -45.37
N ASN H 128 -49.85 -17.84 -46.21
CA ASN H 128 -49.85 -17.12 -47.48
C ASN H 128 -51.12 -16.30 -47.67
N TYR H 129 -51.80 -15.95 -46.58
CA TYR H 129 -53.08 -15.25 -46.65
C TYR H 129 -53.08 -13.89 -45.98
N ARG H 130 -52.21 -13.65 -44.99
CA ARG H 130 -52.21 -12.43 -44.20
C ARG H 130 -51.35 -11.33 -44.80
N ASN H 131 -51.07 -11.39 -46.11
CA ASN H 131 -50.24 -10.37 -46.76
C ASN H 131 -51.00 -9.08 -47.06
N LEU H 132 -52.28 -8.99 -46.71
CA LEU H 132 -53.08 -7.80 -47.01
C LEU H 132 -53.73 -7.17 -45.78
N ASN H 133 -53.77 -7.87 -44.65
CA ASN H 133 -54.43 -7.34 -43.45
C ASN H 133 -53.47 -7.12 -42.30
N ASN H 134 -52.65 -8.11 -41.95
CA ASN H 134 -51.75 -7.98 -40.82
C ASN H 134 -50.56 -7.12 -41.20
N LEU H 135 -50.32 -6.07 -40.42
CA LEU H 135 -49.17 -5.18 -40.61
C LEU H 135 -48.67 -4.76 -39.24
N LYS H 136 -47.79 -3.75 -39.22
CA LYS H 136 -47.19 -3.28 -37.98
C LYS H 136 -48.23 -2.50 -37.19
N GLN H 137 -48.89 -3.16 -36.23
CA GLN H 137 -49.84 -2.53 -35.33
C GLN H 137 -49.32 -2.62 -33.91
N GLU H 138 -49.22 -1.47 -33.24
CA GLU H 138 -48.86 -1.44 -31.83
C GLU H 138 -50.02 -1.84 -30.92
N ASN H 139 -51.19 -2.17 -31.49
CA ASN H 139 -52.35 -2.63 -30.73
C ASN H 139 -52.93 -3.82 -31.49
N ALA H 140 -52.49 -5.03 -31.13
CA ALA H 140 -52.92 -6.25 -31.80
C ALA H 140 -53.37 -7.24 -30.73
N TYR H 141 -54.68 -7.38 -30.56
CA TYR H 141 -55.25 -8.29 -29.59
C TYR H 141 -55.16 -9.73 -30.10
N LEU H 142 -55.59 -10.67 -29.25
CA LEU H 142 -55.57 -12.08 -29.61
C LEU H 142 -56.62 -12.80 -28.77
N LEU H 143 -57.38 -13.68 -29.43
CA LEU H 143 -58.51 -14.35 -28.79
C LEU H 143 -58.44 -15.85 -29.07
N ILE H 144 -59.03 -16.62 -28.15
CA ILE H 144 -59.07 -18.09 -28.26
C ILE H 144 -60.45 -18.58 -27.86
N ARG H 145 -60.98 -19.52 -28.63
CA ARG H 145 -62.17 -20.29 -28.25
C ARG H 145 -61.73 -21.69 -27.84
N ARG H 146 -62.02 -22.07 -26.60
CA ARG H 146 -61.73 -23.39 -26.06
C ARG H 146 -60.23 -23.68 -25.96
N SER I 2 56.85 -43.84 0.38
CA SER I 2 55.45 -43.88 0.03
C SER I 2 55.08 -42.73 -0.89
N VAL I 3 54.21 -43.01 -1.87
CA VAL I 3 53.76 -42.02 -2.84
C VAL I 3 52.27 -42.20 -3.06
N VAL I 4 51.52 -41.10 -3.02
CA VAL I 4 50.08 -41.10 -3.25
C VAL I 4 49.82 -40.02 -4.29
N GLY I 5 49.56 -40.42 -5.53
CA GLY I 5 49.41 -39.44 -6.59
C GLY I 5 50.69 -38.68 -6.79
N SER I 6 50.59 -37.35 -6.78
CA SER I 6 51.76 -36.48 -6.88
C SER I 6 52.38 -36.19 -5.52
N LEU I 7 51.78 -36.66 -4.43
CA LEU I 7 52.33 -36.46 -3.11
C LEU I 7 53.44 -37.47 -2.83
N ILE I 8 54.53 -36.99 -2.23
CA ILE I 8 55.62 -37.86 -1.82
C ILE I 8 55.67 -37.89 -0.31
N PHE I 9 55.01 -38.87 0.29
CA PHE I 9 54.96 -38.98 1.74
C PHE I 9 56.21 -39.66 2.29
N CYS I 10 56.53 -39.35 3.55
CA CYS I 10 57.65 -39.98 4.22
C CYS I 10 57.24 -41.37 4.69
N LEU I 11 58.11 -42.02 5.46
CA LEU I 11 57.89 -43.40 5.86
C LEU I 11 57.76 -43.60 7.37
N ASP I 12 58.54 -42.87 8.18
CA ASP I 12 58.49 -43.02 9.63
C ASP I 12 57.66 -41.91 10.28
N CYS I 13 58.00 -40.64 10.02
CA CYS I 13 57.22 -39.55 10.59
C CYS I 13 55.90 -39.38 9.85
N GLY I 14 55.91 -39.52 8.53
CA GLY I 14 54.70 -39.55 7.74
C GLY I 14 54.34 -38.28 7.01
N ASP I 15 55.18 -37.24 7.07
CA ASP I 15 54.89 -36.01 6.36
C ASP I 15 55.22 -36.18 4.87
N LEU I 16 54.93 -35.14 4.09
CA LEU I 16 55.25 -35.15 2.67
C LEU I 16 56.59 -34.46 2.43
N LEU I 17 57.33 -34.97 1.45
CA LEU I 17 58.60 -34.39 1.08
C LEU I 17 58.38 -33.14 0.21
N GLU I 18 59.48 -32.47 -0.12
CA GLU I 18 59.38 -31.29 -0.96
C GLU I 18 59.32 -31.68 -2.43
N ASN I 19 58.88 -30.74 -3.25
CA ASN I 19 58.84 -30.95 -4.69
C ASN I 19 60.25 -31.14 -5.21
N PRO I 20 60.57 -32.28 -5.84
CA PRO I 20 61.96 -32.54 -6.26
C PRO I 20 62.52 -31.52 -7.25
N ASN I 21 61.69 -30.63 -7.80
CA ASN I 21 62.22 -29.62 -8.72
C ASN I 21 62.79 -28.42 -7.97
N ALA I 22 62.14 -28.00 -6.88
CA ALA I 22 62.63 -26.85 -6.12
C ALA I 22 63.88 -27.22 -5.33
N VAL I 23 63.88 -28.39 -4.68
CA VAL I 23 65.05 -28.81 -3.93
C VAL I 23 66.17 -29.19 -4.89
N LEU I 24 67.39 -29.21 -4.36
CA LEU I 24 68.55 -29.62 -5.16
C LEU I 24 68.37 -31.05 -5.65
N GLY I 25 68.84 -31.31 -6.87
CA GLY I 25 68.58 -32.59 -7.49
C GLY I 25 69.29 -33.74 -6.80
N SER I 26 68.80 -34.95 -7.07
CA SER I 26 69.33 -36.24 -6.63
C SER I 26 69.22 -36.45 -5.12
N ASN I 27 68.72 -35.47 -4.36
CA ASN I 27 68.62 -35.59 -2.92
C ASN I 27 67.49 -34.70 -2.41
N VAL I 28 66.59 -35.27 -1.62
CA VAL I 28 65.53 -34.52 -0.97
C VAL I 28 65.51 -34.92 0.51
N GLU I 29 65.40 -33.93 1.38
CA GLU I 29 65.48 -34.13 2.83
C GLU I 29 64.20 -33.65 3.49
N CYS I 30 63.75 -34.38 4.50
CA CYS I 30 62.56 -34.00 5.24
C CYS I 30 62.82 -32.72 6.03
N SER I 31 61.72 -32.05 6.41
CA SER I 31 61.81 -30.81 7.17
C SER I 31 61.89 -31.06 8.67
N GLN I 32 61.11 -32.01 9.18
CA GLN I 32 61.11 -32.30 10.62
C GLN I 32 62.29 -33.16 11.03
N CYS I 33 62.77 -34.04 10.14
CA CYS I 33 63.86 -34.95 10.46
C CYS I 33 64.80 -35.02 9.25
N LYS I 34 65.82 -35.88 9.37
CA LYS I 34 66.81 -36.08 8.32
C LYS I 34 66.44 -37.33 7.54
N ALA I 35 65.84 -37.13 6.37
CA ALA I 35 65.42 -38.23 5.50
C ALA I 35 66.29 -38.23 4.26
N ILE I 36 67.18 -39.22 4.15
CA ILE I 36 68.05 -39.33 2.99
C ILE I 36 67.25 -39.99 1.86
N TYR I 37 66.61 -39.16 1.06
CA TYR I 37 65.74 -39.58 -0.03
C TYR I 37 66.17 -38.89 -1.31
N PRO I 38 65.86 -39.47 -2.48
CA PRO I 38 65.24 -40.80 -2.65
C PRO I 38 66.21 -41.85 -3.16
N LYS I 39 65.73 -43.09 -3.29
CA LYS I 39 66.49 -44.14 -3.95
C LYS I 39 66.25 -44.17 -5.45
N SER I 40 65.71 -43.08 -6.01
CA SER I 40 65.37 -42.99 -7.44
C SER I 40 64.35 -44.04 -7.84
N GLN I 41 63.50 -44.45 -6.89
CA GLN I 41 62.47 -45.44 -7.19
C GLN I 41 61.23 -44.80 -7.80
N PHE I 42 60.95 -43.55 -7.48
CA PHE I 42 59.80 -42.86 -8.07
C PHE I 42 60.11 -42.43 -9.50
N SER I 43 61.09 -41.54 -9.66
CA SER I 43 61.63 -41.05 -10.92
C SER I 43 60.63 -40.23 -11.73
N ASN I 44 59.38 -40.10 -11.29
CA ASN I 44 58.36 -39.32 -11.97
C ASN I 44 57.09 -39.35 -11.13
N LEU I 45 56.17 -38.43 -11.45
CA LEU I 45 54.85 -38.40 -10.85
C LEU I 45 53.82 -38.19 -11.94
N LYS I 46 52.65 -38.81 -11.77
CA LYS I 46 51.60 -38.76 -12.78
C LYS I 46 50.25 -38.73 -12.09
N VAL I 47 49.41 -37.76 -12.45
CA VAL I 47 48.08 -37.60 -11.89
C VAL I 47 47.13 -37.25 -13.02
N VAL I 48 46.07 -38.05 -13.19
CA VAL I 48 45.04 -37.80 -14.19
C VAL I 48 43.89 -37.06 -13.53
N THR I 49 43.32 -36.08 -14.24
CA THR I 49 42.23 -35.28 -13.72
C THR I 49 41.16 -35.16 -14.80
N THR I 50 39.95 -35.62 -14.48
CA THR I 50 38.84 -35.58 -15.41
C THR I 50 38.04 -34.29 -15.21
N THR I 51 37.26 -33.94 -16.24
CA THR I 51 36.44 -32.74 -16.19
C THR I 51 35.27 -32.93 -15.22
N ALA I 52 34.49 -31.88 -15.03
CA ALA I 52 33.36 -31.90 -14.11
C ALA I 52 32.07 -32.41 -14.74
N ASP I 53 32.04 -32.56 -16.07
CA ASP I 53 30.95 -33.16 -16.84
C ASP I 53 29.62 -32.44 -16.64
N ASP I 54 29.63 -31.33 -15.91
CA ASP I 54 28.43 -30.52 -15.71
C ASP I 54 28.63 -29.06 -16.04
N ALA I 55 29.79 -28.66 -16.55
CA ALA I 55 30.08 -27.27 -16.89
C ALA I 55 29.91 -27.00 -18.39
N PHE I 56 29.08 -27.78 -19.07
CA PHE I 56 28.81 -27.61 -20.49
C PHE I 56 27.30 -27.59 -20.73
N PRO I 57 26.65 -26.48 -20.38
CA PRO I 57 25.20 -26.36 -20.61
C PRO I 57 24.90 -26.07 -22.07
N SER I 58 24.36 -27.07 -22.76
CA SER I 58 24.07 -26.93 -24.18
C SER I 58 22.85 -27.78 -24.54
N SER I 59 22.20 -27.41 -25.64
CA SER I 59 21.08 -28.20 -26.13
C SER I 59 21.52 -29.58 -26.61
N LEU I 60 22.79 -29.74 -26.98
CA LEU I 60 23.30 -31.05 -27.35
C LEU I 60 23.56 -31.90 -26.11
N ARG I 61 24.10 -31.28 -25.05
CA ARG I 61 24.24 -31.99 -23.79
C ARG I 61 22.89 -32.46 -23.26
N ALA I 62 21.82 -31.71 -23.56
CA ALA I 62 20.48 -32.13 -23.18
C ALA I 62 20.04 -33.38 -23.93
N LYS I 63 20.59 -33.62 -25.12
CA LYS I 63 20.23 -34.81 -25.89
C LYS I 63 20.77 -36.08 -25.24
N LYS I 64 21.88 -35.98 -24.50
CA LYS I 64 22.41 -37.15 -23.81
C LYS I 64 21.45 -37.67 -22.76
N SER I 65 20.73 -36.79 -22.09
CA SER I 65 19.73 -37.21 -21.11
C SER I 65 18.58 -37.92 -21.79
N VAL I 66 18.23 -39.11 -21.29
CA VAL I 66 17.14 -39.89 -21.87
C VAL I 66 15.79 -39.20 -21.67
N VAL I 67 15.70 -38.28 -20.71
CA VAL I 67 14.46 -37.54 -20.46
C VAL I 67 14.43 -36.32 -21.36
N LYS I 68 13.25 -36.03 -21.92
CA LYS I 68 13.09 -34.86 -22.76
C LYS I 68 13.41 -33.59 -21.99
N THR I 69 14.00 -32.62 -22.68
CA THR I 69 14.41 -31.36 -22.07
C THR I 69 13.66 -30.15 -22.60
N SER I 70 12.86 -30.31 -23.65
CA SER I 70 12.08 -29.20 -24.19
C SER I 70 10.93 -29.76 -25.00
N LEU I 71 9.69 -29.44 -24.62
CA LEU I 71 8.53 -29.90 -25.36
C LEU I 71 8.39 -29.13 -26.67
N LYS I 72 7.73 -29.77 -27.63
CA LYS I 72 7.59 -29.16 -28.95
C LYS I 72 6.64 -27.97 -28.89
N LYS I 73 6.71 -27.12 -29.92
CA LYS I 73 5.97 -25.87 -29.93
C LYS I 73 4.46 -26.08 -30.00
N ASN I 74 4.00 -27.24 -30.48
CA ASN I 74 2.57 -27.46 -30.68
C ASN I 74 2.01 -28.67 -29.95
N GLU I 75 2.83 -29.44 -29.24
CA GLU I 75 2.38 -30.65 -28.56
C GLU I 75 2.19 -30.43 -27.06
N LEU I 76 1.79 -29.22 -26.66
CA LEU I 76 1.45 -28.92 -25.26
C LEU I 76 0.13 -28.16 -25.30
N LYS I 77 -0.97 -28.90 -25.19
CA LYS I 77 -2.29 -28.29 -25.28
C LYS I 77 -2.65 -27.57 -23.98
N ASP I 78 -3.48 -26.55 -24.11
CA ASP I 78 -4.03 -25.85 -22.96
C ASP I 78 -5.41 -26.41 -22.62
N GLY I 79 -5.39 -27.62 -22.05
CA GLY I 79 -6.61 -28.35 -21.76
C GLY I 79 -7.50 -27.73 -20.70
N ALA I 80 -7.12 -26.59 -20.15
CA ALA I 80 -7.97 -25.88 -19.21
C ALA I 80 -9.15 -25.26 -19.95
N THR I 81 -10.37 -25.67 -19.59
CA THR I 81 -11.54 -25.21 -20.33
C THR I 81 -12.79 -25.35 -19.47
N ILE I 82 -13.55 -24.26 -19.37
CA ILE I 82 -14.90 -24.26 -18.81
C ILE I 82 -15.82 -23.59 -19.82
N LYS I 83 -16.97 -24.21 -20.09
CA LYS I 83 -17.91 -23.66 -21.05
C LYS I 83 -18.35 -22.26 -20.64
N GLU I 84 -18.20 -21.31 -21.56
CA GLU I 84 -18.54 -19.91 -21.29
C GLU I 84 -18.78 -19.21 -22.62
N LYS I 85 -19.79 -18.34 -22.63
CA LYS I 85 -20.12 -17.60 -23.84
C LYS I 85 -19.06 -16.54 -24.11
N CYS I 86 -18.43 -16.61 -25.27
CA CYS I 86 -17.46 -15.60 -25.67
C CYS I 86 -18.20 -14.40 -26.25
N PRO I 87 -18.05 -13.20 -25.70
CA PRO I 87 -18.88 -12.06 -26.12
C PRO I 87 -18.41 -11.36 -27.39
N GLN I 88 -17.52 -11.95 -28.17
CA GLN I 88 -17.08 -11.32 -29.42
C GLN I 88 -17.69 -11.98 -30.66
N CYS I 89 -17.72 -13.31 -30.70
CA CYS I 89 -18.33 -14.04 -31.81
C CYS I 89 -19.47 -14.93 -31.36
N GLY I 90 -19.28 -15.71 -30.29
CA GLY I 90 -20.30 -16.60 -29.80
C GLY I 90 -19.97 -18.07 -30.04
N ASN I 91 -19.57 -18.77 -28.98
CA ASN I 91 -19.21 -20.18 -29.06
C ASN I 91 -19.52 -20.83 -27.72
N GLU I 92 -19.05 -22.06 -27.53
CA GLU I 92 -19.23 -22.81 -26.31
C GLU I 92 -17.95 -23.06 -25.54
N GLU I 93 -16.83 -23.25 -26.24
CA GLU I 93 -15.56 -23.55 -25.60
C GLU I 93 -14.83 -22.26 -25.23
N MET I 94 -14.19 -22.29 -24.06
CA MET I 94 -13.43 -21.15 -23.57
C MET I 94 -12.46 -21.63 -22.49
N ASN I 95 -11.22 -21.17 -22.56
CA ASN I 95 -10.19 -21.59 -21.62
C ASN I 95 -10.22 -20.73 -20.35
N TYR I 96 -9.41 -21.13 -19.38
CA TYR I 96 -9.27 -20.38 -18.14
C TYR I 96 -7.85 -20.52 -17.63
N HIS I 97 -7.44 -19.56 -16.80
CA HIS I 97 -6.11 -19.56 -16.22
C HIS I 97 -6.24 -18.97 -14.81
N THR I 98 -6.26 -19.84 -13.80
CA THR I 98 -6.52 -19.43 -12.43
C THR I 98 -5.25 -18.81 -11.83
N THR I 109 -9.02 -14.34 -9.11
CA THR I 109 -9.57 -13.86 -10.36
C THR I 109 -9.43 -14.94 -11.43
N VAL I 110 -10.37 -14.94 -12.37
CA VAL I 110 -10.38 -15.89 -13.48
C VAL I 110 -10.10 -15.14 -14.77
N PHE I 111 -9.25 -15.72 -15.61
CA PHE I 111 -8.88 -15.15 -16.90
C PHE I 111 -9.38 -16.05 -18.02
N TYR I 112 -9.62 -15.46 -19.18
CA TYR I 112 -10.21 -16.16 -20.31
C TYR I 112 -9.35 -15.99 -21.56
N THR I 113 -9.15 -17.10 -22.27
CA THR I 113 -8.47 -17.10 -23.56
C THR I 113 -9.28 -17.98 -24.52
N CYS I 114 -9.39 -17.54 -25.76
CA CYS I 114 -10.19 -18.21 -26.77
C CYS I 114 -9.33 -19.08 -27.68
N THR I 115 -9.98 -20.04 -28.34
CA THR I 115 -9.32 -20.92 -29.29
C THR I 115 -9.71 -20.66 -30.73
N SER I 116 -10.95 -20.23 -30.99
CA SER I 116 -11.41 -19.94 -32.34
C SER I 116 -11.09 -18.52 -32.78
N CYS I 117 -10.91 -17.59 -31.84
CA CYS I 117 -10.58 -16.20 -32.16
C CYS I 117 -9.24 -15.75 -31.60
N GLY I 118 -8.69 -16.44 -30.60
CA GLY I 118 -7.45 -16.03 -30.00
C GLY I 118 -7.52 -14.79 -29.15
N TYR I 119 -8.72 -14.32 -28.81
CA TYR I 119 -8.87 -13.15 -27.98
C TYR I 119 -8.74 -13.52 -26.50
N LYS I 120 -8.45 -12.52 -25.68
CA LYS I 120 -8.20 -12.71 -24.25
C LYS I 120 -9.13 -11.81 -23.45
N PHE I 121 -9.80 -12.40 -22.46
CA PHE I 121 -10.71 -11.67 -21.58
C PHE I 121 -10.24 -11.79 -20.14
N ARG I 122 -10.53 -10.77 -19.35
CA ARG I 122 -10.23 -10.76 -17.93
C ARG I 122 -11.50 -10.42 -17.14
N THR I 123 -11.52 -10.83 -15.88
CA THR I 123 -12.64 -10.55 -14.99
C THR I 123 -12.15 -10.63 -13.56
N ASN I 124 -12.58 -9.69 -12.72
CA ASN I 124 -12.19 -9.68 -11.33
C ASN I 124 -12.68 -10.93 -10.60
N ASN I 125 -13.95 -11.28 -10.81
CA ASN I 125 -14.52 -12.48 -10.20
C ASN I 125 -15.22 -13.34 -11.24
N MET J 1 -22.03 -13.83 31.79
CA MET J 1 -21.85 -13.58 33.22
C MET J 1 -23.09 -13.96 34.01
N ILE J 2 -24.15 -13.16 33.84
CA ILE J 2 -25.41 -13.39 34.52
C ILE J 2 -26.41 -13.93 33.50
N VAL J 3 -27.37 -14.72 33.99
CA VAL J 3 -28.35 -15.35 33.09
C VAL J 3 -29.17 -14.27 32.38
N PRO J 4 -29.27 -14.30 31.07
CA PRO J 4 -30.01 -13.24 30.36
C PRO J 4 -31.50 -13.39 30.50
N VAL J 5 -32.20 -12.26 30.37
CA VAL J 5 -33.65 -12.21 30.37
C VAL J 5 -34.10 -11.59 29.06
N ARG J 6 -35.31 -11.95 28.63
CA ARG J 6 -35.90 -11.45 27.39
C ARG J 6 -35.00 -11.78 26.18
N CYS J 7 -34.95 -13.08 25.89
CA CYS J 7 -34.17 -13.63 24.79
C CYS J 7 -34.23 -12.74 23.55
N PHE J 8 -33.07 -12.52 22.94
CA PHE J 8 -32.94 -11.51 21.88
C PHE J 8 -33.86 -11.83 20.71
N SER J 9 -33.81 -13.07 20.22
CA SER J 9 -34.57 -13.43 19.02
C SER J 9 -36.07 -13.40 19.28
N CYS J 10 -36.55 -14.23 20.21
CA CYS J 10 -37.98 -14.32 20.46
C CYS J 10 -38.48 -13.17 21.34
N GLY J 11 -37.99 -13.09 22.56
CA GLY J 11 -38.46 -12.11 23.54
C GLY J 11 -39.04 -12.72 24.79
N LYS J 12 -39.27 -14.03 24.83
CA LYS J 12 -39.77 -14.68 26.03
C LYS J 12 -38.76 -14.55 27.17
N VAL J 13 -39.29 -14.44 28.39
CA VAL J 13 -38.42 -14.31 29.56
C VAL J 13 -37.73 -15.65 29.82
N VAL J 14 -36.41 -15.59 30.02
CA VAL J 14 -35.62 -16.79 30.25
C VAL J 14 -34.85 -16.76 31.56
N GLY J 15 -34.60 -15.57 32.15
CA GLY J 15 -33.79 -15.48 33.35
C GLY J 15 -34.35 -16.23 34.54
N ASP J 16 -35.64 -16.56 34.53
CA ASP J 16 -36.27 -17.28 35.63
C ASP J 16 -36.24 -18.79 35.45
N LYS J 17 -35.51 -19.29 34.45
CA LYS J 17 -35.46 -20.71 34.14
C LYS J 17 -34.02 -21.21 34.07
N TRP J 18 -33.18 -20.75 35.00
CA TRP J 18 -31.80 -21.20 35.09
C TRP J 18 -31.55 -22.09 36.30
N GLU J 19 -31.93 -21.63 37.50
CA GLU J 19 -31.77 -22.45 38.68
C GLU J 19 -32.72 -23.65 38.65
N SER J 20 -33.94 -23.46 38.13
CA SER J 20 -34.84 -24.58 37.96
C SER J 20 -34.32 -25.57 36.92
N TYR J 21 -33.52 -25.09 35.96
CA TYR J 21 -32.92 -25.98 34.98
C TYR J 21 -31.79 -26.79 35.61
N LEU J 22 -30.97 -26.17 36.45
CA LEU J 22 -29.92 -26.90 37.15
C LEU J 22 -30.51 -27.92 38.12
N ASN J 23 -31.70 -27.64 38.65
CA ASN J 23 -32.36 -28.62 39.52
C ASN J 23 -32.87 -29.81 38.72
N LEU J 24 -33.37 -29.57 37.51
CA LEU J 24 -33.84 -30.67 36.67
C LEU J 24 -32.69 -31.54 36.16
N LEU J 25 -31.47 -31.01 36.12
CA LEU J 25 -30.31 -31.79 35.69
C LEU J 25 -29.67 -32.53 36.86
N GLN J 26 -29.59 -31.92 38.04
CA GLN J 26 -28.92 -32.53 39.17
C GLN J 26 -29.83 -33.49 39.92
N GLU J 27 -31.08 -33.08 40.18
CA GLU J 27 -31.99 -33.90 40.98
C GLU J 27 -32.59 -35.03 40.15
N ASP J 28 -33.31 -34.69 39.09
CA ASP J 28 -34.01 -35.69 38.29
C ASP J 28 -33.09 -36.44 37.33
N GLU J 29 -31.86 -35.96 37.13
CA GLU J 29 -30.89 -36.62 36.25
C GLU J 29 -31.42 -36.76 34.83
N LEU J 30 -32.24 -35.81 34.39
CA LEU J 30 -32.79 -35.85 33.04
C LEU J 30 -31.73 -35.41 32.02
N ASP J 31 -32.05 -35.64 30.75
CA ASP J 31 -31.20 -35.21 29.65
C ASP J 31 -31.52 -33.77 29.28
N GLU J 32 -30.66 -33.19 28.44
CA GLU J 32 -30.82 -31.79 28.05
C GLU J 32 -32.09 -31.59 27.22
N GLY J 33 -32.48 -32.60 26.44
CA GLY J 33 -33.69 -32.52 25.64
C GLY J 33 -34.95 -32.35 26.46
N THR J 34 -35.21 -33.30 27.37
CA THR J 34 -36.43 -33.24 28.18
C THR J 34 -36.38 -32.10 29.19
N ALA J 35 -35.19 -31.82 29.75
CA ALA J 35 -35.07 -30.73 30.71
C ALA J 35 -35.41 -29.38 30.08
N LEU J 36 -35.20 -29.24 28.77
CA LEU J 36 -35.56 -28.01 28.09
C LEU J 36 -37.05 -27.98 27.73
N SER J 37 -37.62 -29.14 27.41
CA SER J 37 -39.03 -29.19 27.05
C SER J 37 -39.93 -29.04 28.27
N ARG J 38 -39.44 -29.44 29.45
CA ARG J 38 -40.25 -29.33 30.66
C ARG J 38 -40.40 -27.87 31.10
N LEU J 39 -39.36 -27.06 30.90
CA LEU J 39 -39.43 -25.65 31.32
C LEU J 39 -40.39 -24.83 30.47
N GLY J 40 -40.80 -25.34 29.31
CA GLY J 40 -41.72 -24.62 28.46
C GLY J 40 -41.04 -23.77 27.42
N LEU J 41 -40.00 -24.31 26.78
CA LEU J 41 -39.26 -23.63 25.72
C LEU J 41 -39.37 -24.47 24.46
N LYS J 42 -40.33 -24.12 23.60
CA LYS J 42 -40.56 -24.87 22.36
C LYS J 42 -39.70 -24.38 21.21
N ARG J 43 -39.51 -23.07 21.09
CA ARG J 43 -38.74 -22.51 20.00
C ARG J 43 -37.24 -22.59 20.31
N TYR J 44 -36.45 -22.91 19.28
CA TYR J 44 -35.01 -23.02 19.46
C TYR J 44 -34.33 -21.68 19.65
N CYS J 45 -35.05 -20.57 19.50
CA CYS J 45 -34.48 -19.26 19.78
C CYS J 45 -34.29 -19.06 21.28
N CYS J 46 -35.34 -19.28 22.06
CA CYS J 46 -35.27 -19.17 23.51
C CYS J 46 -34.73 -20.44 24.17
N ARG J 47 -34.68 -21.56 23.45
CA ARG J 47 -34.12 -22.77 24.02
C ARG J 47 -32.62 -22.63 24.24
N ARG J 48 -31.90 -22.14 23.24
CA ARG J 48 -30.45 -21.98 23.32
C ARG J 48 -30.01 -20.92 24.31
N MET J 49 -30.93 -20.17 24.91
CA MET J 49 -30.56 -19.11 25.82
C MET J 49 -29.91 -19.67 27.09
N ILE J 50 -30.65 -20.51 27.83
CA ILE J 50 -30.08 -21.14 29.02
C ILE J 50 -29.53 -22.53 28.74
N LEU J 51 -29.81 -23.10 27.57
CA LEU J 51 -29.17 -24.35 27.16
C LEU J 51 -27.68 -24.18 26.94
N THR J 52 -27.23 -22.95 26.67
CA THR J 52 -25.84 -22.70 26.34
C THR J 52 -25.19 -21.62 27.21
N HIS J 53 -25.90 -21.11 28.21
CA HIS J 53 -25.35 -20.06 29.06
C HIS J 53 -24.18 -20.60 29.89
N VAL J 54 -23.19 -19.74 30.12
CA VAL J 54 -21.98 -20.13 30.84
C VAL J 54 -22.05 -19.74 32.31
N ASP J 55 -22.69 -18.61 32.62
CA ASP J 55 -22.90 -18.15 34.00
C ASP J 55 -21.57 -17.99 34.74
N LEU J 56 -20.78 -17.04 34.26
CA LEU J 56 -19.50 -16.72 34.88
C LEU J 56 -19.64 -15.96 36.19
N ILE J 57 -20.87 -15.63 36.62
CA ILE J 57 -21.04 -14.88 37.85
C ILE J 57 -20.64 -15.70 39.06
N GLU J 58 -20.74 -17.03 38.97
CA GLU J 58 -20.33 -17.88 40.09
C GLU J 58 -18.83 -17.85 40.32
N LYS J 59 -18.05 -17.43 39.32
CA LYS J 59 -16.60 -17.32 39.47
C LYS J 59 -16.13 -15.90 39.67
N PHE J 60 -16.92 -14.90 39.23
CA PHE J 60 -16.56 -13.52 39.49
C PHE J 60 -16.71 -13.15 40.95
N LEU J 61 -17.64 -13.78 41.66
CA LEU J 61 -17.91 -13.45 43.05
C LEU J 61 -16.84 -13.93 44.01
N ARG J 62 -15.96 -14.84 43.57
CA ARG J 62 -14.93 -15.37 44.46
C ARG J 62 -13.89 -14.34 44.84
N TYR J 63 -13.87 -13.18 44.18
CA TYR J 63 -12.93 -12.11 44.50
C TYR J 63 -13.70 -11.04 45.28
N ASN J 64 -13.63 -11.13 46.61
CA ASN J 64 -14.31 -10.19 47.51
C ASN J 64 -13.26 -9.41 48.29
N PRO J 65 -12.81 -8.25 47.78
CA PRO J 65 -11.83 -7.44 48.51
C PRO J 65 -12.39 -6.70 49.71
N LEU J 66 -13.65 -6.91 50.07
CA LEU J 66 -14.27 -6.20 51.18
C LEU J 66 -14.33 -7.02 52.46
N GLU J 67 -13.94 -8.29 52.43
CA GLU J 67 -13.95 -9.12 53.62
C GLU J 67 -12.78 -10.09 53.56
N LYS J 68 -12.31 -10.50 54.74
CA LYS J 68 -11.13 -11.35 54.82
C LYS J 68 -11.38 -12.69 54.17
N ARG J 69 -10.34 -13.24 53.55
CA ARG J 69 -10.43 -14.53 52.87
C ARG J 69 -10.71 -15.65 53.87
N ASP K 43 -52.52 20.12 14.71
CA ASP K 43 -52.81 18.93 13.94
C ASP K 43 -52.68 19.21 12.44
N ARG K 44 -51.86 20.19 12.09
CA ARG K 44 -51.62 20.57 10.70
C ARG K 44 -50.31 20.03 10.16
N GLU K 45 -49.60 19.20 10.93
CA GLU K 45 -48.38 18.56 10.47
C GLU K 45 -48.56 17.08 10.15
N LYS K 46 -49.67 16.47 10.59
CA LYS K 46 -49.90 15.05 10.32
C LYS K 46 -50.03 14.78 8.84
N ILE K 47 -51.04 15.37 8.21
CA ILE K 47 -51.32 15.16 6.78
C ILE K 47 -51.33 16.52 6.09
N LYS K 48 -50.69 16.58 4.92
CA LYS K 48 -50.65 17.81 4.14
C LYS K 48 -50.57 17.46 2.66
N LEU K 49 -51.20 18.28 1.84
CA LEU K 49 -51.20 18.06 0.40
C LEU K 49 -49.92 18.61 -0.22
N LEU K 50 -49.52 18.01 -1.33
CA LEU K 50 -48.28 18.36 -2.03
C LEU K 50 -48.66 19.03 -3.36
N THR K 51 -48.58 20.36 -3.40
CA THR K 51 -48.93 21.11 -4.59
C THR K 51 -47.89 20.96 -5.70
N GLN K 52 -46.76 20.33 -5.43
CA GLN K 52 -45.71 20.15 -6.45
C GLN K 52 -46.03 19.03 -7.42
N ALA K 53 -46.98 18.17 -7.12
CA ALA K 53 -47.34 17.06 -7.99
C ALA K 53 -48.83 16.91 -8.22
N THR K 54 -49.66 17.76 -7.60
CA THR K 54 -51.10 17.64 -7.77
C THR K 54 -51.53 18.16 -9.14
N SER K 55 -52.77 17.84 -9.49
CA SER K 55 -53.35 18.25 -10.76
C SER K 55 -54.17 19.53 -10.56
N GLU K 56 -54.72 20.04 -11.66
CA GLU K 56 -55.51 21.27 -11.62
C GLU K 56 -56.99 21.01 -11.40
N ASP K 57 -57.49 19.83 -11.79
CA ASP K 57 -59.15 19.76 -11.81
C ASP K 57 -58.70 19.24 -10.44
N GLY K 58 -57.68 18.38 -10.45
CA GLY K 58 -57.16 17.80 -9.22
C GLY K 58 -57.83 16.54 -9.27
N THR K 59 -57.89 15.78 -10.36
CA THR K 59 -58.13 14.35 -10.28
C THR K 59 -56.89 13.55 -9.88
N SER K 60 -55.78 14.22 -9.59
CA SER K 60 -54.55 13.56 -9.18
C SER K 60 -53.83 14.46 -8.19
N ALA K 61 -53.31 13.87 -7.12
CA ALA K 61 -52.62 14.62 -6.09
C ALA K 61 -51.70 13.68 -5.32
N SER K 62 -50.82 14.27 -4.52
CA SER K 62 -49.88 13.54 -3.68
C SER K 62 -50.03 14.00 -2.24
N PHE K 63 -50.18 13.05 -1.33
CA PHE K 63 -50.36 13.35 0.08
C PHE K 63 -49.13 12.91 0.87
N GLN K 64 -48.84 13.63 1.94
CA GLN K 64 -47.68 13.35 2.79
C GLN K 64 -48.12 13.23 4.23
N ILE K 65 -47.75 12.12 4.88
CA ILE K 65 -48.05 11.89 6.28
C ILE K 65 -46.73 11.64 7.02
N VAL K 66 -46.71 12.01 8.31
CA VAL K 66 -45.53 11.87 9.14
C VAL K 66 -45.80 10.82 10.21
N GLU K 67 -44.72 10.34 10.81
CA GLU K 67 -44.72 9.24 11.79
C GLU K 67 -45.69 8.13 11.40
N GLU K 68 -45.55 7.66 10.16
CA GLU K 68 -46.33 6.54 9.66
C GLU K 68 -45.41 5.58 8.91
N ASP K 69 -45.90 4.36 8.70
CA ASP K 69 -45.10 3.30 8.11
C ASP K 69 -46.05 2.32 7.43
N HIS K 70 -45.52 1.13 7.10
CA HIS K 70 -46.30 0.11 6.41
C HIS K 70 -47.58 -0.27 7.15
N THR K 71 -47.69 0.07 8.45
CA THR K 71 -48.92 -0.18 9.19
C THR K 71 -50.11 0.47 8.50
N LEU K 72 -50.07 1.80 8.36
CA LEU K 72 -51.10 2.52 7.64
C LEU K 72 -50.78 2.66 6.16
N GLY K 73 -49.50 2.61 5.78
CA GLY K 73 -49.15 2.73 4.38
C GLY K 73 -49.75 1.62 3.53
N ASN K 74 -49.56 0.36 3.96
CA ASN K 74 -50.04 -0.77 3.17
C ASN K 74 -51.53 -0.99 3.35
N ALA K 75 -52.01 -0.88 4.59
CA ALA K 75 -53.43 -1.15 4.86
C ALA K 75 -54.33 -0.10 4.21
N LEU K 76 -54.03 1.18 4.41
CA LEU K 76 -54.84 2.22 3.81
C LEU K 76 -54.71 2.22 2.29
N ARG K 77 -53.58 1.75 1.76
CA ARG K 77 -53.46 1.61 0.32
C ARG K 77 -54.43 0.58 -0.22
N TYR K 78 -54.69 -0.49 0.54
CA TYR K 78 -55.55 -1.56 0.06
C TYR K 78 -57.03 -1.18 0.09
N VAL K 79 -57.46 -0.46 1.14
CA VAL K 79 -58.88 -0.17 1.30
C VAL K 79 -59.40 0.84 0.28
N ILE K 80 -58.50 1.61 -0.33
CA ILE K 80 -58.93 2.59 -1.34
C ILE K 80 -59.09 1.96 -2.72
N MET K 81 -58.40 0.85 -2.99
CA MET K 81 -58.43 0.27 -4.33
C MET K 81 -59.79 -0.28 -4.69
N LYS K 82 -60.60 -0.67 -3.70
CA LYS K 82 -61.94 -1.18 -3.99
C LYS K 82 -62.86 -0.11 -4.55
N ASN K 83 -62.50 1.17 -4.40
CA ASN K 83 -63.25 2.25 -5.04
C ASN K 83 -63.08 2.16 -6.55
N PRO K 84 -64.15 1.97 -7.32
CA PRO K 84 -64.00 1.79 -8.78
C PRO K 84 -63.53 3.03 -9.52
N ASP K 85 -63.23 4.12 -8.82
CA ASP K 85 -62.77 5.37 -9.45
C ASP K 85 -61.34 5.69 -9.06
N VAL K 86 -60.49 4.67 -8.97
CA VAL K 86 -59.09 4.82 -8.60
C VAL K 86 -58.25 4.52 -9.83
N GLU K 87 -57.68 5.57 -10.44
CA GLU K 87 -56.82 5.37 -11.60
C GLU K 87 -55.45 4.84 -11.19
N PHE K 88 -54.83 5.49 -10.19
CA PHE K 88 -53.49 5.10 -9.76
C PHE K 88 -53.29 5.60 -8.33
N CYS K 89 -52.86 4.71 -7.45
CA CYS K 89 -52.65 5.07 -6.05
C CYS K 89 -51.77 4.02 -5.39
N GLY K 90 -50.76 4.48 -4.65
CA GLY K 90 -49.85 3.59 -3.96
C GLY K 90 -49.04 4.32 -2.92
N TYR K 91 -48.51 3.56 -1.97
CA TYR K 91 -47.67 4.12 -0.92
C TYR K 91 -46.19 3.95 -1.28
N SER K 92 -45.36 4.79 -0.68
CA SER K 92 -43.93 4.77 -0.93
C SER K 92 -43.20 5.44 0.21
N ILE K 93 -42.24 4.74 0.81
CA ILE K 93 -41.42 5.29 1.89
C ILE K 93 -40.18 5.91 1.27
N PRO K 94 -39.92 7.20 1.47
CA PRO K 94 -38.71 7.83 0.90
C PRO K 94 -37.43 7.22 1.44
N HIS K 95 -37.29 7.21 2.77
CA HIS K 95 -36.11 6.66 3.42
C HIS K 95 -36.51 6.23 4.84
N PRO K 96 -36.07 5.07 5.30
CA PRO K 96 -36.48 4.60 6.63
C PRO K 96 -35.96 5.45 7.78
N SER K 97 -34.95 6.29 7.55
CA SER K 97 -34.44 7.13 8.63
C SER K 97 -35.48 8.15 9.08
N GLU K 98 -35.90 9.04 8.18
CA GLU K 98 -36.98 9.96 8.47
C GLU K 98 -38.32 9.23 8.40
N ASN K 99 -39.19 9.50 9.36
CA ASN K 99 -40.45 8.78 9.49
C ASN K 99 -41.55 9.55 8.77
N LEU K 100 -41.59 9.39 7.45
CA LEU K 100 -42.58 10.03 6.59
C LEU K 100 -43.28 8.96 5.76
N LEU K 101 -44.21 9.41 4.92
CA LEU K 101 -44.96 8.52 4.05
C LEU K 101 -45.66 9.37 2.98
N ASN K 102 -45.64 8.89 1.74
CA ASN K 102 -46.24 9.59 0.61
C ASN K 102 -47.29 8.69 -0.03
N ILE K 103 -48.45 9.25 -0.34
CA ILE K 103 -49.56 8.51 -0.93
C ILE K 103 -49.99 9.27 -2.18
N ARG K 104 -49.50 8.85 -3.35
CA ARG K 104 -50.04 9.34 -4.61
C ARG K 104 -51.42 8.76 -4.82
N ILE K 105 -52.33 9.58 -5.37
CA ILE K 105 -53.69 9.13 -5.64
C ILE K 105 -54.17 9.80 -6.93
N GLN K 106 -54.57 9.00 -7.90
CA GLN K 106 -55.12 9.49 -9.17
C GLN K 106 -56.50 8.90 -9.38
N THR K 107 -57.43 9.73 -9.84
CA THR K 107 -58.81 9.30 -10.04
C THR K 107 -59.26 9.73 -11.44
N TYR K 108 -60.41 9.19 -11.84
CA TYR K 108 -61.05 9.61 -13.08
C TYR K 108 -61.85 10.88 -12.83
N GLY K 109 -62.70 11.25 -13.79
CA GLY K 109 -63.57 12.39 -13.62
C GLY K 109 -64.62 12.16 -12.55
N GLU K 110 -65.44 13.19 -12.34
CA GLU K 110 -66.60 13.18 -11.44
C GLU K 110 -66.21 12.92 -9.98
N THR K 111 -64.91 12.81 -9.71
CA THR K 111 -64.43 12.56 -8.35
C THR K 111 -63.00 13.07 -8.23
N THR K 112 -62.74 13.87 -7.21
CA THR K 112 -61.42 14.43 -6.98
C THR K 112 -60.55 13.41 -6.23
N ALA K 113 -59.39 13.84 -5.77
CA ALA K 113 -58.47 12.97 -5.06
C ALA K 113 -58.68 12.96 -3.55
N VAL K 114 -59.30 14.02 -3.00
CA VAL K 114 -59.53 14.06 -1.55
C VAL K 114 -60.74 13.22 -1.18
N ASP K 115 -61.76 13.19 -2.04
CA ASP K 115 -62.95 12.40 -1.74
C ASP K 115 -62.64 10.90 -1.69
N ALA K 116 -61.82 10.42 -2.64
CA ALA K 116 -61.44 9.02 -2.62
C ALA K 116 -60.63 8.67 -1.39
N LEU K 117 -59.86 9.62 -0.85
CA LEU K 117 -59.14 9.38 0.39
C LEU K 117 -60.09 9.29 1.57
N GLN K 118 -61.02 10.23 1.68
CA GLN K 118 -61.98 10.23 2.78
C GLN K 118 -62.80 8.95 2.78
N LYS K 119 -63.24 8.51 1.61
CA LYS K 119 -63.97 7.24 1.51
C LYS K 119 -63.05 6.06 1.81
N GLY K 120 -61.77 6.15 1.43
CA GLY K 120 -60.83 5.10 1.76
C GLY K 120 -60.67 4.90 3.25
N LEU K 121 -60.53 5.99 4.00
CA LEU K 121 -60.47 5.88 5.45
C LEU K 121 -61.82 5.48 6.04
N LYS K 122 -62.91 5.77 5.35
CA LYS K 122 -64.23 5.37 5.82
C LYS K 122 -64.39 3.85 5.74
N ASP K 123 -63.94 3.25 4.63
CA ASP K 123 -64.05 1.80 4.49
C ASP K 123 -63.16 1.06 5.48
N LEU K 124 -62.06 1.69 5.90
CA LEU K 124 -61.21 1.09 6.92
C LEU K 124 -61.93 1.03 8.26
N MET K 125 -62.74 2.05 8.56
CA MET K 125 -63.54 2.02 9.80
C MET K 125 -64.65 1.00 9.70
N ASP K 126 -65.29 0.88 8.53
CA ASP K 126 -66.29 -0.16 8.33
C ASP K 126 -65.67 -1.55 8.44
N LEU K 127 -64.37 -1.66 8.14
CA LEU K 127 -63.67 -2.93 8.29
C LEU K 127 -63.28 -3.18 9.75
N CYS K 128 -62.86 -2.13 10.46
CA CYS K 128 -62.49 -2.29 11.87
C CYS K 128 -63.69 -2.62 12.73
N ASP K 129 -64.88 -2.15 12.33
CA ASP K 129 -66.08 -2.42 13.11
C ASP K 129 -66.49 -3.89 13.00
N VAL K 130 -66.34 -4.48 11.81
CA VAL K 130 -66.74 -5.87 11.63
C VAL K 130 -65.65 -6.83 12.13
N VAL K 131 -64.38 -6.44 12.04
CA VAL K 131 -63.32 -7.30 12.55
C VAL K 131 -63.31 -7.30 14.07
N GLU K 132 -63.94 -6.30 14.70
CA GLU K 132 -64.06 -6.26 16.15
C GLU K 132 -65.35 -6.90 16.63
N SER K 133 -66.45 -6.72 15.90
CA SER K 133 -67.72 -7.30 16.30
C SER K 133 -67.70 -8.82 16.17
N LYS K 134 -67.13 -9.34 15.07
CA LYS K 134 -67.04 -10.79 14.89
C LYS K 134 -66.15 -11.42 15.95
N PHE K 135 -65.05 -10.74 16.31
CA PHE K 135 -64.19 -11.26 17.37
C PHE K 135 -64.89 -11.20 18.73
N THR K 136 -65.73 -10.18 18.94
CA THR K 136 -66.46 -10.09 20.20
C THR K 136 -67.55 -11.15 20.28
N GLU K 137 -68.26 -11.39 19.17
CA GLU K 137 -69.28 -12.43 19.17
C GLU K 137 -68.66 -13.81 19.25
N LYS K 138 -67.40 -13.96 18.84
CA LYS K 138 -66.74 -15.26 18.93
C LYS K 138 -66.17 -15.51 20.31
N ILE K 139 -65.69 -14.47 20.98
CA ILE K 139 -65.22 -14.63 22.36
C ILE K 139 -66.39 -14.88 23.31
N LYS K 140 -67.61 -14.52 22.90
CA LYS K 140 -68.80 -14.86 23.66
C LYS K 140 -69.38 -16.21 23.27
N SER K 141 -69.10 -16.70 22.07
CA SER K 141 -69.62 -17.98 21.60
C SER K 141 -68.84 -19.17 22.12
N MET K 142 -67.86 -18.96 23.00
CA MET K 142 -67.08 -20.06 23.56
C MET K 142 -67.85 -20.76 24.67
N LYS L 28 -14.75 5.10 53.45
CA LYS L 28 -13.45 5.75 53.49
C LYS L 28 -12.43 4.98 52.64
N TYR L 29 -11.65 4.14 53.30
CA TYR L 29 -10.64 3.34 52.63
C TYR L 29 -10.58 1.95 53.26
N ILE L 30 -10.17 0.97 52.45
CA ILE L 30 -10.02 -0.41 52.90
C ILE L 30 -8.71 -0.95 52.39
N CYS L 31 -8.16 -1.94 53.10
CA CYS L 31 -6.87 -2.51 52.76
C CYS L 31 -6.97 -3.39 51.52
N ALA L 32 -5.82 -3.75 50.98
CA ALA L 32 -5.76 -4.56 49.77
C ALA L 32 -5.73 -6.05 50.05
N GLU L 33 -5.17 -6.47 51.18
CA GLU L 33 -5.10 -7.89 51.53
C GLU L 33 -5.86 -8.24 52.80
N CYS L 34 -5.90 -7.35 53.79
CA CYS L 34 -6.63 -7.62 55.02
C CYS L 34 -8.08 -7.16 54.97
N SER L 35 -8.40 -6.23 54.07
CA SER L 35 -9.77 -5.72 53.90
C SER L 35 -10.32 -5.17 55.21
N SER L 36 -9.58 -4.27 55.83
CA SER L 36 -9.95 -3.67 57.10
C SER L 36 -10.48 -2.26 56.88
N LYS L 37 -11.65 -1.97 57.46
CA LYS L 37 -12.25 -0.65 57.37
C LYS L 37 -11.39 0.34 58.16
N LEU L 38 -10.70 1.23 57.46
CA LEU L 38 -9.81 2.18 58.10
C LEU L 38 -9.97 3.55 57.42
N SER L 39 -9.20 4.52 57.91
CA SER L 39 -9.22 5.88 57.39
C SER L 39 -8.02 6.62 57.93
N LEU L 40 -7.42 7.47 57.10
CA LEU L 40 -6.26 8.25 57.48
C LEU L 40 -6.57 9.74 57.40
N SER L 41 -5.72 10.53 58.04
CA SER L 41 -5.86 11.99 58.09
C SER L 41 -4.59 12.64 57.55
N ARG L 42 -4.51 13.96 57.68
CA ARG L 42 -3.34 14.69 57.25
C ARG L 42 -2.11 14.28 58.06
N THR L 43 -0.95 14.33 57.41
CA THR L 43 0.34 13.99 58.03
C THR L 43 0.31 12.59 58.64
N ASP L 44 -0.34 11.66 57.95
CA ASP L 44 -0.44 10.28 58.39
C ASP L 44 0.18 9.38 57.33
N ALA L 45 0.86 8.33 57.79
CA ALA L 45 1.49 7.39 56.87
C ALA L 45 0.43 6.66 56.05
N VAL L 46 0.70 6.51 54.76
CA VAL L 46 -0.22 5.84 53.84
C VAL L 46 0.05 4.35 53.94
N ARG L 47 -0.63 3.71 54.90
CA ARG L 47 -0.49 2.28 55.14
C ARG L 47 -1.58 1.86 56.12
N CYS L 48 -1.85 0.56 56.13
CA CYS L 48 -2.82 0.00 57.06
C CYS L 48 -2.19 -0.25 58.43
N LYS L 49 -2.99 -0.05 59.47
CA LYS L 49 -2.49 -0.21 60.83
C LYS L 49 -2.48 -1.66 61.31
N ASP L 50 -3.31 -2.52 60.71
CA ASP L 50 -3.37 -3.91 61.15
C ASP L 50 -2.21 -4.72 60.59
N CYS L 51 -1.89 -4.56 59.32
CA CYS L 51 -0.84 -5.32 58.65
C CYS L 51 0.20 -4.37 58.07
N GLY L 52 1.30 -4.96 57.61
CA GLY L 52 2.39 -4.19 57.04
C GLY L 52 2.34 -4.06 55.54
N HIS L 53 1.29 -3.44 55.00
CA HIS L 53 1.14 -3.24 53.57
C HIS L 53 0.99 -1.76 53.26
N ARG L 54 1.00 -1.44 51.96
CA ARG L 54 0.99 -0.06 51.52
C ARG L 54 -0.13 0.28 50.54
N ILE L 55 -0.80 -0.70 49.95
CA ILE L 55 -1.85 -0.45 48.96
C ILE L 55 -3.16 -0.20 49.66
N LEU L 56 -3.89 0.82 49.22
CA LEU L 56 -5.17 1.19 49.81
C LEU L 56 -6.21 1.36 48.72
N LEU L 57 -7.41 0.83 48.97
CA LEU L 57 -8.54 0.97 48.07
C LEU L 57 -9.57 1.92 48.67
N LYS L 58 -10.10 2.81 47.84
CA LYS L 58 -11.09 3.78 48.29
C LYS L 58 -12.49 3.20 48.09
N ALA L 59 -13.23 3.04 49.18
CA ALA L 59 -14.56 2.47 49.12
C ALA L 59 -15.54 3.47 48.50
N ARG L 60 -16.72 2.96 48.16
CA ARG L 60 -17.78 3.76 47.55
C ARG L 60 -18.75 4.26 48.61
N THR L 61 -19.12 5.53 48.50
CA THR L 61 -20.05 6.15 49.43
C THR L 61 -21.45 6.18 48.84
N LYS L 62 -22.44 6.28 49.73
CA LYS L 62 -23.85 6.27 49.33
C LYS L 62 -24.23 7.65 48.83
N ARG L 63 -24.27 7.81 47.50
CA ARG L 63 -24.71 9.04 46.87
C ARG L 63 -25.59 8.70 45.67
N LEU L 64 -26.37 9.68 45.24
CA LEU L 64 -27.33 9.47 44.17
C LEU L 64 -26.66 9.63 42.81
N VAL L 65 -27.03 8.74 41.88
CA VAL L 65 -26.59 8.82 40.49
C VAL L 65 -27.72 8.37 39.58
N GLN L 66 -27.97 9.11 38.51
CA GLN L 66 -29.10 8.86 37.63
C GLN L 66 -28.59 8.36 36.27
N PHE L 67 -28.97 7.14 35.92
CA PHE L 67 -28.62 6.53 34.64
C PHE L 67 -29.88 6.09 33.92
N GLU L 68 -29.69 5.65 32.68
CA GLU L 68 -30.79 5.23 31.82
C GLU L 68 -31.10 3.75 32.04
N ALA L 69 -32.39 3.42 32.03
CA ALA L 69 -32.85 2.03 32.19
C ALA L 69 -33.04 1.38 30.82
N ARG L 70 -31.98 1.39 30.03
CA ARG L 70 -32.01 0.78 28.70
C ARG L 70 -30.84 -0.17 28.50
N SER M 8 28.63 -75.93 8.28
CA SER M 8 29.94 -75.29 8.36
C SER M 8 30.15 -74.65 9.73
N GLU M 9 30.58 -75.47 10.69
CA GLU M 9 30.86 -75.02 12.04
C GLU M 9 32.32 -75.26 12.38
N ILE M 10 32.91 -74.34 13.14
CA ILE M 10 34.33 -74.41 13.48
C ILE M 10 34.44 -74.52 15.00
N GLU M 11 35.50 -75.18 15.45
CA GLU M 11 35.72 -75.46 16.86
C GLU M 11 36.74 -74.48 17.45
N ILE M 12 37.14 -74.74 18.70
CA ILE M 12 38.11 -73.91 19.40
C ILE M 12 39.25 -74.80 19.88
N GLU M 13 40.38 -74.16 20.20
CA GLU M 13 41.58 -74.89 20.61
C GLU M 13 41.98 -74.61 22.06
N SER M 14 42.16 -73.35 22.43
CA SER M 14 42.65 -73.02 23.77
C SER M 14 42.25 -71.60 24.11
N VAL M 15 41.35 -71.44 25.08
CA VAL M 15 40.93 -70.11 25.50
C VAL M 15 42.11 -69.36 26.09
N GLN M 16 42.17 -68.05 25.85
CA GLN M 16 43.27 -67.21 26.31
C GLN M 16 42.74 -65.86 26.75
N ASP M 17 43.23 -65.38 27.88
CA ASP M 17 42.82 -64.09 28.43
C ASP M 17 43.98 -63.18 28.83
N GLN M 18 45.20 -63.70 28.94
CA GLN M 18 46.33 -62.88 29.34
C GLN M 18 46.89 -62.09 28.16
N PRO M 19 47.43 -60.89 28.42
CA PRO M 19 47.97 -60.07 27.33
C PRO M 19 49.29 -60.62 26.79
N SER M 20 49.28 -61.09 25.54
CA SER M 20 50.47 -61.61 24.89
C SER M 20 50.86 -60.81 23.66
N VAL M 21 49.93 -60.56 22.75
CA VAL M 21 50.19 -59.91 21.47
C VAL M 21 49.23 -58.73 21.33
N ALA M 22 49.78 -57.55 21.11
CA ALA M 22 48.99 -56.34 20.92
C ALA M 22 48.78 -56.04 19.44
N VAL M 23 47.70 -55.32 19.15
CA VAL M 23 47.33 -54.94 17.80
C VAL M 23 47.06 -53.45 17.77
N GLY M 24 47.18 -52.85 16.59
CA GLY M 24 46.90 -51.43 16.44
C GLY M 24 47.08 -50.89 15.03
N SER M 25 46.17 -50.02 14.62
CA SER M 25 46.22 -49.42 13.29
C SER M 25 46.89 -48.05 13.36
N PHE M 26 47.78 -47.79 12.40
CA PHE M 26 48.45 -46.49 12.32
C PHE M 26 48.12 -45.75 11.03
N PHE M 27 48.39 -46.33 9.88
CA PHE M 27 48.07 -45.73 8.59
C PHE M 27 48.30 -46.76 7.50
N LYS M 28 48.20 -46.34 6.24
CA LYS M 28 48.39 -47.21 5.08
C LYS M 28 49.79 -47.02 4.54
N GLY M 29 50.61 -48.06 4.62
CA GLY M 29 51.96 -48.03 4.11
C GLY M 29 53.07 -48.03 5.15
N PHE M 30 52.81 -48.50 6.37
CA PHE M 30 53.81 -48.51 7.43
C PHE M 30 54.73 -49.71 7.24
N ARG M 31 56.00 -49.46 6.90
CA ARG M 31 56.93 -50.56 6.66
C ARG M 31 57.51 -51.10 7.96
N ALA M 32 57.74 -50.22 8.95
CA ALA M 32 58.21 -50.61 10.27
C ALA M 32 59.46 -51.48 10.20
N PRO M 33 60.63 -50.89 9.93
CA PRO M 33 61.85 -51.71 9.77
C PRO M 33 62.18 -52.60 10.97
N SER M 34 61.44 -52.49 12.07
CA SER M 34 61.52 -53.44 13.19
C SER M 34 62.88 -53.38 13.89
N ASP M 35 63.36 -52.17 14.18
CA ASP M 35 64.55 -51.98 14.99
C ASP M 35 64.23 -51.45 16.38
N THR M 36 62.96 -51.25 16.69
CA THR M 36 62.52 -50.74 17.97
C THR M 36 61.85 -51.84 18.79
N THR M 37 61.45 -51.49 20.01
CA THR M 37 60.78 -52.41 20.92
C THR M 37 59.61 -51.68 21.57
N PHE M 38 58.43 -52.30 21.52
CA PHE M 38 57.22 -51.72 22.07
C PHE M 38 56.93 -52.29 23.45
N ASP M 39 56.45 -51.44 24.36
CA ASP M 39 56.15 -51.82 25.72
C ASP M 39 54.64 -51.77 25.95
N LEU M 40 54.11 -52.78 26.62
CA LEU M 40 52.68 -52.91 26.87
C LEU M 40 52.36 -52.63 28.33
N TYR M 41 51.08 -52.70 28.67
CA TYR M 41 50.59 -52.46 30.01
C TYR M 41 49.12 -52.86 30.08
N LYS M 42 48.66 -53.17 31.30
CA LYS M 42 47.27 -53.44 31.57
C LYS M 42 46.87 -52.76 32.88
N LYS M 43 45.71 -52.11 32.87
CA LYS M 43 45.28 -51.30 34.01
C LYS M 43 44.85 -52.20 35.18
N LYS M 44 44.47 -51.57 36.28
CA LYS M 44 44.05 -52.31 37.47
C LYS M 44 42.67 -52.01 38.06
N LYS M 45 41.93 -53.07 38.38
CA LYS M 45 40.61 -53.01 39.02
C LYS M 45 39.46 -52.23 38.36
N SER M 46 39.34 -52.33 37.03
CA SER M 46 38.25 -51.64 36.34
C SER M 46 37.43 -52.60 35.48
N GLU M 47 36.10 -52.56 35.58
CA GLU M 47 35.29 -53.45 34.76
C GLU M 47 36.08 -53.98 33.57
N LYS M 48 36.71 -53.08 32.82
CA LYS M 48 37.53 -53.44 31.67
C LYS M 48 39.00 -53.18 31.98
N ASP M 49 39.85 -53.46 30.99
CA ASP M 49 41.29 -53.31 31.13
C ASP M 49 41.80 -52.45 29.99
N GLU M 50 42.29 -51.25 30.32
CA GLU M 50 42.87 -50.35 29.34
C GLU M 50 44.35 -50.67 29.17
N PHE M 51 44.86 -50.45 27.97
CA PHE M 51 46.22 -50.83 27.60
C PHE M 51 46.86 -49.72 26.79
N VAL M 52 48.15 -49.51 27.03
CA VAL M 52 48.91 -48.43 26.39
C VAL M 52 50.24 -48.99 25.90
N LEU M 53 50.61 -48.67 24.66
CA LEU M 53 51.88 -49.07 24.09
C LEU M 53 52.78 -47.86 23.90
N HIS M 54 54.09 -48.10 23.91
CA HIS M 54 55.06 -47.03 23.73
C HIS M 54 56.36 -47.61 23.18
N GLY M 55 56.91 -46.96 22.15
CA GLY M 55 58.16 -47.38 21.57
C GLY M 55 59.11 -46.21 21.41
N GLU M 56 60.35 -46.53 21.01
CA GLU M 56 61.37 -45.51 20.85
C GLU M 56 62.41 -46.00 19.85
N ASN M 57 62.90 -45.09 19.02
CA ASN M 57 63.94 -45.38 18.04
C ASN M 57 64.85 -44.16 17.93
N GLU M 58 66.01 -44.36 17.31
CA GLU M 58 66.96 -43.27 17.14
C GLU M 58 66.36 -42.11 16.36
N ARG M 59 65.56 -42.42 15.34
CA ARG M 59 64.94 -41.41 14.50
C ARG M 59 63.45 -41.25 14.74
N LEU M 60 62.82 -42.17 15.47
CA LEU M 60 61.38 -42.22 15.58
C LEU M 60 60.98 -42.50 17.03
N GLU M 61 59.83 -41.97 17.43
CA GLU M 61 59.29 -42.19 18.77
C GLU M 61 57.83 -42.63 18.63
N TYR M 62 57.50 -43.77 19.22
CA TYR M 62 56.17 -44.36 19.13
C TYR M 62 55.39 -44.12 20.42
N GLU M 63 54.08 -43.90 20.27
CA GLU M 63 53.17 -43.79 21.40
C GLU M 63 51.88 -44.52 21.06
N GLY M 64 51.06 -44.77 22.08
CA GLY M 64 49.80 -45.44 21.87
C GLY M 64 48.82 -45.12 22.98
N TYR M 65 47.54 -45.27 22.64
CA TYR M 65 46.45 -45.03 23.60
C TYR M 65 45.19 -45.67 23.02
N THR M 66 44.12 -45.63 23.80
CA THR M 66 42.83 -46.19 23.40
C THR M 66 41.71 -45.24 23.80
N ASP M 67 40.71 -45.11 22.93
CA ASP M 67 39.56 -44.28 23.23
C ASP M 67 38.80 -44.84 24.42
N SER M 68 38.39 -43.95 25.32
CA SER M 68 37.73 -44.35 26.56
C SER M 68 36.29 -44.82 26.37
N SER M 69 35.76 -44.80 25.15
CA SER M 69 34.39 -45.20 24.89
C SER M 69 34.29 -46.51 24.11
N SER M 70 35.37 -47.29 24.08
CA SER M 70 35.40 -48.54 23.35
C SER M 70 35.68 -49.77 24.20
N GLN M 71 36.23 -49.60 25.40
CA GLN M 71 36.56 -50.77 26.23
C GLN M 71 35.30 -51.44 26.77
N ALA M 72 34.40 -50.66 27.36
CA ALA M 72 33.19 -51.21 27.96
C ALA M 72 32.14 -51.63 26.94
N SER M 73 32.41 -51.48 25.64
CA SER M 73 31.43 -51.84 24.62
C SER M 73 32.03 -52.59 23.44
N ASN M 74 33.33 -52.90 23.46
CA ASN M 74 33.96 -53.59 22.33
C ASN M 74 35.24 -54.26 22.82
N GLN M 75 35.30 -55.58 22.73
CA GLN M 75 36.50 -56.35 23.00
C GLN M 75 36.82 -57.20 21.78
N TYR M 76 38.10 -57.24 21.42
CA TYR M 76 38.53 -57.91 20.20
C TYR M 76 39.40 -59.13 20.53
N VAL M 77 39.28 -60.16 19.70
CA VAL M 77 40.09 -61.36 19.81
C VAL M 77 40.59 -61.73 18.42
N VAL M 78 41.81 -62.28 18.38
CA VAL M 78 42.42 -62.72 17.13
C VAL M 78 42.62 -64.23 17.22
N GLY M 79 42.85 -64.87 16.06
CA GLY M 79 43.04 -66.30 16.04
C GLY M 79 43.71 -66.76 14.77
N LEU M 80 44.06 -68.04 14.76
CA LEU M 80 44.68 -68.69 13.62
C LEU M 80 43.88 -69.94 13.26
N PHE M 81 44.19 -70.51 12.09
CA PHE M 81 43.44 -71.63 11.56
C PHE M 81 44.20 -72.24 10.39
N ASN M 82 44.14 -73.56 10.27
CA ASN M 82 44.67 -74.29 9.13
C ASN M 82 43.59 -75.21 8.58
N PRO M 83 43.71 -75.65 7.32
CA PRO M 83 42.65 -76.47 6.72
C PRO M 83 42.59 -77.89 7.26
N GLU M 84 43.34 -78.18 8.32
CA GLU M 84 43.40 -79.52 8.88
C GLU M 84 42.54 -79.68 10.14
N LYS M 85 42.78 -78.85 11.15
CA LYS M 85 42.15 -79.05 12.45
C LYS M 85 40.70 -78.56 12.50
N LYS M 86 40.32 -77.64 11.61
CA LYS M 86 38.96 -77.10 11.57
C LYS M 86 38.55 -76.48 12.90
N SER M 87 39.50 -75.79 13.56
CA SER M 87 39.23 -75.10 14.81
C SER M 87 40.04 -73.81 14.83
N ILE M 88 39.86 -73.02 15.89
CA ILE M 88 40.44 -71.69 16.00
C ILE M 88 41.39 -71.64 17.19
N GLN M 89 42.56 -71.03 16.97
CA GLN M 89 43.49 -70.73 18.05
C GLN M 89 43.29 -69.27 18.49
N LEU M 90 42.18 -69.05 19.18
CA LEU M 90 41.79 -67.70 19.54
C LEU M 90 42.69 -67.14 20.63
N TYR M 91 42.63 -65.81 20.79
CA TYR M 91 43.43 -65.10 21.77
C TYR M 91 42.89 -63.69 21.91
N LYS M 92 42.77 -63.21 23.15
CA LYS M 92 42.27 -61.87 23.41
C LYS M 92 43.32 -60.86 22.97
N ALA M 93 43.08 -60.23 21.81
CA ALA M 93 44.05 -59.32 21.23
C ALA M 93 43.63 -57.88 21.47
N PRO M 94 44.43 -57.09 22.18
CA PRO M 94 44.09 -55.68 22.37
C PRO M 94 44.42 -54.84 21.15
N VAL M 95 43.54 -53.89 20.85
CA VAL M 95 43.68 -53.00 19.70
C VAL M 95 43.78 -51.57 20.21
N LEU M 96 44.77 -50.83 19.70
CA LEU M 96 45.03 -49.46 20.12
C LEU M 96 45.07 -48.55 18.90
N VAL M 97 44.97 -47.24 19.16
CA VAL M 97 45.26 -46.22 18.17
C VAL M 97 46.62 -45.63 18.52
N SER M 98 47.54 -45.64 17.56
CA SER M 98 48.93 -45.29 17.80
C SER M 98 49.20 -43.84 17.42
N LYS M 99 50.34 -43.34 17.91
CA LYS M 99 50.78 -41.98 17.63
C LYS M 99 52.29 -42.00 17.49
N VAL M 100 52.81 -41.09 16.66
CA VAL M 100 54.23 -41.03 16.33
C VAL M 100 54.68 -39.59 16.30
N VAL M 101 55.85 -39.32 16.88
CA VAL M 101 56.47 -38.01 16.86
C VAL M 101 57.96 -38.18 16.61
N SER M 102 58.55 -37.26 15.84
CA SER M 102 59.96 -37.29 15.54
C SER M 102 60.73 -36.46 16.57
N LYS M 103 62.01 -36.18 16.29
CA LYS M 103 62.81 -35.37 17.20
C LYS M 103 62.37 -33.91 17.22
N SER M 104 61.48 -33.49 16.32
CA SER M 104 60.99 -32.13 16.30
C SER M 104 60.10 -31.79 17.49
N SER M 105 59.84 -32.75 18.37
CA SER M 105 59.06 -32.46 19.57
C SER M 105 59.84 -31.54 20.52
N LYS M 106 59.10 -30.91 21.43
CA LYS M 106 59.64 -30.01 22.43
C LYS M 106 60.35 -28.81 21.81
N ASN M 107 60.02 -28.48 20.57
CA ASN M 107 60.54 -27.29 19.90
C ASN M 107 59.51 -26.18 19.97
N LEU M 108 59.85 -25.09 20.66
CA LEU M 108 58.93 -24.00 20.86
C LEU M 108 59.72 -22.71 21.10
N ARG M 109 59.02 -21.59 21.01
CA ARG M 109 59.61 -20.27 21.23
C ARG M 109 59.33 -19.81 22.66
N GLY M 110 59.91 -18.67 23.00
CA GLY M 110 59.75 -18.08 24.32
C GLY M 110 58.30 -17.92 24.72
N PRO M 111 58.00 -18.15 26.00
CA PRO M 111 56.60 -18.07 26.45
C PRO M 111 56.03 -16.66 26.41
N LYS M 112 56.87 -15.62 26.46
CA LYS M 112 56.41 -14.24 26.41
C LYS M 112 57.21 -13.51 25.34
N ILE M 113 56.58 -13.26 24.19
CA ILE M 113 57.20 -12.52 23.10
C ILE M 113 56.24 -11.43 22.63
N LYS M 114 56.81 -10.30 22.23
CA LYS M 114 56.04 -9.15 21.77
C LYS M 114 55.03 -8.69 22.81
N GLU N 22 53.35 -39.21 27.21
CA GLU N 22 54.67 -39.69 26.84
C GLU N 22 54.91 -41.10 27.37
N PHE N 23 55.32 -41.21 28.62
CA PHE N 23 55.62 -42.50 29.23
C PHE N 23 55.54 -42.35 30.74
N SER N 24 55.27 -43.49 31.41
CA SER N 24 55.17 -43.56 32.87
C SER N 24 54.08 -42.64 33.41
N ILE N 25 53.03 -42.40 32.62
CA ILE N 25 51.92 -41.54 33.01
C ILE N 25 50.62 -42.20 32.58
N PRO N 26 49.63 -42.34 33.46
CA PRO N 26 49.66 -41.94 34.87
C PRO N 26 50.43 -42.91 35.78
N ASP N 27 50.19 -42.81 37.08
CA ASP N 27 50.93 -43.56 38.08
C ASP N 27 50.25 -44.90 38.36
N GLY N 28 50.99 -45.79 39.03
CA GLY N 28 50.49 -47.11 39.36
C GLY N 28 50.54 -48.06 38.17
N PHE N 29 51.75 -48.30 37.65
CA PHE N 29 51.93 -49.10 36.45
C PHE N 29 52.76 -50.34 36.75
N LYS N 30 52.43 -51.42 36.03
CA LYS N 30 53.19 -52.65 36.03
C LYS N 30 53.41 -53.05 34.58
N LYS N 31 54.64 -52.86 34.08
CA LYS N 31 54.93 -53.13 32.68
C LYS N 31 54.76 -54.62 32.37
N CYS N 32 54.44 -54.90 31.11
CA CYS N 32 54.27 -56.28 30.66
C CYS N 32 55.60 -57.00 30.69
N LYS N 33 55.74 -57.97 31.59
CA LYS N 33 56.99 -58.70 31.76
C LYS N 33 56.92 -60.16 31.32
N HIS N 34 55.71 -60.74 31.26
CA HIS N 34 55.55 -62.14 30.89
C HIS N 34 54.56 -62.25 29.73
N LEU N 35 54.96 -62.97 28.69
CA LEU N 35 54.11 -63.22 27.54
C LEU N 35 54.38 -64.64 27.04
N LYS N 36 53.34 -65.25 26.48
CA LYS N 36 53.39 -66.66 26.11
C LYS N 36 53.73 -66.83 24.63
N ASN N 37 53.71 -68.09 24.19
CA ASN N 37 54.13 -68.44 22.84
C ASN N 37 53.02 -68.17 21.83
N PHE N 38 53.41 -68.12 20.56
CA PHE N 38 52.48 -67.94 19.44
C PHE N 38 53.06 -68.61 18.20
N PRO N 39 52.53 -69.77 17.80
CA PRO N 39 53.13 -70.52 16.69
C PRO N 39 52.87 -69.87 15.33
N LEU N 40 53.65 -68.84 14.99
CA LEU N 40 53.57 -68.19 13.69
C LEU N 40 54.73 -68.71 12.84
N ASN N 41 54.51 -69.85 12.19
CA ASN N 41 55.52 -70.49 11.35
C ASN N 41 55.17 -70.46 9.87
N GLY N 42 53.98 -70.93 9.51
CA GLY N 42 53.58 -70.96 8.11
C GLY N 42 54.25 -72.08 7.33
N ASP N 43 54.15 -73.30 7.84
CA ASP N 43 54.76 -74.45 7.18
C ASP N 43 53.85 -74.98 6.08
N ASN N 44 54.48 -75.62 5.09
CA ASN N 44 53.77 -76.19 3.94
C ASN N 44 52.93 -75.14 3.23
N LYS N 49 45.82 -76.47 2.22
CA LYS N 49 47.15 -76.06 1.82
C LYS N 49 47.28 -74.54 1.89
N GLN N 50 47.13 -73.99 3.09
CA GLN N 50 47.20 -72.55 3.31
C GLN N 50 47.32 -72.29 4.81
N GLN N 51 47.29 -71.01 5.17
CA GLN N 51 47.36 -70.58 6.56
C GLN N 51 46.42 -69.39 6.74
N GLN N 52 45.74 -69.35 7.88
CA GLN N 52 44.67 -68.39 8.11
C GLN N 52 44.99 -67.49 9.29
N VAL N 53 44.73 -66.19 9.12
CA VAL N 53 44.82 -65.21 10.19
C VAL N 53 43.49 -64.45 10.24
N TRP N 54 42.86 -64.43 11.40
CA TRP N 54 41.51 -63.92 11.55
C TRP N 54 41.50 -62.45 11.99
N LEU N 55 40.36 -61.80 11.76
CA LEU N 55 40.10 -60.44 12.23
C LEU N 55 38.60 -60.36 12.48
N ILE N 56 38.19 -60.65 13.73
CA ILE N 56 36.78 -60.77 14.08
C ILE N 56 36.51 -59.93 15.31
N LYS N 57 35.53 -59.03 15.20
CA LYS N 57 35.15 -58.13 16.29
C LYS N 57 33.94 -58.68 17.03
N PHE N 58 33.98 -58.60 18.36
CA PHE N 58 32.91 -59.05 19.24
C PHE N 58 32.52 -57.91 20.17
N PRO N 59 31.30 -57.93 20.68
CA PRO N 59 30.87 -56.92 21.65
C PRO N 59 31.34 -57.30 23.05
N SER N 60 30.96 -56.47 24.02
CA SER N 60 31.34 -56.67 25.42
C SER N 60 30.23 -57.31 26.25
N ASN N 61 28.99 -57.34 25.74
CA ASN N 61 27.91 -57.95 26.50
C ASN N 61 28.08 -59.45 26.62
N VAL N 62 28.48 -60.11 25.53
CA VAL N 62 28.68 -61.55 25.53
C VAL N 62 30.06 -61.87 26.06
N ASP N 63 30.21 -63.06 26.63
CA ASP N 63 31.48 -63.49 27.20
C ASP N 63 32.32 -64.21 26.15
N ILE N 64 33.54 -64.59 26.53
CA ILE N 64 34.45 -65.30 25.64
C ILE N 64 34.88 -66.60 26.31
N SER N 65 34.86 -66.62 27.65
CA SER N 65 35.29 -67.79 28.40
C SER N 65 34.27 -68.93 28.38
N LYS N 66 33.05 -68.67 27.92
CA LYS N 66 32.00 -69.70 27.91
C LYS N 66 31.87 -70.42 26.58
N LEU N 67 32.40 -69.86 25.49
CA LEU N 67 32.22 -70.43 24.17
C LEU N 67 33.31 -71.46 23.89
N LYS N 68 32.92 -72.54 23.21
CA LYS N 68 33.85 -73.56 22.77
C LYS N 68 33.74 -73.86 21.27
N SER N 69 32.89 -73.14 20.54
CA SER N 69 32.72 -73.34 19.11
C SER N 69 32.04 -72.12 18.53
N LEU N 70 32.24 -71.91 17.23
CA LEU N 70 31.67 -70.75 16.57
C LEU N 70 31.24 -71.10 15.16
N PRO N 71 29.95 -71.01 14.84
CA PRO N 71 29.49 -71.26 13.46
C PRO N 71 29.86 -70.09 12.56
N VAL N 72 30.44 -70.41 11.41
CA VAL N 72 30.89 -69.38 10.48
C VAL N 72 30.93 -69.98 9.07
N ASP N 73 30.46 -69.20 8.10
CA ASP N 73 30.50 -69.57 6.70
C ASP N 73 31.02 -68.39 5.89
N PHE N 74 31.56 -68.70 4.71
CA PHE N 74 32.17 -67.68 3.85
C PHE N 74 31.10 -66.90 3.08
N GLU N 75 30.20 -66.28 3.85
CA GLU N 75 29.15 -65.44 3.30
C GLU N 75 28.66 -64.52 4.41
N SER N 76 27.81 -63.57 4.04
CA SER N 76 27.18 -62.68 5.02
C SER N 76 26.06 -63.37 5.78
N SER N 77 25.51 -64.45 5.25
CA SER N 77 24.43 -65.17 5.92
C SER N 77 25.01 -66.16 6.92
N THR N 78 24.44 -66.18 8.13
CA THR N 78 24.90 -67.06 9.19
C THR N 78 23.80 -67.15 10.23
N THR N 79 24.10 -67.86 11.33
CA THR N 79 23.16 -68.00 12.43
C THR N 79 23.92 -68.37 13.69
N MET N 80 23.58 -67.73 14.80
CA MET N 80 24.20 -68.01 16.09
C MET N 80 23.35 -67.41 17.18
N THR N 81 23.01 -68.22 18.18
CA THR N 81 22.19 -67.78 19.31
C THR N 81 22.86 -68.20 20.60
N ILE N 82 23.02 -67.26 21.53
CA ILE N 82 23.70 -67.50 22.80
C ILE N 82 22.80 -66.93 23.90
N ASP N 83 22.03 -67.80 24.54
CA ASP N 83 21.21 -67.46 25.71
C ASP N 83 20.22 -66.34 25.38
N LYS N 84 19.31 -66.68 24.47
CA LYS N 84 18.19 -65.80 24.11
C LYS N 84 18.65 -64.50 23.48
N HIS N 85 19.74 -64.55 22.70
CA HIS N 85 20.25 -63.37 22.02
C HIS N 85 20.69 -63.76 20.62
N ASP N 86 20.33 -62.94 19.63
CA ASP N 86 20.62 -63.23 18.23
C ASP N 86 21.92 -62.53 17.82
N TYR N 87 22.83 -63.30 17.23
CA TYR N 87 24.09 -62.79 16.74
C TYR N 87 24.27 -63.16 15.28
N LYS N 88 25.11 -62.40 14.58
CA LYS N 88 25.31 -62.60 13.15
C LYS N 88 26.68 -62.04 12.77
N ILE N 89 27.59 -62.92 12.34
CA ILE N 89 28.89 -62.47 11.85
C ILE N 89 28.76 -61.99 10.41
N MET N 90 29.68 -61.11 10.01
CA MET N 90 29.66 -60.51 8.69
C MET N 90 31.06 -60.54 8.10
N ASP N 91 31.18 -61.05 6.88
CA ASP N 91 32.46 -61.21 6.20
C ASP N 91 32.68 -60.06 5.23
N ASP N 92 33.89 -59.49 5.26
CA ASP N 92 34.29 -58.45 4.33
C ASP N 92 35.74 -58.70 3.91
N THR N 93 36.00 -58.65 2.61
CA THR N 93 37.36 -58.93 2.12
C THR N 93 38.29 -57.75 2.40
N ASP N 94 37.86 -56.54 2.06
CA ASP N 94 38.68 -55.35 2.27
C ASP N 94 37.83 -54.17 2.72
N THR N 100 49.20 -57.12 -6.82
CA THR N 100 48.44 -55.96 -6.37
C THR N 100 49.09 -55.32 -5.15
N GLN N 101 49.35 -54.02 -5.23
CA GLN N 101 49.88 -53.27 -4.09
C GLN N 101 48.80 -53.18 -3.02
N ASP N 102 48.98 -53.90 -1.91
CA ASP N 102 47.95 -53.97 -0.88
C ASP N 102 47.72 -52.60 -0.25
N ASN N 103 48.73 -52.06 0.43
CA ASN N 103 48.68 -50.73 1.04
C ASN N 103 47.42 -50.54 1.90
N LEU N 104 46.87 -51.63 2.42
CA LEU N 104 45.65 -51.56 3.20
C LEU N 104 45.96 -51.19 4.64
N SER N 105 45.09 -50.38 5.23
CA SER N 105 45.25 -49.97 6.62
C SER N 105 45.01 -51.18 7.51
N ASN N 106 46.10 -51.78 7.98
CA ASN N 106 46.06 -52.99 8.79
C ASN N 106 46.42 -52.67 10.23
N MET N 107 45.61 -53.17 11.16
CA MET N 107 45.97 -53.09 12.57
C MET N 107 47.21 -53.96 12.82
N THR N 108 48.33 -53.31 13.09
CA THR N 108 49.62 -53.99 13.11
C THR N 108 49.67 -55.01 14.25
N LEU N 109 49.95 -56.26 13.89
CA LEU N 109 50.06 -57.35 14.86
C LEU N 109 51.49 -57.41 15.37
N LEU N 110 51.69 -57.11 16.65
CA LEU N 110 53.02 -57.08 17.25
C LEU N 110 53.33 -58.48 17.79
N VAL N 111 54.10 -59.24 17.03
CA VAL N 111 54.37 -60.63 17.37
C VAL N 111 55.67 -60.73 18.19
N PRO N 112 55.81 -61.73 19.05
CA PRO N 112 57.03 -61.89 19.82
C PRO N 112 58.04 -62.81 19.15
N SER N 113 59.31 -62.59 19.49
CA SER N 113 60.39 -63.51 19.15
C SER N 113 61.13 -64.03 20.36
N GLU N 114 61.36 -63.17 21.36
CA GLU N 114 61.89 -63.61 22.65
C GLU N 114 61.29 -62.73 23.74
N SER N 115 61.58 -63.10 24.99
CA SER N 115 60.93 -62.48 26.14
C SER N 115 61.59 -61.18 26.59
N LYS N 116 62.69 -60.76 25.95
CA LYS N 116 63.38 -59.53 26.33
C LYS N 116 62.98 -58.33 25.47
N GLU N 117 62.50 -58.57 24.26
CA GLU N 117 62.03 -57.52 23.36
C GLU N 117 60.55 -57.75 23.06
N SER N 118 59.76 -57.97 24.12
CA SER N 118 58.53 -58.75 24.12
C SER N 118 57.73 -58.66 22.83
N LEU N 119 57.40 -57.46 22.38
CA LEU N 119 56.62 -57.29 21.16
C LEU N 119 57.41 -56.53 20.11
N LYS N 120 57.30 -56.98 18.86
CA LYS N 120 57.95 -56.34 17.72
C LYS N 120 57.11 -56.61 16.49
N ILE N 121 57.06 -55.61 15.59
CA ILE N 121 56.27 -55.74 14.38
C ILE N 121 56.81 -56.87 13.52
N ALA N 122 55.91 -57.58 12.85
CA ALA N 122 56.28 -58.67 11.96
C ALA N 122 56.51 -58.16 10.54
N SER N 123 57.34 -58.88 9.80
CA SER N 123 57.66 -58.51 8.43
C SER N 123 58.08 -59.74 7.65
N THR N 124 57.79 -59.74 6.35
CA THR N 124 58.15 -60.83 5.47
C THR N 124 59.10 -60.44 4.35
N ALA N 125 59.10 -59.18 3.94
CA ALA N 125 59.99 -58.72 2.88
C ALA N 125 60.39 -57.26 3.10
N PRO N 130 55.54 -55.65 7.26
CA PRO N 130 54.08 -55.49 7.15
C PRO N 130 53.37 -56.82 6.89
N LEU N 131 52.26 -57.04 7.56
CA LEU N 131 51.46 -58.25 7.42
C LEU N 131 50.06 -57.89 6.92
N GLN N 132 49.23 -58.93 6.75
CA GLN N 132 47.87 -58.74 6.27
C GLN N 132 46.99 -59.86 6.82
N PHE N 133 45.78 -59.50 7.22
CA PHE N 133 44.81 -60.46 7.73
C PHE N 133 44.10 -61.12 6.55
N ASP N 134 43.98 -62.46 6.60
CA ASP N 134 43.42 -63.19 5.48
C ASP N 134 41.90 -63.02 5.40
N LYS N 135 41.21 -63.20 6.52
CA LYS N 135 39.76 -63.08 6.56
C LYS N 135 39.35 -62.11 7.66
N VAL N 136 38.40 -61.24 7.35
CA VAL N 136 37.90 -60.23 8.28
C VAL N 136 36.43 -60.50 8.53
N PHE N 137 36.06 -60.63 9.80
CA PHE N 137 34.67 -60.83 10.20
C PHE N 137 34.30 -59.84 11.29
N SER N 138 33.00 -59.76 11.59
CA SER N 138 32.50 -58.90 12.65
C SER N 138 31.09 -59.35 13.00
N VAL N 139 30.85 -59.62 14.27
CA VAL N 139 29.54 -60.08 14.73
C VAL N 139 28.75 -58.87 15.21
N SER N 140 27.43 -58.94 15.06
CA SER N 140 26.54 -57.87 15.49
C SER N 140 25.19 -58.47 15.85
N GLU N 141 24.48 -57.80 16.75
CA GLU N 141 23.16 -58.23 17.18
C GLU N 141 22.10 -57.43 16.45
N THR N 142 21.08 -58.12 15.94
CA THR N 142 19.98 -57.49 15.22
C THR N 142 18.68 -58.10 15.75
N ALA N 143 17.98 -57.33 16.57
CA ALA N 143 16.71 -57.81 17.12
C ALA N 143 15.66 -57.93 16.01
N LYS N 144 14.93 -59.04 16.02
CA LYS N 144 13.91 -59.28 15.01
C LYS N 144 12.73 -58.34 15.24
N ILE N 145 12.43 -57.53 14.23
CA ILE N 145 11.31 -56.59 14.31
C ILE N 145 10.01 -57.35 14.05
N PRO N 146 8.94 -57.06 14.78
CA PRO N 146 7.67 -57.76 14.55
C PRO N 146 6.97 -57.24 13.31
N ALA N 147 6.36 -58.16 12.57
CA ALA N 147 5.61 -57.77 11.39
C ALA N 147 4.37 -56.98 11.76
N ILE N 148 4.02 -56.01 10.92
CA ILE N 148 2.85 -55.18 11.16
C ILE N 148 1.60 -56.03 11.06
N ASP N 149 0.75 -55.97 12.10
CA ASP N 149 -0.49 -56.74 12.15
C ASP N 149 -1.58 -55.93 11.46
N TYR N 150 -1.61 -56.02 10.13
CA TYR N 150 -2.58 -55.27 9.35
C TYR N 150 -4.01 -55.72 9.62
N SER N 151 -4.20 -56.88 10.26
CA SER N 151 -5.54 -57.31 10.61
C SER N 151 -6.21 -56.37 11.61
N LYS N 152 -5.41 -55.65 12.40
CA LYS N 152 -5.92 -54.69 13.36
C LYS N 152 -5.50 -53.25 13.09
N VAL N 153 -4.46 -53.02 12.29
CA VAL N 153 -3.98 -51.67 12.07
C VAL N 153 -4.91 -50.92 11.12
N ARG N 154 -5.06 -51.42 9.89
CA ARG N 154 -5.87 -50.76 8.87
C ARG N 154 -7.35 -51.11 9.07
N VAL N 155 -7.90 -50.60 10.15
CA VAL N 155 -9.32 -50.80 10.44
C VAL N 155 -10.15 -49.93 9.50
N PRO N 156 -11.20 -50.47 8.87
CA PRO N 156 -12.02 -49.66 7.97
C PRO N 156 -12.73 -48.55 8.74
N ARG N 157 -13.05 -47.48 8.01
CA ARG N 157 -13.68 -46.32 8.62
C ARG N 157 -15.07 -46.66 9.15
N LYS N 158 -15.31 -46.35 10.42
CA LYS N 158 -16.61 -46.53 11.03
C LYS N 158 -17.44 -45.26 10.86
N ASP N 159 -18.73 -45.44 10.62
CA ASP N 159 -19.61 -44.29 10.39
C ASP N 159 -19.75 -43.47 11.68
N VAL N 160 -20.18 -42.23 11.50
CA VAL N 160 -20.37 -41.33 12.64
C VAL N 160 -21.52 -41.84 13.50
N PRO N 161 -21.37 -41.94 14.81
CA PRO N 161 -22.47 -42.46 15.64
C PRO N 161 -23.70 -41.57 15.62
N LYS N 162 -24.79 -42.08 15.03
CA LYS N 162 -26.02 -41.33 14.97
C LYS N 162 -26.63 -41.20 16.36
N VAL N 163 -27.07 -39.99 16.70
CA VAL N 163 -27.73 -39.76 17.98
C VAL N 163 -29.06 -40.50 17.98
N GLU N 164 -29.28 -41.33 18.99
CA GLU N 164 -30.45 -42.18 19.07
C GLU N 164 -31.49 -41.61 20.03
N GLY N 165 -32.73 -42.03 19.84
CA GLY N 165 -33.83 -41.60 20.69
C GLY N 165 -34.23 -40.15 20.47
N LEU N 166 -34.68 -39.84 19.26
CA LEU N 166 -35.14 -38.50 18.92
C LEU N 166 -36.57 -38.55 18.40
N LYS N 167 -37.37 -37.57 18.79
CA LYS N 167 -38.76 -37.46 18.40
C LYS N 167 -38.99 -36.10 17.74
N LEU N 168 -40.25 -35.77 17.51
CA LEU N 168 -40.64 -34.48 16.94
C LEU N 168 -40.75 -33.47 18.07
N GLU N 169 -39.83 -32.50 18.10
CA GLU N 169 -39.83 -31.46 19.13
C GLU N 169 -40.32 -30.12 18.60
N HIS N 170 -41.13 -30.13 17.54
CA HIS N 170 -41.68 -28.89 17.01
C HIS N 170 -42.95 -29.22 16.23
N PHE N 171 -43.93 -28.33 16.32
CA PHE N 171 -45.23 -28.51 15.68
C PHE N 171 -45.75 -27.13 15.28
N ALA N 172 -47.03 -27.08 14.95
CA ALA N 172 -47.66 -25.82 14.57
C ALA N 172 -47.53 -24.78 15.68
N THR N 173 -47.76 -23.52 15.32
CA THR N 173 -47.54 -22.41 16.24
C THR N 173 -48.43 -22.50 17.47
N GLY N 174 -49.58 -23.15 17.36
CA GLY N 174 -50.51 -23.23 18.48
C GLY N 174 -50.81 -24.65 18.92
N TYR N 175 -50.01 -25.61 18.48
CA TYR N 175 -50.18 -27.02 18.82
C TYR N 175 -48.94 -27.53 19.52
N ASP N 176 -49.12 -28.22 20.64
CA ASP N 176 -48.03 -28.78 21.41
C ASP N 176 -47.74 -30.21 20.95
N ALA N 177 -46.92 -30.93 21.71
CA ALA N 177 -46.57 -32.31 21.39
C ALA N 177 -47.69 -33.27 21.78
N GLU N 178 -48.85 -33.07 21.15
CA GLU N 178 -50.02 -33.90 21.39
C GLU N 178 -50.11 -35.11 20.48
N ASP N 179 -49.40 -35.10 19.35
CA ASP N 179 -49.45 -36.18 18.38
C ASP N 179 -48.24 -37.09 18.59
N PHE N 180 -48.50 -38.36 18.84
CA PHE N 180 -47.42 -39.34 19.04
C PHE N 180 -46.90 -39.84 17.71
#